data_5A4G
#
_entry.id   5A4G
#
_cell.length_a   1.000
_cell.length_b   1.000
_cell.length_c   1.000
_cell.angle_alpha   90.00
_cell.angle_beta   90.00
_cell.angle_gamma   90.00
#
_symmetry.space_group_name_H-M   'P 1'
#
loop_
_entity.id
_entity.type
_entity.pdbx_description
1 polymer 'SILB, SILVER EFFLUX PROTEIN, MFP COMPONENT OF THE THREE COMPONENTS PROTON ANTIPORTER METAL EFFLUX SYSTEM'
2 non-polymer 'SILVER ION'
#
_entity_poly.entity_id   1
_entity_poly.type   'polypeptide(L)'
_entity_poly.pdbx_seq_one_letter_code
;MGSATVNGPHDGHDPAAGAELKTGKRILYWRDPMVPGQRFDKPGKSPYMDMPLIPVYEEENADGAAVRIDGRVTQNLGVR
TAEVKLGRLGSTERLLVPSEALIRTGARTIAMVAKGEGGFDPVEVKAGATAGGQSEILEGLKAGQQVVVSGQFLIDSEAS
LRGTVARMQETTSGLEVLFQ
;
_entity_poly.pdbx_strand_id   A
#
# COMPACT_ATOMS: atom_id res chain seq x y z
N MET A 1 22.70 -20.29 -11.03
CA MET A 1 22.97 -19.08 -10.23
C MET A 1 22.18 -19.11 -8.93
N GLY A 2 20.88 -19.38 -9.05
CA GLY A 2 20.02 -19.42 -7.89
C GLY A 2 18.93 -18.37 -7.95
N SER A 3 17.96 -18.48 -7.05
CA SER A 3 16.88 -17.52 -6.98
C SER A 3 17.08 -16.60 -5.78
N ALA A 4 17.36 -15.33 -6.04
CA ALA A 4 17.70 -14.38 -4.98
C ALA A 4 16.43 -13.80 -4.33
N THR A 5 15.47 -14.65 -4.08
CA THR A 5 14.20 -14.24 -3.49
C THR A 5 13.84 -15.16 -2.32
N VAL A 6 14.87 -15.54 -1.56
CA VAL A 6 14.70 -16.50 -0.46
C VAL A 6 13.91 -15.87 0.70
N ASN A 7 14.04 -14.57 0.88
CA ASN A 7 13.32 -13.88 1.94
C ASN A 7 11.93 -13.51 1.47
N GLY A 8 11.01 -13.33 2.41
CA GLY A 8 9.67 -12.93 2.06
C GLY A 8 9.30 -11.62 2.73
N PRO A 9 8.02 -11.45 3.07
CA PRO A 9 7.54 -10.25 3.75
C PRO A 9 8.01 -10.19 5.20
N HIS A 10 8.04 -8.99 5.76
CA HIS A 10 8.39 -8.82 7.16
C HIS A 10 7.13 -8.62 7.99
N ASP A 11 7.30 -8.20 9.23
CA ASP A 11 6.17 -7.94 10.12
C ASP A 11 5.29 -6.82 9.57
N GLY A 12 4.04 -6.78 10.03
CA GLY A 12 3.10 -5.81 9.52
C GLY A 12 2.56 -6.22 8.17
N HIS A 13 2.27 -7.50 8.03
CA HIS A 13 1.86 -8.06 6.75
C HIS A 13 0.35 -8.29 6.68
N ASP A 14 -0.38 -7.26 6.28
CA ASP A 14 -1.80 -7.40 6.00
C ASP A 14 -1.97 -8.17 4.68
N PRO A 15 -2.66 -9.32 4.75
CA PRO A 15 -2.66 -10.34 3.69
C PRO A 15 -3.51 -9.97 2.47
N ALA A 16 -3.26 -8.80 1.90
CA ALA A 16 -4.02 -8.32 0.76
C ALA A 16 -3.16 -8.25 -0.50
N ALA A 17 -1.86 -8.02 -0.34
CA ALA A 17 -0.96 -7.91 -1.48
C ALA A 17 0.43 -8.41 -1.14
N GLY A 18 0.84 -9.47 -1.82
CA GLY A 18 2.18 -10.00 -1.61
C GLY A 18 3.14 -9.49 -2.66
N ALA A 19 2.59 -8.73 -3.59
CA ALA A 19 3.33 -8.14 -4.70
C ALA A 19 4.19 -9.15 -5.45
N GLU A 20 3.56 -9.80 -6.40
CA GLU A 20 4.25 -10.74 -7.26
C GLU A 20 4.68 -10.01 -8.51
N LEU A 21 5.92 -9.58 -8.48
CA LEU A 21 6.57 -8.89 -9.59
C LEU A 21 5.92 -7.54 -9.82
N LYS A 22 5.52 -6.90 -8.74
CA LYS A 22 5.14 -5.49 -8.78
C LYS A 22 6.20 -4.68 -8.08
N THR A 23 7.17 -5.41 -7.58
CA THR A 23 8.29 -4.84 -6.85
C THR A 23 9.49 -5.77 -6.99
N GLY A 24 10.56 -5.44 -6.29
CA GLY A 24 11.74 -6.28 -6.34
C GLY A 24 12.55 -6.07 -7.60
N LYS A 25 12.33 -6.93 -8.56
CA LYS A 25 13.12 -6.94 -9.78
C LYS A 25 12.21 -7.13 -10.98
N ARG A 26 11.38 -6.14 -11.20
CA ARG A 26 10.46 -6.13 -12.32
C ARG A 26 10.61 -4.82 -13.06
N ILE A 27 10.57 -4.89 -14.38
CA ILE A 27 10.87 -3.74 -15.21
C ILE A 27 10.10 -2.51 -14.80
N LEU A 28 10.88 -1.53 -14.43
CA LEU A 28 10.35 -0.25 -13.99
C LEU A 28 10.47 0.78 -15.09
N TYR A 29 11.54 0.65 -15.89
CA TYR A 29 11.81 1.57 -16.98
C TYR A 29 13.10 1.16 -17.69
N TRP A 30 13.48 1.96 -18.68
CA TRP A 30 14.68 1.71 -19.48
C TRP A 30 15.68 2.84 -19.28
N ARG A 31 16.93 2.48 -19.35
CA ARG A 31 18.03 3.39 -19.11
C ARG A 31 19.18 3.10 -20.06
N ASP A 32 19.94 4.10 -20.43
CA ASP A 32 21.18 3.86 -21.16
C ASP A 32 22.31 3.74 -20.15
N PRO A 33 23.20 2.76 -20.32
CA PRO A 33 24.35 2.59 -19.45
C PRO A 33 25.30 3.80 -19.49
N MET A 34 25.11 4.67 -20.50
CA MET A 34 25.88 5.91 -20.58
C MET A 34 25.10 7.10 -20.05
N VAL A 35 23.88 6.87 -19.58
CA VAL A 35 23.08 7.95 -19.02
C VAL A 35 22.52 7.62 -17.61
N PRO A 36 23.31 6.93 -16.74
CA PRO A 36 22.83 6.48 -15.42
C PRO A 36 22.32 7.65 -14.55
N GLY A 37 21.14 7.49 -13.98
CA GLY A 37 20.58 8.52 -13.15
C GLY A 37 19.39 9.16 -13.82
N GLN A 38 19.17 8.79 -15.07
CA GLN A 38 18.03 9.25 -15.83
C GLN A 38 16.80 8.42 -15.49
N ARG A 39 15.68 8.71 -16.11
CA ARG A 39 14.48 7.90 -15.95
C ARG A 39 13.62 7.98 -17.21
N PHE A 40 13.79 7.03 -18.12
CA PHE A 40 12.96 7.03 -19.33
C PHE A 40 11.56 6.52 -19.04
N ASP A 41 10.59 7.18 -19.65
CA ASP A 41 9.18 6.91 -19.43
C ASP A 41 8.81 5.50 -19.89
N LYS A 42 9.52 5.02 -20.90
CA LYS A 42 9.28 3.69 -21.43
C LYS A 42 10.39 3.27 -22.39
N PRO A 43 10.51 1.98 -22.72
CA PRO A 43 11.52 1.45 -23.66
C PRO A 43 11.62 2.23 -24.98
N GLY A 44 12.66 1.91 -25.76
CA GLY A 44 12.86 2.55 -27.04
C GLY A 44 14.32 2.81 -27.34
N LYS A 45 14.58 3.70 -28.29
CA LYS A 45 15.94 4.08 -28.64
C LYS A 45 16.34 5.32 -27.85
N SER A 46 17.58 5.34 -27.43
CA SER A 46 18.15 6.44 -26.66
C SER A 46 18.03 7.75 -27.44
N PRO A 47 17.64 8.84 -26.78
CA PRO A 47 17.67 10.16 -27.39
C PRO A 47 19.09 10.75 -27.42
N TYR A 48 19.93 10.31 -26.47
CA TYR A 48 21.26 10.86 -26.34
C TYR A 48 22.22 10.19 -27.32
N MET A 49 21.95 8.94 -27.62
CA MET A 49 22.67 8.20 -28.63
C MET A 49 21.68 7.67 -29.65
N ASP A 50 22.09 6.66 -30.41
CA ASP A 50 21.17 5.95 -31.27
C ASP A 50 21.28 4.47 -31.01
N MET A 51 21.02 4.11 -29.78
CA MET A 51 21.03 2.72 -29.36
C MET A 51 19.78 2.41 -28.55
N PRO A 52 19.22 1.21 -28.68
CA PRO A 52 18.11 0.78 -27.84
C PRO A 52 18.54 0.73 -26.38
N LEU A 53 17.72 1.31 -25.51
CA LEU A 53 18.06 1.42 -24.10
C LEU A 53 18.20 0.05 -23.45
N ILE A 54 18.87 0.01 -22.31
CA ILE A 54 19.09 -1.24 -21.59
C ILE A 54 18.07 -1.36 -20.49
N PRO A 55 17.46 -2.53 -20.35
CA PRO A 55 16.46 -2.74 -19.34
C PRO A 55 17.05 -3.13 -17.99
N VAL A 56 16.33 -2.74 -16.94
CA VAL A 56 16.75 -2.94 -15.56
C VAL A 56 16.59 -4.40 -15.12
N TYR A 57 17.35 -4.72 -14.07
CA TYR A 57 17.47 -6.04 -13.42
C TYR A 57 16.85 -7.21 -14.19
N GLU A 58 15.54 -7.31 -14.14
CA GLU A 58 14.80 -8.41 -14.73
C GLU A 58 15.12 -8.49 -16.23
N GLU A 59 15.06 -7.36 -16.89
CA GLU A 59 15.35 -7.24 -18.31
C GLU A 59 14.29 -7.91 -19.18
N GLU A 60 13.19 -7.18 -19.34
CA GLU A 60 12.27 -7.35 -20.47
C GLU A 60 11.29 -8.49 -20.28
N ASN A 61 10.39 -8.30 -19.32
CA ASN A 61 9.28 -9.20 -19.09
C ASN A 61 8.26 -8.49 -18.21
N ALA A 62 8.55 -8.40 -16.91
CA ALA A 62 7.71 -7.73 -15.93
C ALA A 62 6.24 -8.01 -16.10
N ASP A 63 5.61 -7.23 -16.97
CA ASP A 63 4.19 -7.31 -17.14
C ASP A 63 3.81 -8.40 -18.14
N GLY A 64 4.73 -9.33 -18.31
CA GLY A 64 4.50 -10.51 -19.11
C GLY A 64 4.20 -10.19 -20.54
N ALA A 65 4.61 -9.01 -20.99
CA ALA A 65 4.30 -8.53 -22.32
C ALA A 65 2.82 -8.18 -22.43
N ALA A 66 2.39 -7.26 -21.55
CA ALA A 66 1.03 -6.69 -21.57
C ALA A 66 -0.01 -7.60 -20.97
N VAL A 67 0.40 -8.75 -20.49
CA VAL A 67 -0.51 -9.66 -19.80
C VAL A 67 -0.94 -9.02 -18.49
N ARG A 68 0.05 -8.60 -17.74
CA ARG A 68 -0.11 -7.80 -16.56
C ARG A 68 -0.57 -6.40 -16.89
N ILE A 69 -0.24 -5.53 -15.97
CA ILE A 69 -0.45 -4.09 -16.09
C ILE A 69 0.11 -3.56 -17.40
N ASP A 70 -0.31 -2.36 -17.77
CA ASP A 70 0.11 -1.72 -19.01
C ASP A 70 1.58 -1.27 -18.95
N GLY A 71 2.40 -2.02 -18.23
CA GLY A 71 3.81 -1.69 -18.13
C GLY A 71 4.07 -0.50 -17.24
N ARG A 72 3.06 -0.14 -16.49
CA ARG A 72 3.17 0.92 -15.51
C ARG A 72 3.07 0.28 -14.13
N VAL A 73 3.86 0.77 -13.22
CA VAL A 73 3.99 0.12 -11.94
C VAL A 73 3.44 1.03 -10.86
N THR A 74 2.18 0.83 -10.59
CA THR A 74 1.44 1.64 -9.64
C THR A 74 1.79 1.24 -8.21
N GLN A 75 3.05 0.99 -7.99
CA GLN A 75 3.53 0.44 -6.74
C GLN A 75 4.58 1.37 -6.17
N ASN A 76 4.15 2.18 -5.23
CA ASN A 76 5.02 3.17 -4.59
C ASN A 76 6.04 2.52 -3.65
N LEU A 77 6.30 1.25 -3.89
CA LEU A 77 7.26 0.45 -3.14
C LEU A 77 6.81 0.26 -1.69
N GLY A 78 6.86 1.32 -0.91
CA GLY A 78 6.57 1.25 0.50
C GLY A 78 5.10 1.34 0.80
N VAL A 79 4.31 1.00 -0.19
CA VAL A 79 2.87 1.16 -0.11
C VAL A 79 2.20 0.05 -0.92
N ARG A 80 1.50 -0.83 -0.22
CA ARG A 80 0.76 -1.89 -0.88
C ARG A 80 -0.73 -1.57 -0.86
N THR A 81 -1.51 -2.29 -1.64
CA THR A 81 -2.91 -1.99 -1.78
C THR A 81 -3.77 -3.25 -1.71
N ALA A 82 -5.08 -3.05 -1.79
CA ALA A 82 -6.03 -4.14 -1.87
C ALA A 82 -7.16 -3.75 -2.81
N GLU A 83 -7.50 -4.62 -3.74
CA GLU A 83 -8.51 -4.33 -4.72
C GLU A 83 -9.90 -4.49 -4.14
N VAL A 84 -10.78 -3.60 -4.52
CA VAL A 84 -12.16 -3.65 -4.12
C VAL A 84 -12.86 -4.82 -4.76
N LYS A 85 -13.49 -5.62 -3.93
CA LYS A 85 -14.30 -6.72 -4.41
C LYS A 85 -15.24 -7.23 -3.34
N LEU A 86 -16.40 -7.67 -3.80
CA LEU A 86 -17.44 -8.20 -2.93
C LEU A 86 -17.01 -9.55 -2.37
N GLY A 87 -17.18 -9.70 -1.07
CA GLY A 87 -16.66 -10.89 -0.41
C GLY A 87 -17.70 -11.63 0.40
N ARG A 88 -18.95 -11.43 0.05
CA ARG A 88 -20.05 -12.07 0.71
C ARG A 88 -21.13 -12.48 -0.28
N LEU A 89 -21.91 -13.47 0.12
CA LEU A 89 -22.99 -14.01 -0.70
C LEU A 89 -24.05 -14.58 0.23
N GLY A 90 -25.21 -13.95 0.22
CA GLY A 90 -26.26 -14.31 1.14
C GLY A 90 -26.34 -13.26 2.22
N SER A 91 -25.16 -12.96 2.75
CA SER A 91 -24.95 -11.80 3.59
C SER A 91 -25.05 -10.54 2.72
N THR A 92 -24.93 -9.39 3.36
CA THR A 92 -25.19 -8.12 2.71
C THR A 92 -23.97 -7.63 1.99
N GLU A 93 -24.04 -7.68 0.68
CA GLU A 93 -22.90 -7.41 -0.16
C GLU A 93 -22.34 -6.02 0.06
N ARG A 94 -21.08 -6.03 0.48
CA ARG A 94 -20.34 -4.83 0.76
C ARG A 94 -18.97 -5.00 0.12
N LEU A 95 -18.24 -3.92 -0.02
CA LEU A 95 -16.90 -3.98 -0.60
C LEU A 95 -15.90 -4.24 0.52
N LEU A 96 -15.27 -5.41 0.48
CA LEU A 96 -14.40 -5.84 1.56
C LEU A 96 -12.99 -5.35 1.36
N VAL A 97 -12.45 -4.74 2.41
CA VAL A 97 -11.11 -4.19 2.39
C VAL A 97 -10.46 -4.38 3.76
N PRO A 98 -9.13 -4.42 3.83
CA PRO A 98 -8.42 -4.42 5.12
C PRO A 98 -8.82 -3.22 5.98
N SER A 99 -8.98 -3.47 7.28
CA SER A 99 -9.41 -2.44 8.23
C SER A 99 -8.49 -1.22 8.25
N GLU A 100 -7.21 -1.43 7.94
CA GLU A 100 -6.27 -0.31 7.92
C GLU A 100 -6.28 0.39 6.57
N ALA A 101 -7.05 -0.11 5.63
CA ALA A 101 -7.04 0.44 4.28
C ALA A 101 -7.68 1.81 4.24
N LEU A 102 -8.78 1.93 4.96
CA LEU A 102 -9.57 3.14 4.90
C LEU A 102 -9.17 4.12 5.99
N ILE A 103 -9.53 5.38 5.79
CA ILE A 103 -9.26 6.43 6.76
C ILE A 103 -10.53 6.73 7.53
N ARG A 104 -10.54 6.43 8.82
CA ARG A 104 -11.69 6.80 9.63
C ARG A 104 -11.50 8.18 10.21
N THR A 105 -12.49 9.03 9.98
CA THR A 105 -12.45 10.38 10.51
C THR A 105 -13.87 10.88 10.78
N GLY A 106 -14.07 11.45 11.97
CA GLY A 106 -15.36 11.98 12.34
C GLY A 106 -16.47 10.96 12.21
N ALA A 107 -17.41 11.21 11.31
CA ALA A 107 -18.52 10.30 11.09
C ALA A 107 -18.58 9.79 9.67
N ARG A 108 -17.40 9.57 9.09
CA ARG A 108 -17.33 9.08 7.72
C ARG A 108 -15.94 8.48 7.44
N THR A 109 -15.72 8.03 6.23
CA THR A 109 -14.48 7.36 5.89
C THR A 109 -13.89 7.91 4.59
N ILE A 110 -12.57 7.85 4.47
CA ILE A 110 -11.88 8.25 3.25
C ILE A 110 -11.03 7.09 2.76
N ALA A 111 -10.86 6.99 1.46
CA ALA A 111 -10.02 5.95 0.87
C ALA A 111 -9.02 6.57 -0.10
N MET A 112 -7.75 6.30 0.10
CA MET A 112 -6.77 6.69 -0.89
C MET A 112 -6.70 5.59 -1.94
N VAL A 113 -7.37 5.83 -3.05
CA VAL A 113 -7.59 4.81 -4.06
C VAL A 113 -6.38 4.67 -4.97
N ALA A 114 -6.02 3.44 -5.26
CA ALA A 114 -4.97 3.18 -6.23
C ALA A 114 -5.54 3.26 -7.62
N LYS A 115 -5.36 4.41 -8.24
CA LYS A 115 -5.88 4.65 -9.57
C LYS A 115 -5.01 3.93 -10.57
N GLY A 116 -5.64 3.34 -11.57
CA GLY A 116 -4.92 2.56 -12.56
C GLY A 116 -3.86 3.34 -13.28
N GLU A 117 -3.94 4.67 -13.22
CA GLU A 117 -2.99 5.54 -13.90
C GLU A 117 -1.67 5.65 -13.14
N GLY A 118 -1.56 4.88 -12.07
CA GLY A 118 -0.32 4.81 -11.32
C GLY A 118 -0.29 5.77 -10.15
N GLY A 119 -1.43 6.36 -9.84
CA GLY A 119 -1.48 7.38 -8.82
C GLY A 119 -2.47 7.04 -7.73
N PHE A 120 -2.51 7.86 -6.69
CA PHE A 120 -3.37 7.63 -5.55
C PHE A 120 -4.23 8.85 -5.30
N ASP A 121 -5.50 8.63 -5.02
CA ASP A 121 -6.44 9.73 -4.87
C ASP A 121 -7.37 9.49 -3.69
N PRO A 122 -7.71 10.53 -2.92
CA PRO A 122 -8.61 10.38 -1.80
C PRO A 122 -10.08 10.41 -2.21
N VAL A 123 -10.87 9.53 -1.62
CA VAL A 123 -12.29 9.45 -1.89
C VAL A 123 -13.07 9.32 -0.59
N GLU A 124 -14.17 10.05 -0.47
CA GLU A 124 -15.02 9.90 0.69
C GLU A 124 -15.94 8.70 0.48
N VAL A 125 -15.90 7.79 1.44
CA VAL A 125 -16.59 6.51 1.32
C VAL A 125 -17.35 6.20 2.60
N LYS A 126 -18.35 5.34 2.48
CA LYS A 126 -19.10 4.88 3.63
C LYS A 126 -18.52 3.56 4.10
N ALA A 127 -18.06 3.55 5.31
CA ALA A 127 -17.40 2.37 5.86
C ALA A 127 -17.72 2.18 7.31
N GLY A 128 -18.58 1.23 7.64
CA GLY A 128 -18.72 0.89 9.03
C GLY A 128 -19.17 -0.52 9.28
N ALA A 129 -18.30 -1.48 9.02
CA ALA A 129 -18.37 -2.79 9.63
C ALA A 129 -16.97 -3.39 9.73
N THR A 130 -16.80 -4.41 10.54
CA THR A 130 -15.57 -5.18 10.53
C THR A 130 -15.91 -6.67 10.55
N ALA A 131 -15.24 -7.43 9.70
CA ALA A 131 -15.56 -8.83 9.53
C ALA A 131 -14.35 -9.66 9.10
N GLY A 132 -13.83 -10.45 10.04
CA GLY A 132 -12.77 -11.40 9.71
C GLY A 132 -11.46 -10.74 9.40
N GLY A 133 -11.08 -9.76 10.21
CA GLY A 133 -9.82 -9.07 10.00
C GLY A 133 -9.88 -8.10 8.83
N GLN A 134 -11.10 -7.76 8.43
CA GLN A 134 -11.31 -6.82 7.33
C GLN A 134 -12.42 -5.86 7.69
N SER A 135 -12.54 -4.80 6.95
CA SER A 135 -13.60 -3.84 7.17
C SER A 135 -14.52 -3.80 5.97
N GLU A 136 -15.70 -3.26 6.17
CA GLU A 136 -16.70 -3.20 5.12
C GLU A 136 -16.84 -1.81 4.56
N ILE A 137 -16.60 -1.69 3.27
CA ILE A 137 -16.92 -0.48 2.54
C ILE A 137 -18.35 -0.58 2.05
N LEU A 138 -19.22 0.11 2.76
CA LEU A 138 -20.65 0.08 2.50
C LEU A 138 -20.94 0.79 1.18
N GLU A 139 -20.32 1.94 0.99
CA GLU A 139 -20.45 2.73 -0.22
C GLU A 139 -19.18 3.51 -0.47
N GLY A 140 -19.01 4.03 -1.66
CA GLY A 140 -17.86 4.86 -1.94
C GLY A 140 -17.10 4.42 -3.18
N LEU A 141 -16.60 3.20 -3.17
CA LEU A 141 -15.73 2.75 -4.26
C LEU A 141 -16.34 1.59 -5.03
N LYS A 142 -15.61 1.14 -6.03
CA LYS A 142 -16.09 0.13 -6.97
C LYS A 142 -15.08 -0.98 -7.10
N ALA A 143 -15.60 -2.16 -7.43
CA ALA A 143 -14.76 -3.34 -7.60
C ALA A 143 -13.92 -3.20 -8.86
N GLY A 144 -12.64 -3.49 -8.71
CA GLY A 144 -11.71 -3.26 -9.79
C GLY A 144 -10.77 -2.12 -9.47
N GLN A 145 -11.08 -1.40 -8.40
CA GLN A 145 -10.21 -0.33 -7.94
C GLN A 145 -9.49 -0.84 -6.70
N GLN A 146 -8.42 -0.19 -6.28
CA GLN A 146 -7.75 -0.64 -5.05
C GLN A 146 -7.71 0.47 -4.01
N VAL A 147 -7.35 0.10 -2.81
CA VAL A 147 -7.16 1.04 -1.72
C VAL A 147 -5.80 0.78 -1.09
N VAL A 148 -5.24 1.77 -0.43
CA VAL A 148 -3.95 1.61 0.21
C VAL A 148 -4.08 0.83 1.52
N VAL A 149 -3.28 -0.21 1.68
CA VAL A 149 -3.37 -1.05 2.88
C VAL A 149 -1.99 -1.26 3.51
N SER A 150 -0.93 -1.04 2.74
CA SER A 150 0.44 -1.20 3.21
C SER A 150 0.63 -2.48 4.03
N GLY A 151 0.36 -3.61 3.40
CA GLY A 151 0.61 -4.90 4.01
C GLY A 151 1.01 -5.91 2.96
N GLN A 152 1.58 -7.02 3.37
CA GLN A 152 2.01 -8.02 2.41
C GLN A 152 1.34 -9.37 2.66
N PHE A 153 1.13 -10.12 1.59
CA PHE A 153 0.57 -11.46 1.69
C PHE A 153 1.68 -12.49 1.50
N LEU A 154 1.42 -13.76 1.82
CA LEU A 154 2.45 -14.78 1.71
C LEU A 154 2.79 -15.08 0.25
N ILE A 155 1.80 -15.53 -0.50
CA ILE A 155 1.99 -15.78 -1.93
C ILE A 155 0.95 -15.01 -2.75
N ASP A 156 1.43 -14.03 -3.51
CA ASP A 156 0.55 -13.12 -4.22
C ASP A 156 0.07 -13.70 -5.55
N SER A 157 0.52 -14.91 -5.85
CA SER A 157 0.21 -15.55 -7.12
C SER A 157 -1.29 -15.68 -7.31
N GLU A 158 -2.01 -16.09 -6.29
CA GLU A 158 -3.46 -16.26 -6.40
C GLU A 158 -4.08 -14.99 -6.97
N ALA A 159 -3.80 -13.87 -6.30
CA ALA A 159 -4.28 -12.55 -6.70
C ALA A 159 -3.80 -12.18 -8.10
N SER A 160 -2.53 -12.41 -8.35
CA SER A 160 -1.91 -12.09 -9.63
C SER A 160 -2.59 -12.81 -10.79
N LEU A 161 -3.04 -14.04 -10.51
CA LEU A 161 -3.68 -14.89 -11.51
C LEU A 161 -4.96 -14.25 -12.04
N ARG A 162 -5.55 -13.35 -11.26
CA ARG A 162 -6.72 -12.61 -11.72
C ARG A 162 -6.29 -11.43 -12.56
N GLY A 163 -6.67 -11.44 -13.81
CA GLY A 163 -6.40 -10.30 -14.65
C GLY A 163 -5.29 -10.57 -15.63
N THR A 164 -4.50 -11.59 -15.37
CA THR A 164 -3.43 -11.98 -16.28
C THR A 164 -3.84 -13.20 -17.11
N VAL A 165 -3.80 -14.37 -16.49
CA VAL A 165 -4.19 -15.60 -17.16
C VAL A 165 -5.70 -15.81 -17.03
N ALA A 166 -6.29 -15.21 -16.01
CA ALA A 166 -7.73 -15.30 -15.80
C ALA A 166 -8.39 -13.99 -16.14
N ARG A 167 -9.56 -14.06 -16.75
CA ARG A 167 -10.36 -12.88 -17.03
C ARG A 167 -11.78 -13.13 -16.56
N MET A 168 -12.75 -13.04 -17.48
CA MET A 168 -14.16 -13.36 -17.18
C MET A 168 -14.77 -12.35 -16.21
N GLN A 169 -16.09 -12.20 -16.30
CA GLN A 169 -16.81 -11.24 -15.48
C GLN A 169 -17.06 -11.82 -14.09
N GLU A 170 -16.89 -10.97 -13.06
CA GLU A 170 -17.06 -11.35 -11.65
C GLU A 170 -15.89 -12.20 -11.13
N THR A 171 -15.22 -12.90 -12.04
CA THR A 171 -14.02 -13.70 -11.76
C THR A 171 -14.23 -14.69 -10.61
N THR A 172 -15.46 -15.15 -10.40
CA THR A 172 -15.76 -16.03 -9.29
C THR A 172 -15.59 -17.49 -9.69
N SER A 173 -15.85 -18.40 -8.76
CA SER A 173 -15.64 -19.82 -8.97
C SER A 173 -16.58 -20.62 -8.10
N GLY A 174 -16.89 -21.85 -8.47
CA GLY A 174 -17.79 -22.64 -7.65
C GLY A 174 -19.08 -21.90 -7.41
N LEU A 175 -19.65 -21.39 -8.49
CA LEU A 175 -20.88 -20.64 -8.44
C LEU A 175 -21.52 -20.62 -9.83
N GLU A 176 -22.03 -21.77 -10.24
CA GLU A 176 -22.64 -21.91 -11.55
C GLU A 176 -24.09 -21.43 -11.50
N VAL A 177 -24.85 -21.97 -10.56
CA VAL A 177 -26.24 -21.59 -10.39
C VAL A 177 -26.50 -21.18 -8.95
N LEU A 178 -27.28 -20.13 -8.76
CA LEU A 178 -27.58 -19.65 -7.42
C LEU A 178 -29.07 -19.35 -7.28
N PHE A 179 -29.82 -20.34 -6.83
CA PHE A 179 -31.24 -20.19 -6.62
C PHE A 179 -31.58 -20.40 -5.15
N GLN A 180 -31.10 -21.51 -4.60
CA GLN A 180 -31.34 -21.85 -3.22
C GLN A 180 -30.14 -21.51 -2.36
N MET A 1 -18.99 2.38 14.69
CA MET A 1 -20.04 3.03 15.51
C MET A 1 -19.41 4.00 16.49
N GLY A 2 -20.20 4.95 16.98
CA GLY A 2 -19.70 5.94 17.92
C GLY A 2 -19.56 5.38 19.31
N SER A 3 -18.49 4.64 19.54
CA SER A 3 -18.22 4.04 20.84
C SER A 3 -17.80 5.09 21.85
N ALA A 4 -17.10 6.12 21.36
CA ALA A 4 -16.65 7.20 22.20
C ALA A 4 -17.83 7.97 22.77
N THR A 5 -17.82 8.13 24.09
CA THR A 5 -18.92 8.80 24.78
C THR A 5 -18.81 10.31 24.66
N VAL A 6 -18.91 10.79 23.43
CA VAL A 6 -18.87 12.22 23.15
C VAL A 6 -20.09 12.60 22.33
N ASN A 7 -20.30 13.88 22.13
CA ASN A 7 -21.41 14.36 21.34
C ASN A 7 -21.07 15.63 20.57
N GLY A 8 -21.94 15.99 19.65
CA GLY A 8 -21.73 17.19 18.86
C GLY A 8 -21.68 16.87 17.38
N PRO A 9 -20.97 17.71 16.60
CA PRO A 9 -20.76 17.49 15.18
C PRO A 9 -19.37 16.93 14.90
N HIS A 10 -18.78 16.27 15.89
CA HIS A 10 -17.37 15.86 15.82
C HIS A 10 -16.51 17.10 15.63
N ASP A 11 -16.39 17.84 16.72
CA ASP A 11 -15.74 19.16 16.72
C ASP A 11 -14.34 19.10 16.12
N GLY A 12 -14.09 19.98 15.16
CA GLY A 12 -12.79 20.07 14.55
C GLY A 12 -12.19 21.45 14.72
N HIS A 13 -12.28 21.97 15.94
CA HIS A 13 -11.74 23.30 16.25
C HIS A 13 -10.24 23.35 16.06
N ASP A 14 -9.79 24.47 15.50
CA ASP A 14 -8.37 24.71 15.22
C ASP A 14 -7.50 24.77 16.48
N PRO A 15 -7.99 25.34 17.62
CA PRO A 15 -7.29 25.24 18.91
C PRO A 15 -7.18 23.79 19.42
N ALA A 16 -6.57 22.94 18.61
CA ALA A 16 -6.45 21.51 18.92
C ALA A 16 -5.05 21.17 19.38
N ALA A 17 -4.12 22.11 19.22
CA ALA A 17 -2.75 21.90 19.65
C ALA A 17 -2.50 22.60 20.97
N GLY A 18 -3.12 22.08 22.01
CA GLY A 18 -2.99 22.66 23.34
C GLY A 18 -1.69 22.31 24.01
N ALA A 19 -0.58 22.70 23.38
CA ALA A 19 0.74 22.45 23.94
C ALA A 19 1.15 23.59 24.87
N GLU A 20 1.54 24.71 24.28
CA GLU A 20 1.97 25.86 25.04
C GLU A 20 0.77 26.78 25.32
N LEU A 21 -0.05 26.37 26.28
CA LEU A 21 -1.19 27.16 26.75
C LEU A 21 -2.28 27.20 25.69
N LYS A 22 -1.98 26.73 24.48
CA LYS A 22 -2.91 26.79 23.36
C LYS A 22 -3.14 28.26 22.96
N THR A 23 -2.21 29.08 23.41
CA THR A 23 -2.12 30.49 23.05
C THR A 23 -0.74 31.01 23.47
N GLY A 24 0.06 31.44 22.50
CA GLY A 24 1.37 31.96 22.85
C GLY A 24 2.32 32.03 21.68
N LYS A 25 3.36 31.23 21.74
CA LYS A 25 4.45 31.30 20.78
C LYS A 25 4.57 29.95 20.10
N ARG A 26 3.61 29.67 19.25
CA ARG A 26 3.52 28.40 18.62
C ARG A 26 3.22 28.55 17.12
N ILE A 27 4.00 27.86 16.30
CA ILE A 27 3.95 28.04 14.86
C ILE A 27 2.55 27.85 14.28
N LEU A 28 2.21 28.80 13.45
CA LEU A 28 0.98 28.78 12.69
C LEU A 28 1.28 28.76 11.20
N TYR A 29 2.46 29.30 10.84
CA TYR A 29 2.85 29.43 9.44
C TYR A 29 4.23 30.08 9.32
N TRP A 30 4.68 30.22 8.08
CA TRP A 30 5.97 30.80 7.74
C TRP A 30 5.79 32.05 6.90
N ARG A 31 6.77 32.94 6.96
CA ARG A 31 6.76 34.15 6.14
C ARG A 31 8.17 34.67 5.95
N ASP A 32 8.41 35.22 4.79
CA ASP A 32 9.67 35.88 4.51
C ASP A 32 9.76 37.12 5.37
N PRO A 33 10.87 37.37 6.05
CA PRO A 33 11.02 38.54 6.91
C PRO A 33 11.03 39.86 6.12
N MET A 34 11.18 39.75 4.80
CA MET A 34 11.15 40.93 3.94
C MET A 34 9.82 41.05 3.21
N VAL A 35 8.91 40.12 3.46
CA VAL A 35 7.58 40.17 2.85
C VAL A 35 6.45 40.24 3.92
N PRO A 36 6.61 41.10 4.96
CA PRO A 36 5.68 41.16 6.10
C PRO A 36 4.22 41.35 5.66
N GLY A 37 3.36 40.45 6.10
CA GLY A 37 1.97 40.51 5.72
C GLY A 37 1.57 39.32 4.88
N GLN A 38 2.54 38.75 4.18
CA GLN A 38 2.32 37.56 3.38
C GLN A 38 2.28 36.32 4.27
N ARG A 39 1.09 35.81 4.49
CA ARG A 39 0.89 34.61 5.28
C ARG A 39 0.94 33.38 4.40
N PHE A 40 2.03 32.63 4.51
CA PHE A 40 2.21 31.43 3.72
C PHE A 40 1.53 30.27 4.39
N ASP A 41 0.93 29.40 3.58
CA ASP A 41 0.10 28.29 4.06
C ASP A 41 0.92 27.32 4.88
N LYS A 42 2.22 27.27 4.61
CA LYS A 42 3.10 26.33 5.26
C LYS A 42 4.56 26.67 4.94
N PRO A 43 5.52 26.12 5.67
CA PRO A 43 6.96 26.34 5.43
C PRO A 43 7.37 26.14 3.95
N GLY A 44 8.59 26.54 3.63
CA GLY A 44 9.06 26.41 2.27
C GLY A 44 10.05 27.49 1.91
N LYS A 45 10.34 27.62 0.62
CA LYS A 45 11.28 28.62 0.14
C LYS A 45 10.55 29.88 -0.30
N SER A 46 11.27 30.98 -0.22
CA SER A 46 10.80 32.30 -0.60
C SER A 46 10.51 32.36 -2.09
N PRO A 47 9.21 32.37 -2.45
CA PRO A 47 8.76 32.31 -3.83
C PRO A 47 9.10 33.56 -4.60
N TYR A 48 9.56 34.56 -3.84
CA TYR A 48 9.92 35.84 -4.39
C TYR A 48 11.39 35.88 -4.75
N MET A 49 12.20 35.15 -4.00
CA MET A 49 13.60 34.99 -4.39
C MET A 49 14.13 33.54 -4.30
N ASP A 50 14.97 33.22 -3.31
CA ASP A 50 15.40 31.83 -3.09
C ASP A 50 16.08 31.62 -1.71
N MET A 51 15.31 31.78 -0.64
CA MET A 51 15.75 31.46 0.72
C MET A 51 14.60 30.81 1.47
N PRO A 52 14.88 29.91 2.41
CA PRO A 52 13.81 29.30 3.20
C PRO A 52 13.13 30.34 4.06
N LEU A 53 11.80 30.34 4.04
CA LEU A 53 11.02 31.35 4.76
C LEU A 53 11.29 31.31 6.26
N ILE A 54 10.93 32.36 6.95
CA ILE A 54 11.20 32.47 8.37
C ILE A 54 9.94 32.15 9.17
N PRO A 55 10.07 31.29 10.17
CA PRO A 55 8.95 30.92 10.99
C PRO A 55 8.71 31.87 12.15
N VAL A 56 7.44 32.14 12.38
CA VAL A 56 6.98 33.08 13.41
C VAL A 56 7.43 32.69 14.81
N TYR A 57 7.44 33.70 15.65
CA TYR A 57 7.90 33.68 17.07
C TYR A 57 8.75 32.48 17.45
N GLU A 58 8.12 31.40 17.90
CA GLU A 58 8.81 30.21 18.36
C GLU A 58 9.87 29.80 17.35
N GLU A 59 9.52 29.89 16.08
CA GLU A 59 10.45 29.68 15.00
C GLU A 59 10.89 28.21 14.90
N GLU A 60 10.05 27.44 14.20
CA GLU A 60 10.40 26.13 13.66
C GLU A 60 10.45 25.06 14.73
N ASN A 61 9.30 24.87 15.37
CA ASN A 61 9.18 23.86 16.41
C ASN A 61 7.89 23.07 16.25
N ALA A 62 6.76 23.77 16.14
CA ALA A 62 5.45 23.11 16.02
C ALA A 62 5.52 22.04 14.98
N ASP A 63 5.53 22.48 13.75
CA ASP A 63 5.77 21.59 12.66
C ASP A 63 7.12 21.91 12.05
N GLY A 64 7.99 22.37 12.91
CA GLY A 64 9.38 22.54 12.55
C GLY A 64 10.17 21.32 12.97
N ALA A 65 9.53 20.48 13.78
CA ALA A 65 10.18 19.31 14.32
C ALA A 65 9.17 18.30 14.85
N ALA A 66 8.08 18.79 15.45
CA ALA A 66 7.13 17.92 16.12
C ALA A 66 6.02 17.42 15.19
N VAL A 67 5.01 18.27 14.97
CA VAL A 67 3.79 17.88 14.25
C VAL A 67 4.08 17.54 12.80
N ARG A 68 5.12 18.18 12.30
CA ARG A 68 5.55 18.00 10.91
C ARG A 68 5.86 16.54 10.61
N ILE A 69 5.96 16.27 9.33
CA ILE A 69 6.35 14.96 8.85
C ILE A 69 7.86 14.92 8.69
N ASP A 70 8.42 13.72 8.80
CA ASP A 70 9.86 13.54 8.75
C ASP A 70 10.38 13.64 7.31
N GLY A 71 9.82 14.59 6.55
CA GLY A 71 10.15 14.72 5.15
C GLY A 71 9.73 13.51 4.36
N ARG A 72 8.81 12.76 4.94
CA ARG A 72 8.24 11.63 4.29
C ARG A 72 7.00 12.07 3.55
N VAL A 73 6.94 11.70 2.30
CA VAL A 73 5.84 12.05 1.46
C VAL A 73 5.24 10.77 0.94
N THR A 74 3.94 10.65 1.12
CA THR A 74 3.22 9.41 0.91
C THR A 74 3.10 9.04 -0.57
N GLN A 75 4.24 8.91 -1.23
CA GLN A 75 4.31 8.38 -2.57
C GLN A 75 4.91 6.98 -2.49
N ASN A 76 4.09 6.02 -2.16
CA ASN A 76 4.55 4.67 -1.99
C ASN A 76 4.89 4.05 -3.33
N LEU A 77 6.16 3.81 -3.49
CA LEU A 77 6.66 3.11 -4.67
C LEU A 77 6.21 1.65 -4.57
N GLY A 78 6.73 0.96 -3.57
CA GLY A 78 6.35 -0.41 -3.34
C GLY A 78 5.19 -0.49 -2.42
N VAL A 79 4.05 -0.16 -2.97
CA VAL A 79 2.82 -0.04 -2.22
C VAL A 79 2.07 -1.37 -2.14
N ARG A 80 1.33 -1.55 -1.06
CA ARG A 80 0.46 -2.70 -0.93
C ARG A 80 -0.99 -2.25 -1.01
N THR A 81 -1.73 -2.84 -1.92
CA THR A 81 -3.08 -2.42 -2.20
C THR A 81 -4.00 -3.63 -2.23
N ALA A 82 -5.23 -3.42 -1.81
CA ALA A 82 -6.24 -4.44 -1.92
C ALA A 82 -7.29 -3.97 -2.90
N GLU A 83 -7.58 -4.78 -3.89
CA GLU A 83 -8.56 -4.44 -4.89
C GLU A 83 -9.94 -4.79 -4.39
N VAL A 84 -10.87 -3.87 -4.55
CA VAL A 84 -12.22 -4.02 -4.05
C VAL A 84 -12.88 -5.29 -4.54
N LYS A 85 -13.40 -6.05 -3.60
CA LYS A 85 -14.13 -7.28 -3.88
C LYS A 85 -15.30 -7.38 -2.94
N LEU A 86 -16.41 -7.87 -3.42
CA LEU A 86 -17.52 -8.17 -2.52
C LEU A 86 -17.25 -9.48 -1.80
N GLY A 87 -17.78 -9.61 -0.59
CA GLY A 87 -17.53 -10.81 0.19
C GLY A 87 -18.43 -10.89 1.41
N ARG A 88 -19.72 -10.67 1.23
CA ARG A 88 -20.66 -10.75 2.34
C ARG A 88 -20.83 -12.19 2.82
N LEU A 89 -20.74 -12.37 4.13
CA LEU A 89 -21.00 -13.67 4.73
C LEU A 89 -21.92 -13.48 5.93
N GLY A 90 -23.22 -13.43 5.69
CA GLY A 90 -24.17 -13.16 6.75
C GLY A 90 -24.45 -11.68 6.82
N SER A 91 -23.73 -10.96 5.98
CA SER A 91 -23.89 -9.54 5.83
C SER A 91 -24.51 -9.25 4.48
N THR A 92 -24.74 -7.99 4.21
CA THR A 92 -25.21 -7.52 2.93
C THR A 92 -24.02 -7.35 2.01
N GLU A 93 -24.27 -7.31 0.71
CA GLU A 93 -23.21 -7.17 -0.26
C GLU A 93 -22.45 -5.88 -0.07
N ARG A 94 -21.29 -6.01 0.50
CA ARG A 94 -20.43 -4.88 0.74
C ARG A 94 -19.10 -5.11 0.04
N LEU A 95 -18.32 -4.07 -0.05
CA LEU A 95 -16.99 -4.13 -0.62
C LEU A 95 -16.01 -4.45 0.49
N LEU A 96 -15.43 -5.63 0.44
CA LEU A 96 -14.56 -6.09 1.52
C LEU A 96 -13.14 -5.64 1.28
N VAL A 97 -12.57 -5.05 2.31
CA VAL A 97 -11.22 -4.52 2.28
C VAL A 97 -10.59 -4.71 3.65
N PRO A 98 -9.26 -4.74 3.74
CA PRO A 98 -8.56 -4.77 5.02
C PRO A 98 -8.89 -3.53 5.84
N SER A 99 -9.05 -3.71 7.14
CA SER A 99 -9.37 -2.59 8.04
C SER A 99 -8.29 -1.50 7.98
N GLU A 100 -7.10 -1.87 7.48
CA GLU A 100 -6.02 -0.91 7.31
C GLU A 100 -6.09 -0.24 5.95
N ALA A 101 -7.17 -0.44 5.22
CA ALA A 101 -7.30 0.16 3.90
C ALA A 101 -7.88 1.56 3.99
N LEU A 102 -8.85 1.73 4.87
CA LEU A 102 -9.61 2.96 4.89
C LEU A 102 -9.15 3.92 5.98
N ILE A 103 -9.47 5.18 5.80
CA ILE A 103 -9.17 6.23 6.75
C ILE A 103 -10.42 6.57 7.53
N ARG A 104 -10.38 6.43 8.84
CA ARG A 104 -11.51 6.80 9.66
C ARG A 104 -11.37 8.22 10.17
N THR A 105 -12.36 9.05 9.85
CA THR A 105 -12.35 10.44 10.29
C THR A 105 -13.77 10.98 10.49
N GLY A 106 -14.00 11.60 11.63
CA GLY A 106 -15.27 12.24 11.90
C GLY A 106 -16.44 11.28 11.85
N ALA A 107 -17.32 11.47 10.87
CA ALA A 107 -18.48 10.61 10.72
C ALA A 107 -18.48 9.92 9.37
N ARG A 108 -17.30 9.77 8.80
CA ARG A 108 -17.17 9.22 7.47
C ARG A 108 -15.84 8.50 7.31
N THR A 109 -15.59 8.00 6.11
CA THR A 109 -14.38 7.24 5.84
C THR A 109 -13.78 7.66 4.50
N ILE A 110 -12.46 7.56 4.38
CA ILE A 110 -11.77 7.93 3.15
C ILE A 110 -10.91 6.75 2.68
N ALA A 111 -10.68 6.68 1.37
CA ALA A 111 -9.80 5.65 0.81
C ALA A 111 -8.85 6.29 -0.20
N MET A 112 -7.59 5.88 -0.17
CA MET A 112 -6.64 6.34 -1.17
C MET A 112 -6.51 5.28 -2.26
N VAL A 113 -7.20 5.53 -3.37
CA VAL A 113 -7.32 4.56 -4.45
C VAL A 113 -6.11 4.62 -5.39
N ALA A 114 -5.64 3.45 -5.78
CA ALA A 114 -4.56 3.32 -6.74
C ALA A 114 -5.03 3.80 -8.10
N LYS A 115 -4.87 5.10 -8.34
CA LYS A 115 -5.32 5.71 -9.56
C LYS A 115 -4.49 5.21 -10.73
N GLY A 116 -5.16 4.97 -11.86
CA GLY A 116 -4.47 4.46 -13.04
C GLY A 116 -3.42 5.42 -13.56
N GLU A 117 -3.43 6.65 -13.06
CA GLU A 117 -2.47 7.66 -13.48
C GLU A 117 -1.19 7.61 -12.65
N GLY A 118 -1.07 6.54 -11.86
CA GLY A 118 0.18 6.27 -11.17
C GLY A 118 0.27 6.88 -9.78
N GLY A 119 -0.88 7.09 -9.14
CA GLY A 119 -0.88 7.70 -7.82
C GLY A 119 -2.00 7.18 -6.96
N PHE A 120 -2.32 7.93 -5.92
CA PHE A 120 -3.36 7.52 -4.96
C PHE A 120 -4.33 8.67 -4.72
N ASP A 121 -5.57 8.49 -5.17
CA ASP A 121 -6.57 9.53 -5.01
C ASP A 121 -7.49 9.22 -3.84
N PRO A 122 -7.84 10.22 -3.04
CA PRO A 122 -8.70 10.02 -1.90
C PRO A 122 -10.18 10.00 -2.28
N VAL A 123 -10.92 9.09 -1.69
CA VAL A 123 -12.33 8.96 -1.94
C VAL A 123 -13.11 8.93 -0.63
N GLU A 124 -14.10 9.81 -0.50
CA GLU A 124 -14.98 9.77 0.66
C GLU A 124 -16.01 8.67 0.47
N VAL A 125 -15.91 7.65 1.32
CA VAL A 125 -16.71 6.45 1.18
C VAL A 125 -17.55 6.21 2.43
N LYS A 126 -18.43 5.22 2.35
CA LYS A 126 -19.13 4.76 3.52
C LYS A 126 -18.53 3.45 3.98
N ALA A 127 -18.16 3.39 5.23
CA ALA A 127 -17.52 2.21 5.78
C ALA A 127 -17.98 1.95 7.19
N GLY A 128 -18.82 0.96 7.40
CA GLY A 128 -19.07 0.59 8.77
C GLY A 128 -19.46 -0.86 8.96
N ALA A 129 -18.50 -1.75 8.77
CA ALA A 129 -18.52 -3.06 9.38
C ALA A 129 -17.10 -3.53 9.59
N THR A 130 -16.89 -4.52 10.43
CA THR A 130 -15.58 -5.14 10.55
C THR A 130 -15.74 -6.61 10.88
N ALA A 131 -15.10 -7.46 10.11
CA ALA A 131 -15.24 -8.89 10.26
C ALA A 131 -13.95 -9.63 9.92
N GLY A 132 -13.35 -10.24 10.93
CA GLY A 132 -12.17 -11.06 10.72
C GLY A 132 -10.97 -10.27 10.24
N GLY A 133 -10.75 -9.12 10.87
CA GLY A 133 -9.60 -8.30 10.52
C GLY A 133 -9.80 -7.57 9.20
N GLN A 134 -11.03 -7.55 8.71
CA GLN A 134 -11.35 -6.86 7.48
C GLN A 134 -12.49 -5.90 7.72
N SER A 135 -12.61 -4.90 6.88
CA SER A 135 -13.68 -3.94 7.04
C SER A 135 -14.67 -4.06 5.89
N GLU A 136 -15.81 -3.44 6.03
CA GLU A 136 -16.82 -3.45 4.99
C GLU A 136 -17.08 -2.04 4.46
N ILE A 137 -16.70 -1.85 3.21
CA ILE A 137 -17.03 -0.63 2.49
C ILE A 137 -18.43 -0.74 1.93
N LEU A 138 -19.32 0.05 2.48
CA LEU A 138 -20.72 0.01 2.12
C LEU A 138 -20.94 0.71 0.80
N GLU A 139 -20.38 1.90 0.66
CA GLU A 139 -20.53 2.67 -0.55
C GLU A 139 -19.30 3.53 -0.78
N GLY A 140 -19.17 4.06 -1.98
CA GLY A 140 -18.13 5.03 -2.26
C GLY A 140 -17.12 4.51 -3.24
N LEU A 141 -17.01 3.19 -3.31
CA LEU A 141 -16.04 2.56 -4.20
C LEU A 141 -16.69 1.52 -5.11
N LYS A 142 -15.85 0.76 -5.81
CA LYS A 142 -16.32 -0.23 -6.76
C LYS A 142 -15.29 -1.33 -6.92
N ALA A 143 -15.74 -2.50 -7.34
CA ALA A 143 -14.87 -3.64 -7.53
C ALA A 143 -13.90 -3.39 -8.67
N GLY A 144 -12.63 -3.58 -8.39
CA GLY A 144 -11.60 -3.23 -9.35
C GLY A 144 -10.84 -1.99 -8.90
N GLN A 145 -11.34 -1.35 -7.87
CA GLN A 145 -10.72 -0.15 -7.32
C GLN A 145 -9.76 -0.56 -6.22
N GLN A 146 -8.48 -0.37 -6.49
CA GLN A 146 -7.44 -0.77 -5.58
C GLN A 146 -7.18 0.32 -4.55
N VAL A 147 -7.19 -0.07 -3.30
CA VAL A 147 -6.94 0.87 -2.21
C VAL A 147 -5.71 0.45 -1.43
N VAL A 148 -4.84 1.40 -1.14
CA VAL A 148 -3.62 1.11 -0.41
C VAL A 148 -3.93 0.70 1.01
N VAL A 149 -3.49 -0.50 1.36
CA VAL A 149 -3.79 -1.08 2.66
C VAL A 149 -2.54 -1.07 3.53
N SER A 150 -1.38 -0.97 2.87
CA SER A 150 -0.09 -0.83 3.54
C SER A 150 0.27 -2.07 4.37
N GLY A 151 -0.41 -2.25 5.50
CA GLY A 151 -0.05 -3.30 6.42
C GLY A 151 0.95 -2.81 7.43
N GLN A 152 0.47 -2.57 8.66
CA GLN A 152 1.30 -2.06 9.75
C GLN A 152 1.73 -0.62 9.46
N PHE A 153 0.82 0.31 9.72
CA PHE A 153 1.13 1.73 9.55
C PHE A 153 2.06 2.22 10.65
N LEU A 154 2.64 3.39 10.44
CA LEU A 154 3.52 4.00 11.42
C LEU A 154 2.70 4.83 12.41
N ILE A 155 1.66 4.22 12.97
CA ILE A 155 0.77 4.92 13.89
C ILE A 155 1.34 4.94 15.31
N ASP A 156 2.64 5.13 15.39
CA ASP A 156 3.33 5.25 16.66
C ASP A 156 3.30 6.68 17.18
N SER A 157 4.40 7.40 16.98
CA SER A 157 4.55 8.77 17.47
C SER A 157 3.82 9.73 16.55
N GLU A 158 3.97 9.46 15.25
CA GLU A 158 3.32 10.22 14.18
C GLU A 158 1.82 10.28 14.41
N ALA A 159 1.31 9.23 15.04
CA ALA A 159 -0.11 9.03 15.24
C ALA A 159 -0.71 10.05 16.20
N SER A 160 0.09 10.50 17.16
CA SER A 160 -0.36 11.49 18.13
C SER A 160 -0.25 12.88 17.52
N LEU A 161 0.56 12.97 16.48
CA LEU A 161 0.91 14.24 15.85
C LEU A 161 -0.09 14.64 14.77
N ARG A 162 -0.68 13.63 14.12
CA ARG A 162 -1.59 13.89 13.01
C ARG A 162 -2.88 14.50 13.51
N GLY A 163 -3.38 15.46 12.75
CA GLY A 163 -4.59 16.16 13.13
C GLY A 163 -4.26 17.38 13.97
N THR A 164 -3.09 17.96 13.69
CA THR A 164 -2.53 19.05 14.50
C THR A 164 -2.55 18.70 15.98
N VAL A 165 -1.94 17.55 16.31
CA VAL A 165 -1.86 17.05 17.68
C VAL A 165 -3.22 16.52 18.17
N ALA A 166 -4.24 17.37 18.13
CA ALA A 166 -5.57 17.00 18.60
C ALA A 166 -5.51 16.52 20.04
N ARG A 167 -4.94 17.35 20.88
CA ARG A 167 -4.84 17.06 22.31
C ARG A 167 -6.17 17.32 22.97
N MET A 168 -7.01 16.30 22.99
CA MET A 168 -8.34 16.38 23.61
C MET A 168 -8.87 15.01 23.97
N GLN A 169 -8.03 14.12 24.45
CA GLN A 169 -8.50 12.77 24.79
C GLN A 169 -9.32 12.81 26.07
N GLU A 170 -8.64 12.96 27.21
CA GLU A 170 -9.32 13.03 28.50
C GLU A 170 -10.24 14.24 28.54
N THR A 171 -9.69 15.41 28.29
CA THR A 171 -10.43 16.65 28.30
C THR A 171 -10.39 17.31 26.93
N THR A 172 -11.56 17.68 26.43
CA THR A 172 -11.64 18.35 25.14
C THR A 172 -11.52 19.85 25.34
N SER A 173 -11.51 20.59 24.26
CA SER A 173 -11.34 22.04 24.33
C SER A 173 -12.67 22.71 24.68
N GLY A 174 -13.17 22.39 25.87
CA GLY A 174 -14.40 23.00 26.34
C GLY A 174 -14.21 23.63 27.71
N LEU A 175 -12.96 23.93 28.05
CA LEU A 175 -12.67 24.60 29.31
C LEU A 175 -12.62 26.11 29.10
N GLU A 176 -11.78 26.80 29.87
CA GLU A 176 -11.59 28.24 29.72
C GLU A 176 -12.92 28.97 29.91
N VAL A 177 -13.14 30.01 29.11
CA VAL A 177 -14.44 30.69 28.98
C VAL A 177 -15.14 30.88 30.33
N LEU A 178 -14.77 31.95 31.02
CA LEU A 178 -15.35 32.30 32.31
C LEU A 178 -16.85 32.53 32.18
N PHE A 179 -17.21 33.74 31.77
CA PHE A 179 -18.61 34.14 31.64
C PHE A 179 -19.01 34.25 30.19
N GLN A 180 -18.27 35.05 29.43
CA GLN A 180 -18.53 35.23 28.01
C GLN A 180 -17.22 35.33 27.24
N MET A 1 12.74 38.85 12.21
CA MET A 1 13.79 37.92 11.72
C MET A 1 13.68 37.75 10.21
N GLY A 2 14.80 37.76 9.51
CA GLY A 2 14.77 37.54 8.07
C GLY A 2 14.05 38.63 7.31
N SER A 3 14.55 39.86 7.45
CA SER A 3 14.02 41.01 6.73
C SER A 3 12.53 41.23 7.04
N ALA A 4 12.27 41.53 8.32
CA ALA A 4 10.93 41.84 8.82
C ALA A 4 9.99 40.64 8.71
N THR A 5 9.82 39.92 9.83
CA THR A 5 8.91 38.78 9.87
C THR A 5 7.48 39.22 9.58
N VAL A 6 7.08 40.33 10.16
CA VAL A 6 5.75 40.89 9.95
C VAL A 6 5.79 42.42 9.95
N ASN A 7 5.37 43.01 8.84
CA ASN A 7 5.39 44.46 8.68
C ASN A 7 4.22 44.91 7.83
N GLY A 8 4.14 44.37 6.62
CA GLY A 8 3.06 44.72 5.72
C GLY A 8 2.84 43.64 4.69
N PRO A 9 2.64 44.01 3.42
CA PRO A 9 2.45 43.03 2.35
C PRO A 9 3.71 42.21 2.10
N HIS A 10 3.52 40.96 1.67
CA HIS A 10 4.64 40.08 1.39
C HIS A 10 4.22 39.03 0.37
N ASP A 11 4.91 38.98 -0.75
CA ASP A 11 4.58 38.04 -1.82
C ASP A 11 5.83 37.41 -2.39
N GLY A 12 5.66 36.38 -3.20
CA GLY A 12 6.78 35.74 -3.83
C GLY A 12 6.74 34.24 -3.70
N HIS A 13 5.88 33.75 -2.80
CA HIS A 13 5.68 32.31 -2.58
C HIS A 13 6.87 31.69 -1.84
N ASP A 14 8.08 32.12 -2.18
CA ASP A 14 9.28 31.64 -1.51
C ASP A 14 9.31 32.10 -0.06
N PRO A 15 9.66 31.20 0.86
CA PRO A 15 9.75 31.53 2.28
C PRO A 15 11.03 32.29 2.63
N ALA A 16 11.16 32.65 3.88
CA ALA A 16 12.37 33.29 4.37
C ALA A 16 13.22 32.25 5.11
N ALA A 17 14.08 31.59 4.35
CA ALA A 17 14.93 30.53 4.86
C ALA A 17 14.10 29.31 5.24
N GLY A 18 13.77 28.50 4.24
CA GLY A 18 12.95 27.33 4.46
C GLY A 18 13.75 26.16 5.00
N ALA A 19 14.03 26.21 6.29
CA ALA A 19 14.73 25.12 6.97
C ALA A 19 13.90 23.84 6.95
N GLU A 20 12.59 24.01 7.13
CA GLU A 20 11.61 22.91 7.06
C GLU A 20 12.07 21.66 7.80
N LEU A 21 11.93 21.71 9.13
CA LEU A 21 12.20 20.56 10.01
C LEU A 21 13.68 20.20 10.00
N LYS A 22 14.50 21.14 9.51
CA LYS A 22 15.95 20.97 9.39
C LYS A 22 16.29 20.01 8.24
N THR A 23 15.26 19.43 7.64
CA THR A 23 15.43 18.58 6.48
C THR A 23 14.72 19.17 5.28
N GLY A 24 14.80 20.48 5.16
CA GLY A 24 14.18 21.17 4.06
C GLY A 24 14.97 21.11 2.80
N LYS A 25 15.35 19.92 2.42
CA LYS A 25 16.17 19.72 1.25
C LYS A 25 16.15 18.26 0.86
N ARG A 26 14.94 17.78 0.67
CA ARG A 26 14.69 16.43 0.20
C ARG A 26 13.93 16.51 -1.11
N ILE A 27 14.19 15.52 -1.94
CA ILE A 27 13.82 15.51 -3.35
C ILE A 27 12.37 15.81 -3.61
N LEU A 28 12.18 16.83 -4.43
CA LEU A 28 10.88 17.28 -4.83
C LEU A 28 10.67 16.99 -6.32
N TYR A 29 11.77 17.06 -7.09
CA TYR A 29 11.73 16.86 -8.53
C TYR A 29 13.13 16.93 -9.14
N TRP A 30 13.19 16.86 -10.47
CA TRP A 30 14.45 16.84 -11.21
C TRP A 30 14.54 18.01 -12.18
N ARG A 31 15.74 18.52 -12.37
CA ARG A 31 15.99 19.63 -13.27
C ARG A 31 17.41 19.52 -13.81
N ASP A 32 17.63 19.92 -15.05
CA ASP A 32 18.96 19.87 -15.63
C ASP A 32 19.84 21.02 -15.16
N PRO A 33 21.15 20.79 -15.04
CA PRO A 33 22.08 21.82 -14.57
C PRO A 33 22.00 23.11 -15.37
N MET A 34 22.19 22.98 -16.68
CA MET A 34 22.35 24.15 -17.56
C MET A 34 21.02 24.69 -18.06
N VAL A 35 19.93 24.11 -17.62
CA VAL A 35 18.59 24.62 -17.97
C VAL A 35 17.78 25.01 -16.71
N PRO A 36 18.38 25.84 -15.83
CA PRO A 36 17.79 26.18 -14.53
C PRO A 36 16.49 26.97 -14.66
N GLY A 37 15.42 26.42 -14.09
CA GLY A 37 14.13 27.05 -14.21
C GLY A 37 13.08 26.06 -14.69
N GLN A 38 13.55 25.06 -15.43
CA GLN A 38 12.69 23.99 -15.89
C GLN A 38 12.39 23.02 -14.73
N ARG A 39 11.16 22.57 -14.64
CA ARG A 39 10.72 21.73 -13.53
C ARG A 39 9.93 20.54 -14.03
N PHE A 40 10.50 19.35 -13.87
CA PHE A 40 9.79 18.12 -14.18
C PHE A 40 9.20 17.56 -12.91
N ASP A 41 8.07 16.87 -12.99
CA ASP A 41 7.46 16.33 -11.80
C ASP A 41 8.05 15.00 -11.40
N LYS A 42 9.12 14.61 -12.08
CA LYS A 42 9.81 13.39 -11.75
C LYS A 42 11.21 13.33 -12.36
N PRO A 43 12.03 12.37 -11.94
CA PRO A 43 13.32 12.06 -12.58
C PRO A 43 13.19 11.72 -14.07
N GLY A 44 14.32 11.60 -14.75
CA GLY A 44 14.30 11.20 -16.14
C GLY A 44 15.41 11.82 -16.96
N LYS A 45 15.29 11.72 -18.27
CA LYS A 45 16.23 12.31 -19.20
C LYS A 45 15.72 13.65 -19.69
N SER A 46 16.65 14.55 -19.96
CA SER A 46 16.33 15.89 -20.44
C SER A 46 15.69 15.86 -21.82
N PRO A 47 14.70 16.72 -22.06
CA PRO A 47 14.06 16.85 -23.37
C PRO A 47 14.92 17.69 -24.31
N TYR A 48 15.82 18.48 -23.70
CA TYR A 48 16.63 19.43 -24.40
C TYR A 48 17.77 18.74 -25.09
N MET A 49 18.25 17.67 -24.46
CA MET A 49 19.26 16.81 -25.05
C MET A 49 19.38 15.54 -24.22
N ASP A 50 20.09 14.55 -24.73
CA ASP A 50 20.14 13.24 -24.10
C ASP A 50 21.13 13.18 -22.95
N MET A 51 20.76 13.82 -21.85
CA MET A 51 21.48 13.69 -20.59
C MET A 51 20.48 13.61 -19.45
N PRO A 52 20.73 12.73 -18.47
CA PRO A 52 19.84 12.56 -17.33
C PRO A 52 19.77 13.81 -16.47
N LEU A 53 18.57 14.17 -16.07
CA LEU A 53 18.36 15.36 -15.28
C LEU A 53 19.06 15.25 -13.92
N ILE A 54 19.24 16.38 -13.27
CA ILE A 54 19.88 16.39 -11.96
C ILE A 54 18.84 16.56 -10.87
N PRO A 55 18.93 15.76 -9.82
CA PRO A 55 18.02 15.87 -8.72
C PRO A 55 18.41 16.98 -7.75
N VAL A 56 17.38 17.69 -7.30
CA VAL A 56 17.51 18.83 -6.41
C VAL A 56 18.26 18.53 -5.13
N TYR A 57 18.79 19.61 -4.56
CA TYR A 57 19.64 19.64 -3.36
C TYR A 57 20.21 18.29 -2.93
N GLU A 58 19.47 17.59 -2.08
CA GLU A 58 19.91 16.30 -1.52
C GLU A 58 20.46 15.38 -2.59
N GLU A 59 19.78 15.34 -3.73
CA GLU A 59 20.20 14.54 -4.86
C GLU A 59 20.10 13.04 -4.54
N GLU A 60 18.88 12.53 -4.82
CA GLU A 60 18.56 11.11 -4.92
C GLU A 60 18.75 10.39 -3.59
N ASN A 61 17.94 10.76 -2.61
CA ASN A 61 18.10 10.25 -1.24
C ASN A 61 16.76 10.12 -0.51
N ALA A 62 15.81 10.99 -0.88
CA ALA A 62 14.48 11.09 -0.25
C ALA A 62 13.99 9.76 0.23
N ASP A 63 13.91 8.81 -0.67
CA ASP A 63 13.64 7.46 -0.29
C ASP A 63 14.70 6.53 -0.82
N GLY A 64 15.90 6.72 -0.32
CA GLY A 64 17.02 5.87 -0.69
C GLY A 64 17.63 6.31 -1.98
N ALA A 65 16.77 6.36 -2.97
CA ALA A 65 17.14 6.76 -4.30
C ALA A 65 16.10 7.74 -4.82
N ALA A 66 15.35 8.32 -3.88
CA ALA A 66 14.28 9.27 -4.19
C ALA A 66 13.20 8.61 -5.03
N VAL A 67 13.00 7.33 -4.77
CA VAL A 67 11.95 6.56 -5.44
C VAL A 67 10.59 6.99 -4.88
N ARG A 68 10.61 7.41 -3.63
CA ARG A 68 9.42 7.83 -2.92
C ARG A 68 9.58 9.22 -2.32
N ILE A 69 8.60 9.52 -1.51
CA ILE A 69 8.35 10.85 -0.92
C ILE A 69 9.56 11.40 -0.16
N ASP A 70 9.43 12.70 0.15
CA ASP A 70 10.33 13.49 1.01
C ASP A 70 10.48 12.90 2.43
N GLY A 71 10.19 11.62 2.57
CA GLY A 71 10.24 10.95 3.85
C GLY A 71 8.97 11.17 4.64
N ARG A 72 7.98 11.71 3.97
CA ARG A 72 6.70 12.00 4.60
C ARG A 72 5.81 10.80 4.53
N VAL A 73 5.46 10.29 5.68
CA VAL A 73 4.70 9.06 5.77
C VAL A 73 3.40 9.27 6.50
N THR A 74 2.35 8.62 6.03
CA THR A 74 1.06 8.66 6.66
C THR A 74 0.54 7.23 6.85
N GLN A 75 1.33 6.46 7.60
CA GLN A 75 1.07 5.04 7.83
C GLN A 75 1.19 4.28 6.51
N ASN A 76 2.42 4.14 6.04
CA ASN A 76 2.67 3.46 4.79
C ASN A 76 3.76 2.41 4.97
N LEU A 77 3.39 1.22 5.35
CA LEU A 77 4.39 0.17 5.56
C LEU A 77 5.18 -0.06 4.27
N GLY A 78 4.48 -0.35 3.19
CA GLY A 78 5.12 -0.46 1.89
C GLY A 78 4.21 0.02 0.77
N VAL A 79 3.05 0.55 1.16
CA VAL A 79 2.06 1.04 0.20
C VAL A 79 1.63 -0.09 -0.74
N ARG A 80 1.36 -1.23 -0.16
CA ARG A 80 0.78 -2.29 -0.95
C ARG A 80 -0.73 -2.14 -0.94
N THR A 81 -1.38 -2.58 -1.99
CA THR A 81 -2.78 -2.30 -2.16
C THR A 81 -3.60 -3.58 -2.10
N ALA A 82 -4.92 -3.40 -2.07
CA ALA A 82 -5.84 -4.50 -2.18
C ALA A 82 -7.05 -4.03 -2.99
N GLU A 83 -7.38 -4.77 -4.03
CA GLU A 83 -8.48 -4.40 -4.91
C GLU A 83 -9.81 -4.78 -4.26
N VAL A 84 -10.77 -3.88 -4.39
CA VAL A 84 -12.09 -4.06 -3.81
C VAL A 84 -12.76 -5.34 -4.30
N LYS A 85 -13.31 -6.08 -3.35
CA LYS A 85 -14.01 -7.32 -3.61
C LYS A 85 -15.27 -7.38 -2.79
N LEU A 86 -16.33 -7.93 -3.33
CA LEU A 86 -17.51 -8.18 -2.53
C LEU A 86 -17.28 -9.41 -1.65
N GLY A 87 -17.94 -9.45 -0.49
CA GLY A 87 -17.79 -10.58 0.40
C GLY A 87 -18.71 -10.51 1.59
N ARG A 88 -19.98 -10.24 1.34
CA ARG A 88 -20.98 -10.09 2.40
C ARG A 88 -21.16 -11.39 3.18
N LEU A 89 -21.44 -11.27 4.47
CA LEU A 89 -21.65 -12.43 5.32
C LEU A 89 -22.68 -12.10 6.40
N GLY A 90 -23.96 -12.26 6.07
CA GLY A 90 -25.01 -11.86 6.98
C GLY A 90 -25.34 -10.41 6.75
N SER A 91 -24.54 -9.84 5.87
CA SER A 91 -24.69 -8.48 5.43
C SER A 91 -25.12 -8.48 3.97
N THR A 92 -25.47 -7.30 3.50
CA THR A 92 -25.80 -7.06 2.11
C THR A 92 -24.50 -6.87 1.34
N GLU A 93 -24.58 -6.96 0.03
CA GLU A 93 -23.41 -6.87 -0.82
C GLU A 93 -22.64 -5.58 -0.59
N ARG A 94 -21.50 -5.72 0.05
CA ARG A 94 -20.65 -4.58 0.37
C ARG A 94 -19.25 -4.84 -0.18
N LEU A 95 -18.48 -3.79 -0.30
CA LEU A 95 -17.12 -3.88 -0.77
C LEU A 95 -16.19 -4.18 0.39
N LEU A 96 -15.59 -5.37 0.38
CA LEU A 96 -14.72 -5.80 1.46
C LEU A 96 -13.29 -5.41 1.19
N VAL A 97 -12.68 -4.79 2.18
CA VAL A 97 -11.30 -4.31 2.09
C VAL A 97 -10.62 -4.53 3.44
N PRO A 98 -9.29 -4.56 3.48
CA PRO A 98 -8.56 -4.61 4.76
C PRO A 98 -8.98 -3.45 5.67
N SER A 99 -9.30 -3.75 6.92
CA SER A 99 -9.78 -2.76 7.86
C SER A 99 -8.80 -1.59 8.03
N GLU A 100 -7.52 -1.82 7.79
CA GLU A 100 -6.53 -0.75 7.92
C GLU A 100 -6.34 0.02 6.61
N ALA A 101 -7.13 -0.31 5.59
CA ALA A 101 -6.98 0.36 4.31
C ALA A 101 -7.65 1.73 4.32
N LEU A 102 -8.81 1.78 4.96
CA LEU A 102 -9.62 2.98 4.96
C LEU A 102 -9.13 4.02 5.95
N ILE A 103 -9.52 5.25 5.71
CA ILE A 103 -9.17 6.38 6.57
C ILE A 103 -10.40 6.78 7.36
N ARG A 104 -10.27 6.88 8.67
CA ARG A 104 -11.35 7.42 9.47
C ARG A 104 -11.09 8.87 9.82
N THR A 105 -12.03 9.72 9.46
CA THR A 105 -11.95 11.14 9.74
C THR A 105 -13.34 11.71 9.94
N GLY A 106 -13.46 12.68 10.84
CA GLY A 106 -14.75 13.30 11.10
C GLY A 106 -15.83 12.29 11.40
N ALA A 107 -16.89 12.31 10.60
CA ALA A 107 -17.97 11.36 10.74
C ALA A 107 -18.15 10.54 9.47
N ARG A 108 -17.02 10.23 8.84
CA ARG A 108 -17.04 9.53 7.57
C ARG A 108 -15.80 8.65 7.40
N THR A 109 -15.73 7.93 6.30
CA THR A 109 -14.56 7.15 5.96
C THR A 109 -14.01 7.57 4.60
N ILE A 110 -12.70 7.52 4.45
CA ILE A 110 -12.07 7.87 3.19
C ILE A 110 -11.22 6.70 2.72
N ALA A 111 -11.03 6.56 1.44
CA ALA A 111 -10.17 5.51 0.90
C ALA A 111 -9.14 6.09 -0.04
N MET A 112 -7.88 5.73 0.16
CA MET A 112 -6.81 6.15 -0.72
C MET A 112 -6.69 5.17 -1.88
N VAL A 113 -7.24 5.54 -3.02
CA VAL A 113 -7.30 4.67 -4.17
C VAL A 113 -6.03 4.75 -4.99
N ALA A 114 -5.54 3.60 -5.42
CA ALA A 114 -4.35 3.53 -6.24
C ALA A 114 -4.72 3.59 -7.71
N LYS A 115 -4.68 4.79 -8.25
CA LYS A 115 -5.01 5.00 -9.65
C LYS A 115 -3.95 4.37 -10.54
N GLY A 116 -4.40 3.79 -11.65
CA GLY A 116 -3.49 3.26 -12.64
C GLY A 116 -2.73 4.37 -13.34
N GLU A 117 -3.12 5.60 -13.02
CA GLU A 117 -2.48 6.78 -13.57
C GLU A 117 -1.19 7.08 -12.80
N GLY A 118 -0.93 6.28 -11.79
CA GLY A 118 0.30 6.39 -11.03
C GLY A 118 0.11 7.04 -9.67
N GLY A 119 -0.97 7.79 -9.53
CA GLY A 119 -1.17 8.57 -8.33
C GLY A 119 -2.16 7.93 -7.39
N PHE A 120 -2.36 8.58 -6.26
CA PHE A 120 -3.22 8.05 -5.21
C PHE A 120 -4.18 9.13 -4.76
N ASP A 121 -5.48 8.87 -4.86
CA ASP A 121 -6.47 9.88 -4.52
C ASP A 121 -7.44 9.38 -3.46
N PRO A 122 -7.94 10.28 -2.61
CA PRO A 122 -8.88 9.93 -1.55
C PRO A 122 -10.32 9.93 -2.05
N VAL A 123 -11.05 8.90 -1.65
CA VAL A 123 -12.46 8.77 -2.00
C VAL A 123 -13.30 8.67 -0.73
N GLU A 124 -14.34 9.48 -0.66
CA GLU A 124 -15.24 9.42 0.48
C GLU A 124 -16.15 8.19 0.37
N VAL A 125 -16.01 7.29 1.33
CA VAL A 125 -16.74 6.04 1.32
C VAL A 125 -17.47 5.81 2.64
N LYS A 126 -18.36 4.84 2.66
CA LYS A 126 -19.04 4.46 3.87
C LYS A 126 -18.47 3.13 4.37
N ALA A 127 -18.10 3.07 5.63
CA ALA A 127 -17.43 1.90 6.16
C ALA A 127 -17.85 1.58 7.59
N GLY A 128 -18.69 0.57 7.77
CA GLY A 128 -18.87 0.10 9.12
C GLY A 128 -19.28 -1.35 9.24
N ALA A 129 -18.35 -2.24 8.93
CA ALA A 129 -18.35 -3.59 9.47
C ALA A 129 -16.91 -4.06 9.59
N THR A 130 -16.67 -5.10 10.37
CA THR A 130 -15.36 -5.72 10.38
C THR A 130 -15.50 -7.24 10.40
N ALA A 131 -14.89 -7.88 9.43
CA ALA A 131 -15.03 -9.32 9.29
C ALA A 131 -13.72 -9.97 8.84
N GLY A 132 -13.11 -10.73 9.74
CA GLY A 132 -11.90 -11.46 9.41
C GLY A 132 -10.73 -10.54 9.10
N GLY A 133 -10.56 -9.51 9.93
CA GLY A 133 -9.47 -8.58 9.73
C GLY A 133 -9.72 -7.61 8.59
N GLN A 134 -10.94 -7.63 8.06
CA GLN A 134 -11.31 -6.76 6.97
C GLN A 134 -12.46 -5.88 7.38
N SER A 135 -12.74 -4.86 6.62
CA SER A 135 -13.87 -4.01 6.88
C SER A 135 -14.83 -4.00 5.71
N GLU A 136 -16.08 -3.71 5.98
CA GLU A 136 -17.08 -3.60 4.93
C GLU A 136 -17.28 -2.15 4.50
N ILE A 137 -16.84 -1.84 3.30
CA ILE A 137 -17.15 -0.58 2.68
C ILE A 137 -18.55 -0.66 2.10
N LEU A 138 -19.48 -0.08 2.83
CA LEU A 138 -20.89 -0.18 2.50
C LEU A 138 -21.16 0.52 1.19
N GLU A 139 -20.67 1.75 1.08
CA GLU A 139 -20.91 2.58 -0.08
C GLU A 139 -19.66 3.35 -0.46
N GLY A 140 -19.62 3.84 -1.69
CA GLY A 140 -18.53 4.68 -2.12
C GLY A 140 -17.71 4.08 -3.24
N LEU A 141 -17.13 2.92 -3.00
CA LEU A 141 -16.21 2.30 -3.97
C LEU A 141 -16.86 1.16 -4.75
N LYS A 142 -16.05 0.50 -5.56
CA LYS A 142 -16.51 -0.58 -6.42
C LYS A 142 -15.38 -1.58 -6.63
N ALA A 143 -15.77 -2.80 -6.98
CA ALA A 143 -14.81 -3.87 -7.24
C ALA A 143 -14.04 -3.57 -8.51
N GLY A 144 -12.73 -3.58 -8.40
CA GLY A 144 -11.89 -3.11 -9.48
C GLY A 144 -11.13 -1.87 -9.06
N GLN A 145 -11.52 -1.34 -7.91
CA GLN A 145 -10.84 -0.19 -7.32
C GLN A 145 -9.93 -0.71 -6.21
N GLN A 146 -8.64 -0.46 -6.32
CA GLN A 146 -7.70 -0.93 -5.32
C GLN A 146 -7.23 0.23 -4.47
N VAL A 147 -7.22 -0.02 -3.18
CA VAL A 147 -6.86 0.97 -2.20
C VAL A 147 -5.62 0.53 -1.45
N VAL A 148 -4.78 1.48 -1.08
CA VAL A 148 -3.56 1.16 -0.36
C VAL A 148 -3.89 0.68 1.04
N VAL A 149 -3.39 -0.50 1.36
CA VAL A 149 -3.73 -1.16 2.62
C VAL A 149 -2.56 -1.08 3.58
N SER A 150 -1.48 -0.45 3.10
CA SER A 150 -0.28 -0.18 3.88
C SER A 150 0.53 -1.44 4.14
N GLY A 151 -0.11 -2.43 4.76
CA GLY A 151 0.57 -3.66 5.15
C GLY A 151 1.14 -4.43 3.98
N GLN A 152 1.98 -5.40 4.28
CA GLN A 152 2.65 -6.16 3.24
C GLN A 152 1.85 -7.39 2.85
N PHE A 153 0.98 -7.23 1.87
CA PHE A 153 0.29 -8.37 1.28
C PHE A 153 1.12 -8.89 0.11
N LEU A 154 0.93 -10.17 -0.23
CA LEU A 154 1.70 -10.76 -1.32
C LEU A 154 1.22 -10.26 -2.68
N ILE A 155 1.75 -9.11 -3.09
CA ILE A 155 1.40 -8.51 -4.37
C ILE A 155 2.35 -7.34 -4.68
N ASP A 156 3.64 -7.59 -4.54
CA ASP A 156 4.66 -6.55 -4.73
C ASP A 156 4.70 -6.09 -6.19
N SER A 157 4.33 -7.01 -7.08
CA SER A 157 4.47 -6.87 -8.52
C SER A 157 3.78 -5.64 -9.07
N GLU A 158 2.66 -5.27 -8.45
CA GLU A 158 1.85 -4.15 -8.91
C GLU A 158 2.55 -2.83 -8.64
N ALA A 159 3.42 -2.86 -7.63
CA ALA A 159 4.19 -1.68 -7.24
C ALA A 159 5.40 -1.54 -8.14
N SER A 160 5.77 -2.64 -8.78
CA SER A 160 6.85 -2.65 -9.76
C SER A 160 6.33 -2.15 -11.11
N LEU A 161 5.16 -2.66 -11.49
CA LEU A 161 4.54 -2.31 -12.76
C LEU A 161 4.10 -0.85 -12.76
N ARG A 162 3.68 -0.36 -11.61
CA ARG A 162 3.37 1.05 -11.46
C ARG A 162 4.64 1.80 -11.05
N GLY A 163 4.62 3.12 -11.15
CA GLY A 163 5.77 3.91 -10.79
C GLY A 163 5.93 4.08 -9.29
N THR A 164 6.10 2.95 -8.60
CA THR A 164 6.23 2.89 -7.13
C THR A 164 5.20 3.77 -6.42
N VAL A 165 5.57 5.00 -6.11
CA VAL A 165 4.67 5.97 -5.53
C VAL A 165 4.82 7.28 -6.29
N ALA A 166 4.13 7.36 -7.41
CA ALA A 166 4.27 8.48 -8.33
C ALA A 166 3.76 9.78 -7.71
N ARG A 167 4.70 10.61 -7.30
CA ARG A 167 4.39 11.95 -6.82
C ARG A 167 3.96 12.83 -8.00
N MET A 168 2.66 12.79 -8.27
CA MET A 168 2.02 13.58 -9.31
C MET A 168 0.51 13.42 -9.25
N GLN A 169 -0.19 14.26 -9.99
CA GLN A 169 -1.62 14.09 -10.21
C GLN A 169 -1.87 14.05 -11.70
N GLU A 170 -3.12 14.12 -12.12
CA GLU A 170 -3.42 14.13 -13.54
C GLU A 170 -3.38 15.56 -14.07
N THR A 171 -4.21 15.81 -15.07
CA THR A 171 -4.39 17.12 -15.69
C THR A 171 -3.07 17.75 -16.14
N THR A 172 -2.10 16.92 -16.49
CA THR A 172 -0.80 17.39 -16.89
C THR A 172 -0.80 17.89 -18.34
N SER A 173 -0.91 16.95 -19.29
CA SER A 173 -0.89 17.28 -20.72
C SER A 173 0.44 17.90 -21.13
N GLY A 174 0.57 18.23 -22.41
CA GLY A 174 1.81 18.81 -22.91
C GLY A 174 2.63 17.81 -23.68
N LEU A 175 2.48 16.54 -23.34
CA LEU A 175 3.18 15.46 -24.01
C LEU A 175 2.18 14.62 -24.81
N GLU A 176 2.66 13.50 -25.34
CA GLU A 176 1.79 12.57 -26.05
C GLU A 176 1.09 11.64 -25.05
N VAL A 177 1.76 10.56 -24.67
CA VAL A 177 1.18 9.59 -23.74
C VAL A 177 2.28 8.78 -23.07
N LEU A 178 3.26 9.49 -22.52
CA LEU A 178 4.39 8.85 -21.84
C LEU A 178 4.02 8.48 -20.41
N PHE A 179 3.25 7.41 -20.28
CA PHE A 179 2.80 6.92 -18.98
C PHE A 179 3.11 5.44 -18.82
N GLN A 180 4.40 5.10 -18.94
CA GLN A 180 4.87 3.73 -18.83
C GLN A 180 4.14 2.81 -19.81
N MET A 1 -4.26 7.23 -52.90
CA MET A 1 -3.61 7.66 -51.64
C MET A 1 -4.27 6.97 -50.45
N GLY A 2 -3.51 6.76 -49.38
CA GLY A 2 -4.05 6.09 -48.22
C GLY A 2 -3.24 6.35 -46.97
N SER A 3 -3.58 7.42 -46.27
CA SER A 3 -2.93 7.74 -45.01
C SER A 3 -3.98 8.20 -43.99
N ALA A 4 -3.61 9.10 -43.10
CA ALA A 4 -4.56 9.64 -42.13
C ALA A 4 -5.54 10.60 -42.82
N THR A 5 -6.52 10.04 -43.49
CA THR A 5 -7.53 10.83 -44.18
C THR A 5 -8.50 11.45 -43.17
N VAL A 6 -9.05 10.62 -42.31
CA VAL A 6 -9.95 11.09 -41.26
C VAL A 6 -9.28 10.98 -39.90
N ASN A 7 -8.54 9.89 -39.69
CA ASN A 7 -7.79 9.64 -38.45
C ASN A 7 -8.73 9.37 -37.28
N GLY A 8 -9.48 10.39 -36.88
CA GLY A 8 -10.37 10.30 -35.74
C GLY A 8 -10.57 11.67 -35.12
N PRO A 9 -11.65 11.86 -34.34
CA PRO A 9 -11.94 13.15 -33.72
C PRO A 9 -11.00 13.48 -32.56
N HIS A 10 -11.39 14.46 -31.74
CA HIS A 10 -10.59 14.86 -30.58
C HIS A 10 -10.37 13.69 -29.63
N ASP A 11 -9.30 13.76 -28.84
CA ASP A 11 -8.98 12.73 -27.87
C ASP A 11 -9.94 12.79 -26.69
N GLY A 12 -11.11 12.19 -26.84
CA GLY A 12 -12.07 12.15 -25.77
C GLY A 12 -12.24 10.75 -25.22
N HIS A 13 -13.17 10.01 -25.82
CA HIS A 13 -13.39 8.62 -25.43
C HIS A 13 -12.83 7.68 -26.49
N ASP A 14 -11.93 6.81 -26.07
CA ASP A 14 -11.31 5.84 -26.96
C ASP A 14 -11.52 4.45 -26.40
N PRO A 15 -11.71 3.44 -27.27
CA PRO A 15 -11.85 2.04 -26.83
C PRO A 15 -10.64 1.58 -26.05
N ALA A 16 -10.82 1.37 -24.76
CA ALA A 16 -9.73 1.00 -23.87
C ALA A 16 -9.42 -0.49 -23.95
N ALA A 17 -9.50 -1.04 -25.15
CA ALA A 17 -9.21 -2.45 -25.36
C ALA A 17 -7.72 -2.73 -25.18
N GLY A 18 -7.39 -3.53 -24.18
CA GLY A 18 -6.02 -3.83 -23.88
C GLY A 18 -5.87 -4.36 -22.48
N ALA A 19 -6.21 -3.53 -21.51
CA ALA A 19 -6.22 -3.93 -20.11
C ALA A 19 -7.32 -3.18 -19.37
N GLU A 20 -7.11 -1.89 -19.18
CA GLU A 20 -8.07 -1.02 -18.54
C GLU A 20 -7.63 0.42 -18.72
N LEU A 21 -7.85 0.96 -19.92
CA LEU A 21 -7.40 2.29 -20.33
C LEU A 21 -5.92 2.22 -20.67
N LYS A 22 -5.14 1.80 -19.70
CA LYS A 22 -3.70 1.68 -19.86
C LYS A 22 -3.15 0.71 -18.83
N THR A 23 -2.98 1.18 -17.61
CA THR A 23 -2.48 0.33 -16.54
C THR A 23 -3.59 0.05 -15.54
N GLY A 24 -3.25 -0.64 -14.46
CA GLY A 24 -4.26 -1.09 -13.54
C GLY A 24 -4.26 -2.58 -13.41
N LYS A 25 -4.42 -3.21 -14.56
CA LYS A 25 -4.41 -4.65 -14.66
C LYS A 25 -3.32 -5.04 -15.61
N ARG A 26 -2.09 -4.79 -15.19
CA ARG A 26 -0.93 -4.93 -16.03
C ARG A 26 0.24 -5.45 -15.21
N ILE A 27 1.02 -6.33 -15.82
CA ILE A 27 1.95 -7.19 -15.10
C ILE A 27 2.89 -6.42 -14.22
N LEU A 28 3.00 -6.94 -13.02
CA LEU A 28 3.89 -6.40 -12.02
C LEU A 28 5.05 -7.36 -11.80
N TYR A 29 4.74 -8.65 -11.87
CA TYR A 29 5.72 -9.72 -11.69
C TYR A 29 5.02 -11.06 -11.87
N TRP A 30 5.76 -12.14 -11.63
CA TRP A 30 5.27 -13.48 -11.82
C TRP A 30 5.35 -14.28 -10.52
N ARG A 31 4.40 -15.19 -10.37
CA ARG A 31 4.32 -16.03 -9.20
C ARG A 31 3.63 -17.34 -9.54
N ASP A 32 3.89 -18.37 -8.76
CA ASP A 32 3.23 -19.64 -8.95
C ASP A 32 2.00 -19.71 -8.04
N PRO A 33 0.90 -20.28 -8.56
CA PRO A 33 -0.32 -20.50 -7.77
C PRO A 33 -0.09 -21.41 -6.56
N MET A 34 1.03 -22.13 -6.56
CA MET A 34 1.40 -22.96 -5.41
C MET A 34 2.36 -22.23 -4.49
N VAL A 35 2.77 -21.04 -4.85
CA VAL A 35 3.70 -20.28 -4.03
C VAL A 35 3.21 -18.85 -3.71
N PRO A 36 1.89 -18.64 -3.49
CA PRO A 36 1.32 -17.30 -3.29
C PRO A 36 1.89 -16.58 -2.07
N GLY A 37 2.96 -15.82 -2.29
CA GLY A 37 3.59 -15.09 -1.21
C GLY A 37 4.90 -14.46 -1.64
N GLN A 38 5.57 -15.13 -2.57
CA GLN A 38 6.83 -14.63 -3.12
C GLN A 38 6.66 -13.36 -3.96
N ARG A 39 7.76 -12.89 -4.50
CA ARG A 39 7.78 -11.80 -5.46
C ARG A 39 8.92 -12.02 -6.44
N PHE A 40 8.64 -12.68 -7.56
CA PHE A 40 9.72 -12.98 -8.50
C PHE A 40 10.13 -11.73 -9.26
N ASP A 41 11.44 -11.62 -9.48
CA ASP A 41 12.04 -10.45 -10.10
C ASP A 41 11.57 -10.31 -11.53
N LYS A 42 11.19 -11.42 -12.13
CA LYS A 42 10.74 -11.44 -13.50
C LYS A 42 10.17 -12.80 -13.89
N PRO A 43 9.44 -12.89 -15.01
CA PRO A 43 8.88 -14.16 -15.51
C PRO A 43 9.91 -15.30 -15.60
N GLY A 44 9.42 -16.50 -15.84
CA GLY A 44 10.30 -17.64 -15.98
C GLY A 44 9.72 -18.91 -15.41
N LYS A 45 10.59 -19.84 -15.05
CA LYS A 45 10.18 -21.12 -14.49
C LYS A 45 10.31 -21.07 -12.97
N SER A 46 9.43 -21.79 -12.28
CA SER A 46 9.43 -21.80 -10.84
C SER A 46 10.55 -22.68 -10.28
N PRO A 47 11.23 -22.22 -9.22
CA PRO A 47 12.26 -23.00 -8.52
C PRO A 47 11.68 -24.15 -7.69
N TYR A 48 10.40 -24.04 -7.33
CA TYR A 48 9.74 -25.00 -6.48
C TYR A 48 9.21 -26.14 -7.33
N MET A 49 9.00 -25.81 -8.59
CA MET A 49 8.21 -26.63 -9.48
C MET A 49 8.55 -26.33 -10.93
N ASP A 50 8.74 -27.37 -11.73
CA ASP A 50 9.10 -27.20 -13.13
C ASP A 50 7.90 -26.82 -13.97
N MET A 51 7.35 -25.67 -13.65
CA MET A 51 6.27 -25.07 -14.43
C MET A 51 6.53 -23.58 -14.53
N PRO A 52 6.21 -22.97 -15.68
CA PRO A 52 6.36 -21.54 -15.87
C PRO A 52 5.45 -20.77 -14.94
N LEU A 53 5.98 -19.75 -14.29
CA LEU A 53 5.22 -19.00 -13.31
C LEU A 53 3.98 -18.37 -13.94
N ILE A 54 2.98 -18.12 -13.14
CA ILE A 54 1.72 -17.62 -13.62
C ILE A 54 1.70 -16.11 -13.52
N PRO A 55 1.26 -15.45 -14.59
CA PRO A 55 1.25 -14.01 -14.64
C PRO A 55 0.00 -13.39 -14.02
N VAL A 56 0.19 -12.22 -13.44
CA VAL A 56 -0.87 -11.48 -12.77
C VAL A 56 -1.82 -10.81 -13.77
N TYR A 57 -3.02 -10.54 -13.26
CA TYR A 57 -4.17 -9.91 -13.96
C TYR A 57 -4.05 -9.85 -15.48
N GLU A 58 -3.31 -8.86 -15.98
CA GLU A 58 -2.99 -8.70 -17.39
C GLU A 58 -2.69 -10.05 -18.04
N GLU A 59 -1.84 -10.81 -17.37
CA GLU A 59 -1.47 -12.16 -17.76
C GLU A 59 -0.63 -12.20 -19.03
N GLU A 60 0.66 -11.99 -18.82
CA GLU A 60 1.71 -12.37 -19.76
C GLU A 60 1.96 -11.28 -20.78
N ASN A 61 2.43 -10.17 -20.26
CA ASN A 61 2.91 -9.08 -21.05
C ASN A 61 3.69 -8.15 -20.13
N ALA A 62 3.14 -6.98 -19.86
CA ALA A 62 3.75 -6.04 -18.97
C ALA A 62 2.85 -4.83 -18.78
N ASP A 63 3.23 -3.73 -19.41
CA ASP A 63 2.52 -2.49 -19.21
C ASP A 63 2.86 -1.49 -20.30
N GLY A 64 2.43 -1.81 -21.50
CA GLY A 64 2.54 -0.90 -22.62
C GLY A 64 3.88 -0.97 -23.28
N ALA A 65 4.82 -1.63 -22.60
CA ALA A 65 6.14 -1.90 -23.12
C ALA A 65 6.92 -0.61 -23.37
N ALA A 66 6.52 0.47 -22.71
CA ALA A 66 7.15 1.76 -22.93
C ALA A 66 7.30 2.54 -21.64
N VAL A 67 6.17 2.99 -21.08
CA VAL A 67 6.19 3.79 -19.86
C VAL A 67 6.59 2.95 -18.65
N ARG A 68 5.81 1.93 -18.40
CA ARG A 68 6.09 0.98 -17.36
C ARG A 68 7.00 -0.12 -17.86
N ILE A 69 7.25 -1.02 -16.96
CA ILE A 69 8.33 -1.99 -17.09
C ILE A 69 7.83 -3.33 -17.59
N ASP A 70 8.73 -4.02 -18.28
CA ASP A 70 8.46 -5.33 -18.84
C ASP A 70 8.47 -6.41 -17.75
N GLY A 71 7.78 -6.13 -16.65
CA GLY A 71 7.69 -7.06 -15.54
C GLY A 71 9.04 -7.43 -14.97
N ARG A 72 9.96 -6.48 -15.05
CA ARG A 72 11.22 -6.61 -14.36
C ARG A 72 11.14 -5.78 -13.10
N VAL A 73 11.42 -6.41 -12.00
CA VAL A 73 11.22 -5.79 -10.71
C VAL A 73 12.54 -5.39 -10.11
N THR A 74 12.83 -4.14 -10.25
CA THR A 74 14.07 -3.56 -9.80
C THR A 74 14.05 -3.32 -8.29
N GLN A 75 13.69 -4.37 -7.56
CA GLN A 75 13.53 -4.33 -6.10
C GLN A 75 12.50 -3.28 -5.70
N ASN A 76 11.23 -3.64 -5.87
CA ASN A 76 10.12 -2.75 -5.55
C ASN A 76 8.89 -3.59 -5.24
N LEU A 77 8.26 -3.28 -4.12
CA LEU A 77 7.05 -3.97 -3.71
C LEU A 77 5.92 -3.67 -4.70
N GLY A 78 5.94 -2.46 -5.26
CA GLY A 78 4.91 -2.06 -6.17
C GLY A 78 3.80 -1.36 -5.42
N VAL A 79 4.13 -0.95 -4.19
CA VAL A 79 3.19 -0.30 -3.30
C VAL A 79 2.17 -1.31 -2.77
N ARG A 80 1.98 -1.33 -1.46
CA ARG A 80 1.15 -2.34 -0.83
C ARG A 80 -0.30 -1.91 -0.79
N THR A 81 -1.11 -2.65 -1.52
CA THR A 81 -2.50 -2.30 -1.74
C THR A 81 -3.39 -3.52 -1.55
N ALA A 82 -4.69 -3.28 -1.59
CA ALA A 82 -5.66 -4.34 -1.60
C ALA A 82 -6.78 -3.99 -2.57
N GLU A 83 -7.08 -4.91 -3.47
CA GLU A 83 -8.08 -4.69 -4.49
C GLU A 83 -9.47 -5.01 -3.94
N VAL A 84 -10.42 -4.13 -4.23
CA VAL A 84 -11.77 -4.25 -3.72
C VAL A 84 -12.45 -5.52 -4.17
N LYS A 85 -13.06 -6.20 -3.20
CA LYS A 85 -13.73 -7.46 -3.43
C LYS A 85 -15.02 -7.49 -2.65
N LEU A 86 -16.03 -8.14 -3.20
CA LEU A 86 -17.25 -8.38 -2.45
C LEU A 86 -17.05 -9.55 -1.48
N GLY A 87 -17.93 -9.68 -0.49
CA GLY A 87 -17.75 -10.73 0.51
C GLY A 87 -19.04 -11.34 0.98
N ARG A 88 -19.99 -10.48 1.28
CA ARG A 88 -21.26 -10.84 1.86
C ARG A 88 -22.08 -11.77 0.97
N LEU A 89 -23.06 -12.43 1.55
CA LEU A 89 -23.88 -13.39 0.81
C LEU A 89 -25.20 -13.60 1.52
N GLY A 90 -26.27 -13.08 0.93
CA GLY A 90 -27.59 -13.22 1.49
C GLY A 90 -28.05 -11.89 2.01
N SER A 91 -27.18 -11.29 2.78
CA SER A 91 -27.33 -9.93 3.23
C SER A 91 -26.79 -8.99 2.15
N THR A 92 -26.90 -7.70 2.41
CA THR A 92 -26.62 -6.66 1.43
C THR A 92 -25.16 -6.47 1.26
N GLU A 93 -24.73 -6.74 0.08
CA GLU A 93 -23.33 -6.90 -0.20
C GLU A 93 -22.56 -5.62 -0.11
N ARG A 94 -21.28 -5.78 0.05
CA ARG A 94 -20.40 -4.68 0.31
C ARG A 94 -19.03 -4.91 -0.31
N LEU A 95 -18.19 -3.89 -0.18
CA LEU A 95 -16.83 -3.96 -0.67
C LEU A 95 -15.89 -4.22 0.51
N LEU A 96 -15.29 -5.40 0.51
CA LEU A 96 -14.43 -5.84 1.61
C LEU A 96 -13.00 -5.37 1.37
N VAL A 97 -12.45 -4.76 2.40
CA VAL A 97 -11.09 -4.24 2.38
C VAL A 97 -10.45 -4.47 3.75
N PRO A 98 -9.12 -4.49 3.84
CA PRO A 98 -8.46 -4.58 5.14
C PRO A 98 -8.82 -3.37 5.99
N SER A 99 -9.18 -3.60 7.25
CA SER A 99 -9.66 -2.52 8.12
C SER A 99 -8.65 -1.36 8.23
N GLU A 100 -7.38 -1.63 7.96
CA GLU A 100 -6.35 -0.60 8.04
C GLU A 100 -6.18 0.14 6.71
N ALA A 101 -7.01 -0.18 5.74
CA ALA A 101 -6.92 0.49 4.44
C ALA A 101 -7.60 1.85 4.49
N LEU A 102 -8.74 1.89 5.15
CA LEU A 102 -9.56 3.08 5.16
C LEU A 102 -9.11 4.06 6.21
N ILE A 103 -9.48 5.30 6.02
CA ILE A 103 -9.15 6.35 6.96
C ILE A 103 -10.39 6.78 7.72
N ARG A 104 -10.30 6.81 9.03
CA ARG A 104 -11.38 7.38 9.81
C ARG A 104 -11.08 8.81 10.15
N THR A 105 -12.00 9.69 9.77
CA THR A 105 -11.86 11.10 10.04
C THR A 105 -13.22 11.75 10.22
N GLY A 106 -13.31 12.70 11.15
CA GLY A 106 -14.56 13.39 11.39
C GLY A 106 -15.71 12.45 11.62
N ALA A 107 -16.68 12.50 10.73
CA ALA A 107 -17.82 11.59 10.79
C ALA A 107 -17.92 10.77 9.51
N ARG A 108 -16.78 10.41 8.96
CA ARG A 108 -16.74 9.72 7.69
C ARG A 108 -15.53 8.81 7.56
N THR A 109 -15.42 8.16 6.42
CA THR A 109 -14.28 7.31 6.13
C THR A 109 -13.72 7.66 4.76
N ILE A 110 -12.41 7.51 4.59
CA ILE A 110 -11.78 7.80 3.31
C ILE A 110 -11.04 6.57 2.80
N ALA A 111 -11.03 6.39 1.50
CA ALA A 111 -10.31 5.31 0.86
C ALA A 111 -9.26 5.87 -0.08
N MET A 112 -8.04 5.38 0.04
CA MET A 112 -6.97 5.81 -0.83
C MET A 112 -6.92 4.91 -2.07
N VAL A 113 -7.51 5.35 -3.16
CA VAL A 113 -7.68 4.51 -4.34
C VAL A 113 -6.44 4.49 -5.22
N ALA A 114 -6.12 3.31 -5.71
CA ALA A 114 -5.04 3.16 -6.67
C ALA A 114 -5.57 3.36 -8.08
N LYS A 115 -5.37 4.55 -8.61
CA LYS A 115 -5.83 4.85 -9.96
C LYS A 115 -4.79 4.44 -11.00
N GLY A 116 -5.28 4.08 -12.18
CA GLY A 116 -4.39 3.82 -13.30
C GLY A 116 -3.87 5.10 -13.90
N GLU A 117 -4.13 6.20 -13.21
CA GLU A 117 -3.68 7.51 -13.63
C GLU A 117 -2.39 7.90 -12.92
N GLY A 118 -1.75 6.89 -12.33
CA GLY A 118 -0.44 7.07 -11.73
C GLY A 118 -0.48 7.73 -10.37
N GLY A 119 -1.63 7.71 -9.73
CA GLY A 119 -1.76 8.38 -8.46
C GLY A 119 -2.79 7.73 -7.55
N PHE A 120 -2.82 8.20 -6.32
CA PHE A 120 -3.74 7.70 -5.32
C PHE A 120 -4.63 8.83 -4.82
N ASP A 121 -5.91 8.74 -5.14
CA ASP A 121 -6.84 9.78 -4.74
C ASP A 121 -7.67 9.31 -3.56
N PRO A 122 -8.05 10.22 -2.66
CA PRO A 122 -8.88 9.88 -1.53
C PRO A 122 -10.37 9.91 -1.87
N VAL A 123 -11.01 8.78 -1.65
CA VAL A 123 -12.42 8.63 -1.92
C VAL A 123 -13.20 8.63 -0.61
N GLU A 124 -14.15 9.54 -0.49
CA GLU A 124 -15.02 9.56 0.66
C GLU A 124 -15.96 8.37 0.60
N VAL A 125 -15.77 7.44 1.51
CA VAL A 125 -16.50 6.18 1.49
C VAL A 125 -17.32 5.97 2.75
N LYS A 126 -18.30 5.09 2.64
CA LYS A 126 -19.06 4.65 3.77
C LYS A 126 -18.39 3.40 4.32
N ALA A 127 -18.16 3.36 5.61
CA ALA A 127 -17.52 2.20 6.20
C ALA A 127 -18.11 1.83 7.54
N GLY A 128 -18.95 0.81 7.58
CA GLY A 128 -19.28 0.24 8.87
C GLY A 128 -19.75 -1.19 8.80
N ALA A 129 -18.83 -2.11 8.52
CA ALA A 129 -18.98 -3.50 8.90
C ALA A 129 -17.60 -4.11 9.11
N THR A 130 -17.53 -5.25 9.76
CA THR A 130 -16.26 -5.98 9.84
C THR A 130 -16.50 -7.47 9.66
N ALA A 131 -15.69 -8.09 8.82
CA ALA A 131 -15.84 -9.50 8.51
C ALA A 131 -14.48 -10.16 8.32
N GLY A 132 -14.04 -10.91 9.32
CA GLY A 132 -12.82 -11.67 9.21
C GLY A 132 -11.57 -10.81 9.17
N GLY A 133 -11.54 -9.79 10.02
CA GLY A 133 -10.40 -8.90 10.08
C GLY A 133 -10.39 -7.88 8.96
N GLN A 134 -11.47 -7.85 8.21
CA GLN A 134 -11.60 -6.92 7.10
C GLN A 134 -12.78 -6.01 7.34
N SER A 135 -12.74 -4.82 6.80
CA SER A 135 -13.82 -3.89 6.98
C SER A 135 -14.72 -3.89 5.74
N GLU A 136 -15.92 -3.39 5.89
CA GLU A 136 -16.84 -3.31 4.77
C GLU A 136 -17.09 -1.86 4.37
N ILE A 137 -16.70 -1.53 3.16
CA ILE A 137 -17.03 -0.25 2.57
C ILE A 137 -18.43 -0.32 2.00
N LEU A 138 -19.37 0.25 2.75
CA LEU A 138 -20.78 0.16 2.43
C LEU A 138 -21.06 0.86 1.11
N GLU A 139 -20.42 2.01 0.93
CA GLU A 139 -20.55 2.77 -0.30
C GLU A 139 -19.26 3.54 -0.60
N GLY A 140 -19.03 3.86 -1.86
CA GLY A 140 -17.92 4.71 -2.20
C GLY A 140 -16.98 4.11 -3.23
N LEU A 141 -16.49 2.91 -2.96
CA LEU A 141 -15.54 2.26 -3.87
C LEU A 141 -16.21 1.26 -4.77
N LYS A 142 -15.40 0.55 -5.55
CA LYS A 142 -15.90 -0.43 -6.50
C LYS A 142 -14.88 -1.55 -6.65
N ALA A 143 -15.39 -2.72 -6.98
CA ALA A 143 -14.59 -3.93 -7.09
C ALA A 143 -13.68 -3.87 -8.30
N GLY A 144 -12.45 -4.29 -8.10
CA GLY A 144 -11.47 -4.22 -9.16
C GLY A 144 -10.57 -3.02 -8.98
N GLN A 145 -10.89 -2.18 -8.01
CA GLN A 145 -10.09 -1.02 -7.72
C GLN A 145 -9.28 -1.29 -6.46
N GLN A 146 -8.17 -0.63 -6.28
CA GLN A 146 -7.36 -0.90 -5.12
C GLN A 146 -7.36 0.25 -4.12
N VAL A 147 -6.87 -0.04 -2.93
CA VAL A 147 -6.56 0.97 -1.94
C VAL A 147 -5.21 0.64 -1.31
N VAL A 148 -4.40 1.67 -1.05
CA VAL A 148 -3.11 1.44 -0.40
C VAL A 148 -3.33 1.11 1.08
N VAL A 149 -2.86 -0.05 1.50
CA VAL A 149 -3.22 -0.56 2.82
C VAL A 149 -2.04 -0.65 3.77
N SER A 150 -0.84 -0.86 3.25
CA SER A 150 0.32 -1.02 4.13
C SER A 150 1.39 0.04 3.86
N GLY A 151 1.44 0.56 2.64
CA GLY A 151 2.42 1.58 2.35
C GLY A 151 2.45 1.98 0.89
N GLN A 152 2.67 3.26 0.64
CA GLN A 152 2.79 3.80 -0.71
C GLN A 152 4.25 4.11 -0.99
N PHE A 153 5.12 3.20 -0.55
CA PHE A 153 6.57 3.33 -0.67
C PHE A 153 7.09 4.38 0.32
N LEU A 154 8.41 4.47 0.49
CA LEU A 154 8.96 5.38 1.49
C LEU A 154 9.02 6.81 0.97
N ILE A 155 9.93 7.06 0.04
CA ILE A 155 10.08 8.40 -0.52
C ILE A 155 9.76 8.40 -2.02
N ASP A 156 9.26 9.54 -2.49
CA ASP A 156 8.75 9.65 -3.86
C ASP A 156 9.89 9.64 -4.89
N SER A 157 11.10 9.90 -4.45
CA SER A 157 12.23 9.97 -5.38
C SER A 157 12.46 8.63 -6.07
N GLU A 158 12.58 7.57 -5.30
CA GLU A 158 12.73 6.25 -5.89
C GLU A 158 11.38 5.75 -6.37
N ALA A 159 10.31 6.13 -5.68
CA ALA A 159 8.95 5.68 -6.03
C ALA A 159 8.66 5.90 -7.51
N SER A 160 8.88 7.12 -7.98
CA SER A 160 8.59 7.50 -9.36
C SER A 160 9.43 6.70 -10.36
N LEU A 161 10.63 6.30 -9.93
CA LEU A 161 11.58 5.64 -10.81
C LEU A 161 11.36 4.14 -10.86
N ARG A 162 11.03 3.51 -9.74
CA ARG A 162 10.79 2.08 -9.71
C ARG A 162 9.32 1.77 -9.99
N GLY A 163 8.46 2.71 -9.65
CA GLY A 163 7.04 2.54 -9.90
C GLY A 163 6.66 3.07 -11.27
N THR A 164 7.61 3.76 -11.91
CA THR A 164 7.44 4.39 -13.23
C THR A 164 6.27 5.37 -13.28
N VAL A 165 5.05 4.86 -13.39
CA VAL A 165 3.87 5.71 -13.43
C VAL A 165 3.41 6.04 -12.01
N ALA A 166 4.17 6.91 -11.35
CA ALA A 166 3.81 7.37 -10.00
C ALA A 166 4.00 8.87 -9.90
N ARG A 167 2.90 9.56 -9.70
CA ARG A 167 2.89 11.02 -9.61
C ARG A 167 3.10 11.45 -8.16
N MET A 168 2.29 12.41 -7.69
CA MET A 168 2.28 12.86 -6.30
C MET A 168 3.60 13.51 -5.89
N GLN A 169 3.66 13.96 -4.64
CA GLN A 169 4.79 14.76 -4.15
C GLN A 169 5.34 14.21 -2.83
N GLU A 170 4.47 13.66 -2.00
CA GLU A 170 4.90 13.15 -0.70
C GLU A 170 4.19 11.86 -0.34
N THR A 171 4.86 10.75 -0.58
CA THR A 171 4.34 9.44 -0.23
C THR A 171 4.58 9.17 1.25
N THR A 172 3.53 9.23 2.05
CA THR A 172 3.65 9.08 3.48
C THR A 172 3.57 7.60 3.90
N SER A 173 2.42 7.17 4.42
CA SER A 173 2.23 5.83 4.97
C SER A 173 3.42 5.41 5.83
N GLY A 174 3.77 4.13 5.80
CA GLY A 174 4.95 3.65 6.51
C GLY A 174 4.74 3.61 8.00
N LEU A 175 3.48 3.46 8.41
CA LEU A 175 3.14 3.40 9.82
C LEU A 175 3.16 1.97 10.31
N GLU A 176 3.91 1.13 9.61
CA GLU A 176 4.07 -0.27 9.95
C GLU A 176 5.42 -0.76 9.44
N VAL A 177 6.29 -1.18 10.34
CA VAL A 177 7.61 -1.67 9.96
C VAL A 177 7.72 -3.16 10.25
N LEU A 178 7.74 -3.96 9.18
CA LEU A 178 7.88 -5.39 9.33
C LEU A 178 9.25 -5.84 8.83
N PHE A 179 9.53 -7.14 8.93
CA PHE A 179 10.80 -7.67 8.47
C PHE A 179 10.57 -8.85 7.54
N GLN A 180 11.22 -8.81 6.38
CA GLN A 180 11.13 -9.89 5.42
C GLN A 180 12.45 -10.68 5.40
N MET A 1 34.40 -8.97 -15.38
CA MET A 1 34.96 -9.71 -16.53
C MET A 1 34.72 -11.20 -16.37
N GLY A 2 34.78 -11.94 -17.47
CA GLY A 2 34.59 -13.38 -17.43
C GLY A 2 35.81 -14.11 -16.90
N SER A 3 36.15 -13.84 -15.64
CA SER A 3 37.33 -14.43 -15.03
C SER A 3 37.20 -14.38 -13.51
N ALA A 4 36.02 -14.02 -13.03
CA ALA A 4 35.80 -13.85 -11.60
C ALA A 4 34.68 -14.77 -11.12
N THR A 5 35.07 -15.90 -10.54
CA THR A 5 34.11 -16.87 -10.04
C THR A 5 33.38 -16.35 -8.81
N VAL A 6 32.07 -16.19 -8.93
CA VAL A 6 31.24 -15.75 -7.82
C VAL A 6 30.58 -16.97 -7.18
N ASN A 7 30.85 -17.18 -5.91
CA ASN A 7 30.29 -18.33 -5.19
C ASN A 7 29.04 -17.93 -4.43
N GLY A 8 28.11 -18.85 -4.32
CA GLY A 8 26.87 -18.61 -3.60
C GLY A 8 26.10 -19.89 -3.33
N PRO A 9 25.65 -20.07 -2.09
CA PRO A 9 24.87 -21.24 -1.69
C PRO A 9 23.38 -21.04 -1.93
N HIS A 10 22.60 -22.07 -1.64
CA HIS A 10 21.15 -21.98 -1.80
C HIS A 10 20.53 -21.44 -0.51
N ASP A 11 20.61 -20.13 -0.34
CA ASP A 11 20.17 -19.48 0.88
C ASP A 11 18.65 -19.50 1.01
N GLY A 12 18.19 -19.61 2.25
CA GLY A 12 16.77 -19.65 2.50
C GLY A 12 16.41 -18.98 3.81
N HIS A 13 17.13 -17.92 4.16
CA HIS A 13 16.83 -17.15 5.36
C HIS A 13 17.03 -15.67 5.09
N ASP A 14 15.97 -14.89 5.26
CA ASP A 14 16.02 -13.48 4.95
C ASP A 14 15.68 -12.64 6.17
N PRO A 15 16.42 -11.56 6.42
CA PRO A 15 16.12 -10.61 7.50
C PRO A 15 14.85 -9.81 7.20
N ALA A 16 14.11 -9.47 8.23
CA ALA A 16 12.87 -8.71 8.07
C ALA A 16 13.11 -7.22 8.24
N ALA A 17 13.84 -6.87 9.28
CA ALA A 17 14.09 -5.47 9.61
C ALA A 17 15.28 -4.92 8.84
N GLY A 18 15.07 -4.64 7.57
CA GLY A 18 16.10 -4.02 6.77
C GLY A 18 15.83 -2.54 6.58
N ALA A 19 15.09 -2.21 5.52
CA ALA A 19 14.69 -0.85 5.27
C ALA A 19 13.25 -0.80 4.80
N GLU A 20 13.01 -1.20 3.56
CA GLU A 20 11.66 -1.29 3.03
C GLU A 20 11.64 -2.12 1.75
N LEU A 21 11.89 -3.42 1.94
CA LEU A 21 11.78 -4.45 0.90
C LEU A 21 12.83 -4.26 -0.18
N LYS A 22 12.55 -3.27 -1.00
CA LYS A 22 13.19 -3.06 -2.30
C LYS A 22 14.67 -2.81 -2.12
N THR A 23 14.97 -1.98 -1.14
CA THR A 23 16.33 -1.62 -0.82
C THR A 23 16.59 -1.83 0.66
N GLY A 24 16.05 -2.92 1.16
CA GLY A 24 16.30 -3.31 2.52
C GLY A 24 17.52 -4.15 2.63
N LYS A 25 17.72 -4.97 1.61
CA LYS A 25 18.79 -5.93 1.60
C LYS A 25 18.90 -6.59 0.24
N ARG A 26 19.00 -5.77 -0.78
CA ARG A 26 19.05 -6.26 -2.15
C ARG A 26 20.28 -5.71 -2.86
N ILE A 27 20.90 -6.55 -3.68
CA ILE A 27 22.20 -6.23 -4.29
C ILE A 27 22.18 -4.93 -5.08
N LEU A 28 23.02 -4.02 -4.63
CA LEU A 28 23.24 -2.78 -5.32
C LEU A 28 24.62 -2.77 -5.98
N TYR A 29 25.61 -3.36 -5.30
CA TYR A 29 26.98 -3.33 -5.80
C TYR A 29 27.87 -4.29 -5.01
N TRP A 30 29.17 -4.24 -5.31
CA TRP A 30 30.17 -5.15 -4.76
C TRP A 30 31.31 -4.40 -4.10
N ARG A 31 31.97 -5.04 -3.15
CA ARG A 31 33.09 -4.44 -2.44
C ARG A 31 33.94 -5.53 -1.79
N ASP A 32 35.22 -5.24 -1.59
CA ASP A 32 36.05 -6.11 -0.79
C ASP A 32 35.78 -5.85 0.67
N PRO A 33 35.68 -6.92 1.48
CA PRO A 33 35.56 -6.81 2.91
C PRO A 33 36.77 -6.11 3.53
N MET A 34 37.82 -5.95 2.73
CA MET A 34 39.02 -5.26 3.17
C MET A 34 39.07 -3.83 2.63
N VAL A 35 38.05 -3.43 1.90
CA VAL A 35 37.97 -2.06 1.39
C VAL A 35 36.61 -1.41 1.75
N PRO A 36 36.13 -1.59 2.99
CA PRO A 36 34.78 -1.19 3.37
C PRO A 36 34.56 0.30 3.23
N GLY A 37 33.72 0.67 2.28
CA GLY A 37 33.50 2.06 1.95
C GLY A 37 33.62 2.30 0.46
N GLN A 38 34.40 1.43 -0.18
CA GLN A 38 34.58 1.46 -1.62
C GLN A 38 33.36 0.88 -2.32
N ARG A 39 32.67 1.73 -3.07
CA ARG A 39 31.48 1.33 -3.79
C ARG A 39 31.80 1.02 -5.25
N PHE A 40 31.93 -0.26 -5.55
CA PHE A 40 32.18 -0.70 -6.92
C PHE A 40 30.87 -0.70 -7.67
N ASP A 41 30.90 -0.14 -8.87
CA ASP A 41 29.70 -0.02 -9.68
C ASP A 41 29.17 -1.39 -10.08
N LYS A 42 30.06 -2.37 -10.14
CA LYS A 42 29.70 -3.67 -10.66
C LYS A 42 30.67 -4.76 -10.21
N PRO A 43 30.13 -5.99 -10.03
CA PRO A 43 30.86 -7.18 -9.58
C PRO A 43 32.06 -7.53 -10.46
N GLY A 44 33.18 -7.86 -9.83
CA GLY A 44 34.37 -8.25 -10.57
C GLY A 44 35.49 -8.68 -9.66
N LYS A 45 36.72 -8.40 -10.06
CA LYS A 45 37.89 -8.66 -9.24
C LYS A 45 38.40 -7.34 -8.70
N SER A 46 38.86 -7.35 -7.47
CA SER A 46 39.37 -6.16 -6.82
C SER A 46 40.64 -5.66 -7.52
N PRO A 47 40.78 -4.33 -7.63
CA PRO A 47 42.01 -3.71 -8.11
C PRO A 47 43.08 -3.70 -7.02
N TYR A 48 42.60 -3.80 -5.79
CA TYR A 48 43.44 -3.72 -4.61
C TYR A 48 44.04 -5.09 -4.32
N MET A 49 43.22 -6.12 -4.47
CA MET A 49 43.64 -7.49 -4.24
C MET A 49 43.10 -8.41 -5.32
N ASP A 50 43.73 -9.54 -5.54
CA ASP A 50 43.24 -10.48 -6.56
C ASP A 50 42.14 -11.37 -6.02
N MET A 51 41.14 -10.72 -5.47
CA MET A 51 39.95 -11.42 -5.02
C MET A 51 38.75 -10.97 -5.82
N PRO A 52 37.82 -11.87 -6.11
CA PRO A 52 36.54 -11.47 -6.63
C PRO A 52 35.76 -10.78 -5.54
N LEU A 53 35.17 -9.63 -5.87
CA LEU A 53 34.54 -8.80 -4.87
C LEU A 53 33.40 -9.52 -4.18
N ILE A 54 33.06 -9.08 -3.00
CA ILE A 54 32.04 -9.73 -2.20
C ILE A 54 30.74 -8.98 -2.34
N PRO A 55 29.65 -9.72 -2.56
CA PRO A 55 28.33 -9.12 -2.70
C PRO A 55 27.72 -8.76 -1.36
N VAL A 56 27.11 -7.59 -1.33
CA VAL A 56 26.45 -7.04 -0.16
C VAL A 56 25.30 -7.91 0.34
N TYR A 57 24.97 -7.68 1.62
CA TYR A 57 23.90 -8.35 2.39
C TYR A 57 23.36 -9.63 1.77
N GLU A 58 22.37 -9.45 0.89
CA GLU A 58 21.56 -10.52 0.32
C GLU A 58 22.41 -11.59 -0.32
N GLU A 59 23.52 -11.15 -0.90
CA GLU A 59 24.46 -12.04 -1.55
C GLU A 59 23.74 -12.88 -2.63
N GLU A 60 23.43 -12.19 -3.73
CA GLU A 60 22.69 -12.77 -4.85
C GLU A 60 21.36 -13.39 -4.42
N ASN A 61 20.34 -12.55 -4.36
CA ASN A 61 18.97 -12.99 -4.19
C ASN A 61 18.17 -12.49 -5.37
N ALA A 62 18.43 -11.21 -5.69
CA ALA A 62 17.87 -10.52 -6.81
C ALA A 62 16.39 -10.30 -6.67
N ASP A 63 15.62 -11.36 -6.61
CA ASP A 63 14.22 -11.20 -6.65
C ASP A 63 13.46 -12.46 -6.26
N GLY A 64 14.23 -13.41 -5.76
CA GLY A 64 13.67 -14.68 -5.37
C GLY A 64 13.44 -15.57 -6.56
N ALA A 65 13.77 -15.05 -7.75
CA ALA A 65 13.53 -15.72 -9.01
C ALA A 65 12.04 -15.85 -9.29
N ALA A 66 11.32 -14.72 -9.16
CA ALA A 66 9.87 -14.71 -9.28
C ALA A 66 9.32 -13.29 -9.31
N VAL A 67 9.76 -12.46 -8.37
CA VAL A 67 9.19 -11.13 -8.20
C VAL A 67 9.80 -10.14 -9.20
N ARG A 68 10.95 -9.56 -8.82
CA ARG A 68 11.78 -8.68 -9.64
C ARG A 68 11.04 -7.55 -10.34
N ILE A 69 11.85 -6.76 -11.01
CA ILE A 69 11.38 -5.71 -11.88
C ILE A 69 11.74 -6.05 -13.31
N ASP A 70 10.99 -5.52 -14.25
CA ASP A 70 11.22 -5.79 -15.65
C ASP A 70 12.38 -4.95 -16.19
N GLY A 71 13.49 -4.97 -15.46
CA GLY A 71 14.68 -4.25 -15.86
C GLY A 71 14.43 -2.77 -16.01
N ARG A 72 13.56 -2.27 -15.16
CA ARG A 72 13.20 -0.88 -15.14
C ARG A 72 13.18 -0.42 -13.70
N VAL A 73 12.78 0.80 -13.48
CA VAL A 73 12.60 1.28 -12.13
C VAL A 73 11.19 1.78 -11.95
N THR A 74 10.52 1.17 -11.02
CA THR A 74 9.19 1.53 -10.67
C THR A 74 9.23 2.29 -9.35
N GLN A 75 9.12 3.60 -9.47
CA GLN A 75 9.30 4.52 -8.35
C GLN A 75 8.13 4.43 -7.38
N ASN A 76 8.11 3.35 -6.63
CA ASN A 76 7.12 3.14 -5.60
C ASN A 76 7.81 2.58 -4.37
N LEU A 77 7.41 3.08 -3.22
CA LEU A 77 7.98 2.68 -1.93
C LEU A 77 7.67 1.22 -1.64
N GLY A 78 6.66 0.71 -2.29
CA GLY A 78 6.18 -0.63 -2.03
C GLY A 78 4.68 -0.64 -2.09
N VAL A 79 4.11 0.33 -1.39
CA VAL A 79 2.72 0.74 -1.51
C VAL A 79 1.77 -0.45 -1.75
N ARG A 80 1.55 -1.20 -0.69
CA ARG A 80 0.77 -2.41 -0.77
C ARG A 80 -0.71 -2.08 -0.76
N THR A 81 -1.41 -2.71 -1.67
CA THR A 81 -2.80 -2.40 -1.93
C THR A 81 -3.63 -3.67 -1.97
N ALA A 82 -4.86 -3.56 -1.55
CA ALA A 82 -5.79 -4.65 -1.66
C ALA A 82 -6.94 -4.22 -2.55
N GLU A 83 -7.23 -5.01 -3.56
CA GLU A 83 -8.30 -4.71 -4.48
C GLU A 83 -9.64 -4.95 -3.80
N VAL A 84 -10.56 -4.05 -4.03
CA VAL A 84 -11.91 -4.17 -3.52
C VAL A 84 -12.58 -5.43 -3.99
N LYS A 85 -13.24 -6.10 -3.06
CA LYS A 85 -13.88 -7.38 -3.35
C LYS A 85 -15.33 -7.38 -2.96
N LEU A 86 -16.09 -8.22 -3.62
CA LEU A 86 -17.39 -8.62 -3.12
C LEU A 86 -17.21 -9.85 -2.24
N GLY A 87 -17.70 -9.78 -1.02
CA GLY A 87 -17.42 -10.88 -0.10
C GLY A 87 -18.66 -11.56 0.41
N ARG A 88 -19.77 -11.21 -0.19
CA ARG A 88 -21.02 -11.80 0.16
C ARG A 88 -21.88 -12.01 -1.09
N LEU A 89 -22.81 -12.93 -0.98
CA LEU A 89 -23.69 -13.30 -2.08
C LEU A 89 -24.94 -13.94 -1.49
N GLY A 90 -26.06 -13.25 -1.67
CA GLY A 90 -27.27 -13.62 -0.99
C GLY A 90 -27.51 -12.64 0.13
N SER A 91 -26.47 -12.45 0.92
CA SER A 91 -26.38 -11.35 1.84
C SER A 91 -26.12 -10.07 1.04
N THR A 92 -26.30 -8.94 1.69
CA THR A 92 -26.26 -7.65 1.02
C THR A 92 -24.85 -7.28 0.61
N GLU A 93 -24.61 -7.38 -0.67
CA GLU A 93 -23.29 -7.17 -1.23
C GLU A 93 -22.69 -5.84 -0.80
N ARG A 94 -21.52 -5.95 -0.21
CA ARG A 94 -20.76 -4.82 0.25
C ARG A 94 -19.33 -5.00 -0.25
N LEU A 95 -18.55 -3.93 -0.23
CA LEU A 95 -17.18 -4.00 -0.70
C LEU A 95 -16.25 -4.33 0.48
N LEU A 96 -15.63 -5.50 0.42
CA LEU A 96 -14.79 -5.97 1.51
C LEU A 96 -13.34 -5.54 1.30
N VAL A 97 -12.76 -4.96 2.35
CA VAL A 97 -11.40 -4.45 2.32
C VAL A 97 -10.75 -4.66 3.68
N PRO A 98 -9.40 -4.68 3.74
CA PRO A 98 -8.68 -4.69 5.01
C PRO A 98 -9.06 -3.47 5.87
N SER A 99 -9.31 -3.69 7.15
CA SER A 99 -9.72 -2.63 8.06
C SER A 99 -8.68 -1.51 8.12
N GLU A 100 -7.42 -1.83 7.88
CA GLU A 100 -6.37 -0.82 7.92
C GLU A 100 -6.22 -0.10 6.59
N ALA A 101 -7.05 -0.45 5.61
CA ALA A 101 -6.95 0.17 4.29
C ALA A 101 -7.55 1.57 4.29
N LEU A 102 -8.68 1.71 4.96
CA LEU A 102 -9.44 2.95 4.90
C LEU A 102 -9.01 3.93 5.99
N ILE A 103 -9.40 5.18 5.81
CA ILE A 103 -9.19 6.21 6.82
C ILE A 103 -10.53 6.66 7.36
N ARG A 104 -10.91 6.24 8.53
CA ARG A 104 -12.12 6.79 9.09
C ARG A 104 -11.80 7.81 10.14
N THR A 105 -12.48 8.92 10.00
CA THR A 105 -12.20 10.10 10.78
C THR A 105 -13.47 10.91 10.97
N GLY A 106 -13.74 11.32 12.19
CA GLY A 106 -14.93 12.09 12.48
C GLY A 106 -16.20 11.31 12.16
N ALA A 107 -16.88 11.71 11.10
CA ALA A 107 -18.16 11.09 10.74
C ALA A 107 -18.13 10.48 9.35
N ARG A 108 -16.96 10.03 8.91
CA ARG A 108 -16.83 9.46 7.57
C ARG A 108 -15.54 8.68 7.40
N THR A 109 -15.36 8.12 6.22
CA THR A 109 -14.18 7.33 5.90
C THR A 109 -13.61 7.74 4.54
N ILE A 110 -12.32 7.56 4.38
CA ILE A 110 -11.62 7.92 3.15
C ILE A 110 -10.79 6.74 2.66
N ALA A 111 -10.58 6.64 1.37
CA ALA A 111 -9.74 5.58 0.80
C ALA A 111 -8.83 6.15 -0.28
N MET A 112 -7.53 5.85 -0.19
CA MET A 112 -6.60 6.27 -1.22
C MET A 112 -6.52 5.20 -2.30
N VAL A 113 -7.19 5.44 -3.41
CA VAL A 113 -7.33 4.47 -4.47
C VAL A 113 -6.16 4.56 -5.45
N ALA A 114 -5.67 3.41 -5.89
CA ALA A 114 -4.64 3.33 -6.91
C ALA A 114 -5.25 3.64 -8.27
N LYS A 115 -5.32 4.92 -8.60
CA LYS A 115 -5.94 5.34 -9.84
C LYS A 115 -5.05 4.96 -11.02
N GLY A 116 -5.69 4.63 -12.14
CA GLY A 116 -4.98 4.20 -13.31
C GLY A 116 -4.10 5.28 -13.92
N GLU A 117 -4.22 6.50 -13.41
CA GLU A 117 -3.40 7.60 -13.87
C GLU A 117 -2.09 7.68 -13.10
N GLY A 118 -1.83 6.64 -12.32
CA GLY A 118 -0.55 6.51 -11.65
C GLY A 118 -0.50 7.23 -10.32
N GLY A 119 -1.66 7.62 -9.82
CA GLY A 119 -1.72 8.37 -8.59
C GLY A 119 -2.69 7.76 -7.61
N PHE A 120 -2.62 8.20 -6.38
CA PHE A 120 -3.49 7.66 -5.33
C PHE A 120 -4.47 8.72 -4.88
N ASP A 121 -5.72 8.54 -5.24
CA ASP A 121 -6.72 9.56 -4.98
C ASP A 121 -7.57 9.18 -3.78
N PRO A 122 -7.93 10.15 -2.94
CA PRO A 122 -8.76 9.90 -1.78
C PRO A 122 -10.24 9.97 -2.12
N VAL A 123 -10.94 8.90 -1.81
CA VAL A 123 -12.37 8.83 -2.00
C VAL A 123 -13.07 8.92 -0.65
N GLU A 124 -14.07 9.77 -0.55
CA GLU A 124 -14.90 9.78 0.65
C GLU A 124 -15.88 8.63 0.58
N VAL A 125 -15.66 7.65 1.43
CA VAL A 125 -16.38 6.39 1.37
C VAL A 125 -17.22 6.17 2.63
N LYS A 126 -18.24 5.37 2.47
CA LYS A 126 -19.04 4.93 3.59
C LYS A 126 -18.51 3.61 4.08
N ALA A 127 -18.10 3.58 5.32
CA ALA A 127 -17.48 2.40 5.88
C ALA A 127 -17.90 2.21 7.32
N GLY A 128 -18.74 1.23 7.59
CA GLY A 128 -18.97 0.89 8.98
C GLY A 128 -19.37 -0.55 9.20
N ALA A 129 -18.44 -1.45 9.00
CA ALA A 129 -18.45 -2.75 9.64
C ALA A 129 -17.03 -3.24 9.83
N THR A 130 -16.83 -4.21 10.69
CA THR A 130 -15.54 -4.87 10.79
C THR A 130 -15.73 -6.35 11.02
N ALA A 131 -15.15 -7.15 10.14
CA ALA A 131 -15.36 -8.58 10.15
C ALA A 131 -14.13 -9.32 9.65
N GLY A 132 -13.64 -10.26 10.46
CA GLY A 132 -12.50 -11.07 10.06
C GLY A 132 -11.24 -10.26 9.90
N GLY A 133 -11.11 -9.20 10.69
CA GLY A 133 -9.97 -8.32 10.59
C GLY A 133 -10.04 -7.43 9.36
N GLN A 134 -11.23 -7.34 8.79
CA GLN A 134 -11.46 -6.55 7.60
C GLN A 134 -12.55 -5.54 7.87
N SER A 135 -12.81 -4.67 6.93
CA SER A 135 -13.86 -3.71 7.09
C SER A 135 -14.82 -3.76 5.92
N GLU A 136 -16.03 -3.29 6.14
CA GLU A 136 -17.02 -3.25 5.08
C GLU A 136 -17.15 -1.84 4.52
N ILE A 137 -16.85 -1.73 3.24
CA ILE A 137 -17.09 -0.50 2.50
C ILE A 137 -18.51 -0.51 1.99
N LEU A 138 -19.35 0.22 2.69
CA LEU A 138 -20.77 0.27 2.40
C LEU A 138 -21.01 1.05 1.10
N GLU A 139 -20.22 2.08 0.88
CA GLU A 139 -20.31 2.87 -0.33
C GLU A 139 -19.00 3.60 -0.53
N GLY A 140 -18.70 3.99 -1.76
CA GLY A 140 -17.54 4.80 -1.98
C GLY A 140 -16.64 4.20 -3.03
N LEU A 141 -16.61 2.88 -3.07
CA LEU A 141 -15.71 2.18 -3.96
C LEU A 141 -16.39 1.07 -4.75
N LYS A 142 -15.58 0.37 -5.54
CA LYS A 142 -16.05 -0.68 -6.41
C LYS A 142 -14.96 -1.74 -6.54
N ALA A 143 -15.38 -2.95 -6.87
CA ALA A 143 -14.45 -4.06 -7.01
C ALA A 143 -13.59 -3.86 -8.24
N GLY A 144 -12.30 -4.06 -8.07
CA GLY A 144 -11.35 -3.75 -9.12
C GLY A 144 -10.59 -2.48 -8.81
N GLN A 145 -11.00 -1.83 -7.72
CA GLN A 145 -10.33 -0.62 -7.26
C GLN A 145 -9.40 -0.95 -6.12
N GLN A 146 -8.14 -0.63 -6.31
CA GLN A 146 -7.09 -0.98 -5.38
C GLN A 146 -6.89 0.12 -4.35
N VAL A 147 -6.98 -0.22 -3.09
CA VAL A 147 -6.77 0.75 -2.03
C VAL A 147 -5.57 0.35 -1.20
N VAL A 148 -4.77 1.33 -0.83
CA VAL A 148 -3.56 1.07 -0.07
C VAL A 148 -3.87 0.52 1.30
N VAL A 149 -3.18 -0.55 1.65
CA VAL A 149 -3.39 -1.20 2.94
C VAL A 149 -2.09 -1.15 3.74
N SER A 150 -1.24 -0.23 3.31
CA SER A 150 0.05 0.06 3.95
C SER A 150 1.09 -1.04 3.67
N GLY A 151 2.36 -0.66 3.73
CA GLY A 151 3.42 -1.63 3.61
C GLY A 151 3.60 -2.41 4.89
N GLN A 152 2.64 -3.27 5.17
CA GLN A 152 2.58 -3.98 6.44
C GLN A 152 3.82 -4.83 6.69
N PHE A 153 4.27 -4.84 7.94
CA PHE A 153 5.37 -5.68 8.36
C PHE A 153 4.83 -6.85 9.20
N LEU A 154 5.72 -7.48 9.96
CA LEU A 154 5.37 -8.60 10.84
C LEU A 154 5.05 -9.85 10.03
N ILE A 155 3.92 -9.81 9.34
CA ILE A 155 3.40 -10.97 8.63
C ILE A 155 3.99 -11.04 7.21
N ASP A 156 4.89 -10.10 6.92
CA ASP A 156 5.57 -10.08 5.63
C ASP A 156 6.49 -11.28 5.50
N SER A 157 6.88 -11.86 6.62
CA SER A 157 7.72 -13.05 6.60
C SER A 157 7.01 -14.17 5.84
N GLU A 158 5.78 -14.45 6.27
CA GLU A 158 4.95 -15.46 5.62
C GLU A 158 4.68 -15.08 4.17
N ALA A 159 4.53 -13.78 3.93
CA ALA A 159 4.27 -13.25 2.61
C ALA A 159 5.48 -13.41 1.70
N SER A 160 6.67 -13.40 2.29
CA SER A 160 7.89 -13.62 1.52
C SER A 160 8.04 -15.09 1.18
N LEU A 161 7.35 -15.96 1.90
CA LEU A 161 7.35 -17.37 1.54
C LEU A 161 6.71 -17.54 0.17
N ARG A 162 5.53 -16.94 0.00
CA ARG A 162 4.82 -16.94 -1.26
C ARG A 162 5.61 -16.20 -2.33
N GLY A 163 6.30 -15.15 -1.89
CA GLY A 163 7.06 -14.34 -2.79
C GLY A 163 6.40 -13.00 -3.04
N THR A 164 5.91 -12.39 -1.96
CA THR A 164 5.22 -11.09 -1.99
C THR A 164 4.03 -11.10 -2.96
N VAL A 165 4.26 -10.71 -4.19
CA VAL A 165 3.22 -10.67 -5.21
C VAL A 165 3.17 -11.99 -5.99
N ALA A 166 2.64 -13.01 -5.34
CA ALA A 166 2.58 -14.34 -5.94
C ALA A 166 1.62 -14.37 -7.13
N ARG A 167 1.93 -15.19 -8.12
CA ARG A 167 1.12 -15.29 -9.31
C ARG A 167 0.39 -16.63 -9.35
N MET A 168 -0.92 -16.56 -9.19
CA MET A 168 -1.77 -17.72 -9.33
C MET A 168 -3.14 -17.29 -9.83
N GLN A 169 -3.87 -16.60 -8.97
CA GLN A 169 -5.21 -16.14 -9.27
C GLN A 169 -5.41 -14.72 -8.75
N GLU A 170 -5.42 -14.60 -7.43
CA GLU A 170 -5.65 -13.31 -6.78
C GLU A 170 -4.63 -13.10 -5.65
N THR A 171 -4.56 -14.06 -4.74
CA THR A 171 -3.66 -14.00 -3.60
C THR A 171 -3.31 -15.40 -3.13
N THR A 172 -4.34 -16.23 -3.02
CA THR A 172 -4.19 -17.61 -2.57
C THR A 172 -5.56 -18.27 -2.44
N SER A 173 -5.55 -19.59 -2.41
CA SER A 173 -6.76 -20.37 -2.19
C SER A 173 -6.83 -20.79 -0.73
N GLY A 174 -5.79 -20.45 0.02
CA GLY A 174 -5.78 -20.66 1.45
C GLY A 174 -5.79 -19.33 2.18
N LEU A 175 -6.69 -18.45 1.72
CA LEU A 175 -6.80 -17.10 2.26
C LEU A 175 -7.06 -17.15 3.77
N GLU A 176 -6.61 -16.13 4.48
CA GLU A 176 -6.81 -16.05 5.93
C GLU A 176 -8.28 -15.85 6.27
N VAL A 177 -9.04 -16.92 6.17
CA VAL A 177 -10.46 -16.92 6.49
C VAL A 177 -10.85 -18.28 7.07
N LEU A 178 -11.55 -18.26 8.18
CA LEU A 178 -11.87 -19.49 8.88
C LEU A 178 -13.32 -19.50 9.34
N PHE A 179 -13.92 -20.68 9.32
CA PHE A 179 -15.30 -20.85 9.76
C PHE A 179 -15.39 -20.77 11.27
N GLN A 180 -16.49 -20.24 11.76
CA GLN A 180 -16.74 -20.17 13.19
C GLN A 180 -17.32 -21.48 13.69
N MET A 1 -15.85 -36.17 -32.35
CA MET A 1 -16.73 -35.54 -33.36
C MET A 1 -16.63 -36.29 -34.69
N GLY A 2 -15.45 -36.27 -35.28
CA GLY A 2 -15.25 -36.92 -36.55
C GLY A 2 -13.94 -36.47 -37.18
N SER A 3 -12.98 -37.38 -37.21
CA SER A 3 -11.65 -37.11 -37.75
C SER A 3 -10.94 -36.02 -36.93
N ALA A 4 -9.91 -35.41 -37.54
CA ALA A 4 -9.16 -34.31 -36.96
C ALA A 4 -8.33 -34.76 -35.75
N THR A 5 -8.23 -36.07 -35.58
CA THR A 5 -7.49 -36.65 -34.47
C THR A 5 -6.21 -37.32 -34.96
N VAL A 6 -6.05 -37.37 -36.27
CA VAL A 6 -4.88 -38.00 -36.88
C VAL A 6 -3.61 -37.22 -36.56
N ASN A 7 -3.75 -35.92 -36.35
CA ASN A 7 -2.62 -35.07 -36.05
C ASN A 7 -3.01 -34.00 -35.03
N GLY A 8 -2.11 -33.70 -34.11
CA GLY A 8 -2.38 -32.68 -33.12
C GLY A 8 -1.81 -31.33 -33.54
N PRO A 9 -1.87 -30.33 -32.65
CA PRO A 9 -1.30 -29.01 -32.90
C PRO A 9 0.20 -28.95 -32.59
N HIS A 10 0.88 -30.08 -32.70
CA HIS A 10 2.30 -30.16 -32.39
C HIS A 10 3.03 -31.01 -33.42
N ASP A 11 2.75 -30.79 -34.69
CA ASP A 11 3.40 -31.52 -35.78
C ASP A 11 4.72 -30.87 -36.15
N GLY A 12 5.48 -30.51 -35.13
CA GLY A 12 6.75 -29.83 -35.33
C GLY A 12 6.98 -28.81 -34.24
N HIS A 13 8.07 -28.07 -34.32
CA HIS A 13 8.34 -27.02 -33.36
C HIS A 13 9.17 -25.92 -34.01
N ASP A 14 9.03 -24.71 -33.50
CA ASP A 14 9.85 -23.60 -33.96
C ASP A 14 11.03 -23.42 -33.01
N PRO A 15 12.10 -22.73 -33.44
CA PRO A 15 13.29 -22.52 -32.60
C PRO A 15 12.94 -21.85 -31.28
N ALA A 16 12.22 -20.74 -31.38
CA ALA A 16 11.77 -19.94 -30.24
C ALA A 16 12.93 -19.26 -29.54
N ALA A 17 12.93 -17.94 -29.57
CA ALA A 17 13.96 -17.16 -28.93
C ALA A 17 13.63 -16.97 -27.45
N GLY A 18 14.37 -17.64 -26.58
CA GLY A 18 14.14 -17.52 -25.16
C GLY A 18 14.76 -16.26 -24.60
N ALA A 19 15.96 -16.39 -24.04
CA ALA A 19 16.68 -15.25 -23.53
C ALA A 19 18.17 -15.51 -23.54
N GLU A 20 18.67 -16.11 -22.45
CA GLU A 20 20.08 -16.45 -22.30
C GLU A 20 20.93 -15.20 -22.15
N LEU A 21 21.64 -15.14 -21.04
CA LEU A 21 22.59 -14.06 -20.73
C LEU A 21 21.85 -12.82 -20.25
N LYS A 22 20.78 -12.46 -20.95
CA LYS A 22 19.96 -11.33 -20.53
C LYS A 22 19.14 -11.73 -19.32
N THR A 23 19.00 -13.02 -19.13
CA THR A 23 18.30 -13.56 -17.99
C THR A 23 19.28 -14.12 -16.97
N GLY A 24 18.94 -13.99 -15.70
CA GLY A 24 19.78 -14.50 -14.65
C GLY A 24 19.28 -15.81 -14.12
N LYS A 25 18.88 -16.69 -15.03
CA LYS A 25 18.41 -18.03 -14.67
C LYS A 25 17.06 -17.87 -14.05
N ARG A 26 16.14 -17.37 -14.87
CA ARG A 26 14.80 -17.06 -14.46
C ARG A 26 13.81 -17.73 -15.41
N ILE A 27 12.69 -18.16 -14.86
CA ILE A 27 11.76 -19.06 -15.52
C ILE A 27 11.30 -18.59 -16.89
N LEU A 28 11.52 -19.48 -17.84
CA LEU A 28 11.05 -19.30 -19.19
C LEU A 28 9.94 -20.30 -19.51
N TYR A 29 10.06 -21.53 -18.98
CA TYR A 29 9.08 -22.58 -19.27
C TYR A 29 9.30 -23.81 -18.36
N TRP A 30 8.51 -24.85 -18.61
CA TRP A 30 8.50 -26.06 -17.78
C TRP A 30 8.78 -27.31 -18.61
N ARG A 31 9.41 -28.30 -17.99
CA ARG A 31 9.75 -29.54 -18.67
C ARG A 31 9.84 -30.69 -17.67
N ASP A 32 9.56 -31.90 -18.14
CA ASP A 32 9.76 -33.10 -17.34
C ASP A 32 11.26 -33.40 -17.30
N PRO A 33 11.85 -33.61 -16.13
CA PRO A 33 13.30 -33.82 -16.01
C PRO A 33 13.80 -35.05 -16.78
N MET A 34 12.91 -35.95 -17.15
CA MET A 34 13.32 -37.14 -17.89
C MET A 34 12.96 -37.04 -19.36
N VAL A 35 12.43 -35.89 -19.76
CA VAL A 35 12.06 -35.67 -21.17
C VAL A 35 12.83 -34.49 -21.80
N PRO A 36 14.15 -34.37 -21.53
CA PRO A 36 14.94 -33.20 -21.95
C PRO A 36 14.89 -32.97 -23.47
N GLY A 37 14.68 -31.73 -23.85
CA GLY A 37 14.50 -31.42 -25.26
C GLY A 37 13.07 -31.10 -25.57
N GLN A 38 12.18 -31.47 -24.65
CA GLN A 38 10.78 -31.16 -24.75
C GLN A 38 10.47 -29.86 -24.03
N ARG A 39 10.04 -28.87 -24.78
CA ARG A 39 9.75 -27.56 -24.26
C ARG A 39 8.26 -27.32 -24.12
N PHE A 40 7.80 -27.14 -22.90
CA PHE A 40 6.43 -26.72 -22.66
C PHE A 40 6.44 -25.25 -22.35
N ASP A 41 5.86 -24.42 -23.20
CA ASP A 41 6.05 -22.98 -23.04
C ASP A 41 5.46 -22.47 -21.74
N LYS A 42 4.52 -23.21 -21.17
CA LYS A 42 3.99 -22.85 -19.86
C LYS A 42 4.09 -24.02 -18.89
N PRO A 43 3.90 -23.77 -17.60
CA PRO A 43 3.76 -24.81 -16.58
C PRO A 43 2.61 -25.79 -16.89
N GLY A 44 2.52 -26.86 -16.11
CA GLY A 44 1.44 -27.81 -16.28
C GLY A 44 1.84 -29.21 -15.90
N LYS A 45 0.98 -30.18 -16.20
CA LYS A 45 1.26 -31.57 -15.94
C LYS A 45 1.82 -32.21 -17.20
N SER A 46 2.72 -33.17 -17.00
CA SER A 46 3.35 -33.86 -18.11
C SER A 46 2.32 -34.65 -18.90
N PRO A 47 2.28 -34.51 -20.23
CA PRO A 47 1.39 -35.27 -21.09
C PRO A 47 1.79 -36.74 -21.13
N TYR A 48 3.08 -36.95 -20.89
CA TYR A 48 3.68 -38.26 -20.96
C TYR A 48 3.28 -39.11 -19.77
N MET A 49 3.25 -38.48 -18.59
CA MET A 49 2.77 -39.15 -17.40
C MET A 49 2.24 -38.13 -16.39
N ASP A 50 1.43 -38.60 -15.44
CA ASP A 50 0.75 -37.71 -14.50
C ASP A 50 1.66 -37.22 -13.38
N MET A 51 2.56 -36.32 -13.73
CA MET A 51 3.35 -35.57 -12.76
C MET A 51 3.48 -34.15 -13.25
N PRO A 52 3.49 -33.19 -12.33
CA PRO A 52 3.65 -31.78 -12.68
C PRO A 52 5.05 -31.54 -13.23
N LEU A 53 5.13 -30.82 -14.34
CA LEU A 53 6.41 -30.59 -14.98
C LEU A 53 7.34 -29.82 -14.05
N ILE A 54 8.62 -29.90 -14.31
CA ILE A 54 9.59 -29.30 -13.43
C ILE A 54 10.10 -28.02 -14.03
N PRO A 55 10.11 -26.95 -13.26
CA PRO A 55 10.54 -25.66 -13.74
C PRO A 55 12.04 -25.55 -13.89
N VAL A 56 12.44 -24.84 -14.92
CA VAL A 56 13.84 -24.62 -15.26
C VAL A 56 14.59 -23.84 -14.18
N TYR A 57 15.91 -23.98 -14.26
CA TYR A 57 16.93 -23.45 -13.33
C TYR A 57 16.41 -22.84 -12.03
N GLU A 58 15.79 -21.69 -12.12
CA GLU A 58 15.36 -20.93 -10.98
C GLU A 58 14.36 -21.75 -10.15
N GLU A 59 13.43 -22.33 -10.88
CA GLU A 59 12.50 -23.36 -10.41
C GLU A 59 11.43 -22.86 -9.47
N GLU A 60 10.86 -21.74 -9.82
CA GLU A 60 9.70 -21.18 -9.13
C GLU A 60 9.33 -19.80 -9.65
N ASN A 61 9.10 -19.78 -10.95
CA ASN A 61 8.56 -18.67 -11.73
C ASN A 61 9.42 -17.42 -11.72
N ALA A 62 9.77 -16.97 -10.54
CA ALA A 62 10.54 -15.76 -10.37
C ALA A 62 11.04 -15.58 -8.93
N ASP A 63 10.41 -16.31 -8.01
CA ASP A 63 10.51 -16.05 -6.57
C ASP A 63 10.10 -14.61 -6.29
N GLY A 64 9.09 -14.17 -7.03
CA GLY A 64 8.61 -12.80 -6.92
C GLY A 64 9.73 -11.78 -7.10
N ALA A 65 10.73 -12.16 -7.92
CA ALA A 65 11.95 -11.37 -8.16
C ALA A 65 13.04 -11.71 -7.15
N ALA A 66 13.28 -13.01 -6.96
CA ALA A 66 14.41 -13.55 -6.19
C ALA A 66 14.28 -13.37 -4.67
N VAL A 67 13.55 -12.35 -4.25
CA VAL A 67 13.33 -12.09 -2.81
C VAL A 67 12.56 -13.24 -2.20
N ARG A 68 11.91 -13.94 -3.10
CA ARG A 68 11.07 -15.07 -2.84
C ARG A 68 9.82 -14.71 -2.08
N ILE A 69 8.73 -14.88 -2.78
CA ILE A 69 7.42 -14.63 -2.21
C ILE A 69 6.54 -15.84 -2.38
N ASP A 70 5.55 -15.96 -1.53
CA ASP A 70 4.58 -17.02 -1.65
C ASP A 70 3.41 -16.57 -2.52
N GLY A 71 3.76 -16.10 -3.71
CA GLY A 71 2.78 -15.84 -4.76
C GLY A 71 2.09 -14.49 -4.65
N ARG A 72 2.11 -13.90 -3.47
CA ARG A 72 1.55 -12.56 -3.29
C ARG A 72 2.47 -11.54 -3.94
N VAL A 73 1.93 -10.72 -4.80
CA VAL A 73 2.75 -9.83 -5.60
C VAL A 73 2.36 -8.38 -5.42
N THR A 74 3.36 -7.55 -5.26
CA THR A 74 3.19 -6.13 -5.23
C THR A 74 4.43 -5.47 -5.82
N GLN A 75 4.24 -4.75 -6.93
CA GLN A 75 5.33 -4.02 -7.57
C GLN A 75 5.54 -2.69 -6.84
N ASN A 76 5.36 -2.77 -5.54
CA ASN A 76 5.48 -1.65 -4.63
C ASN A 76 5.79 -2.21 -3.24
N LEU A 77 7.05 -2.18 -2.87
CA LEU A 77 7.48 -2.76 -1.61
C LEU A 77 7.29 -1.75 -0.48
N GLY A 78 6.86 -0.56 -0.85
CA GLY A 78 6.62 0.49 0.11
C GLY A 78 5.15 0.83 0.24
N VAL A 79 4.34 0.15 -0.54
CA VAL A 79 2.91 0.43 -0.63
C VAL A 79 2.14 -0.85 -0.90
N ARG A 80 1.17 -1.14 -0.05
CA ARG A 80 0.32 -2.32 -0.22
C ARG A 80 -1.09 -1.86 -0.52
N THR A 81 -1.76 -2.54 -1.45
CA THR A 81 -3.10 -2.18 -1.84
C THR A 81 -3.95 -3.43 -2.08
N ALA A 82 -5.21 -3.34 -1.72
CA ALA A 82 -6.16 -4.40 -1.98
C ALA A 82 -7.20 -3.90 -2.96
N GLU A 83 -7.60 -4.74 -3.88
CA GLU A 83 -8.57 -4.36 -4.88
C GLU A 83 -9.97 -4.60 -4.35
N VAL A 84 -10.82 -3.60 -4.47
CA VAL A 84 -12.19 -3.72 -4.04
C VAL A 84 -12.89 -4.90 -4.68
N LYS A 85 -13.50 -5.70 -3.84
CA LYS A 85 -14.34 -6.78 -4.26
C LYS A 85 -15.22 -7.24 -3.12
N LEU A 86 -16.45 -7.54 -3.45
CA LEU A 86 -17.42 -7.95 -2.47
C LEU A 86 -17.20 -9.39 -2.08
N GLY A 87 -17.69 -9.75 -0.91
CA GLY A 87 -17.39 -11.06 -0.35
C GLY A 87 -18.24 -11.37 0.86
N ARG A 88 -19.54 -11.15 0.72
CA ARG A 88 -20.48 -11.45 1.80
C ARG A 88 -20.59 -12.94 2.03
N LEU A 89 -20.56 -13.34 3.29
CA LEU A 89 -20.80 -14.73 3.67
C LEU A 89 -21.73 -14.75 4.88
N GLY A 90 -23.03 -14.69 4.62
CA GLY A 90 -23.98 -14.55 5.70
C GLY A 90 -24.21 -13.08 5.95
N SER A 91 -23.53 -12.32 5.11
CA SER A 91 -23.55 -10.87 5.15
C SER A 91 -24.30 -10.37 3.92
N THR A 92 -24.42 -9.06 3.83
CA THR A 92 -24.97 -8.41 2.67
C THR A 92 -23.84 -8.00 1.75
N GLU A 93 -24.15 -7.84 0.48
CA GLU A 93 -23.13 -7.54 -0.51
C GLU A 93 -22.52 -6.18 -0.27
N ARG A 94 -21.31 -6.21 0.23
CA ARG A 94 -20.55 -5.00 0.52
C ARG A 94 -19.14 -5.18 -0.01
N LEU A 95 -18.42 -4.10 -0.13
CA LEU A 95 -17.07 -4.12 -0.68
C LEU A 95 -16.09 -4.46 0.44
N LEU A 96 -15.48 -5.64 0.35
CA LEU A 96 -14.61 -6.12 1.41
C LEU A 96 -13.18 -5.64 1.20
N VAL A 97 -12.62 -5.07 2.25
CA VAL A 97 -11.25 -4.57 2.23
C VAL A 97 -10.62 -4.81 3.60
N PRO A 98 -9.29 -4.90 3.67
CA PRO A 98 -8.59 -4.93 4.96
C PRO A 98 -8.98 -3.74 5.83
N SER A 99 -9.20 -3.98 7.12
CA SER A 99 -9.61 -2.93 8.06
C SER A 99 -8.63 -1.76 8.09
N GLU A 100 -7.38 -2.00 7.73
CA GLU A 100 -6.37 -0.94 7.71
C GLU A 100 -6.34 -0.23 6.35
N ALA A 101 -7.31 -0.54 5.49
CA ALA A 101 -7.33 0.04 4.15
C ALA A 101 -7.92 1.44 4.17
N LEU A 102 -8.96 1.62 4.96
CA LEU A 102 -9.71 2.85 4.93
C LEU A 102 -9.18 3.88 5.91
N ILE A 103 -9.46 5.13 5.60
CA ILE A 103 -9.04 6.26 6.42
C ILE A 103 -10.21 6.70 7.28
N ARG A 104 -9.98 6.88 8.55
CA ARG A 104 -11.00 7.42 9.42
C ARG A 104 -10.74 8.89 9.72
N THR A 105 -11.75 9.72 9.47
CA THR A 105 -11.66 11.13 9.79
C THR A 105 -13.05 11.69 10.14
N GLY A 106 -13.13 12.43 11.23
CA GLY A 106 -14.37 13.06 11.63
C GLY A 106 -15.54 12.06 11.72
N ALA A 107 -16.51 12.23 10.85
CA ALA A 107 -17.68 11.35 10.83
C ALA A 107 -17.82 10.66 9.50
N ARG A 108 -16.70 10.30 8.91
CA ARG A 108 -16.71 9.69 7.60
C ARG A 108 -15.49 8.79 7.39
N THR A 109 -15.53 8.00 6.33
CA THR A 109 -14.40 7.17 5.97
C THR A 109 -13.88 7.58 4.60
N ILE A 110 -12.57 7.50 4.42
CA ILE A 110 -11.95 7.87 3.16
C ILE A 110 -11.10 6.70 2.66
N ALA A 111 -10.91 6.61 1.35
CA ALA A 111 -10.06 5.59 0.79
C ALA A 111 -9.05 6.21 -0.16
N MET A 112 -7.79 5.88 0.00
CA MET A 112 -6.77 6.35 -0.92
C MET A 112 -6.61 5.32 -2.05
N VAL A 113 -7.22 5.64 -3.18
CA VAL A 113 -7.33 4.71 -4.29
C VAL A 113 -6.08 4.72 -5.17
N ALA A 114 -5.59 3.53 -5.48
CA ALA A 114 -4.45 3.35 -6.36
C ALA A 114 -4.90 3.38 -7.80
N LYS A 115 -5.02 4.58 -8.36
CA LYS A 115 -5.46 4.72 -9.74
C LYS A 115 -4.36 4.27 -10.69
N GLY A 116 -4.76 3.75 -11.84
CA GLY A 116 -3.81 3.39 -12.87
C GLY A 116 -3.28 4.61 -13.58
N GLU A 117 -3.69 5.77 -13.08
CA GLU A 117 -3.26 7.04 -13.63
C GLU A 117 -1.94 7.49 -12.99
N GLY A 118 -1.39 6.59 -12.18
CA GLY A 118 -0.09 6.83 -11.57
C GLY A 118 -0.17 7.54 -10.24
N GLY A 119 -1.37 7.82 -9.78
CA GLY A 119 -1.54 8.59 -8.57
C GLY A 119 -2.51 7.94 -7.60
N PHE A 120 -2.40 8.32 -6.34
CA PHE A 120 -3.26 7.81 -5.30
C PHE A 120 -4.21 8.90 -4.82
N ASP A 121 -5.51 8.69 -5.01
CA ASP A 121 -6.48 9.75 -4.73
C ASP A 121 -7.38 9.38 -3.55
N PRO A 122 -7.78 10.34 -2.72
CA PRO A 122 -8.68 10.09 -1.61
C PRO A 122 -10.15 10.13 -2.04
N VAL A 123 -10.91 9.11 -1.65
CA VAL A 123 -12.32 9.02 -1.97
C VAL A 123 -13.14 8.90 -0.68
N GLU A 124 -14.24 9.63 -0.60
CA GLU A 124 -15.13 9.54 0.55
C GLU A 124 -16.08 8.36 0.38
N VAL A 125 -16.01 7.42 1.33
CA VAL A 125 -16.77 6.19 1.24
C VAL A 125 -17.56 5.92 2.51
N LYS A 126 -18.50 4.99 2.43
CA LYS A 126 -19.21 4.54 3.60
C LYS A 126 -18.61 3.24 4.08
N ALA A 127 -18.27 3.21 5.35
CA ALA A 127 -17.60 2.05 5.93
C ALA A 127 -18.09 1.77 7.34
N GLY A 128 -18.88 0.74 7.52
CA GLY A 128 -19.11 0.32 8.89
C GLY A 128 -19.47 -1.15 9.01
N ALA A 129 -18.50 -2.00 8.79
CA ALA A 129 -18.49 -3.34 9.34
C ALA A 129 -17.06 -3.77 9.57
N THR A 130 -16.84 -4.79 10.38
CA THR A 130 -15.53 -5.40 10.47
C THR A 130 -15.68 -6.88 10.76
N ALA A 131 -15.00 -7.70 9.97
CA ALA A 131 -15.10 -9.14 10.11
C ALA A 131 -13.79 -9.81 9.76
N GLY A 132 -13.13 -10.37 10.76
CA GLY A 132 -11.91 -11.14 10.55
C GLY A 132 -10.76 -10.27 10.07
N GLY A 133 -10.63 -9.08 10.64
CA GLY A 133 -9.54 -8.21 10.27
C GLY A 133 -9.83 -7.41 9.02
N GLN A 134 -11.01 -7.60 8.45
CA GLN A 134 -11.39 -6.90 7.25
C GLN A 134 -12.55 -5.97 7.55
N SER A 135 -12.70 -4.94 6.77
CA SER A 135 -13.79 -4.03 6.96
C SER A 135 -14.74 -4.10 5.78
N GLU A 136 -15.92 -3.56 5.96
CA GLU A 136 -16.90 -3.52 4.87
C GLU A 136 -17.15 -2.10 4.40
N ILE A 137 -16.74 -1.84 3.17
CA ILE A 137 -17.06 -0.61 2.50
C ILE A 137 -18.45 -0.75 1.90
N LEU A 138 -19.40 -0.11 2.54
CA LEU A 138 -20.79 -0.23 2.16
C LEU A 138 -21.03 0.48 0.84
N GLU A 139 -20.54 1.72 0.76
CA GLU A 139 -20.79 2.55 -0.40
C GLU A 139 -19.59 3.43 -0.70
N GLY A 140 -19.53 3.95 -1.93
CA GLY A 140 -18.52 4.92 -2.27
C GLY A 140 -17.62 4.46 -3.40
N LEU A 141 -17.04 3.28 -3.27
CA LEU A 141 -16.09 2.78 -4.25
C LEU A 141 -16.69 1.69 -5.12
N LYS A 142 -15.85 1.05 -5.93
CA LYS A 142 -16.28 0.01 -6.84
C LYS A 142 -15.21 -1.07 -6.95
N ALA A 143 -15.64 -2.26 -7.31
CA ALA A 143 -14.75 -3.39 -7.47
C ALA A 143 -13.82 -3.17 -8.64
N GLY A 144 -12.53 -3.35 -8.40
CA GLY A 144 -11.53 -3.01 -9.38
C GLY A 144 -10.71 -1.82 -8.91
N GLN A 145 -11.18 -1.18 -7.85
CA GLN A 145 -10.51 -0.02 -7.28
C GLN A 145 -9.59 -0.46 -6.16
N GLN A 146 -8.30 -0.21 -6.33
CA GLN A 146 -7.30 -0.61 -5.35
C GLN A 146 -7.16 0.42 -4.27
N VAL A 147 -7.17 -0.03 -3.03
CA VAL A 147 -7.05 0.85 -1.87
C VAL A 147 -5.86 0.45 -1.03
N VAL A 148 -5.16 1.44 -0.48
CA VAL A 148 -3.95 1.18 0.30
C VAL A 148 -4.25 0.40 1.57
N VAL A 149 -3.59 -0.73 1.75
CA VAL A 149 -3.87 -1.64 2.85
C VAL A 149 -2.60 -2.01 3.60
N SER A 150 -1.65 -1.08 3.59
CA SER A 150 -0.38 -1.28 4.27
C SER A 150 -0.59 -1.68 5.73
N GLY A 151 -0.22 -2.90 6.03
CA GLY A 151 -0.44 -3.46 7.36
C GLY A 151 -0.44 -4.96 7.32
N GLN A 152 0.37 -5.59 8.16
CA GLN A 152 0.53 -7.03 8.16
C GLN A 152 0.89 -7.56 9.53
N PHE A 153 -0.11 -7.63 10.42
CA PHE A 153 0.05 -8.22 11.75
C PHE A 153 0.89 -7.31 12.66
N LEU A 154 2.18 -7.23 12.37
CA LEU A 154 3.11 -6.48 13.18
C LEU A 154 3.72 -5.37 12.32
N ILE A 155 4.92 -4.90 12.66
CA ILE A 155 5.59 -3.88 11.86
C ILE A 155 5.78 -4.36 10.43
N ASP A 156 4.91 -3.90 9.55
CA ASP A 156 4.85 -4.38 8.18
C ASP A 156 5.89 -3.69 7.31
N SER A 157 6.57 -2.69 7.88
CA SER A 157 7.56 -1.94 7.14
C SER A 157 8.70 -2.85 6.66
N GLU A 158 9.13 -3.75 7.53
CA GLU A 158 10.14 -4.73 7.15
C GLU A 158 9.51 -5.84 6.33
N ALA A 159 8.23 -6.07 6.59
CA ALA A 159 7.49 -7.17 5.98
C ALA A 159 7.17 -6.90 4.51
N SER A 160 7.05 -5.63 4.15
CA SER A 160 6.78 -5.25 2.78
C SER A 160 8.05 -5.27 1.94
N LEU A 161 9.14 -4.82 2.56
CA LEU A 161 10.43 -4.77 1.89
C LEU A 161 11.02 -6.16 1.71
N ARG A 162 10.64 -7.07 2.58
CA ARG A 162 11.09 -8.45 2.51
C ARG A 162 10.08 -9.29 1.75
N GLY A 163 10.54 -10.44 1.30
CA GLY A 163 9.66 -11.45 0.75
C GLY A 163 9.66 -12.66 1.65
N THR A 164 10.78 -13.37 1.65
CA THR A 164 11.00 -14.46 2.60
C THR A 164 12.48 -14.49 2.98
N VAL A 165 13.33 -14.63 1.98
CA VAL A 165 14.77 -14.65 2.18
C VAL A 165 15.33 -13.22 2.17
N ALA A 166 15.32 -12.61 0.98
CA ALA A 166 15.79 -11.23 0.80
C ALA A 166 17.31 -11.13 0.94
N ARG A 167 17.93 -10.45 -0.01
CA ARG A 167 19.34 -10.20 0.07
C ARG A 167 19.55 -8.91 0.84
N MET A 168 20.08 -9.07 2.01
CA MET A 168 20.17 -7.98 2.98
C MET A 168 21.59 -7.42 3.08
N GLN A 169 21.67 -6.12 2.85
CA GLN A 169 22.90 -5.36 3.02
C GLN A 169 22.52 -3.94 3.38
N GLU A 170 21.55 -3.42 2.64
CA GLU A 170 20.97 -2.12 2.94
C GLU A 170 19.90 -2.28 4.00
N THR A 171 18.91 -3.09 3.70
CA THR A 171 17.82 -3.37 4.64
C THR A 171 17.92 -4.78 5.18
N THR A 172 18.09 -4.89 6.49
CA THR A 172 18.20 -6.17 7.15
C THR A 172 16.81 -6.63 7.61
N SER A 173 16.64 -7.93 7.67
CA SER A 173 15.36 -8.50 8.08
C SER A 173 15.36 -8.80 9.57
N GLY A 174 15.23 -7.74 10.36
CA GLY A 174 15.20 -7.86 11.81
C GLY A 174 13.95 -8.57 12.26
N LEU A 175 12.84 -8.28 11.60
CA LEU A 175 11.61 -9.02 11.80
C LEU A 175 11.44 -10.06 10.70
N GLU A 176 12.22 -11.12 10.75
CA GLU A 176 12.06 -12.20 9.79
C GLU A 176 11.08 -13.23 10.33
N VAL A 177 10.99 -13.33 11.65
CA VAL A 177 10.12 -14.31 12.28
C VAL A 177 8.66 -13.89 12.18
N LEU A 178 8.02 -14.30 11.10
CA LEU A 178 6.61 -14.05 10.91
C LEU A 178 5.96 -15.27 10.26
N PHE A 179 5.42 -16.15 11.08
CA PHE A 179 4.79 -17.36 10.58
C PHE A 179 3.38 -17.51 11.14
N GLN A 180 3.28 -17.96 12.37
CA GLN A 180 2.01 -18.15 13.03
C GLN A 180 2.04 -17.49 14.40
N MET A 1 58.54 7.79 7.17
CA MET A 1 59.57 8.48 6.35
C MET A 1 58.93 9.58 5.51
N GLY A 2 57.76 9.32 4.95
CA GLY A 2 57.07 10.32 4.17
C GLY A 2 55.84 9.75 3.48
N SER A 3 56.01 8.61 2.83
CA SER A 3 54.91 7.95 2.17
C SER A 3 54.09 7.16 3.19
N ALA A 4 52.95 7.72 3.57
CA ALA A 4 52.10 7.13 4.60
C ALA A 4 51.42 5.85 4.13
N THR A 5 51.75 5.41 2.92
CA THR A 5 51.21 4.17 2.40
C THR A 5 51.93 2.97 3.01
N VAL A 6 53.20 3.17 3.37
CA VAL A 6 54.00 2.10 3.96
C VAL A 6 53.95 2.17 5.49
N ASN A 7 52.77 2.49 6.02
CA ASN A 7 52.59 2.63 7.46
C ASN A 7 52.58 1.26 8.15
N GLY A 8 52.30 0.22 7.39
CA GLY A 8 52.27 -1.12 7.96
C GLY A 8 51.94 -2.15 6.92
N PRO A 9 52.61 -3.31 6.95
CA PRO A 9 52.40 -4.40 5.99
C PRO A 9 51.00 -4.98 6.07
N HIS A 10 50.42 -4.97 7.26
CA HIS A 10 49.09 -5.51 7.48
C HIS A 10 48.42 -4.83 8.66
N ASP A 11 47.14 -4.51 8.49
CA ASP A 11 46.35 -3.86 9.53
C ASP A 11 45.98 -4.86 10.61
N GLY A 12 45.33 -4.36 11.67
CA GLY A 12 44.92 -5.22 12.77
C GLY A 12 43.72 -6.07 12.42
N HIS A 13 42.54 -5.64 12.83
CA HIS A 13 41.31 -6.34 12.46
C HIS A 13 40.13 -5.38 12.49
N ASP A 14 39.91 -4.82 13.69
CA ASP A 14 38.85 -3.86 13.96
C ASP A 14 37.48 -4.37 13.51
N PRO A 15 36.98 -5.44 14.15
CA PRO A 15 35.73 -6.11 13.77
C PRO A 15 34.54 -5.15 13.79
N ALA A 16 34.53 -4.22 14.74
CA ALA A 16 33.48 -3.19 14.82
C ALA A 16 32.08 -3.80 14.80
N ALA A 17 31.90 -4.83 15.61
CA ALA A 17 30.63 -5.53 15.71
C ALA A 17 30.55 -6.28 17.03
N GLY A 18 29.34 -6.66 17.43
CA GLY A 18 29.17 -7.37 18.68
C GLY A 18 29.38 -6.45 19.88
N ALA A 19 28.94 -5.21 19.74
CA ALA A 19 29.09 -4.22 20.81
C ALA A 19 27.73 -3.79 21.34
N GLU A 20 26.71 -4.52 20.92
CA GLU A 20 25.32 -4.28 21.29
C GLU A 20 24.91 -2.84 21.03
N LEU A 21 24.88 -2.50 19.75
CA LEU A 21 24.37 -1.22 19.25
C LEU A 21 24.61 -1.15 17.75
N LYS A 22 25.82 -0.80 17.36
CA LYS A 22 26.19 -0.86 15.96
C LYS A 22 26.59 -2.27 15.61
N THR A 23 25.59 -2.96 15.06
CA THR A 23 25.70 -4.33 14.56
C THR A 23 26.19 -5.28 15.62
N GLY A 24 25.52 -5.26 16.77
CA GLY A 24 25.88 -6.13 17.86
C GLY A 24 25.42 -7.53 17.61
N LYS A 25 24.12 -7.68 17.53
CA LYS A 25 23.51 -8.96 17.23
C LYS A 25 22.24 -8.69 16.46
N ARG A 26 22.43 -8.19 15.25
CA ARG A 26 21.35 -7.77 14.40
C ARG A 26 21.67 -8.16 12.97
N ILE A 27 20.75 -8.84 12.31
CA ILE A 27 21.00 -9.40 10.99
C ILE A 27 21.48 -8.35 10.00
N LEU A 28 22.43 -8.79 9.20
CA LEU A 28 22.95 -8.00 8.10
C LEU A 28 22.69 -8.73 6.80
N TYR A 29 22.86 -10.05 6.85
CA TYR A 29 22.63 -10.90 5.69
C TYR A 29 22.66 -12.37 6.11
N TRP A 30 22.50 -13.25 5.14
CA TRP A 30 22.51 -14.69 5.35
C TRP A 30 23.62 -15.33 4.53
N ARG A 31 24.21 -16.39 5.06
CA ARG A 31 25.26 -17.09 4.37
C ARG A 31 25.15 -18.59 4.61
N ASP A 32 25.58 -19.37 3.65
CA ASP A 32 25.63 -20.81 3.80
C ASP A 32 26.91 -21.19 4.51
N PRO A 33 26.84 -22.05 5.53
CA PRO A 33 28.01 -22.60 6.19
C PRO A 33 28.94 -23.32 5.22
N MET A 34 28.42 -23.68 4.05
CA MET A 34 29.24 -24.29 3.00
C MET A 34 29.85 -23.24 2.08
N VAL A 35 29.53 -21.98 2.30
CA VAL A 35 30.02 -20.93 1.42
C VAL A 35 30.64 -19.73 2.19
N PRO A 36 31.40 -19.99 3.28
CA PRO A 36 31.87 -18.93 4.19
C PRO A 36 32.58 -17.79 3.46
N GLY A 37 31.94 -16.63 3.44
CA GLY A 37 32.48 -15.48 2.75
C GLY A 37 31.46 -14.86 1.82
N GLN A 38 30.58 -15.70 1.29
CA GLN A 38 29.53 -15.27 0.38
C GLN A 38 28.45 -14.46 1.11
N ARG A 39 28.47 -13.16 0.87
CA ARG A 39 27.47 -12.25 1.43
C ARG A 39 26.25 -12.18 0.54
N PHE A 40 25.23 -12.95 0.90
CA PHE A 40 23.97 -12.95 0.16
C PHE A 40 23.20 -11.68 0.50
N ASP A 41 22.53 -11.17 -0.52
CA ASP A 41 21.80 -9.92 -0.42
C ASP A 41 20.66 -10.03 0.57
N LYS A 42 20.13 -11.24 0.72
CA LYS A 42 19.01 -11.46 1.61
C LYS A 42 18.82 -12.94 1.93
N PRO A 43 18.03 -13.26 2.98
CA PRO A 43 17.72 -14.64 3.37
C PRO A 43 17.21 -15.51 2.21
N GLY A 44 17.08 -16.80 2.48
CA GLY A 44 16.54 -17.71 1.47
C GLY A 44 17.27 -19.03 1.46
N LYS A 45 17.12 -19.78 0.39
CA LYS A 45 17.80 -21.05 0.22
C LYS A 45 19.08 -20.85 -0.58
N SER A 46 20.07 -21.69 -0.28
CA SER A 46 21.35 -21.66 -0.95
C SER A 46 21.20 -22.03 -2.42
N PRO A 47 21.81 -21.26 -3.31
CA PRO A 47 21.83 -21.58 -4.74
C PRO A 47 22.77 -22.75 -5.03
N TYR A 48 23.75 -22.93 -4.14
CA TYR A 48 24.79 -23.90 -4.33
C TYR A 48 24.28 -25.29 -4.05
N MET A 49 23.41 -25.39 -3.04
CA MET A 49 22.66 -26.61 -2.80
C MET A 49 21.38 -26.30 -2.00
N ASP A 50 20.42 -27.21 -1.98
CA ASP A 50 19.06 -26.91 -1.49
C ASP A 50 18.89 -27.00 0.04
N MET A 51 19.41 -25.99 0.73
CA MET A 51 19.14 -25.77 2.15
C MET A 51 19.02 -24.29 2.42
N PRO A 52 18.15 -23.89 3.35
CA PRO A 52 18.00 -22.48 3.71
C PRO A 52 19.26 -21.95 4.38
N LEU A 53 19.71 -20.76 3.97
CA LEU A 53 20.96 -20.18 4.46
C LEU A 53 20.87 -19.91 5.95
N ILE A 54 22.03 -19.80 6.58
CA ILE A 54 22.11 -19.63 8.02
C ILE A 54 22.23 -18.16 8.35
N PRO A 55 21.47 -17.70 9.34
CA PRO A 55 21.51 -16.31 9.74
C PRO A 55 22.58 -16.02 10.78
N VAL A 56 22.91 -14.75 10.89
CA VAL A 56 23.97 -14.28 11.77
C VAL A 56 23.45 -13.97 13.17
N TYR A 57 24.39 -14.01 14.10
CA TYR A 57 24.20 -13.81 15.56
C TYR A 57 22.76 -13.86 16.07
N GLU A 58 22.01 -12.77 15.91
CA GLU A 58 20.62 -12.69 16.39
C GLU A 58 19.82 -13.86 15.84
N GLU A 59 20.08 -14.18 14.60
CA GLU A 59 19.42 -15.27 13.89
C GLU A 59 17.92 -15.03 13.78
N GLU A 60 17.56 -14.46 12.63
CA GLU A 60 16.20 -14.50 12.09
C GLU A 60 15.21 -13.78 12.99
N ASN A 61 15.58 -12.54 13.29
CA ASN A 61 14.81 -11.68 14.17
C ASN A 61 14.42 -10.40 13.46
N ALA A 62 15.36 -9.96 12.61
CA ALA A 62 15.26 -8.74 11.81
C ALA A 62 13.98 -8.72 11.03
N ASP A 63 13.52 -9.89 10.65
CA ASP A 63 12.27 -10.03 9.96
C ASP A 63 11.76 -11.45 10.03
N GLY A 64 12.24 -12.16 11.02
CA GLY A 64 11.78 -13.50 11.25
C GLY A 64 10.60 -13.53 12.17
N ALA A 65 10.58 -12.57 13.05
CA ALA A 65 9.61 -12.54 14.12
C ALA A 65 8.50 -11.54 13.80
N ALA A 66 8.90 -10.40 13.26
CA ALA A 66 7.96 -9.38 12.85
C ALA A 66 7.55 -9.61 11.41
N VAL A 67 8.43 -10.29 10.69
CA VAL A 67 8.37 -10.43 9.26
C VAL A 67 8.57 -9.10 8.53
N ARG A 68 8.00 -8.04 9.07
CA ARG A 68 8.34 -6.71 8.68
C ARG A 68 9.83 -6.48 8.89
N ILE A 69 10.48 -5.85 7.91
CA ILE A 69 11.90 -5.58 8.00
C ILE A 69 12.18 -4.56 9.10
N ASP A 70 13.43 -4.55 9.57
CA ASP A 70 13.87 -3.63 10.61
C ASP A 70 14.03 -2.21 10.07
N GLY A 71 13.15 -1.82 9.15
CA GLY A 71 13.22 -0.51 8.55
C GLY A 71 14.42 -0.34 7.64
N ARG A 72 15.09 -1.43 7.33
CA ARG A 72 16.24 -1.40 6.44
C ARG A 72 15.84 -1.85 5.05
N VAL A 73 16.82 -1.81 4.13
CA VAL A 73 16.67 -2.18 2.71
C VAL A 73 15.31 -1.86 2.08
N THR A 74 15.34 -0.96 1.12
CA THR A 74 14.16 -0.49 0.41
C THR A 74 13.59 -1.57 -0.52
N GLN A 75 13.22 -2.71 0.06
CA GLN A 75 12.60 -3.79 -0.68
C GLN A 75 11.09 -3.62 -0.66
N ASN A 76 10.64 -2.58 -1.33
CA ASN A 76 9.23 -2.22 -1.35
C ASN A 76 8.68 -2.44 -2.73
N LEU A 77 7.69 -3.32 -2.80
CA LEU A 77 7.01 -3.68 -4.04
C LEU A 77 6.64 -2.46 -4.86
N GLY A 78 6.24 -1.41 -4.20
CA GLY A 78 5.69 -0.27 -4.87
C GLY A 78 4.35 0.06 -4.29
N VAL A 79 4.31 -0.02 -2.97
CA VAL A 79 3.10 0.26 -2.20
C VAL A 79 2.13 -0.93 -2.26
N ARG A 80 1.81 -1.46 -1.10
CA ARG A 80 0.92 -2.61 -1.02
C ARG A 80 -0.52 -2.14 -1.10
N THR A 81 -1.26 -2.68 -2.04
CA THR A 81 -2.63 -2.27 -2.27
C THR A 81 -3.53 -3.49 -2.35
N ALA A 82 -4.79 -3.29 -2.03
CA ALA A 82 -5.77 -4.33 -2.17
C ALA A 82 -6.87 -3.86 -3.09
N GLU A 83 -7.26 -4.70 -4.01
CA GLU A 83 -8.33 -4.39 -4.92
C GLU A 83 -9.67 -4.69 -4.25
N VAL A 84 -10.61 -3.79 -4.43
CA VAL A 84 -11.94 -3.93 -3.85
C VAL A 84 -12.65 -5.17 -4.33
N LYS A 85 -13.15 -5.93 -3.38
CA LYS A 85 -13.82 -7.18 -3.65
C LYS A 85 -15.15 -7.22 -2.93
N LEU A 86 -16.10 -7.93 -3.48
CA LEU A 86 -17.33 -8.21 -2.76
C LEU A 86 -17.14 -9.44 -1.88
N GLY A 87 -18.03 -9.61 -0.91
CA GLY A 87 -17.94 -10.75 -0.02
C GLY A 87 -18.84 -10.61 1.19
N ARG A 88 -20.07 -10.23 0.96
CA ARG A 88 -21.02 -10.00 2.06
C ARG A 88 -21.69 -11.30 2.50
N LEU A 89 -22.59 -11.18 3.47
CA LEU A 89 -23.37 -12.29 3.94
C LEU A 89 -24.84 -11.87 4.03
N GLY A 90 -25.67 -12.63 3.36
CA GLY A 90 -27.10 -12.41 3.40
C GLY A 90 -27.61 -11.82 2.10
N SER A 91 -28.77 -11.19 2.14
CA SER A 91 -29.28 -10.49 0.97
C SER A 91 -28.71 -9.09 0.95
N THR A 92 -27.46 -9.00 0.56
CA THR A 92 -26.71 -7.76 0.56
C THR A 92 -25.62 -7.85 -0.48
N GLU A 93 -24.98 -6.73 -0.81
CA GLU A 93 -23.71 -6.77 -1.51
C GLU A 93 -22.80 -5.68 -0.99
N ARG A 94 -21.72 -6.09 -0.35
CA ARG A 94 -20.80 -5.16 0.29
C ARG A 94 -19.39 -5.33 -0.28
N LEU A 95 -18.56 -4.32 -0.11
CA LEU A 95 -17.18 -4.38 -0.56
C LEU A 95 -16.27 -4.66 0.63
N LEU A 96 -15.49 -5.72 0.52
CA LEU A 96 -14.61 -6.13 1.60
C LEU A 96 -13.20 -5.65 1.33
N VAL A 97 -12.61 -5.02 2.35
CA VAL A 97 -11.28 -4.42 2.23
C VAL A 97 -10.55 -4.58 3.55
N PRO A 98 -9.21 -4.57 3.52
CA PRO A 98 -8.41 -4.55 4.75
C PRO A 98 -8.75 -3.32 5.60
N SER A 99 -9.05 -3.56 6.86
CA SER A 99 -9.50 -2.50 7.76
C SER A 99 -8.52 -1.32 7.82
N GLU A 100 -7.24 -1.62 7.64
CA GLU A 100 -6.17 -0.63 7.71
C GLU A 100 -6.24 0.39 6.59
N ALA A 101 -6.99 0.06 5.55
CA ALA A 101 -7.08 0.90 4.36
C ALA A 101 -8.12 2.00 4.55
N LEU A 102 -8.86 1.92 5.65
CA LEU A 102 -9.88 2.91 5.96
C LEU A 102 -9.29 4.10 6.70
N ILE A 103 -9.41 5.25 6.07
CA ILE A 103 -9.04 6.52 6.66
C ILE A 103 -10.24 7.09 7.40
N ARG A 104 -10.17 7.12 8.71
CA ARG A 104 -11.26 7.70 9.48
C ARG A 104 -11.04 9.20 9.64
N THR A 105 -12.04 9.96 9.25
CA THR A 105 -11.99 11.41 9.42
C THR A 105 -13.40 11.95 9.63
N GLY A 106 -13.52 12.94 10.51
CA GLY A 106 -14.81 13.54 10.79
C GLY A 106 -15.87 12.51 11.14
N ALA A 107 -16.91 12.43 10.33
CA ALA A 107 -17.94 11.41 10.51
C ALA A 107 -18.07 10.53 9.28
N ARG A 108 -16.94 10.24 8.66
CA ARG A 108 -16.93 9.46 7.44
C ARG A 108 -15.66 8.61 7.34
N THR A 109 -15.60 7.78 6.31
CA THR A 109 -14.40 7.01 6.06
C THR A 109 -13.89 7.33 4.65
N ILE A 110 -12.59 7.23 4.47
CA ILE A 110 -11.99 7.57 3.19
C ILE A 110 -11.09 6.43 2.73
N ALA A 111 -10.99 6.24 1.43
CA ALA A 111 -10.13 5.22 0.88
C ALA A 111 -9.11 5.85 -0.05
N MET A 112 -7.84 5.57 0.18
CA MET A 112 -6.79 6.03 -0.71
C MET A 112 -6.68 5.08 -1.90
N VAL A 113 -7.29 5.48 -3.00
CA VAL A 113 -7.38 4.65 -4.17
C VAL A 113 -6.12 4.72 -5.01
N ALA A 114 -5.61 3.56 -5.37
CA ALA A 114 -4.45 3.46 -6.25
C ALA A 114 -4.91 3.45 -7.69
N LYS A 115 -5.02 4.64 -8.27
CA LYS A 115 -5.57 4.79 -9.61
C LYS A 115 -4.57 4.35 -10.66
N GLY A 116 -5.10 4.01 -11.83
CA GLY A 116 -4.26 3.65 -12.95
C GLY A 116 -3.75 4.88 -13.68
N GLU A 117 -3.83 6.03 -13.01
CA GLU A 117 -3.35 7.27 -13.58
C GLU A 117 -2.02 7.66 -12.96
N GLY A 118 -1.47 6.73 -12.20
CA GLY A 118 -0.15 6.91 -11.60
C GLY A 118 -0.19 7.62 -10.26
N GLY A 119 -1.37 7.79 -9.70
CA GLY A 119 -1.50 8.54 -8.47
C GLY A 119 -2.48 7.92 -7.50
N PHE A 120 -2.48 8.45 -6.29
CA PHE A 120 -3.31 7.94 -5.21
C PHE A 120 -4.24 9.03 -4.70
N ASP A 121 -5.54 8.77 -4.72
CA ASP A 121 -6.50 9.79 -4.32
C ASP A 121 -7.39 9.30 -3.19
N PRO A 122 -7.87 10.20 -2.34
CA PRO A 122 -8.81 9.84 -1.30
C PRO A 122 -10.26 9.86 -1.80
N VAL A 123 -10.92 8.73 -1.65
CA VAL A 123 -12.31 8.61 -2.04
C VAL A 123 -13.18 8.50 -0.79
N GLU A 124 -14.27 9.27 -0.75
CA GLU A 124 -15.18 9.22 0.37
C GLU A 124 -15.99 7.93 0.33
N VAL A 125 -15.86 7.12 1.36
CA VAL A 125 -16.55 5.84 1.41
C VAL A 125 -17.34 5.68 2.69
N LYS A 126 -18.31 4.79 2.65
CA LYS A 126 -19.07 4.44 3.82
C LYS A 126 -18.61 3.09 4.33
N ALA A 127 -18.29 3.03 5.60
CA ALA A 127 -17.73 1.82 6.17
C ALA A 127 -18.28 1.54 7.55
N GLY A 128 -19.15 0.55 7.69
CA GLY A 128 -19.43 0.07 9.02
C GLY A 128 -19.90 -1.36 9.10
N ALA A 129 -19.00 -2.30 8.84
CA ALA A 129 -19.03 -3.61 9.42
C ALA A 129 -17.59 -4.11 9.52
N THR A 130 -17.32 -5.13 10.32
CA THR A 130 -15.97 -5.69 10.37
C THR A 130 -16.04 -7.20 10.46
N ALA A 131 -15.30 -7.88 9.59
CA ALA A 131 -15.31 -9.33 9.58
C ALA A 131 -13.92 -9.91 9.37
N GLY A 132 -13.44 -10.65 10.36
CA GLY A 132 -12.19 -11.38 10.24
C GLY A 132 -11.00 -10.46 10.05
N GLY A 133 -10.98 -9.35 10.75
CA GLY A 133 -9.88 -8.41 10.64
C GLY A 133 -9.91 -7.62 9.36
N GLN A 134 -11.05 -7.66 8.67
CA GLN A 134 -11.24 -6.87 7.46
C GLN A 134 -12.45 -5.99 7.65
N SER A 135 -12.60 -4.97 6.83
CA SER A 135 -13.69 -4.05 7.00
C SER A 135 -14.67 -4.10 5.84
N GLU A 136 -15.92 -3.82 6.15
CA GLU A 136 -16.96 -3.76 5.14
C GLU A 136 -17.16 -2.33 4.64
N ILE A 137 -16.95 -2.15 3.36
CA ILE A 137 -17.29 -0.91 2.68
C ILE A 137 -18.70 -1.00 2.14
N LEU A 138 -19.56 -0.21 2.73
CA LEU A 138 -20.97 -0.18 2.37
C LEU A 138 -21.15 0.56 1.06
N GLU A 139 -20.58 1.75 1.00
CA GLU A 139 -20.71 2.61 -0.16
C GLU A 139 -19.42 3.36 -0.43
N GLY A 140 -19.34 4.00 -1.59
CA GLY A 140 -18.22 4.86 -1.87
C GLY A 140 -17.40 4.39 -3.06
N LEU A 141 -16.67 3.30 -2.88
CA LEU A 141 -15.75 2.86 -3.89
C LEU A 141 -16.26 1.59 -4.57
N LYS A 142 -15.58 1.15 -5.62
CA LYS A 142 -16.06 0.05 -6.44
C LYS A 142 -15.05 -1.08 -6.51
N ALA A 143 -15.57 -2.27 -6.75
CA ALA A 143 -14.78 -3.47 -6.93
C ALA A 143 -13.95 -3.36 -8.18
N GLY A 144 -12.69 -3.73 -8.09
CA GLY A 144 -11.79 -3.56 -9.20
C GLY A 144 -10.93 -2.34 -9.03
N GLN A 145 -11.15 -1.60 -7.95
CA GLN A 145 -10.32 -0.46 -7.64
C GLN A 145 -9.37 -0.84 -6.52
N GLN A 146 -8.22 -0.20 -6.48
CA GLN A 146 -7.21 -0.53 -5.49
C GLN A 146 -7.18 0.51 -4.38
N VAL A 147 -6.79 0.07 -3.19
CA VAL A 147 -6.59 0.95 -2.06
C VAL A 147 -5.30 0.56 -1.35
N VAL A 148 -4.60 1.54 -0.79
CA VAL A 148 -3.32 1.27 -0.13
C VAL A 148 -3.54 0.56 1.20
N VAL A 149 -2.85 -0.56 1.38
CA VAL A 149 -3.05 -1.41 2.55
C VAL A 149 -1.71 -1.78 3.18
N SER A 150 -0.66 -1.08 2.75
CA SER A 150 0.73 -1.37 3.15
C SER A 150 0.83 -1.83 4.60
N GLY A 151 1.08 -3.12 4.77
CA GLY A 151 1.11 -3.72 6.08
C GLY A 151 0.08 -4.83 6.20
N GLN A 152 -1.19 -4.42 6.30
CA GLN A 152 -2.35 -5.33 6.41
C GLN A 152 -2.04 -6.54 7.29
N PHE A 153 -1.65 -6.28 8.53
CA PHE A 153 -1.25 -7.35 9.42
C PHE A 153 -2.16 -7.41 10.65
N LEU A 154 -2.58 -8.61 10.98
CA LEU A 154 -3.50 -8.83 12.10
C LEU A 154 -2.73 -8.99 13.41
N ILE A 155 -3.41 -9.48 14.44
CA ILE A 155 -2.80 -9.69 15.74
C ILE A 155 -1.93 -10.94 15.78
N ASP A 156 -1.64 -11.45 16.97
CA ASP A 156 -0.76 -12.60 17.15
C ASP A 156 -1.24 -13.83 16.36
N SER A 157 -2.53 -13.89 16.04
CA SER A 157 -3.07 -15.00 15.26
C SER A 157 -2.30 -15.15 13.95
N GLU A 158 -2.14 -14.03 13.26
CA GLU A 158 -1.42 -14.01 11.99
C GLU A 158 0.02 -14.45 12.20
N ALA A 159 0.54 -14.20 13.38
CA ALA A 159 1.93 -14.47 13.67
C ALA A 159 2.16 -15.92 14.04
N SER A 160 1.13 -16.55 14.57
CA SER A 160 1.18 -17.97 14.86
C SER A 160 1.07 -18.76 13.57
N LEU A 161 0.34 -18.19 12.61
CA LEU A 161 0.08 -18.86 11.36
C LEU A 161 1.17 -18.62 10.32
N ARG A 162 1.82 -17.46 10.37
CA ARG A 162 2.86 -17.13 9.42
C ARG A 162 4.17 -17.79 9.79
N GLY A 163 4.80 -18.41 8.80
CA GLY A 163 6.07 -19.05 9.04
C GLY A 163 7.20 -18.32 8.35
N THR A 164 7.57 -17.17 8.91
CA THR A 164 8.61 -16.30 8.36
C THR A 164 8.42 -16.07 6.87
N VAL A 165 7.52 -15.14 6.53
CA VAL A 165 7.17 -14.86 5.14
C VAL A 165 6.50 -16.09 4.53
N ALA A 166 5.21 -16.22 4.80
CA ALA A 166 4.43 -17.36 4.34
C ALA A 166 4.46 -17.46 2.81
N ARG A 167 4.66 -18.69 2.33
CA ARG A 167 4.79 -18.93 0.89
C ARG A 167 3.44 -18.76 0.18
N MET A 168 2.40 -18.61 0.99
CA MET A 168 1.05 -18.39 0.47
C MET A 168 0.72 -16.91 0.53
N GLN A 169 0.20 -16.39 -0.57
CA GLN A 169 -0.13 -14.97 -0.67
C GLN A 169 -1.53 -14.71 -0.12
N GLU A 170 -2.31 -13.89 -0.80
CA GLU A 170 -3.65 -13.56 -0.34
C GLU A 170 -4.66 -14.66 -0.70
N THR A 171 -4.29 -15.89 -0.41
CA THR A 171 -5.17 -17.02 -0.63
C THR A 171 -5.98 -17.32 0.64
N THR A 172 -6.44 -16.24 1.26
CA THR A 172 -7.18 -16.33 2.51
C THR A 172 -8.62 -15.85 2.29
N SER A 173 -9.40 -15.87 3.36
CA SER A 173 -10.81 -15.46 3.32
C SER A 173 -11.64 -16.46 2.51
N GLY A 174 -12.02 -17.56 3.13
CA GLY A 174 -12.93 -18.49 2.50
C GLY A 174 -14.37 -18.09 2.75
N LEU A 175 -14.55 -17.20 3.73
CA LEU A 175 -15.86 -16.70 4.12
C LEU A 175 -16.69 -17.80 4.78
N GLU A 176 -16.42 -18.06 6.04
CA GLU A 176 -17.17 -19.05 6.79
C GLU A 176 -18.28 -18.35 7.58
N VAL A 177 -18.82 -19.03 8.60
CA VAL A 177 -19.82 -18.41 9.47
C VAL A 177 -19.11 -17.54 10.51
N LEU A 178 -17.86 -17.88 10.79
CA LEU A 178 -17.02 -17.17 11.74
C LEU A 178 -17.54 -17.32 13.17
N PHE A 179 -18.50 -16.47 13.54
CA PHE A 179 -19.10 -16.53 14.86
C PHE A 179 -20.29 -15.58 14.93
N GLN A 180 -21.39 -15.98 14.33
CA GLN A 180 -22.62 -15.21 14.38
C GLN A 180 -23.83 -16.10 14.13
N MET A 1 -25.75 46.95 29.56
CA MET A 1 -24.31 47.14 29.87
C MET A 1 -23.50 47.39 28.60
N GLY A 2 -24.19 47.77 27.52
CA GLY A 2 -23.52 47.97 26.26
C GLY A 2 -23.08 46.66 25.65
N SER A 3 -21.84 46.26 25.97
CA SER A 3 -21.22 45.04 25.47
C SER A 3 -21.40 44.88 23.96
N ALA A 4 -22.41 44.14 23.56
CA ALA A 4 -22.71 43.90 22.16
C ALA A 4 -24.10 43.34 22.00
N THR A 5 -24.72 43.63 20.88
CA THR A 5 -26.04 43.10 20.56
C THR A 5 -25.94 42.04 19.46
N VAL A 6 -25.02 42.25 18.53
CA VAL A 6 -24.85 41.35 17.39
C VAL A 6 -23.37 41.03 17.14
N ASN A 7 -22.56 41.06 18.19
CA ASN A 7 -21.14 40.74 18.07
C ASN A 7 -20.74 39.63 19.02
N GLY A 8 -20.73 39.94 20.31
CA GLY A 8 -20.32 38.99 21.31
C GLY A 8 -19.51 39.65 22.40
N PRO A 9 -18.98 38.87 23.35
CA PRO A 9 -18.17 39.41 24.45
C PRO A 9 -16.88 40.05 23.94
N HIS A 10 -15.93 39.21 23.51
CA HIS A 10 -14.66 39.67 22.99
C HIS A 10 -13.91 38.49 22.40
N ASP A 11 -13.28 38.70 21.24
CA ASP A 11 -12.57 37.63 20.57
C ASP A 11 -11.11 37.61 20.99
N GLY A 12 -10.29 36.89 20.22
CA GLY A 12 -8.88 36.84 20.49
C GLY A 12 -8.12 36.23 19.34
N HIS A 13 -6.81 36.22 19.43
CA HIS A 13 -5.98 35.63 18.39
C HIS A 13 -5.04 34.60 19.01
N ASP A 14 -5.29 34.28 20.27
CA ASP A 14 -4.50 33.28 20.97
C ASP A 14 -5.40 32.25 21.66
N PRO A 15 -5.94 31.29 20.89
CA PRO A 15 -6.77 30.24 21.45
C PRO A 15 -5.94 29.12 22.07
N ALA A 16 -6.60 28.08 22.56
CA ALA A 16 -5.93 26.92 23.11
C ALA A 16 -6.13 25.72 22.21
N ALA A 17 -5.91 25.92 20.92
CA ALA A 17 -6.10 24.86 19.93
C ALA A 17 -4.82 24.10 19.70
N GLY A 18 -4.87 22.79 19.90
CA GLY A 18 -3.66 21.97 19.77
C GLY A 18 -3.42 21.51 18.35
N ALA A 19 -3.80 22.33 17.38
CA ALA A 19 -3.58 22.03 15.98
C ALA A 19 -2.89 23.20 15.30
N GLU A 20 -2.61 24.22 16.09
CA GLU A 20 -1.95 25.43 15.62
C GLU A 20 -0.47 25.15 15.45
N LEU A 21 -0.16 24.40 14.40
CA LEU A 21 1.20 23.95 14.09
C LEU A 21 1.63 22.80 14.97
N LYS A 22 1.00 22.67 16.13
CA LYS A 22 1.23 21.54 17.01
C LYS A 22 0.49 20.31 16.51
N THR A 23 0.83 19.90 15.30
CA THR A 23 0.15 18.81 14.61
C THR A 23 -1.27 19.23 14.26
N GLY A 24 -1.40 19.93 13.13
CA GLY A 24 -2.69 20.44 12.72
C GLY A 24 -2.64 21.01 11.33
N LYS A 25 -1.67 21.86 11.12
CA LYS A 25 -1.60 22.61 9.88
C LYS A 25 -0.16 22.67 9.40
N ARG A 26 0.31 21.51 9.00
CA ARG A 26 1.66 21.34 8.53
C ARG A 26 1.65 20.50 7.25
N ILE A 27 2.49 20.88 6.30
CA ILE A 27 2.43 20.35 4.93
C ILE A 27 2.48 18.86 4.86
N LEU A 28 1.53 18.36 4.11
CA LEU A 28 1.41 16.98 3.85
C LEU A 28 2.17 16.57 2.59
N TYR A 29 2.28 17.54 1.67
CA TYR A 29 2.91 17.39 0.36
C TYR A 29 2.35 18.47 -0.55
N TRP A 30 2.69 18.41 -1.83
CA TRP A 30 2.29 19.43 -2.79
C TRP A 30 1.39 18.83 -3.86
N ARG A 31 0.40 19.60 -4.28
CA ARG A 31 -0.57 19.13 -5.26
C ARG A 31 -1.06 20.28 -6.11
N ASP A 32 -1.52 19.98 -7.31
CA ASP A 32 -2.13 21.00 -8.14
C ASP A 32 -3.64 20.98 -7.91
N PRO A 33 -4.27 22.15 -7.78
CA PRO A 33 -5.71 22.24 -7.60
C PRO A 33 -6.49 21.66 -8.79
N MET A 34 -5.80 21.44 -9.90
CA MET A 34 -6.40 20.81 -11.07
C MET A 34 -6.06 19.33 -11.14
N VAL A 35 -5.33 18.84 -10.15
CA VAL A 35 -4.99 17.41 -10.09
C VAL A 35 -5.34 16.76 -8.73
N PRO A 36 -6.51 17.12 -8.13
CA PRO A 36 -6.85 16.70 -6.76
C PRO A 36 -6.74 15.20 -6.56
N GLY A 37 -5.79 14.80 -5.73
CA GLY A 37 -5.55 13.39 -5.48
C GLY A 37 -4.12 13.01 -5.73
N GLN A 38 -3.53 13.64 -6.74
CA GLN A 38 -2.14 13.42 -7.11
C GLN A 38 -1.20 13.85 -5.99
N ARG A 39 -0.71 12.86 -5.27
CA ARG A 39 0.21 13.08 -4.16
C ARG A 39 1.62 13.26 -4.69
N PHE A 40 2.09 14.50 -4.72
CA PHE A 40 3.48 14.75 -5.08
C PHE A 40 4.32 14.67 -3.84
N ASP A 41 5.41 13.96 -3.96
CA ASP A 41 6.26 13.65 -2.82
C ASP A 41 6.85 14.91 -2.23
N LYS A 42 7.14 15.86 -3.10
CA LYS A 42 7.73 17.12 -2.67
C LYS A 42 7.29 18.26 -3.57
N PRO A 43 7.44 19.51 -3.12
CA PRO A 43 7.13 20.72 -3.92
C PRO A 43 7.78 20.72 -5.31
N GLY A 44 7.39 21.69 -6.13
CA GLY A 44 7.96 21.81 -7.46
C GLY A 44 6.95 22.27 -8.49
N LYS A 45 7.30 22.14 -9.76
CA LYS A 45 6.40 22.49 -10.86
C LYS A 45 5.59 21.26 -11.26
N SER A 46 4.34 21.48 -11.63
CA SER A 46 3.45 20.40 -11.99
C SER A 46 3.86 19.78 -13.34
N PRO A 47 3.67 18.47 -13.50
CA PRO A 47 3.95 17.79 -14.76
C PRO A 47 2.81 17.96 -15.76
N TYR A 48 1.65 18.29 -15.20
CA TYR A 48 0.43 18.44 -15.97
C TYR A 48 0.36 19.85 -16.56
N MET A 49 0.79 20.82 -15.77
CA MET A 49 0.80 22.22 -16.18
C MET A 49 2.09 22.88 -15.77
N ASP A 50 2.53 23.89 -16.50
CA ASP A 50 3.73 24.62 -16.10
C ASP A 50 3.43 25.62 -14.99
N MET A 51 2.84 25.12 -13.93
CA MET A 51 2.60 25.92 -12.75
C MET A 51 3.15 25.22 -11.53
N PRO A 52 3.64 25.99 -10.55
CA PRO A 52 4.15 25.44 -9.30
C PRO A 52 3.01 24.86 -8.49
N LEU A 53 3.21 23.66 -7.97
CA LEU A 53 2.16 22.99 -7.22
C LEU A 53 1.75 23.80 -6.00
N ILE A 54 0.55 23.58 -5.53
CA ILE A 54 0.01 24.38 -4.46
C ILE A 54 0.19 23.68 -3.13
N PRO A 55 0.71 24.41 -2.15
CA PRO A 55 0.88 23.89 -0.81
C PRO A 55 -0.37 24.01 0.05
N VAL A 56 -0.44 23.14 1.05
CA VAL A 56 -1.55 23.09 1.98
C VAL A 56 -1.34 24.07 3.14
N TYR A 57 -2.45 24.37 3.78
CA TYR A 57 -2.62 25.32 4.90
C TYR A 57 -1.38 26.14 5.28
N GLU A 58 -0.38 25.51 5.88
CA GLU A 58 0.76 26.24 6.43
C GLU A 58 1.55 26.92 5.34
N GLU A 59 1.66 26.17 4.25
CA GLU A 59 2.33 26.55 3.00
C GLU A 59 3.61 27.32 3.20
N GLU A 60 4.38 26.85 4.16
CA GLU A 60 5.65 27.48 4.55
C GLU A 60 6.31 26.76 5.70
N ASN A 61 6.61 25.50 5.49
CA ASN A 61 7.48 24.76 6.40
C ASN A 61 7.86 23.38 5.84
N ALA A 62 7.02 22.37 6.07
CA ALA A 62 7.30 21.01 5.65
C ALA A 62 8.67 20.57 6.02
N ASP A 63 8.75 20.15 7.25
CA ASP A 63 9.98 19.67 7.82
C ASP A 63 11.12 20.64 7.58
N GLY A 64 10.85 21.91 7.78
CA GLY A 64 11.82 22.95 7.55
C GLY A 64 13.11 22.73 8.33
N ALA A 65 12.97 22.60 9.63
CA ALA A 65 14.12 22.46 10.52
C ALA A 65 13.68 22.13 11.94
N ALA A 66 12.37 22.03 12.13
CA ALA A 66 11.81 21.72 13.43
C ALA A 66 10.84 20.56 13.29
N VAL A 67 9.94 20.69 12.32
CA VAL A 67 9.04 19.60 11.97
C VAL A 67 9.85 18.46 11.42
N ARG A 68 11.00 18.82 10.84
CA ARG A 68 11.91 17.91 10.21
C ARG A 68 12.18 16.68 11.05
N ILE A 69 11.70 15.57 10.55
CA ILE A 69 11.88 14.29 11.22
C ILE A 69 13.03 13.54 10.60
N ASP A 70 13.70 12.75 11.40
CA ASP A 70 14.87 12.02 10.94
C ASP A 70 14.46 10.70 10.31
N GLY A 71 13.60 10.82 9.31
CA GLY A 71 13.11 9.69 8.56
C GLY A 71 12.61 8.57 9.44
N ARG A 72 11.81 8.93 10.43
CA ARG A 72 11.16 7.94 11.28
C ARG A 72 10.28 7.03 10.43
N VAL A 73 10.54 5.74 10.52
CA VAL A 73 9.86 4.77 9.68
C VAL A 73 9.06 3.81 10.52
N THR A 74 7.82 3.64 10.16
CA THR A 74 6.90 2.80 10.88
C THR A 74 6.85 1.39 10.28
N GLN A 75 8.04 0.85 10.04
CA GLN A 75 8.22 -0.52 9.55
C GLN A 75 7.42 -0.78 8.27
N ASN A 76 7.95 -0.33 7.13
CA ASN A 76 7.29 -0.53 5.85
C ASN A 76 8.29 -0.85 4.77
N LEU A 77 8.11 -1.98 4.12
CA LEU A 77 8.92 -2.31 2.95
C LEU A 77 8.34 -1.61 1.75
N GLY A 78 7.04 -1.73 1.62
CA GLY A 78 6.30 -1.09 0.55
C GLY A 78 4.85 -1.43 0.69
N VAL A 79 4.60 -2.70 0.99
CA VAL A 79 3.24 -3.20 1.24
C VAL A 79 2.38 -3.14 -0.04
N ARG A 80 1.27 -3.86 -0.04
CA ARG A 80 0.45 -4.05 -1.23
C ARG A 80 -0.81 -3.18 -1.23
N THR A 81 -1.50 -3.19 -2.35
CA THR A 81 -2.80 -2.61 -2.50
C THR A 81 -3.82 -3.74 -2.58
N ALA A 82 -4.95 -3.58 -1.92
CA ALA A 82 -5.94 -4.61 -1.91
C ALA A 82 -7.12 -4.20 -2.77
N GLU A 83 -7.51 -5.07 -3.69
CA GLU A 83 -8.58 -4.78 -4.62
C GLU A 83 -9.93 -5.04 -3.99
N VAL A 84 -10.88 -4.16 -4.28
CA VAL A 84 -12.22 -4.25 -3.74
C VAL A 84 -12.94 -5.49 -4.19
N LYS A 85 -13.52 -6.17 -3.21
CA LYS A 85 -14.21 -7.43 -3.44
C LYS A 85 -15.50 -7.43 -2.63
N LEU A 86 -16.47 -8.18 -3.09
CA LEU A 86 -17.65 -8.45 -2.27
C LEU A 86 -17.36 -9.62 -1.33
N GLY A 87 -18.02 -9.64 -0.19
CA GLY A 87 -17.84 -10.69 0.78
C GLY A 87 -18.71 -10.50 1.99
N ARG A 88 -19.94 -10.12 1.73
CA ARG A 88 -20.91 -9.76 2.76
C ARG A 88 -21.27 -10.93 3.68
N LEU A 89 -22.16 -10.67 4.61
CA LEU A 89 -22.77 -11.69 5.44
C LEU A 89 -24.26 -11.38 5.62
N GLY A 90 -25.10 -12.23 5.04
CA GLY A 90 -26.54 -12.09 5.17
C GLY A 90 -27.18 -11.79 3.83
N SER A 91 -28.27 -11.03 3.83
CA SER A 91 -28.84 -10.55 2.59
C SER A 91 -28.44 -9.10 2.37
N THR A 92 -27.20 -8.93 1.98
CA THR A 92 -26.60 -7.63 1.72
C THR A 92 -25.46 -7.82 0.76
N GLU A 93 -24.93 -6.76 0.21
CA GLU A 93 -23.65 -6.86 -0.49
C GLU A 93 -22.78 -5.66 -0.18
N ARG A 94 -21.61 -5.95 0.35
CA ARG A 94 -20.68 -4.91 0.75
C ARG A 94 -19.29 -5.19 0.21
N LEU A 95 -18.52 -4.14 0.09
CA LEU A 95 -17.15 -4.19 -0.40
C LEU A 95 -16.19 -4.46 0.75
N LEU A 96 -15.53 -5.61 0.71
CA LEU A 96 -14.60 -5.99 1.77
C LEU A 96 -13.20 -5.47 1.49
N VAL A 97 -12.62 -4.84 2.49
CA VAL A 97 -11.28 -4.25 2.38
C VAL A 97 -10.55 -4.41 3.71
N PRO A 98 -9.21 -4.46 3.69
CA PRO A 98 -8.41 -4.43 4.91
C PRO A 98 -8.74 -3.19 5.73
N SER A 99 -9.15 -3.41 6.96
CA SER A 99 -9.82 -2.38 7.77
C SER A 99 -8.93 -1.18 8.04
N GLU A 100 -7.61 -1.36 7.97
CA GLU A 100 -6.68 -0.28 8.23
C GLU A 100 -6.33 0.46 6.95
N ALA A 101 -6.81 0.00 5.81
CA ALA A 101 -6.51 0.67 4.55
C ALA A 101 -7.27 1.99 4.45
N LEU A 102 -8.51 1.94 4.89
CA LEU A 102 -9.39 3.09 4.79
C LEU A 102 -9.10 4.11 5.88
N ILE A 103 -9.53 5.35 5.67
CA ILE A 103 -9.35 6.40 6.67
C ILE A 103 -10.69 6.89 7.14
N ARG A 104 -11.11 6.50 8.32
CA ARG A 104 -12.33 7.07 8.85
C ARG A 104 -12.07 7.91 10.07
N THR A 105 -11.94 9.19 9.81
CA THR A 105 -11.76 10.18 10.84
C THR A 105 -13.07 10.93 11.05
N GLY A 106 -13.44 11.15 12.30
CA GLY A 106 -14.67 11.83 12.58
C GLY A 106 -15.88 10.95 12.32
N ALA A 107 -16.68 11.31 11.32
CA ALA A 107 -17.91 10.60 11.04
C ALA A 107 -17.98 10.03 9.63
N ARG A 108 -16.83 9.71 9.04
CA ARG A 108 -16.81 9.16 7.69
C ARG A 108 -15.45 8.64 7.28
N THR A 109 -15.41 7.96 6.15
CA THR A 109 -14.24 7.22 5.73
C THR A 109 -13.72 7.69 4.37
N ILE A 110 -12.44 7.47 4.14
CA ILE A 110 -11.78 7.83 2.90
C ILE A 110 -11.01 6.62 2.37
N ALA A 111 -10.88 6.52 1.06
CA ALA A 111 -10.11 5.47 0.42
C ALA A 111 -9.20 6.04 -0.65
N MET A 112 -7.93 5.74 -0.59
CA MET A 112 -7.00 6.16 -1.63
C MET A 112 -6.87 5.04 -2.66
N VAL A 113 -7.61 5.20 -3.76
CA VAL A 113 -7.68 4.19 -4.80
C VAL A 113 -6.42 4.22 -5.67
N ALA A 114 -5.93 3.04 -6.02
CA ALA A 114 -4.69 2.93 -6.77
C ALA A 114 -4.91 3.24 -8.25
N LYS A 115 -4.71 4.50 -8.60
CA LYS A 115 -4.74 4.92 -9.99
C LYS A 115 -3.47 4.52 -10.72
N GLY A 116 -3.42 4.83 -12.00
CA GLY A 116 -2.20 4.66 -12.76
C GLY A 116 -1.71 5.98 -13.31
N GLU A 117 -2.07 7.05 -12.61
CA GLU A 117 -1.74 8.39 -13.05
C GLU A 117 -0.60 9.00 -12.25
N GLY A 118 0.09 8.16 -11.49
CA GLY A 118 1.24 8.62 -10.72
C GLY A 118 0.90 8.97 -9.28
N GLY A 119 -0.25 8.49 -8.82
CA GLY A 119 -0.67 8.76 -7.46
C GLY A 119 -2.01 8.13 -7.19
N PHE A 120 -2.45 8.18 -5.94
CA PHE A 120 -3.75 7.63 -5.58
C PHE A 120 -4.84 8.66 -5.77
N ASP A 121 -6.06 8.28 -5.41
CA ASP A 121 -7.18 9.20 -5.40
C ASP A 121 -8.04 8.94 -4.19
N PRO A 122 -8.19 9.95 -3.34
CA PRO A 122 -8.91 9.85 -2.09
C PRO A 122 -10.41 10.01 -2.26
N VAL A 123 -11.13 8.92 -2.08
CA VAL A 123 -12.56 8.89 -2.22
C VAL A 123 -13.22 8.85 -0.85
N GLU A 124 -14.32 9.58 -0.69
CA GLU A 124 -15.10 9.48 0.52
C GLU A 124 -16.01 8.27 0.45
N VAL A 125 -15.73 7.29 1.28
CA VAL A 125 -16.48 6.04 1.29
C VAL A 125 -17.19 5.83 2.61
N LYS A 126 -18.16 4.93 2.60
CA LYS A 126 -18.83 4.54 3.81
C LYS A 126 -18.28 3.22 4.29
N ALA A 127 -17.99 3.13 5.56
CA ALA A 127 -17.42 1.92 6.13
C ALA A 127 -18.01 1.61 7.48
N GLY A 128 -18.91 0.64 7.55
CA GLY A 128 -19.31 0.18 8.86
C GLY A 128 -19.80 -1.25 8.87
N ALA A 129 -18.88 -2.16 8.66
CA ALA A 129 -18.97 -3.52 9.15
C ALA A 129 -17.55 -4.02 9.39
N THR A 130 -17.38 -5.10 10.13
CA THR A 130 -16.05 -5.68 10.28
C THR A 130 -16.12 -7.19 10.33
N ALA A 131 -15.28 -7.81 9.51
CA ALA A 131 -15.25 -9.26 9.41
C ALA A 131 -13.84 -9.74 9.12
N GLY A 132 -13.30 -10.57 10.01
CA GLY A 132 -11.98 -11.14 9.81
C GLY A 132 -10.88 -10.10 9.77
N GLY A 133 -11.03 -9.06 10.59
CA GLY A 133 -10.03 -8.00 10.63
C GLY A 133 -10.12 -7.08 9.43
N GLN A 134 -11.20 -7.18 8.68
CA GLN A 134 -11.40 -6.36 7.50
C GLN A 134 -12.67 -5.55 7.65
N SER A 135 -12.78 -4.46 6.90
CA SER A 135 -13.94 -3.60 6.99
C SER A 135 -14.84 -3.83 5.80
N GLU A 136 -16.10 -3.48 5.96
CA GLU A 136 -17.03 -3.51 4.85
C GLU A 136 -17.34 -2.09 4.40
N ILE A 137 -16.94 -1.78 3.18
CA ILE A 137 -17.23 -0.51 2.57
C ILE A 137 -18.64 -0.54 2.01
N LEU A 138 -19.53 0.12 2.72
CA LEU A 138 -20.94 0.16 2.37
C LEU A 138 -21.16 0.97 1.11
N GLU A 139 -20.50 2.12 1.03
CA GLU A 139 -20.69 3.04 -0.08
C GLU A 139 -19.37 3.65 -0.52
N GLY A 140 -19.31 4.13 -1.76
CA GLY A 140 -18.19 4.94 -2.17
C GLY A 140 -17.36 4.33 -3.29
N LEU A 141 -16.91 3.10 -3.11
CA LEU A 141 -16.00 2.48 -4.07
C LEU A 141 -16.68 1.39 -4.90
N LYS A 142 -15.86 0.65 -5.66
CA LYS A 142 -16.36 -0.42 -6.52
C LYS A 142 -15.39 -1.57 -6.58
N ALA A 143 -15.93 -2.76 -6.79
CA ALA A 143 -15.15 -3.97 -6.91
C ALA A 143 -14.33 -3.94 -8.18
N GLY A 144 -13.07 -4.29 -8.06
CA GLY A 144 -12.17 -4.17 -9.19
C GLY A 144 -11.30 -2.94 -9.08
N GLN A 145 -11.51 -2.16 -8.03
CA GLN A 145 -10.66 -1.02 -7.76
C GLN A 145 -9.71 -1.35 -6.62
N GLN A 146 -8.51 -0.88 -6.68
CA GLN A 146 -7.54 -1.13 -5.63
C GLN A 146 -7.54 -0.03 -4.58
N VAL A 147 -7.11 -0.35 -3.38
CA VAL A 147 -6.92 0.63 -2.32
C VAL A 147 -5.56 0.42 -1.70
N VAL A 148 -4.90 1.51 -1.34
CA VAL A 148 -3.58 1.41 -0.75
C VAL A 148 -3.66 0.98 0.71
N VAL A 149 -3.33 -0.28 0.94
CA VAL A 149 -3.30 -0.81 2.29
C VAL A 149 -1.88 -0.67 2.82
N SER A 150 -0.97 -0.42 1.89
CA SER A 150 0.35 0.10 2.20
C SER A 150 0.27 1.43 2.95
N GLY A 151 1.36 1.81 3.58
CA GLY A 151 1.47 3.14 4.14
C GLY A 151 1.83 4.15 3.07
N GLN A 152 0.94 4.32 2.10
CA GLN A 152 1.14 5.23 0.96
C GLN A 152 2.29 4.73 0.07
N PHE A 153 1.96 3.89 -0.91
CA PHE A 153 2.98 3.30 -1.77
C PHE A 153 2.45 2.96 -3.16
N LEU A 154 2.58 3.90 -4.08
CA LEU A 154 2.42 3.61 -5.50
C LEU A 154 3.76 3.87 -6.17
N ILE A 155 4.19 5.12 -6.11
CA ILE A 155 5.55 5.51 -6.49
C ILE A 155 6.17 6.18 -5.28
N ASP A 156 5.40 6.13 -4.20
CA ASP A 156 5.65 6.83 -2.96
C ASP A 156 6.63 6.07 -2.06
N SER A 157 7.60 5.42 -2.70
CA SER A 157 8.52 4.51 -2.02
C SER A 157 9.15 5.10 -0.75
N GLU A 158 9.68 6.32 -0.84
CA GLU A 158 10.30 6.93 0.32
C GLU A 158 9.25 7.38 1.32
N ALA A 159 8.06 7.65 0.79
CA ALA A 159 6.94 8.18 1.57
C ALA A 159 6.30 7.08 2.42
N SER A 160 6.52 5.84 2.02
CA SER A 160 6.10 4.70 2.82
C SER A 160 6.97 4.62 4.08
N LEU A 161 8.20 5.10 3.93
CA LEU A 161 9.17 5.14 5.01
C LEU A 161 8.99 6.44 5.80
N ARG A 162 8.80 7.51 5.07
CA ARG A 162 8.55 8.83 5.58
C ARG A 162 7.40 8.86 6.58
N GLY A 163 7.67 9.45 7.73
CA GLY A 163 6.63 9.69 8.70
C GLY A 163 6.48 11.17 8.95
N THR A 164 6.74 11.95 7.90
CA THR A 164 6.73 13.40 7.99
C THR A 164 5.30 13.93 8.14
N VAL A 165 5.10 14.74 9.18
CA VAL A 165 3.81 15.38 9.43
C VAL A 165 2.68 14.35 9.49
N ALA A 166 2.53 13.73 10.65
CA ALA A 166 1.48 12.75 10.85
C ALA A 166 0.13 13.44 11.01
N ARG A 167 -0.80 13.06 10.15
CA ARG A 167 -2.18 13.55 10.22
C ARG A 167 -2.79 13.09 11.53
N MET A 168 -2.47 11.88 11.88
CA MET A 168 -3.02 11.23 13.06
C MET A 168 -1.94 10.44 13.79
N GLN A 169 -2.18 10.16 15.06
CA GLN A 169 -1.25 9.38 15.86
C GLN A 169 -1.42 7.90 15.57
N GLU A 170 -0.79 7.42 14.50
CA GLU A 170 -0.68 5.99 14.19
C GLU A 170 -2.01 5.25 14.35
N THR A 171 -2.84 5.26 13.31
CA THR A 171 -4.14 4.60 13.39
C THR A 171 -4.03 3.09 13.20
N THR A 172 -2.87 2.60 12.79
CA THR A 172 -2.69 1.18 12.55
C THR A 172 -2.26 0.46 13.82
N SER A 173 -2.71 -0.78 13.94
CA SER A 173 -2.46 -1.59 15.12
C SER A 173 -2.80 -3.06 14.88
N GLY A 174 -2.99 -3.43 13.61
CA GLY A 174 -3.28 -4.81 13.27
C GLY A 174 -2.06 -5.69 13.39
N LEU A 175 -0.91 -5.13 13.03
CA LEU A 175 0.35 -5.85 13.14
C LEU A 175 1.09 -5.39 14.39
N GLU A 176 1.53 -6.35 15.20
CA GLU A 176 2.22 -6.01 16.43
C GLU A 176 3.13 -7.17 16.87
N VAL A 177 3.73 -7.03 18.04
CA VAL A 177 4.53 -8.10 18.60
C VAL A 177 3.63 -9.10 19.31
N LEU A 178 2.90 -8.59 20.30
CA LEU A 178 2.00 -9.41 21.11
C LEU A 178 2.80 -10.44 21.91
N PHE A 179 3.33 -10.01 23.03
CA PHE A 179 4.09 -10.88 23.92
C PHE A 179 3.16 -11.81 24.68
N GLN A 180 3.67 -12.97 25.03
CA GLN A 180 2.91 -13.96 25.78
C GLN A 180 3.74 -14.47 26.95
N MET A 1 -22.74 -22.61 3.52
CA MET A 1 -23.62 -22.92 4.66
C MET A 1 -25.08 -22.73 4.28
N GLY A 2 -25.46 -21.47 4.06
CA GLY A 2 -26.86 -21.14 3.82
C GLY A 2 -27.29 -21.40 2.40
N SER A 3 -26.99 -22.59 1.92
CA SER A 3 -27.36 -23.00 0.57
C SER A 3 -27.54 -24.51 0.54
N ALA A 4 -27.77 -25.09 1.71
CA ALA A 4 -27.82 -26.54 1.85
C ALA A 4 -29.05 -26.98 2.65
N THR A 5 -30.14 -27.21 1.95
CA THR A 5 -31.39 -27.73 2.53
C THR A 5 -31.85 -26.96 3.77
N VAL A 6 -31.63 -25.64 3.75
CA VAL A 6 -32.00 -24.76 4.86
C VAL A 6 -31.27 -25.15 6.15
N ASN A 7 -30.14 -24.53 6.38
CA ASN A 7 -29.35 -24.81 7.59
C ASN A 7 -29.81 -23.90 8.73
N GLY A 8 -30.65 -22.93 8.39
CA GLY A 8 -31.11 -21.97 9.37
C GLY A 8 -31.19 -20.59 8.77
N PRO A 9 -31.30 -19.54 9.61
CA PRO A 9 -31.43 -18.15 9.15
C PRO A 9 -30.11 -17.59 8.59
N HIS A 10 -29.09 -18.46 8.57
CA HIS A 10 -27.78 -18.13 8.02
C HIS A 10 -26.99 -17.21 8.95
N ASP A 11 -25.75 -17.60 9.21
CA ASP A 11 -24.86 -16.86 10.09
C ASP A 11 -23.42 -17.16 9.68
N GLY A 12 -22.46 -16.48 10.27
CA GLY A 12 -21.08 -16.74 9.94
C GLY A 12 -20.12 -15.71 10.51
N HIS A 13 -20.12 -15.58 11.82
CA HIS A 13 -19.17 -14.70 12.49
C HIS A 13 -18.08 -15.55 13.13
N ASP A 14 -17.39 -16.35 12.34
CA ASP A 14 -16.34 -17.21 12.88
C ASP A 14 -15.10 -16.43 13.27
N PRO A 15 -14.56 -15.54 12.40
CA PRO A 15 -13.40 -14.71 12.76
C PRO A 15 -13.69 -13.82 13.97
N ALA A 16 -13.20 -14.24 15.13
CA ALA A 16 -13.42 -13.52 16.37
C ALA A 16 -12.54 -14.08 17.49
N ALA A 17 -11.35 -13.51 17.65
CA ALA A 17 -10.48 -13.87 18.75
C ALA A 17 -10.88 -13.10 20.00
N GLY A 18 -12.15 -13.25 20.40
CA GLY A 18 -12.71 -12.49 21.49
C GLY A 18 -12.96 -11.07 21.07
N ALA A 19 -11.94 -10.25 21.21
CA ALA A 19 -12.00 -8.86 20.82
C ALA A 19 -10.82 -8.52 19.92
N GLU A 20 -9.79 -9.35 19.95
CA GLU A 20 -8.60 -9.12 19.18
C GLU A 20 -8.76 -9.63 17.76
N LEU A 21 -9.73 -9.06 17.07
CA LEU A 21 -10.07 -9.44 15.71
C LEU A 21 -10.83 -8.29 15.07
N LYS A 22 -12.02 -8.03 15.57
CA LYS A 22 -12.87 -6.94 15.09
C LYS A 22 -12.46 -5.64 15.75
N THR A 23 -11.18 -5.35 15.59
CA THR A 23 -10.52 -4.15 16.12
C THR A 23 -10.96 -3.80 17.53
N GLY A 24 -10.90 -4.78 18.41
CA GLY A 24 -11.16 -4.52 19.82
C GLY A 24 -10.00 -3.82 20.45
N LYS A 25 -8.83 -4.21 20.04
CA LYS A 25 -7.61 -3.68 20.60
C LYS A 25 -6.43 -4.04 19.72
N ARG A 26 -6.54 -3.63 18.48
CA ARG A 26 -5.51 -3.89 17.48
C ARG A 26 -5.20 -2.60 16.74
N ILE A 27 -3.90 -2.35 16.56
CA ILE A 27 -3.40 -1.07 16.05
C ILE A 27 -4.13 -0.60 14.81
N LEU A 28 -4.61 0.63 14.90
CA LEU A 28 -5.23 1.32 13.81
C LEU A 28 -4.38 2.53 13.42
N TYR A 29 -3.75 3.16 14.42
CA TYR A 29 -3.01 4.39 14.20
C TYR A 29 -2.17 4.76 15.42
N TRP A 30 -1.52 5.92 15.36
CA TRP A 30 -0.56 6.36 16.37
C TRP A 30 -0.92 7.73 16.94
N ARG A 31 -0.49 7.99 18.17
CA ARG A 31 -0.78 9.22 18.86
C ARG A 31 0.26 9.47 19.97
N ASP A 32 0.59 10.73 20.21
CA ASP A 32 1.45 11.06 21.35
C ASP A 32 0.58 11.16 22.61
N PRO A 33 1.03 10.54 23.72
CA PRO A 33 0.35 10.63 25.02
C PRO A 33 0.23 12.07 25.50
N MET A 34 1.11 12.92 24.97
CA MET A 34 1.12 14.33 25.28
C MET A 34 -0.01 15.05 24.57
N VAL A 35 -0.50 14.45 23.50
CA VAL A 35 -1.37 15.15 22.57
C VAL A 35 -2.67 14.36 22.30
N PRO A 36 -3.36 13.93 23.37
CA PRO A 36 -4.52 13.05 23.27
C PRO A 36 -5.67 13.69 22.50
N GLY A 37 -6.05 13.05 21.40
CA GLY A 37 -7.06 13.61 20.53
C GLY A 37 -6.59 13.68 19.10
N GLN A 38 -5.28 13.84 18.93
CA GLN A 38 -4.66 13.82 17.61
C GLN A 38 -4.70 12.39 17.07
N ARG A 39 -5.04 12.25 15.80
CA ARG A 39 -5.19 10.97 15.17
C ARG A 39 -4.35 10.88 13.91
N PHE A 40 -3.18 10.26 14.04
CA PHE A 40 -2.27 10.12 12.93
C PHE A 40 -2.68 8.99 12.02
N ASP A 41 -2.64 9.26 10.73
CA ASP A 41 -3.03 8.29 9.71
C ASP A 41 -2.09 7.09 9.72
N LYS A 42 -0.87 7.32 10.19
CA LYS A 42 0.16 6.30 10.14
C LYS A 42 1.33 6.69 11.06
N PRO A 43 1.97 5.65 11.64
CA PRO A 43 3.07 5.76 12.63
C PRO A 43 4.20 6.68 12.18
N GLY A 44 4.57 7.62 13.03
CA GLY A 44 5.69 8.51 12.75
C GLY A 44 6.22 9.13 14.02
N LYS A 45 6.97 10.21 13.88
CA LYS A 45 7.42 10.98 15.03
C LYS A 45 6.40 12.07 15.36
N SER A 46 6.34 12.41 16.63
CA SER A 46 5.48 13.47 17.10
C SER A 46 5.94 14.81 16.55
N PRO A 47 5.01 15.62 16.07
CA PRO A 47 5.33 16.95 15.56
C PRO A 47 5.61 17.93 16.70
N TYR A 48 5.04 17.63 17.85
CA TYR A 48 5.09 18.51 19.00
C TYR A 48 6.44 18.40 19.67
N MET A 49 6.98 17.20 19.71
CA MET A 49 8.34 17.01 20.17
C MET A 49 8.96 15.75 19.54
N ASP A 50 10.28 15.62 19.62
CA ASP A 50 11.00 14.58 18.88
C ASP A 50 11.00 13.22 19.57
N MET A 51 9.87 12.55 19.47
CA MET A 51 9.73 11.17 19.91
C MET A 51 8.83 10.45 18.94
N PRO A 52 9.12 9.20 18.61
CA PRO A 52 8.22 8.39 17.82
C PRO A 52 6.90 8.21 18.56
N LEU A 53 5.80 8.41 17.86
CA LEU A 53 4.49 8.39 18.47
C LEU A 53 4.20 7.07 19.15
N ILE A 54 3.24 7.08 20.06
CA ILE A 54 2.92 5.90 20.83
C ILE A 54 1.76 5.17 20.19
N PRO A 55 1.89 3.86 20.02
CA PRO A 55 0.86 3.06 19.41
C PRO A 55 -0.29 2.76 20.36
N VAL A 56 -1.49 2.78 19.80
CA VAL A 56 -2.73 2.60 20.55
C VAL A 56 -2.90 1.19 21.12
N TYR A 57 -3.75 1.14 22.13
CA TYR A 57 -4.10 -0.04 22.93
C TYR A 57 -3.08 -1.18 22.93
N GLU A 58 -3.16 -2.05 21.92
CA GLU A 58 -2.28 -3.22 21.84
C GLU A 58 -0.83 -2.79 22.01
N GLU A 59 -0.58 -1.63 21.41
CA GLU A 59 0.65 -0.89 21.52
C GLU A 59 1.81 -1.71 21.05
N GLU A 60 1.57 -2.41 19.97
CA GLU A 60 2.52 -3.37 19.48
C GLU A 60 2.24 -3.76 18.03
N ASN A 61 2.08 -2.69 17.26
CA ASN A 61 2.17 -2.67 15.80
C ASN A 61 1.01 -3.37 15.08
N ALA A 62 0.76 -4.60 15.46
CA ALA A 62 -0.25 -5.42 14.81
C ALA A 62 -0.59 -6.63 15.61
N ASP A 63 0.44 -7.27 16.16
CA ASP A 63 0.29 -8.57 16.77
C ASP A 63 1.65 -9.10 17.17
N GLY A 64 2.19 -8.54 18.23
CA GLY A 64 3.50 -8.94 18.70
C GLY A 64 4.61 -8.12 18.08
N ALA A 65 4.28 -7.46 16.97
CA ALA A 65 5.17 -6.49 16.32
C ALA A 65 6.35 -7.16 15.61
N ALA A 66 6.51 -8.46 15.77
CA ALA A 66 7.64 -9.15 15.17
C ALA A 66 7.20 -10.10 14.08
N VAL A 67 6.09 -10.79 14.30
CA VAL A 67 5.55 -11.70 13.30
C VAL A 67 4.36 -11.06 12.59
N ARG A 68 3.48 -10.51 13.41
CA ARG A 68 2.20 -9.93 13.00
C ARG A 68 1.39 -10.83 12.07
N ILE A 69 0.26 -10.32 11.63
CA ILE A 69 -0.60 -11.05 10.72
C ILE A 69 0.00 -11.10 9.33
N ASP A 70 -0.40 -12.11 8.58
CA ASP A 70 -0.04 -12.22 7.19
C ASP A 70 -0.85 -11.23 6.38
N GLY A 71 -2.13 -11.18 6.71
CA GLY A 71 -3.05 -10.24 6.12
C GLY A 71 -2.66 -8.81 6.34
N ARG A 72 -2.15 -8.52 7.52
CA ARG A 72 -1.76 -7.17 7.84
C ARG A 72 -0.38 -6.89 7.33
N VAL A 73 -0.31 -6.06 6.32
CA VAL A 73 0.92 -5.82 5.61
C VAL A 73 1.53 -4.49 6.01
N THR A 74 2.84 -4.48 6.15
CA THR A 74 3.56 -3.26 6.43
C THR A 74 4.90 -3.29 5.70
N GLN A 75 4.88 -3.95 4.57
CA GLN A 75 6.07 -4.12 3.77
C GLN A 75 5.92 -3.34 2.47
N ASN A 76 6.28 -2.08 2.51
CA ASN A 76 6.20 -1.24 1.33
C ASN A 76 7.25 -1.61 0.29
N LEU A 77 6.82 -2.44 -0.65
CA LEU A 77 7.66 -2.84 -1.76
C LEU A 77 7.33 -1.99 -2.97
N GLY A 78 6.22 -1.28 -2.85
CA GLY A 78 5.76 -0.39 -3.91
C GLY A 78 4.33 -0.01 -3.68
N VAL A 79 4.01 0.24 -2.40
CA VAL A 79 2.66 0.50 -1.95
C VAL A 79 1.76 -0.71 -2.16
N ARG A 80 1.41 -1.36 -1.07
CA ARG A 80 0.55 -2.53 -1.12
C ARG A 80 -0.90 -2.10 -1.17
N THR A 81 -1.63 -2.67 -2.12
CA THR A 81 -3.01 -2.31 -2.35
C THR A 81 -3.84 -3.57 -2.49
N ALA A 82 -5.06 -3.51 -2.01
CA ALA A 82 -5.98 -4.61 -2.17
C ALA A 82 -7.13 -4.16 -3.06
N GLU A 83 -7.40 -4.92 -4.11
CA GLU A 83 -8.46 -4.57 -5.04
C GLU A 83 -9.81 -4.92 -4.45
N VAL A 84 -10.74 -3.99 -4.59
CA VAL A 84 -12.08 -4.15 -4.03
C VAL A 84 -12.80 -5.37 -4.59
N LYS A 85 -13.32 -6.16 -3.66
CA LYS A 85 -14.09 -7.36 -3.99
C LYS A 85 -15.32 -7.41 -3.13
N LEU A 86 -16.40 -7.96 -3.64
CA LEU A 86 -17.54 -8.25 -2.78
C LEU A 86 -17.28 -9.53 -1.99
N GLY A 87 -17.80 -9.59 -0.77
CA GLY A 87 -17.57 -10.74 0.07
C GLY A 87 -18.44 -10.75 1.31
N ARG A 88 -19.74 -10.58 1.12
CA ARG A 88 -20.66 -10.57 2.24
C ARG A 88 -20.74 -11.94 2.90
N LEU A 89 -20.89 -11.96 4.22
CA LEU A 89 -21.05 -13.20 4.96
C LEU A 89 -21.82 -12.92 6.25
N GLY A 90 -23.14 -12.96 6.17
CA GLY A 90 -23.97 -12.57 7.30
C GLY A 90 -24.20 -11.08 7.25
N SER A 91 -23.51 -10.50 6.28
CA SER A 91 -23.62 -9.10 5.97
C SER A 91 -24.29 -8.98 4.61
N THR A 92 -24.88 -7.83 4.36
CA THR A 92 -25.46 -7.53 3.07
C THR A 92 -24.34 -7.29 2.06
N GLU A 93 -24.67 -7.45 0.79
CA GLU A 93 -23.68 -7.52 -0.28
C GLU A 93 -22.83 -6.26 -0.33
N ARG A 94 -21.67 -6.35 0.28
CA ARG A 94 -20.79 -5.21 0.40
C ARG A 94 -19.50 -5.46 -0.37
N LEU A 95 -18.67 -4.45 -0.45
CA LEU A 95 -17.36 -4.59 -1.07
C LEU A 95 -16.30 -4.53 0.03
N LEU A 96 -15.62 -5.66 0.21
CA LEU A 96 -14.78 -5.90 1.38
C LEU A 96 -13.32 -5.54 1.10
N VAL A 97 -12.75 -4.78 2.03
CA VAL A 97 -11.37 -4.35 1.96
C VAL A 97 -10.75 -4.50 3.33
N PRO A 98 -9.42 -4.61 3.43
CA PRO A 98 -8.73 -4.57 4.72
C PRO A 98 -9.13 -3.34 5.53
N SER A 99 -9.53 -3.51 6.79
CA SER A 99 -9.98 -2.37 7.59
C SER A 99 -8.85 -1.36 7.82
N GLU A 100 -7.63 -1.85 7.69
CA GLU A 100 -6.44 -1.08 7.91
C GLU A 100 -6.15 -0.18 6.69
N ALA A 101 -7.01 -0.26 5.69
CA ALA A 101 -6.80 0.43 4.43
C ALA A 101 -7.65 1.70 4.31
N LEU A 102 -8.47 1.98 5.30
CA LEU A 102 -9.32 3.16 5.24
C LEU A 102 -8.97 4.18 6.32
N ILE A 103 -9.31 5.42 6.06
CA ILE A 103 -9.09 6.51 6.99
C ILE A 103 -10.38 6.85 7.72
N ARG A 104 -10.36 6.82 9.04
CA ARG A 104 -11.51 7.28 9.78
C ARG A 104 -11.33 8.72 10.21
N THR A 105 -12.29 9.56 9.86
CA THR A 105 -12.24 10.96 10.22
C THR A 105 -13.65 11.51 10.40
N GLY A 106 -13.83 12.31 11.46
CA GLY A 106 -15.13 12.88 11.76
C GLY A 106 -16.24 11.85 11.77
N ALA A 107 -17.17 11.97 10.83
CA ALA A 107 -18.29 11.05 10.75
C ALA A 107 -18.32 10.32 9.42
N ARG A 108 -17.13 10.05 8.88
CA ARG A 108 -17.02 9.39 7.58
C ARG A 108 -15.65 8.73 7.42
N THR A 109 -15.44 8.12 6.26
CA THR A 109 -14.23 7.35 6.00
C THR A 109 -13.63 7.75 4.65
N ILE A 110 -12.32 7.60 4.51
CA ILE A 110 -11.64 7.90 3.26
C ILE A 110 -10.82 6.70 2.81
N ALA A 111 -10.73 6.50 1.52
CA ALA A 111 -9.90 5.46 0.93
C ALA A 111 -8.90 6.07 -0.04
N MET A 112 -7.66 5.62 0.00
CA MET A 112 -6.68 6.07 -0.97
C MET A 112 -6.66 5.09 -2.13
N VAL A 113 -7.33 5.47 -3.22
CA VAL A 113 -7.49 4.60 -4.36
C VAL A 113 -6.24 4.64 -5.24
N ALA A 114 -5.75 3.47 -5.60
CA ALA A 114 -4.58 3.36 -6.45
C ALA A 114 -4.97 3.42 -7.90
N LYS A 115 -4.97 4.62 -8.46
CA LYS A 115 -5.24 4.80 -9.87
C LYS A 115 -4.08 4.28 -10.69
N GLY A 116 -4.38 3.83 -11.90
CA GLY A 116 -3.34 3.39 -12.81
C GLY A 116 -2.58 4.55 -13.40
N GLU A 117 -2.86 5.74 -12.88
CA GLU A 117 -2.23 6.96 -13.33
C GLU A 117 -1.03 7.32 -12.45
N GLY A 118 -0.66 6.36 -11.60
CA GLY A 118 0.54 6.49 -10.79
C GLY A 118 0.32 7.28 -9.52
N GLY A 119 -0.93 7.49 -9.15
CA GLY A 119 -1.24 8.32 -8.00
C GLY A 119 -2.36 7.74 -7.17
N PHE A 120 -2.44 8.20 -5.93
CA PHE A 120 -3.45 7.73 -4.99
C PHE A 120 -4.40 8.85 -4.65
N ASP A 121 -5.65 8.67 -5.00
CA ASP A 121 -6.66 9.70 -4.76
C ASP A 121 -7.56 9.28 -3.62
N PRO A 122 -7.96 10.22 -2.77
CA PRO A 122 -8.82 9.91 -1.64
C PRO A 122 -10.30 9.87 -2.01
N VAL A 123 -10.93 8.77 -1.67
CA VAL A 123 -12.35 8.57 -1.92
C VAL A 123 -13.10 8.51 -0.60
N GLU A 124 -14.09 9.37 -0.44
CA GLU A 124 -14.92 9.31 0.74
C GLU A 124 -15.83 8.09 0.65
N VAL A 125 -15.79 7.28 1.70
CA VAL A 125 -16.50 6.02 1.70
C VAL A 125 -17.24 5.80 3.01
N LYS A 126 -18.31 5.04 2.90
CA LYS A 126 -19.13 4.66 4.02
C LYS A 126 -18.62 3.34 4.60
N ALA A 127 -18.42 3.31 5.91
CA ALA A 127 -17.75 2.18 6.52
C ALA A 127 -18.64 1.48 7.51
N GLY A 128 -18.99 0.30 7.08
CA GLY A 128 -19.66 -0.67 7.84
C GLY A 128 -18.68 -1.56 8.56
N ALA A 129 -19.26 -2.40 9.35
CA ALA A 129 -18.58 -3.22 10.36
C ALA A 129 -17.31 -3.90 9.88
N THR A 130 -16.50 -4.32 10.84
CA THR A 130 -15.23 -4.97 10.56
C THR A 130 -15.41 -6.46 10.73
N ALA A 131 -14.82 -7.23 9.85
CA ALA A 131 -15.00 -8.67 9.87
C ALA A 131 -13.77 -9.38 9.32
N GLY A 132 -13.07 -10.09 10.20
CA GLY A 132 -11.91 -10.85 9.80
C GLY A 132 -10.73 -9.97 9.39
N GLY A 133 -10.60 -8.83 10.05
CA GLY A 133 -9.53 -7.91 9.74
C GLY A 133 -9.84 -7.06 8.52
N GLN A 134 -11.03 -7.24 7.98
CA GLN A 134 -11.47 -6.47 6.83
C GLN A 134 -12.66 -5.60 7.21
N SER A 135 -12.87 -4.53 6.50
CA SER A 135 -13.99 -3.67 6.80
C SER A 135 -15.11 -3.83 5.79
N GLU A 136 -16.32 -3.60 6.25
CA GLU A 136 -17.47 -3.60 5.37
C GLU A 136 -17.62 -2.22 4.72
N ILE A 137 -17.18 -2.10 3.48
CA ILE A 137 -17.37 -0.85 2.76
C ILE A 137 -18.74 -0.81 2.15
N LEU A 138 -19.56 0.09 2.67
CA LEU A 138 -20.95 0.17 2.28
C LEU A 138 -21.09 0.96 0.99
N GLU A 139 -20.44 2.10 0.93
CA GLU A 139 -20.51 2.94 -0.23
C GLU A 139 -19.19 3.68 -0.39
N GLY A 140 -18.92 4.16 -1.59
CA GLY A 140 -17.69 4.91 -1.79
C GLY A 140 -16.92 4.43 -3.00
N LEU A 141 -16.52 3.17 -2.94
CA LEU A 141 -15.68 2.58 -3.96
C LEU A 141 -16.42 1.57 -4.81
N LYS A 142 -15.67 0.85 -5.64
CA LYS A 142 -16.22 -0.17 -6.51
C LYS A 142 -15.24 -1.30 -6.66
N ALA A 143 -15.77 -2.47 -6.97
CA ALA A 143 -14.97 -3.65 -7.19
C ALA A 143 -14.17 -3.50 -8.46
N GLY A 144 -12.88 -3.77 -8.36
CA GLY A 144 -12.00 -3.50 -9.46
C GLY A 144 -11.14 -2.29 -9.18
N GLN A 145 -11.35 -1.67 -8.03
CA GLN A 145 -10.55 -0.52 -7.63
C GLN A 145 -9.54 -0.95 -6.58
N GLN A 146 -8.34 -0.45 -6.68
CA GLN A 146 -7.31 -0.74 -5.71
C GLN A 146 -7.31 0.29 -4.59
N VAL A 147 -7.14 -0.18 -3.36
CA VAL A 147 -7.02 0.71 -2.22
C VAL A 147 -5.74 0.39 -1.46
N VAL A 148 -5.03 1.43 -1.06
CA VAL A 148 -3.77 1.29 -0.36
C VAL A 148 -3.98 0.69 1.03
N VAL A 149 -3.50 -0.52 1.22
CA VAL A 149 -3.66 -1.21 2.49
C VAL A 149 -2.36 -1.17 3.27
N SER A 150 -1.33 -0.60 2.64
CA SER A 150 -0.06 -0.34 3.29
C SER A 150 0.70 0.70 2.48
N GLY A 151 0.87 1.90 3.03
CA GLY A 151 1.59 2.94 2.33
C GLY A 151 3.10 2.77 2.42
N GLN A 152 3.80 3.86 2.66
CA GLN A 152 5.24 3.79 2.88
C GLN A 152 5.55 4.04 4.35
N PHE A 153 6.19 3.07 4.97
CA PHE A 153 6.56 3.17 6.37
C PHE A 153 8.06 3.30 6.48
N LEU A 154 8.54 4.51 6.77
CA LEU A 154 9.98 4.75 6.88
C LEU A 154 10.48 4.29 8.24
N ILE A 155 10.37 3.00 8.48
CA ILE A 155 10.84 2.39 9.71
C ILE A 155 11.68 1.16 9.38
N ASP A 156 12.50 1.27 8.34
CA ASP A 156 13.28 0.14 7.85
C ASP A 156 14.17 -0.42 8.95
N SER A 157 14.68 0.42 9.83
CA SER A 157 15.52 -0.07 10.91
C SER A 157 14.74 -1.07 11.76
N GLU A 158 13.63 -0.60 12.29
CA GLU A 158 12.74 -1.42 13.11
C GLU A 158 12.28 -2.65 12.33
N ALA A 159 11.96 -2.43 11.06
CA ALA A 159 11.47 -3.48 10.18
C ALA A 159 12.52 -4.57 9.97
N SER A 160 13.78 -4.18 9.95
CA SER A 160 14.87 -5.13 9.82
C SER A 160 15.04 -5.92 11.10
N LEU A 161 14.86 -5.21 12.22
CA LEU A 161 15.01 -5.78 13.54
C LEU A 161 13.89 -6.76 13.87
N ARG A 162 12.69 -6.41 13.45
CA ARG A 162 11.52 -7.26 13.68
C ARG A 162 11.47 -8.39 12.66
N GLY A 163 11.83 -8.09 11.42
CA GLY A 163 11.71 -9.09 10.39
C GLY A 163 10.32 -9.13 9.79
N THR A 164 9.32 -9.34 10.65
CA THR A 164 7.92 -9.48 10.24
C THR A 164 7.79 -10.39 9.01
N VAL A 165 8.09 -11.67 9.23
CA VAL A 165 8.07 -12.72 8.20
C VAL A 165 8.80 -12.31 6.91
N ALA A 166 9.82 -11.47 7.07
CA ALA A 166 10.68 -11.06 5.96
C ALA A 166 9.89 -10.40 4.84
N ARG A 167 10.38 -10.50 3.62
CA ARG A 167 9.68 -9.95 2.46
C ARG A 167 8.40 -10.73 2.23
N MET A 168 8.48 -12.02 2.50
CA MET A 168 7.35 -12.93 2.32
C MET A 168 7.56 -14.21 3.11
N GLN A 169 6.50 -15.00 3.29
CA GLN A 169 6.58 -16.24 4.04
C GLN A 169 6.24 -17.43 3.14
N GLU A 170 5.58 -17.10 2.03
CA GLU A 170 5.14 -18.05 1.01
C GLU A 170 6.23 -19.07 0.70
N THR A 171 7.35 -18.58 0.18
CA THR A 171 8.42 -19.45 -0.29
C THR A 171 9.39 -19.78 0.83
N THR A 172 9.07 -19.35 2.04
CA THR A 172 9.83 -19.70 3.22
C THR A 172 9.24 -20.96 3.84
N SER A 173 7.92 -21.07 3.76
CA SER A 173 7.21 -22.26 4.16
C SER A 173 7.24 -23.28 3.01
N GLY A 174 6.20 -23.31 2.20
CA GLY A 174 6.14 -24.25 1.10
C GLY A 174 5.89 -25.68 1.57
N LEU A 175 6.88 -26.27 2.24
CA LEU A 175 6.81 -27.65 2.72
C LEU A 175 6.60 -28.62 1.55
N GLU A 176 7.03 -28.21 0.36
CA GLU A 176 6.94 -29.04 -0.82
C GLU A 176 8.02 -28.64 -1.82
N VAL A 177 9.27 -28.67 -1.36
CA VAL A 177 10.40 -28.35 -2.21
C VAL A 177 11.47 -29.44 -2.09
N LEU A 178 11.22 -30.40 -1.22
CA LEU A 178 12.14 -31.49 -0.98
C LEU A 178 11.45 -32.82 -1.21
N PHE A 179 11.99 -33.88 -0.64
CA PHE A 179 11.34 -35.19 -0.70
C PHE A 179 10.35 -35.31 0.45
N GLN A 180 10.73 -34.74 1.59
CA GLN A 180 9.89 -34.79 2.78
C GLN A 180 8.74 -33.80 2.65
N MET A 1 18.90 -9.51 -0.66
CA MET A 1 18.35 -9.83 -1.99
C MET A 1 17.91 -8.56 -2.71
N GLY A 2 16.84 -7.95 -2.23
CA GLY A 2 16.31 -6.76 -2.87
C GLY A 2 16.82 -5.48 -2.25
N SER A 3 18.05 -5.11 -2.59
CA SER A 3 18.63 -3.86 -2.12
C SER A 3 19.61 -3.30 -3.15
N ALA A 4 19.32 -3.58 -4.41
CA ALA A 4 20.16 -3.12 -5.52
C ALA A 4 19.40 -3.22 -6.83
N THR A 5 19.10 -2.07 -7.41
CA THR A 5 18.37 -2.00 -8.68
C THR A 5 16.93 -2.52 -8.51
N VAL A 6 15.99 -1.59 -8.33
CA VAL A 6 14.58 -1.94 -8.17
C VAL A 6 14.04 -2.69 -9.39
N ASN A 7 12.88 -3.34 -9.21
CA ASN A 7 12.32 -4.28 -10.20
C ASN A 7 13.04 -5.61 -10.10
N GLY A 8 12.30 -6.70 -10.27
CA GLY A 8 12.89 -8.01 -10.18
C GLY A 8 13.85 -8.32 -11.31
N PRO A 9 15.12 -8.60 -10.99
CA PRO A 9 16.16 -8.87 -11.98
C PRO A 9 16.19 -10.35 -12.40
N HIS A 10 15.04 -10.99 -12.32
CA HIS A 10 14.91 -12.39 -12.69
C HIS A 10 13.54 -12.58 -13.36
N ASP A 11 13.49 -12.29 -14.66
CA ASP A 11 12.24 -12.26 -15.42
C ASP A 11 11.36 -11.10 -14.94
N GLY A 12 10.58 -11.35 -13.89
CA GLY A 12 9.69 -10.31 -13.39
C GLY A 12 8.66 -9.90 -14.42
N HIS A 13 8.76 -8.66 -14.88
CA HIS A 13 7.80 -8.09 -15.83
C HIS A 13 6.43 -7.97 -15.17
N ASP A 14 6.26 -6.95 -14.36
CA ASP A 14 4.99 -6.70 -13.70
C ASP A 14 3.97 -6.15 -14.68
N PRO A 15 2.69 -6.47 -14.49
CA PRO A 15 1.62 -5.95 -15.35
C PRO A 15 1.28 -4.50 -15.04
N ALA A 16 1.19 -3.68 -16.07
CA ALA A 16 0.81 -2.29 -15.90
C ALA A 16 -0.70 -2.17 -15.95
N ALA A 17 -1.27 -2.54 -17.07
CA ALA A 17 -2.71 -2.50 -17.27
C ALA A 17 -3.16 -3.70 -18.09
N GLY A 18 -3.28 -4.85 -17.43
CA GLY A 18 -3.67 -6.06 -18.10
C GLY A 18 -5.16 -6.12 -18.37
N ALA A 19 -5.65 -5.22 -19.24
CA ALA A 19 -7.06 -5.14 -19.57
C ALA A 19 -7.93 -4.94 -18.34
N GLU A 20 -7.31 -4.35 -17.33
CA GLU A 20 -7.93 -4.15 -16.02
C GLU A 20 -8.37 -5.48 -15.44
N LEU A 21 -7.35 -6.28 -15.09
CA LEU A 21 -7.50 -7.55 -14.39
C LEU A 21 -8.34 -8.53 -15.19
N LYS A 22 -8.57 -8.20 -16.46
CA LYS A 22 -9.48 -8.95 -17.34
C LYS A 22 -10.94 -8.74 -16.94
N THR A 23 -11.19 -8.62 -15.62
CA THR A 23 -12.53 -8.45 -15.08
C THR A 23 -13.48 -9.48 -15.69
N GLY A 24 -13.32 -10.72 -15.25
CA GLY A 24 -14.07 -11.81 -15.80
C GLY A 24 -13.33 -13.11 -15.60
N LYS A 25 -13.98 -14.05 -14.94
CA LYS A 25 -13.41 -15.35 -14.64
C LYS A 25 -12.33 -15.16 -13.59
N ARG A 26 -12.77 -14.63 -12.48
CA ARG A 26 -11.91 -14.32 -11.36
C ARG A 26 -12.54 -14.83 -10.07
N ILE A 27 -11.70 -15.36 -9.18
CA ILE A 27 -12.16 -16.08 -8.00
C ILE A 27 -13.09 -15.28 -7.14
N LEU A 28 -14.22 -15.89 -6.80
CA LEU A 28 -15.19 -15.29 -5.94
C LEU A 28 -15.27 -16.06 -4.62
N TYR A 29 -14.72 -17.30 -4.63
CA TYR A 29 -14.56 -18.13 -3.42
C TYR A 29 -14.21 -19.57 -3.81
N TRP A 30 -14.01 -20.40 -2.80
CA TRP A 30 -13.59 -21.78 -2.96
C TRP A 30 -14.70 -22.75 -2.53
N ARG A 31 -14.81 -23.87 -3.26
CA ARG A 31 -15.81 -24.89 -2.99
C ARG A 31 -15.30 -26.27 -3.42
N ASP A 32 -15.77 -27.31 -2.76
CA ASP A 32 -15.47 -28.67 -3.18
C ASP A 32 -16.38 -29.03 -4.35
N PRO A 33 -15.84 -29.60 -5.42
CA PRO A 33 -16.65 -30.03 -6.57
C PRO A 33 -17.65 -31.14 -6.20
N MET A 34 -17.46 -31.75 -5.04
CA MET A 34 -18.37 -32.78 -4.57
C MET A 34 -19.41 -32.22 -3.60
N VAL A 35 -19.34 -30.93 -3.34
CA VAL A 35 -20.30 -30.30 -2.41
C VAL A 35 -20.95 -29.04 -3.03
N PRO A 36 -21.45 -29.13 -4.28
CA PRO A 36 -21.97 -27.97 -5.01
C PRO A 36 -23.11 -27.25 -4.29
N GLY A 37 -22.79 -26.11 -3.69
CA GLY A 37 -23.79 -25.34 -2.96
C GLY A 37 -23.19 -24.58 -1.80
N GLN A 38 -22.23 -25.20 -1.13
CA GLN A 38 -21.50 -24.56 -0.03
C GLN A 38 -20.68 -23.37 -0.55
N ARG A 39 -20.47 -22.39 0.30
CA ARG A 39 -19.77 -21.17 -0.08
C ARG A 39 -18.78 -20.79 0.99
N PHE A 40 -17.52 -21.14 0.76
CA PHE A 40 -16.46 -20.86 1.73
C PHE A 40 -16.05 -19.41 1.69
N ASP A 41 -15.79 -18.88 2.87
CA ASP A 41 -15.41 -17.48 3.09
C ASP A 41 -14.09 -17.20 2.40
N LYS A 42 -13.26 -18.23 2.33
CA LYS A 42 -11.95 -18.12 1.72
C LYS A 42 -11.38 -19.51 1.45
N PRO A 43 -10.31 -19.62 0.64
CA PRO A 43 -9.64 -20.90 0.34
C PRO A 43 -9.34 -21.74 1.59
N GLY A 44 -8.98 -23.01 1.38
CA GLY A 44 -8.66 -23.88 2.50
C GLY A 44 -8.97 -25.34 2.21
N LYS A 45 -9.06 -26.14 3.26
CA LYS A 45 -9.35 -27.56 3.13
C LYS A 45 -10.81 -27.82 3.51
N SER A 46 -11.45 -28.71 2.77
CA SER A 46 -12.84 -29.07 2.99
C SER A 46 -13.00 -29.76 4.34
N PRO A 47 -14.10 -29.49 5.05
CA PRO A 47 -14.45 -30.20 6.27
C PRO A 47 -15.08 -31.55 5.96
N TYR A 48 -15.59 -31.65 4.74
CA TYR A 48 -16.30 -32.82 4.26
C TYR A 48 -15.31 -33.85 3.75
N MET A 49 -14.27 -33.38 3.07
CA MET A 49 -13.18 -34.22 2.62
C MET A 49 -11.86 -33.57 2.95
N ASP A 50 -10.83 -34.34 3.24
CA ASP A 50 -9.52 -33.76 3.48
C ASP A 50 -8.85 -33.37 2.16
N MET A 51 -9.53 -32.53 1.42
CA MET A 51 -9.01 -31.99 0.20
C MET A 51 -9.21 -30.49 0.16
N PRO A 52 -8.21 -29.76 -0.35
CA PRO A 52 -8.32 -28.32 -0.53
C PRO A 52 -9.44 -27.99 -1.50
N LEU A 53 -10.27 -27.02 -1.15
CA LEU A 53 -11.39 -26.64 -1.99
C LEU A 53 -10.91 -26.28 -3.39
N ILE A 54 -11.79 -26.38 -4.35
CA ILE A 54 -11.44 -26.09 -5.71
C ILE A 54 -11.87 -24.69 -6.07
N PRO A 55 -10.96 -23.91 -6.63
CA PRO A 55 -11.25 -22.55 -7.02
C PRO A 55 -11.95 -22.46 -8.38
N VAL A 56 -12.94 -21.57 -8.42
CA VAL A 56 -13.72 -21.30 -9.61
C VAL A 56 -12.86 -20.89 -10.80
N TYR A 57 -13.45 -21.09 -11.97
CA TYR A 57 -12.88 -20.86 -13.32
C TYR A 57 -11.39 -20.53 -13.38
N GLU A 58 -10.98 -19.35 -12.98
CA GLU A 58 -9.61 -18.90 -13.11
C GLU A 58 -8.68 -19.84 -12.35
N GLU A 59 -9.23 -20.35 -11.27
CA GLU A 59 -8.58 -21.33 -10.40
C GLU A 59 -7.19 -20.88 -9.96
N GLU A 60 -7.20 -20.17 -8.82
CA GLU A 60 -6.00 -19.85 -8.06
C GLU A 60 -5.23 -18.71 -8.69
N ASN A 61 -5.83 -17.53 -8.68
CA ASN A 61 -5.26 -16.38 -9.37
C ASN A 61 -5.68 -15.07 -8.70
N ALA A 62 -6.89 -14.99 -8.16
CA ALA A 62 -7.28 -13.81 -7.38
C ALA A 62 -6.27 -13.59 -6.28
N ASP A 63 -6.40 -14.43 -5.28
CA ASP A 63 -5.42 -14.53 -4.24
C ASP A 63 -5.06 -15.98 -4.06
N GLY A 64 -4.66 -16.55 -5.19
CA GLY A 64 -4.38 -17.96 -5.30
C GLY A 64 -3.08 -18.38 -4.64
N ALA A 65 -2.81 -17.82 -3.48
CA ALA A 65 -1.61 -18.15 -2.71
C ALA A 65 -0.35 -17.91 -3.54
N ALA A 66 -0.46 -16.98 -4.47
CA ALA A 66 0.62 -16.66 -5.38
C ALA A 66 0.51 -15.21 -5.82
N VAL A 67 -0.67 -14.86 -6.34
CA VAL A 67 -0.91 -13.49 -6.78
C VAL A 67 -1.16 -12.60 -5.57
N ARG A 68 -2.40 -12.57 -5.10
CA ARG A 68 -2.69 -11.97 -3.83
C ARG A 68 -2.64 -13.03 -2.75
N ILE A 69 -2.27 -12.64 -1.56
CA ILE A 69 -2.22 -13.54 -0.43
C ILE A 69 -2.52 -12.79 0.84
N ASP A 70 -3.26 -13.43 1.70
CA ASP A 70 -3.59 -12.89 3.01
C ASP A 70 -3.01 -13.80 4.09
N GLY A 71 -2.76 -15.05 3.68
CA GLY A 71 -2.17 -16.05 4.56
C GLY A 71 -0.74 -15.73 4.91
N ARG A 72 -0.22 -14.69 4.28
CA ARG A 72 1.08 -14.16 4.58
C ARG A 72 0.97 -12.66 4.55
N VAL A 73 1.91 -11.96 5.13
CA VAL A 73 1.85 -10.52 5.14
C VAL A 73 2.86 -9.95 4.16
N THR A 74 2.37 -9.10 3.28
CA THR A 74 3.17 -8.53 2.26
C THR A 74 3.90 -7.30 2.78
N GLN A 75 5.05 -7.55 3.41
CA GLN A 75 5.82 -6.49 4.04
C GLN A 75 6.64 -5.71 3.02
N ASN A 76 5.93 -5.00 2.18
CA ASN A 76 6.55 -4.11 1.20
C ASN A 76 5.95 -2.75 1.34
N LEU A 77 6.80 -1.80 1.63
CA LEU A 77 6.40 -0.43 1.91
C LEU A 77 6.54 0.43 0.67
N GLY A 78 6.72 -0.23 -0.46
CA GLY A 78 6.85 0.45 -1.72
C GLY A 78 5.50 0.66 -2.38
N VAL A 79 4.89 -0.44 -2.76
CA VAL A 79 3.62 -0.41 -3.46
C VAL A 79 2.60 -1.28 -2.73
N ARG A 80 1.69 -0.64 -2.01
CA ARG A 80 0.70 -1.37 -1.24
C ARG A 80 -0.69 -1.10 -1.75
N THR A 81 -1.45 -2.17 -1.93
CA THR A 81 -2.84 -2.08 -2.37
C THR A 81 -3.63 -3.31 -1.96
N ALA A 82 -4.93 -3.22 -2.15
CA ALA A 82 -5.85 -4.34 -2.04
C ALA A 82 -7.06 -4.01 -2.88
N GLU A 83 -7.60 -4.99 -3.56
CA GLU A 83 -8.65 -4.72 -4.53
C GLU A 83 -10.01 -4.96 -3.90
N VAL A 84 -10.93 -4.05 -4.17
CA VAL A 84 -12.29 -4.19 -3.72
C VAL A 84 -12.95 -5.41 -4.32
N LYS A 85 -13.63 -6.15 -3.47
CA LYS A 85 -14.42 -7.29 -3.88
C LYS A 85 -15.38 -7.68 -2.78
N LEU A 86 -16.59 -8.03 -3.17
CA LEU A 86 -17.67 -8.28 -2.23
C LEU A 86 -17.45 -9.58 -1.48
N GLY A 87 -18.17 -9.74 -0.39
CA GLY A 87 -17.97 -10.90 0.46
C GLY A 87 -18.72 -10.80 1.76
N ARG A 88 -19.96 -10.38 1.69
CA ARG A 88 -20.77 -10.15 2.89
C ARG A 88 -21.39 -11.46 3.39
N LEU A 89 -22.06 -11.37 4.53
CA LEU A 89 -22.73 -12.51 5.11
C LEU A 89 -24.21 -12.19 5.32
N GLY A 90 -25.04 -12.90 4.61
CA GLY A 90 -26.48 -12.80 4.79
C GLY A 90 -27.16 -12.16 3.60
N SER A 91 -28.23 -11.42 3.85
CA SER A 91 -28.88 -10.67 2.78
C SER A 91 -28.36 -9.24 2.79
N THR A 92 -27.16 -9.09 2.25
CA THR A 92 -26.47 -7.80 2.17
C THR A 92 -25.56 -7.84 0.97
N GLU A 93 -25.02 -6.70 0.57
CA GLU A 93 -23.86 -6.68 -0.31
C GLU A 93 -22.94 -5.54 0.06
N ARG A 94 -21.71 -5.87 0.44
CA ARG A 94 -20.76 -4.86 0.85
C ARG A 94 -19.44 -5.05 0.11
N LEU A 95 -18.68 -3.99 -0.03
CA LEU A 95 -17.36 -4.07 -0.65
C LEU A 95 -16.32 -4.31 0.45
N LEU A 96 -15.69 -5.47 0.42
CA LEU A 96 -14.75 -5.84 1.48
C LEU A 96 -13.35 -5.34 1.16
N VAL A 97 -12.76 -4.68 2.14
CA VAL A 97 -11.40 -4.14 2.03
C VAL A 97 -10.70 -4.32 3.36
N PRO A 98 -9.37 -4.38 3.38
CA PRO A 98 -8.63 -4.42 4.65
C PRO A 98 -8.97 -3.22 5.53
N SER A 99 -9.15 -3.46 6.82
CA SER A 99 -9.62 -2.42 7.74
C SER A 99 -8.64 -1.24 7.83
N GLU A 100 -7.38 -1.47 7.55
CA GLU A 100 -6.40 -0.39 7.57
C GLU A 100 -6.26 0.25 6.19
N ALA A 101 -7.17 -0.05 5.29
CA ALA A 101 -7.14 0.54 3.95
C ALA A 101 -7.75 1.93 3.95
N LEU A 102 -8.75 2.11 4.80
CA LEU A 102 -9.56 3.32 4.77
C LEU A 102 -9.16 4.31 5.85
N ILE A 103 -9.64 5.53 5.71
CA ILE A 103 -9.41 6.57 6.70
C ILE A 103 -10.72 6.88 7.42
N ARG A 104 -10.77 6.65 8.71
CA ARG A 104 -11.93 7.03 9.48
C ARG A 104 -11.76 8.44 10.02
N THR A 105 -12.70 9.30 9.72
CA THR A 105 -12.67 10.66 10.19
C THR A 105 -14.09 11.18 10.47
N GLY A 106 -14.31 11.61 11.71
CA GLY A 106 -15.60 12.15 12.10
C GLY A 106 -16.74 11.17 11.88
N ALA A 107 -17.56 11.43 10.88
CA ALA A 107 -18.72 10.62 10.60
C ALA A 107 -18.67 10.00 9.21
N ARG A 108 -17.47 9.86 8.67
CA ARG A 108 -17.32 9.30 7.35
C ARG A 108 -15.94 8.68 7.15
N THR A 109 -15.71 8.14 5.95
CA THR A 109 -14.50 7.40 5.67
C THR A 109 -13.91 7.82 4.32
N ILE A 110 -12.59 7.71 4.20
CA ILE A 110 -11.93 7.98 2.93
C ILE A 110 -11.20 6.72 2.47
N ALA A 111 -11.14 6.51 1.16
CA ALA A 111 -10.41 5.38 0.60
C ALA A 111 -9.35 5.88 -0.38
N MET A 112 -8.22 5.22 -0.38
CA MET A 112 -7.12 5.61 -1.23
C MET A 112 -6.98 4.64 -2.40
N VAL A 113 -7.52 5.01 -3.55
CA VAL A 113 -7.54 4.10 -4.68
C VAL A 113 -6.28 4.23 -5.53
N ALA A 114 -5.81 3.10 -6.03
CA ALA A 114 -4.62 3.03 -6.87
C ALA A 114 -4.89 3.70 -8.22
N LYS A 115 -4.67 5.01 -8.24
CA LYS A 115 -4.98 5.82 -9.42
C LYS A 115 -3.95 5.55 -10.52
N GLY A 116 -4.37 5.77 -11.76
CA GLY A 116 -3.52 5.52 -12.90
C GLY A 116 -2.40 6.53 -13.03
N GLU A 117 -2.38 7.52 -12.14
CA GLU A 117 -1.34 8.54 -12.15
C GLU A 117 -0.17 8.16 -11.23
N GLY A 118 -0.12 6.88 -10.88
CA GLY A 118 0.98 6.37 -10.08
C GLY A 118 0.84 6.68 -8.61
N GLY A 119 -0.34 7.14 -8.23
CA GLY A 119 -0.56 7.52 -6.85
C GLY A 119 -1.86 6.96 -6.32
N PHE A 120 -2.38 7.58 -5.29
CA PHE A 120 -3.58 7.10 -4.62
C PHE A 120 -4.60 8.22 -4.51
N ASP A 121 -5.78 7.97 -5.04
CA ASP A 121 -6.84 8.95 -5.12
C ASP A 121 -7.85 8.74 -4.02
N PRO A 122 -7.98 9.73 -3.15
CA PRO A 122 -8.77 9.66 -1.93
C PRO A 122 -10.25 9.95 -2.15
N VAL A 123 -11.06 8.92 -1.99
CA VAL A 123 -12.49 9.00 -2.20
C VAL A 123 -13.23 9.02 -0.86
N GLU A 124 -14.29 9.79 -0.76
CA GLU A 124 -15.15 9.74 0.41
C GLU A 124 -16.13 8.58 0.27
N VAL A 125 -16.12 7.69 1.25
CA VAL A 125 -16.85 6.44 1.19
C VAL A 125 -17.56 6.17 2.51
N LYS A 126 -18.53 5.27 2.47
CA LYS A 126 -19.19 4.81 3.67
C LYS A 126 -18.59 3.49 4.11
N ALA A 127 -18.16 3.44 5.34
CA ALA A 127 -17.50 2.26 5.88
C ALA A 127 -17.88 2.03 7.32
N GLY A 128 -18.68 1.01 7.60
CA GLY A 128 -18.82 0.64 8.99
C GLY A 128 -19.18 -0.81 9.20
N ALA A 129 -18.25 -1.70 8.95
CA ALA A 129 -18.19 -3.01 9.59
C ALA A 129 -16.74 -3.45 9.67
N THR A 130 -16.44 -4.41 10.53
CA THR A 130 -15.11 -5.02 10.54
C THR A 130 -15.23 -6.52 10.68
N ALA A 131 -14.60 -7.26 9.78
CA ALA A 131 -14.70 -8.70 9.77
C ALA A 131 -13.41 -9.34 9.29
N GLY A 132 -12.87 -10.25 10.10
CA GLY A 132 -11.71 -11.02 9.71
C GLY A 132 -10.50 -10.17 9.39
N GLY A 133 -10.33 -9.08 10.13
CA GLY A 133 -9.20 -8.19 9.91
C GLY A 133 -9.45 -7.24 8.76
N GLN A 134 -10.66 -7.24 8.25
CA GLN A 134 -11.01 -6.39 7.12
C GLN A 134 -12.19 -5.53 7.49
N SER A 135 -12.51 -4.58 6.65
CA SER A 135 -13.62 -3.69 6.91
C SER A 135 -14.62 -3.76 5.76
N GLU A 136 -15.85 -3.40 6.06
CA GLU A 136 -16.88 -3.38 5.04
C GLU A 136 -17.10 -1.97 4.52
N ILE A 137 -16.86 -1.80 3.25
CA ILE A 137 -17.20 -0.57 2.55
C ILE A 137 -18.65 -0.67 2.10
N LEU A 138 -19.50 0.03 2.82
CA LEU A 138 -20.93 0.00 2.59
C LEU A 138 -21.25 0.73 1.29
N GLU A 139 -20.66 1.91 1.12
CA GLU A 139 -20.86 2.70 -0.07
C GLU A 139 -19.56 3.39 -0.44
N GLY A 140 -19.45 3.83 -1.67
CA GLY A 140 -18.28 4.58 -2.06
C GLY A 140 -17.54 3.98 -3.23
N LEU A 141 -17.05 2.75 -3.06
CA LEU A 141 -16.17 2.15 -4.03
C LEU A 141 -16.82 0.99 -4.78
N LYS A 142 -16.03 0.36 -5.64
CA LYS A 142 -16.48 -0.72 -6.50
C LYS A 142 -15.38 -1.75 -6.64
N ALA A 143 -15.76 -2.96 -6.97
CA ALA A 143 -14.82 -4.06 -7.13
C ALA A 143 -13.90 -3.80 -8.31
N GLY A 144 -12.61 -3.94 -8.06
CA GLY A 144 -11.62 -3.55 -9.06
C GLY A 144 -10.90 -2.28 -8.63
N GLN A 145 -11.39 -1.67 -7.57
CA GLN A 145 -10.81 -0.45 -7.04
C GLN A 145 -9.78 -0.81 -5.97
N GLN A 146 -8.52 -0.77 -6.38
CA GLN A 146 -7.42 -1.08 -5.49
C GLN A 146 -7.17 0.07 -4.53
N VAL A 147 -6.98 -0.26 -3.26
CA VAL A 147 -6.70 0.75 -2.24
C VAL A 147 -5.47 0.35 -1.44
N VAL A 148 -4.60 1.32 -1.18
CA VAL A 148 -3.28 1.06 -0.58
C VAL A 148 -3.38 0.41 0.81
N VAL A 149 -2.83 -0.80 0.95
CA VAL A 149 -2.84 -1.50 2.25
C VAL A 149 -1.49 -2.18 2.56
N SER A 150 -1.03 -3.04 1.66
CA SER A 150 0.18 -3.84 1.86
C SER A 150 0.62 -4.42 0.51
N GLY A 151 -0.37 -4.74 -0.32
CA GLY A 151 -0.13 -5.09 -1.70
C GLY A 151 0.66 -6.38 -1.87
N GLN A 152 1.79 -6.26 -2.53
CA GLN A 152 2.67 -7.39 -2.79
C GLN A 152 4.06 -6.85 -3.04
N PHE A 153 5.08 -7.48 -2.45
CA PHE A 153 6.45 -7.09 -2.69
C PHE A 153 6.86 -7.45 -4.11
N LEU A 154 8.02 -7.00 -4.54
CA LEU A 154 8.42 -7.12 -5.94
C LEU A 154 8.46 -8.56 -6.43
N ILE A 155 8.71 -8.74 -7.71
CA ILE A 155 8.82 -10.06 -8.30
C ILE A 155 10.25 -10.29 -8.80
N ASP A 156 11.13 -10.59 -7.86
CA ASP A 156 12.53 -10.84 -8.17
C ASP A 156 12.77 -12.28 -8.60
N SER A 157 13.27 -13.08 -7.67
CA SER A 157 13.50 -14.50 -7.91
C SER A 157 12.21 -15.28 -7.71
N GLU A 158 11.44 -14.84 -6.72
CA GLU A 158 10.17 -15.46 -6.39
C GLU A 158 9.18 -15.26 -7.53
N ALA A 159 9.49 -14.29 -8.38
CA ALA A 159 8.71 -13.99 -9.57
C ALA A 159 8.33 -15.25 -10.35
N SER A 160 9.34 -16.00 -10.76
CA SER A 160 9.14 -17.22 -11.52
C SER A 160 8.44 -18.28 -10.68
N LEU A 161 8.68 -18.20 -9.37
CA LEU A 161 8.17 -19.16 -8.40
C LEU A 161 6.66 -18.98 -8.20
N ARG A 162 6.20 -17.73 -8.41
CA ARG A 162 4.81 -17.37 -8.23
C ARG A 162 4.04 -17.49 -9.54
N GLY A 163 4.54 -16.82 -10.57
CA GLY A 163 3.83 -16.77 -11.84
C GLY A 163 2.44 -16.20 -11.66
N THR A 164 2.36 -15.01 -11.09
CA THR A 164 1.10 -14.42 -10.68
C THR A 164 0.15 -14.19 -11.87
N VAL A 165 0.38 -13.12 -12.59
CA VAL A 165 -0.43 -12.79 -13.76
C VAL A 165 0.29 -13.22 -15.03
N ALA A 166 0.80 -14.44 -15.02
CA ALA A 166 1.59 -14.95 -16.13
C ALA A 166 0.81 -15.95 -16.96
N ARG A 167 -0.51 -15.87 -16.92
CA ARG A 167 -1.31 -16.77 -17.72
C ARG A 167 -1.24 -16.37 -19.18
N MET A 168 -0.46 -17.10 -19.89
CA MET A 168 -0.22 -16.85 -21.29
C MET A 168 -1.27 -17.54 -22.15
N GLN A 169 -2.46 -16.95 -22.17
CA GLN A 169 -3.53 -17.42 -23.03
C GLN A 169 -4.40 -16.25 -23.44
N GLU A 170 -4.09 -15.74 -24.62
CA GLU A 170 -4.85 -14.66 -25.26
C GLU A 170 -4.88 -13.40 -24.41
N THR A 171 -3.75 -13.07 -23.79
CA THR A 171 -3.69 -11.92 -22.91
C THR A 171 -4.15 -10.64 -23.60
N THR A 172 -3.67 -10.44 -24.82
CA THR A 172 -4.00 -9.27 -25.60
C THR A 172 -3.40 -9.40 -27.00
N SER A 173 -3.30 -8.29 -27.71
CA SER A 173 -2.70 -8.25 -29.04
C SER A 173 -1.31 -8.89 -29.03
N GLY A 174 -1.19 -10.01 -29.73
CA GLY A 174 0.06 -10.75 -29.77
C GLY A 174 0.98 -10.25 -30.85
N LEU A 175 1.24 -8.96 -30.85
CA LEU A 175 2.14 -8.36 -31.83
C LEU A 175 3.55 -8.91 -31.67
N GLU A 176 4.33 -8.84 -32.76
CA GLU A 176 5.69 -9.35 -32.78
C GLU A 176 6.55 -8.66 -31.73
N VAL A 177 7.02 -7.46 -32.03
CA VAL A 177 7.90 -6.74 -31.12
C VAL A 177 8.07 -5.28 -31.58
N LEU A 178 7.09 -4.79 -32.34
CA LEU A 178 7.11 -3.42 -32.81
C LEU A 178 5.85 -2.70 -32.35
N PHE A 179 5.85 -1.39 -32.48
CA PHE A 179 4.67 -0.59 -32.16
C PHE A 179 4.30 0.26 -33.36
N GLN A 180 3.24 1.03 -33.25
CA GLN A 180 2.77 1.82 -34.38
C GLN A 180 2.16 3.13 -33.89
N MET A 1 40.77 -43.95 -2.60
CA MET A 1 39.89 -43.02 -1.85
C MET A 1 39.81 -43.41 -0.37
N GLY A 2 40.66 -44.34 0.04
CA GLY A 2 40.65 -44.79 1.42
C GLY A 2 39.61 -45.86 1.66
N SER A 3 38.41 -45.44 2.05
CA SER A 3 37.32 -46.37 2.31
C SER A 3 36.02 -45.59 2.46
N ALA A 4 34.98 -46.29 2.93
CA ALA A 4 33.69 -45.70 3.30
C ALA A 4 32.97 -45.06 2.12
N THR A 5 33.48 -45.32 0.91
CA THR A 5 32.94 -44.75 -0.33
C THR A 5 32.73 -43.24 -0.21
N VAL A 6 33.67 -42.56 0.43
CA VAL A 6 33.56 -41.11 0.61
C VAL A 6 34.86 -40.42 0.18
N ASN A 7 34.72 -39.33 -0.56
CA ASN A 7 35.87 -38.54 -0.98
C ASN A 7 36.11 -37.42 0.02
N GLY A 8 35.04 -37.00 0.68
CA GLY A 8 35.15 -35.94 1.65
C GLY A 8 35.00 -34.57 1.03
N PRO A 9 35.18 -33.51 1.81
CA PRO A 9 35.09 -32.14 1.33
C PRO A 9 36.43 -31.61 0.86
N HIS A 10 37.21 -32.47 0.23
CA HIS A 10 38.56 -32.13 -0.20
C HIS A 10 38.54 -31.55 -1.60
N ASP A 11 37.63 -32.05 -2.42
CA ASP A 11 37.54 -31.67 -3.82
C ASP A 11 36.15 -31.98 -4.36
N GLY A 12 35.68 -31.15 -5.27
CA GLY A 12 34.36 -31.33 -5.82
C GLY A 12 34.03 -30.27 -6.85
N HIS A 13 32.76 -30.14 -7.19
CA HIS A 13 32.33 -29.16 -8.18
C HIS A 13 32.28 -27.76 -7.57
N ASP A 14 31.12 -27.42 -7.00
CA ASP A 14 30.91 -26.12 -6.35
C ASP A 14 31.30 -24.95 -7.26
N PRO A 15 30.38 -24.53 -8.14
CA PRO A 15 30.62 -23.41 -9.04
C PRO A 15 30.23 -22.07 -8.41
N ALA A 16 30.19 -21.03 -9.22
CA ALA A 16 29.78 -19.71 -8.76
C ALA A 16 28.59 -19.22 -9.57
N ALA A 17 27.62 -20.11 -9.75
CA ALA A 17 26.45 -19.83 -10.55
C ALA A 17 25.59 -18.74 -9.90
N GLY A 18 25.24 -17.74 -10.71
CA GLY A 18 24.44 -16.64 -10.21
C GLY A 18 22.98 -16.81 -10.55
N ALA A 19 22.39 -15.80 -11.16
CA ALA A 19 20.98 -15.84 -11.50
C ALA A 19 20.68 -14.90 -12.68
N GLU A 20 21.13 -13.65 -12.58
CA GLU A 20 20.77 -12.63 -13.54
C GLU A 20 19.27 -12.42 -13.49
N LEU A 21 18.84 -12.06 -12.29
CA LEU A 21 17.45 -11.81 -11.97
C LEU A 21 17.45 -11.04 -10.65
N LYS A 22 17.99 -11.70 -9.62
CA LYS A 22 18.28 -11.06 -8.34
C LYS A 22 19.08 -9.79 -8.60
N THR A 23 20.10 -9.96 -9.41
CA THR A 23 20.96 -8.89 -9.86
C THR A 23 21.30 -9.13 -11.32
N GLY A 24 21.85 -8.14 -11.99
CA GLY A 24 22.11 -8.29 -13.40
C GLY A 24 21.28 -7.35 -14.21
N LYS A 25 19.97 -7.46 -14.04
CA LYS A 25 19.08 -6.67 -14.84
C LYS A 25 17.82 -6.28 -14.08
N ARG A 26 18.06 -5.54 -13.02
CA ARG A 26 17.04 -4.90 -12.24
C ARG A 26 17.55 -3.54 -11.81
N ILE A 27 16.66 -2.55 -11.81
CA ILE A 27 17.03 -1.15 -11.64
C ILE A 27 17.90 -0.92 -10.42
N LEU A 28 19.13 -0.55 -10.71
CA LEU A 28 20.07 -0.12 -9.70
C LEU A 28 20.16 1.40 -9.68
N TYR A 29 19.99 2.02 -10.86
CA TYR A 29 20.16 3.46 -11.00
C TYR A 29 19.79 3.96 -12.40
N TRP A 30 20.04 5.25 -12.63
CA TRP A 30 19.66 5.94 -13.86
C TRP A 30 20.88 6.57 -14.52
N ARG A 31 20.86 6.66 -15.85
CA ARG A 31 21.98 7.17 -16.62
C ARG A 31 21.49 7.87 -17.89
N ASP A 32 22.27 8.83 -18.37
CA ASP A 32 22.09 9.31 -19.74
C ASP A 32 22.70 8.27 -20.67
N PRO A 33 22.03 8.01 -21.79
CA PRO A 33 22.62 7.29 -22.93
C PRO A 33 23.87 8.03 -23.44
N MET A 34 23.96 9.28 -23.00
CA MET A 34 25.06 10.19 -23.34
C MET A 34 26.28 9.91 -22.49
N VAL A 35 26.08 9.41 -21.28
CA VAL A 35 27.14 9.41 -20.28
C VAL A 35 27.44 8.00 -19.73
N PRO A 36 27.68 7.04 -20.64
CA PRO A 36 27.87 5.63 -20.28
C PRO A 36 29.15 5.41 -19.45
N GLY A 37 28.97 5.01 -18.21
CA GLY A 37 30.10 4.84 -17.31
C GLY A 37 29.82 5.45 -15.96
N GLN A 38 28.94 6.44 -15.96
CA GLN A 38 28.48 7.10 -14.74
C GLN A 38 27.58 6.15 -13.93
N ARG A 39 27.24 6.54 -12.73
CA ARG A 39 26.28 5.79 -11.94
C ARG A 39 25.53 6.75 -11.02
N PHE A 40 24.39 7.26 -11.49
CA PHE A 40 23.61 8.21 -10.71
C PHE A 40 22.95 7.51 -9.55
N ASP A 41 22.90 8.20 -8.42
CA ASP A 41 22.40 7.65 -7.16
C ASP A 41 20.92 7.32 -7.25
N LYS A 42 20.20 8.06 -8.07
CA LYS A 42 18.77 7.85 -8.22
C LYS A 42 18.21 8.59 -9.43
N PRO A 43 17.01 8.25 -9.90
CA PRO A 43 16.36 8.92 -11.04
C PRO A 43 16.33 10.45 -10.93
N GLY A 44 15.92 11.10 -12.01
CA GLY A 44 15.84 12.54 -12.04
C GLY A 44 16.27 13.10 -13.37
N LYS A 45 16.57 14.39 -13.43
CA LYS A 45 17.10 15.00 -14.62
C LYS A 45 18.62 15.03 -14.57
N SER A 46 19.24 14.91 -15.75
CA SER A 46 20.68 14.94 -15.88
C SER A 46 21.24 16.30 -15.51
N PRO A 47 22.37 16.31 -14.79
CA PRO A 47 23.09 17.54 -14.48
C PRO A 47 23.88 18.07 -15.67
N TYR A 48 24.18 17.14 -16.59
CA TYR A 48 25.04 17.42 -17.72
C TYR A 48 24.26 18.19 -18.78
N MET A 49 23.01 17.80 -18.96
CA MET A 49 22.08 18.54 -19.79
C MET A 49 20.66 18.22 -19.36
N ASP A 50 19.71 19.01 -19.82
CA ASP A 50 18.32 18.92 -19.38
C ASP A 50 17.58 17.75 -20.03
N MET A 51 17.80 16.56 -19.49
CA MET A 51 17.08 15.38 -19.90
C MET A 51 16.67 14.66 -18.64
N PRO A 52 15.54 14.02 -18.62
CA PRO A 52 15.25 13.09 -17.57
C PRO A 52 16.09 11.83 -17.82
N LEU A 53 16.76 11.34 -16.79
CA LEU A 53 17.68 10.22 -16.99
C LEU A 53 16.93 8.97 -17.42
N ILE A 54 17.65 8.03 -17.97
CA ILE A 54 17.05 6.83 -18.47
C ILE A 54 17.43 5.66 -17.60
N PRO A 55 16.47 4.85 -17.20
CA PRO A 55 16.73 3.75 -16.32
C PRO A 55 17.39 2.57 -17.03
N VAL A 56 18.42 2.07 -16.40
CA VAL A 56 19.25 0.98 -16.92
C VAL A 56 18.46 -0.27 -17.25
N TYR A 57 19.07 -1.05 -18.12
CA TYR A 57 18.55 -2.32 -18.68
C TYR A 57 17.02 -2.47 -18.61
N GLU A 58 16.53 -3.03 -17.51
CA GLU A 58 15.09 -3.25 -17.31
C GLU A 58 14.30 -2.00 -17.71
N GLU A 59 14.85 -0.85 -17.34
CA GLU A 59 14.28 0.45 -17.64
C GLU A 59 12.89 0.58 -17.04
N GLU A 60 12.87 0.90 -15.75
CA GLU A 60 11.65 1.00 -14.96
C GLU A 60 10.74 -0.20 -15.18
N ASN A 61 11.08 -1.31 -14.57
CA ASN A 61 10.22 -2.48 -14.56
C ASN A 61 9.69 -2.67 -13.17
N ALA A 62 10.57 -2.44 -12.20
CA ALA A 62 10.24 -2.46 -10.79
C ALA A 62 9.51 -3.71 -10.41
N ASP A 63 10.16 -4.80 -10.69
CA ASP A 63 9.71 -6.11 -10.27
C ASP A 63 8.35 -6.45 -10.88
N GLY A 64 8.21 -6.09 -12.15
CA GLY A 64 7.06 -6.47 -12.93
C GLY A 64 7.36 -7.70 -13.73
N ALA A 65 8.64 -7.99 -13.82
CA ALA A 65 9.15 -9.18 -14.47
C ALA A 65 10.08 -9.89 -13.50
N ALA A 66 9.57 -10.01 -12.28
CA ALA A 66 10.32 -10.51 -11.13
C ALA A 66 9.35 -10.64 -9.97
N VAL A 67 8.41 -9.71 -9.99
CA VAL A 67 7.28 -9.67 -9.09
C VAL A 67 7.64 -9.21 -7.68
N ARG A 68 8.78 -9.63 -7.16
CA ARG A 68 9.17 -9.22 -5.84
C ARG A 68 10.69 -9.08 -5.73
N ILE A 69 11.10 -8.03 -5.02
CA ILE A 69 12.51 -7.71 -4.84
C ILE A 69 13.23 -8.74 -4.00
N ASP A 70 14.54 -8.80 -4.17
CA ASP A 70 15.38 -9.67 -3.36
C ASP A 70 15.86 -8.91 -2.12
N GLY A 71 14.89 -8.42 -1.37
CA GLY A 71 15.14 -7.87 -0.04
C GLY A 71 15.71 -6.47 -0.05
N ARG A 72 16.09 -5.96 -1.21
CA ARG A 72 16.58 -4.60 -1.32
C ARG A 72 15.37 -3.67 -1.36
N VAL A 73 15.42 -2.63 -0.57
CA VAL A 73 14.31 -1.72 -0.47
C VAL A 73 14.70 -0.38 -1.01
N THR A 74 14.41 -0.20 -2.28
CA THR A 74 14.76 0.99 -3.01
C THR A 74 13.83 2.16 -2.61
N GLN A 75 13.86 2.49 -1.32
CA GLN A 75 12.94 3.44 -0.72
C GLN A 75 11.51 3.23 -1.21
N ASN A 76 10.93 2.13 -0.76
CA ASN A 76 9.53 1.82 -1.00
C ASN A 76 9.03 0.93 0.10
N LEU A 77 7.90 1.27 0.67
CA LEU A 77 7.29 0.44 1.70
C LEU A 77 6.68 -0.81 1.07
N GLY A 78 6.39 -0.69 -0.22
CA GLY A 78 5.88 -1.83 -0.97
C GLY A 78 4.73 -1.45 -1.85
N VAL A 79 4.06 -0.36 -1.50
CA VAL A 79 2.88 0.08 -2.24
C VAL A 79 1.84 -1.02 -2.18
N ARG A 80 1.65 -1.56 -1.00
CA ARG A 80 0.77 -2.70 -0.81
C ARG A 80 -0.67 -2.24 -0.72
N THR A 81 -1.46 -2.73 -1.66
CA THR A 81 -2.84 -2.37 -1.78
C THR A 81 -3.68 -3.62 -1.85
N ALA A 82 -4.95 -3.48 -1.54
CA ALA A 82 -5.88 -4.57 -1.74
C ALA A 82 -6.95 -4.12 -2.70
N GLU A 83 -7.14 -4.89 -3.76
CA GLU A 83 -8.15 -4.59 -4.74
C GLU A 83 -9.52 -4.94 -4.18
N VAL A 84 -10.44 -4.01 -4.30
CA VAL A 84 -11.77 -4.18 -3.75
C VAL A 84 -12.46 -5.45 -4.24
N LYS A 85 -13.02 -6.18 -3.28
CA LYS A 85 -13.72 -7.41 -3.55
C LYS A 85 -14.99 -7.45 -2.74
N LEU A 86 -16.06 -7.95 -3.32
CA LEU A 86 -17.27 -8.19 -2.55
C LEU A 86 -17.05 -9.38 -1.63
N GLY A 87 -17.84 -9.47 -0.56
CA GLY A 87 -17.66 -10.56 0.37
C GLY A 87 -18.52 -10.45 1.60
N ARG A 88 -19.80 -10.20 1.40
CA ARG A 88 -20.70 -10.06 2.52
C ARG A 88 -21.32 -11.39 2.96
N LEU A 89 -22.18 -11.30 3.94
CA LEU A 89 -22.99 -12.42 4.38
C LEU A 89 -24.40 -11.90 4.69
N GLY A 90 -25.35 -12.33 3.89
CA GLY A 90 -26.73 -11.88 4.05
C GLY A 90 -27.26 -11.26 2.78
N SER A 91 -28.40 -10.59 2.85
CA SER A 91 -28.94 -9.90 1.69
C SER A 91 -28.41 -8.48 1.64
N THR A 92 -27.17 -8.38 1.24
CA THR A 92 -26.48 -7.13 1.02
C THR A 92 -25.37 -7.39 0.01
N GLU A 93 -24.75 -6.37 -0.52
CA GLU A 93 -23.51 -6.56 -1.25
C GLU A 93 -22.56 -5.40 -0.98
N ARG A 94 -21.50 -5.69 -0.23
CA ARG A 94 -20.56 -4.67 0.18
C ARG A 94 -19.18 -4.96 -0.37
N LEU A 95 -18.34 -3.96 -0.36
CA LEU A 95 -16.97 -4.09 -0.82
C LEU A 95 -16.06 -4.32 0.38
N LEU A 96 -15.46 -5.50 0.45
CA LEU A 96 -14.65 -5.89 1.58
C LEU A 96 -13.20 -5.50 1.38
N VAL A 97 -12.65 -4.83 2.39
CA VAL A 97 -11.28 -4.35 2.36
C VAL A 97 -10.67 -4.54 3.74
N PRO A 98 -9.34 -4.60 3.82
CA PRO A 98 -8.65 -4.59 5.11
C PRO A 98 -8.99 -3.32 5.89
N SER A 99 -9.36 -3.48 7.15
CA SER A 99 -9.75 -2.36 8.00
C SER A 99 -8.66 -1.29 8.04
N GLU A 100 -7.40 -1.71 7.90
CA GLU A 100 -6.28 -0.77 7.93
C GLU A 100 -6.13 -0.01 6.60
N ALA A 101 -6.89 -0.39 5.59
CA ALA A 101 -6.76 0.27 4.30
C ALA A 101 -7.34 1.68 4.34
N LEU A 102 -8.47 1.79 5.00
CA LEU A 102 -9.27 3.00 4.94
C LEU A 102 -8.95 3.96 6.07
N ILE A 103 -9.37 5.20 5.91
CA ILE A 103 -9.33 6.18 6.98
C ILE A 103 -10.73 6.51 7.41
N ARG A 104 -11.18 5.99 8.52
CA ARG A 104 -12.46 6.42 9.01
C ARG A 104 -12.31 7.39 10.14
N THR A 105 -13.04 8.47 10.02
CA THR A 105 -12.93 9.59 10.89
C THR A 105 -14.27 10.30 10.99
N GLY A 106 -14.68 10.65 12.20
CA GLY A 106 -15.96 11.29 12.39
C GLY A 106 -17.11 10.40 11.98
N ALA A 107 -17.81 10.79 10.92
CA ALA A 107 -18.94 10.00 10.44
C ALA A 107 -18.74 9.56 8.99
N ARG A 108 -17.51 9.27 8.62
CA ARG A 108 -17.21 8.87 7.26
C ARG A 108 -15.83 8.23 7.14
N THR A 109 -15.50 7.81 5.93
CA THR A 109 -14.24 7.11 5.68
C THR A 109 -13.59 7.64 4.40
N ILE A 110 -12.28 7.44 4.28
CA ILE A 110 -11.54 7.82 3.10
C ILE A 110 -10.66 6.66 2.63
N ALA A 111 -10.46 6.57 1.32
CA ALA A 111 -9.61 5.54 0.73
C ALA A 111 -8.71 6.14 -0.34
N MET A 112 -7.41 5.91 -0.23
CA MET A 112 -6.49 6.38 -1.25
C MET A 112 -6.38 5.33 -2.36
N VAL A 113 -7.05 5.59 -3.46
CA VAL A 113 -7.21 4.61 -4.52
C VAL A 113 -6.09 4.65 -5.55
N ALA A 114 -5.60 3.46 -5.91
CA ALA A 114 -4.66 3.31 -7.00
C ALA A 114 -5.40 3.43 -8.34
N LYS A 115 -5.50 4.64 -8.85
CA LYS A 115 -6.25 4.89 -10.06
C LYS A 115 -5.39 4.63 -11.29
N GLY A 116 -6.04 4.28 -12.40
CA GLY A 116 -5.33 3.96 -13.63
C GLY A 116 -4.66 5.16 -14.27
N GLU A 117 -4.78 6.32 -13.63
CA GLU A 117 -4.13 7.53 -14.14
C GLU A 117 -2.73 7.68 -13.54
N GLY A 118 -2.29 6.64 -12.84
CA GLY A 118 -0.95 6.62 -12.29
C GLY A 118 -0.85 7.32 -10.96
N GLY A 119 -1.99 7.73 -10.43
CA GLY A 119 -2.01 8.50 -9.22
C GLY A 119 -2.92 7.90 -8.19
N PHE A 120 -2.65 8.21 -6.93
CA PHE A 120 -3.41 7.66 -5.83
C PHE A 120 -4.31 8.74 -5.24
N ASP A 121 -5.62 8.62 -5.45
CA ASP A 121 -6.52 9.69 -5.05
C ASP A 121 -7.33 9.31 -3.82
N PRO A 122 -7.60 10.24 -2.91
CA PRO A 122 -8.45 9.99 -1.75
C PRO A 122 -9.93 10.07 -2.11
N VAL A 123 -10.63 8.98 -1.88
CA VAL A 123 -12.06 8.90 -2.13
C VAL A 123 -12.82 8.96 -0.82
N GLU A 124 -13.90 9.73 -0.78
CA GLU A 124 -14.80 9.67 0.36
C GLU A 124 -15.62 8.40 0.27
N VAL A 125 -15.50 7.58 1.29
CA VAL A 125 -16.17 6.29 1.31
C VAL A 125 -16.94 6.10 2.61
N LYS A 126 -17.94 5.25 2.54
CA LYS A 126 -18.64 4.84 3.74
C LYS A 126 -18.16 3.47 4.15
N ALA A 127 -17.77 3.34 5.39
CA ALA A 127 -17.26 2.08 5.88
C ALA A 127 -17.75 1.82 7.29
N GLY A 128 -18.71 0.92 7.44
CA GLY A 128 -19.06 0.53 8.77
C GLY A 128 -19.58 -0.89 8.88
N ALA A 129 -18.69 -1.83 8.68
CA ALA A 129 -18.77 -3.14 9.28
C ALA A 129 -17.35 -3.63 9.49
N THR A 130 -17.16 -4.61 10.34
CA THR A 130 -15.84 -5.21 10.48
C THR A 130 -15.98 -6.72 10.67
N ALA A 131 -15.24 -7.46 9.87
CA ALA A 131 -15.32 -8.91 9.88
C ALA A 131 -13.97 -9.53 9.51
N GLY A 132 -13.43 -10.33 10.41
CA GLY A 132 -12.18 -11.03 10.14
C GLY A 132 -11.01 -10.09 9.95
N GLY A 133 -10.98 -9.02 10.73
CA GLY A 133 -9.92 -8.04 10.62
C GLY A 133 -10.06 -7.16 9.41
N GLN A 134 -11.21 -7.24 8.75
CA GLN A 134 -11.46 -6.45 7.56
C GLN A 134 -12.67 -5.56 7.78
N SER A 135 -12.83 -4.58 6.93
CA SER A 135 -13.96 -3.68 7.05
C SER A 135 -14.85 -3.77 5.81
N GLU A 136 -16.10 -3.37 5.97
CA GLU A 136 -17.02 -3.35 4.85
C GLU A 136 -17.19 -1.93 4.32
N ILE A 137 -16.94 -1.79 3.03
CA ILE A 137 -17.15 -0.54 2.34
C ILE A 137 -18.58 -0.49 1.81
N LEU A 138 -19.34 0.44 2.35
CA LEU A 138 -20.74 0.60 2.04
C LEU A 138 -20.89 1.52 0.83
N GLU A 139 -20.16 2.63 0.84
CA GLU A 139 -20.17 3.58 -0.23
C GLU A 139 -18.75 3.96 -0.55
N GLY A 140 -18.50 4.57 -1.69
CA GLY A 140 -17.19 5.15 -1.91
C GLY A 140 -16.39 4.45 -2.98
N LEU A 141 -16.10 3.18 -2.74
CA LEU A 141 -15.22 2.44 -3.64
C LEU A 141 -15.99 1.48 -4.54
N LYS A 142 -15.25 0.68 -5.27
CA LYS A 142 -15.79 -0.27 -6.22
C LYS A 142 -14.77 -1.37 -6.46
N ALA A 143 -15.24 -2.51 -6.93
CA ALA A 143 -14.38 -3.65 -7.20
C ALA A 143 -13.42 -3.33 -8.34
N GLY A 144 -12.15 -3.56 -8.10
CA GLY A 144 -11.14 -3.16 -9.06
C GLY A 144 -10.34 -1.97 -8.56
N GLN A 145 -10.83 -1.37 -7.49
CA GLN A 145 -10.19 -0.20 -6.89
C GLN A 145 -9.25 -0.64 -5.80
N GLN A 146 -7.99 -0.30 -5.96
CA GLN A 146 -6.97 -0.71 -5.01
C GLN A 146 -6.68 0.37 -4.00
N VAL A 147 -6.79 0.03 -2.74
CA VAL A 147 -6.51 0.94 -1.65
C VAL A 147 -5.33 0.43 -0.84
N VAL A 148 -4.43 1.35 -0.46
CA VAL A 148 -3.25 1.00 0.30
C VAL A 148 -3.62 0.41 1.65
N VAL A 149 -3.19 -0.81 1.88
CA VAL A 149 -3.52 -1.52 3.10
C VAL A 149 -2.30 -1.67 3.98
N SER A 150 -1.13 -1.54 3.37
CA SER A 150 0.17 -1.53 4.07
C SER A 150 0.21 -2.53 5.23
N GLY A 151 -0.26 -3.74 4.98
CA GLY A 151 -0.15 -4.80 5.96
C GLY A 151 1.12 -5.58 5.74
N GLN A 152 2.21 -4.83 5.57
CA GLN A 152 3.50 -5.41 5.19
C GLN A 152 4.18 -6.12 6.35
N PHE A 153 3.40 -6.54 7.33
CA PHE A 153 3.90 -7.42 8.37
C PHE A 153 3.46 -8.83 8.05
N LEU A 154 2.34 -8.93 7.35
CA LEU A 154 1.81 -10.21 6.91
C LEU A 154 2.57 -10.67 5.67
N ILE A 155 2.91 -11.95 5.62
CA ILE A 155 3.67 -12.51 4.50
C ILE A 155 2.99 -12.20 3.16
N ASP A 156 3.59 -11.32 2.37
CA ASP A 156 3.04 -10.93 1.09
C ASP A 156 3.42 -11.91 -0.03
N SER A 157 3.86 -13.10 0.36
CA SER A 157 4.28 -14.11 -0.61
C SER A 157 3.12 -14.56 -1.48
N GLU A 158 1.89 -14.30 -1.07
CA GLU A 158 0.75 -14.54 -1.94
C GLU A 158 0.91 -13.73 -3.22
N ALA A 159 1.26 -12.45 -3.06
CA ALA A 159 1.48 -11.57 -4.19
C ALA A 159 2.69 -12.01 -5.00
N SER A 160 3.64 -12.67 -4.34
CA SER A 160 4.79 -13.24 -5.02
C SER A 160 4.34 -14.31 -6.02
N LEU A 161 3.34 -15.08 -5.59
CA LEU A 161 2.81 -16.18 -6.37
C LEU A 161 1.86 -15.70 -7.46
N ARG A 162 0.92 -14.84 -7.07
CA ARG A 162 -0.11 -14.36 -8.01
C ARG A 162 0.49 -13.41 -9.04
N GLY A 163 1.45 -12.62 -8.57
CA GLY A 163 2.00 -11.55 -9.37
C GLY A 163 1.52 -10.21 -8.84
N THR A 164 2.42 -9.49 -8.18
CA THR A 164 2.15 -8.14 -7.72
C THR A 164 1.57 -7.28 -8.83
N VAL A 165 2.27 -7.23 -9.95
CA VAL A 165 1.77 -6.57 -11.14
C VAL A 165 0.93 -7.54 -11.96
N ALA A 166 1.48 -8.74 -12.17
CA ALA A 166 0.81 -9.80 -12.90
C ALA A 166 0.33 -9.34 -14.26
N ARG A 167 1.30 -9.06 -15.13
CA ARG A 167 1.00 -8.62 -16.49
C ARG A 167 0.42 -9.78 -17.30
N MET A 168 0.66 -10.98 -16.80
CA MET A 168 0.24 -12.21 -17.48
C MET A 168 -1.20 -12.53 -17.18
N GLN A 169 -1.76 -11.80 -16.22
CA GLN A 169 -3.13 -12.00 -15.80
C GLN A 169 -3.99 -10.82 -16.21
N GLU A 170 -5.22 -11.08 -16.61
CA GLU A 170 -6.14 -10.02 -16.97
C GLU A 170 -7.57 -10.46 -16.67
N THR A 171 -8.19 -9.78 -15.73
CA THR A 171 -9.53 -10.13 -15.29
C THR A 171 -10.59 -9.25 -15.96
N THR A 172 -10.42 -8.96 -17.23
CA THR A 172 -11.39 -8.16 -17.97
C THR A 172 -12.69 -8.94 -18.12
N SER A 173 -12.56 -10.19 -18.51
CA SER A 173 -13.72 -11.05 -18.70
C SER A 173 -14.08 -11.78 -17.41
N GLY A 174 -14.38 -11.01 -16.38
CA GLY A 174 -14.77 -11.60 -15.11
C GLY A 174 -16.24 -11.40 -14.84
N LEU A 175 -17.08 -12.04 -15.63
CA LEU A 175 -18.52 -11.94 -15.46
C LEU A 175 -18.98 -12.88 -14.36
N GLU A 176 -19.60 -12.37 -13.33
CA GLU A 176 -20.05 -13.22 -12.24
C GLU A 176 -21.36 -13.89 -12.59
N VAL A 177 -22.26 -13.13 -13.20
CA VAL A 177 -23.60 -13.59 -13.55
C VAL A 177 -24.46 -13.74 -12.30
N LEU A 178 -24.19 -14.76 -11.49
CA LEU A 178 -24.94 -14.99 -10.26
C LEU A 178 -24.06 -15.60 -9.17
N PHE A 179 -22.81 -15.18 -9.10
CA PHE A 179 -21.93 -15.63 -8.03
C PHE A 179 -22.10 -14.76 -6.79
N GLN A 180 -22.79 -15.30 -5.80
CA GLN A 180 -22.99 -14.61 -4.54
C GLN A 180 -23.22 -15.63 -3.43
N MET A 1 -5.95 -38.01 24.18
CA MET A 1 -5.27 -36.86 24.84
C MET A 1 -3.77 -36.94 24.62
N GLY A 2 -3.36 -36.99 23.36
CA GLY A 2 -1.96 -37.11 23.03
C GLY A 2 -1.32 -35.78 22.71
N SER A 3 -1.50 -34.83 23.62
CA SER A 3 -0.95 -33.49 23.44
C SER A 3 -0.02 -33.14 24.59
N ALA A 4 1.25 -32.90 24.26
CA ALA A 4 2.25 -32.52 25.26
C ALA A 4 1.92 -31.14 25.82
N THR A 5 1.79 -30.17 24.94
CA THR A 5 1.36 -28.84 25.33
C THR A 5 -0.12 -28.67 25.04
N VAL A 6 -0.88 -28.09 25.97
CA VAL A 6 -2.33 -28.00 25.85
C VAL A 6 -2.74 -27.42 24.50
N ASN A 7 -2.36 -26.17 24.26
CA ASN A 7 -2.69 -25.47 23.02
C ASN A 7 -4.19 -25.48 22.75
N GLY A 8 -4.91 -24.65 23.49
CA GLY A 8 -6.35 -24.55 23.29
C GLY A 8 -6.67 -23.90 21.96
N PRO A 9 -7.81 -24.26 21.34
CA PRO A 9 -8.24 -23.66 20.09
C PRO A 9 -8.56 -22.18 20.24
N HIS A 10 -7.73 -21.34 19.62
CA HIS A 10 -7.85 -19.89 19.68
C HIS A 10 -7.59 -19.35 21.09
N ASP A 11 -7.64 -18.04 21.23
CA ASP A 11 -7.41 -17.36 22.49
C ASP A 11 -8.02 -15.97 22.43
N GLY A 12 -7.60 -15.22 21.43
CA GLY A 12 -8.08 -13.88 21.22
C GLY A 12 -7.90 -13.45 19.79
N HIS A 13 -7.12 -12.39 19.58
CA HIS A 13 -6.87 -11.86 18.24
C HIS A 13 -8.18 -11.61 17.51
N ASP A 14 -9.03 -10.80 18.13
CA ASP A 14 -10.34 -10.49 17.56
C ASP A 14 -10.37 -9.05 17.08
N PRO A 15 -10.17 -8.85 15.76
CA PRO A 15 -10.13 -7.51 15.19
C PRO A 15 -11.51 -6.86 15.10
N ALA A 16 -11.75 -5.89 15.95
CA ALA A 16 -12.97 -5.10 15.87
C ALA A 16 -12.64 -3.64 15.67
N ALA A 17 -11.34 -3.36 15.59
CA ALA A 17 -10.83 -1.99 15.50
C ALA A 17 -11.19 -1.21 16.75
N GLY A 18 -10.90 -1.78 17.91
CA GLY A 18 -11.25 -1.16 19.16
C GLY A 18 -10.04 -0.75 19.97
N ALA A 19 -9.02 -0.25 19.27
CA ALA A 19 -7.79 0.19 19.93
C ALA A 19 -7.74 1.70 20.00
N GLU A 20 -8.47 2.33 19.08
CA GLU A 20 -8.44 3.78 18.90
C GLU A 20 -7.11 4.20 18.27
N LEU A 21 -7.23 4.69 17.03
CA LEU A 21 -6.11 5.09 16.15
C LEU A 21 -4.85 5.53 16.90
N LYS A 22 -5.08 6.42 17.88
CA LYS A 22 -4.03 7.01 18.72
C LYS A 22 -3.00 5.98 19.14
N THR A 23 -3.48 4.80 19.45
CA THR A 23 -2.64 3.67 19.79
C THR A 23 -3.25 2.43 19.16
N GLY A 24 -3.60 2.57 17.89
CA GLY A 24 -4.28 1.51 17.18
C GLY A 24 -3.52 0.23 17.20
N LYS A 25 -2.21 0.36 17.14
CA LYS A 25 -1.32 -0.78 17.17
C LYS A 25 0.10 -0.26 17.32
N ARG A 26 0.31 0.43 18.42
CA ARG A 26 1.60 1.05 18.69
C ARG A 26 2.15 0.57 20.02
N ILE A 27 3.45 0.32 20.02
CA ILE A 27 4.14 -0.39 21.09
C ILE A 27 3.82 0.10 22.48
N LEU A 28 3.42 -0.85 23.30
CA LEU A 28 3.05 -0.59 24.66
C LEU A 28 4.03 -1.28 25.61
N TYR A 29 4.46 -2.49 25.24
CA TYR A 29 5.39 -3.28 26.04
C TYR A 29 5.75 -4.58 25.32
N TRP A 30 6.48 -5.45 26.03
CA TRP A 30 7.00 -6.68 25.47
C TRP A 30 6.56 -7.88 26.28
N ARG A 31 6.42 -9.02 25.64
CA ARG A 31 5.97 -10.23 26.29
C ARG A 31 6.50 -11.48 25.58
N ASP A 32 6.78 -12.51 26.36
CA ASP A 32 7.10 -13.82 25.79
C ASP A 32 5.79 -14.49 25.39
N PRO A 33 5.68 -15.01 24.17
CA PRO A 33 4.48 -15.73 23.75
C PRO A 33 4.21 -16.98 24.60
N MET A 34 5.22 -17.39 25.37
CA MET A 34 5.07 -18.52 26.27
C MET A 34 4.73 -18.05 27.68
N VAL A 35 4.58 -16.75 27.87
CA VAL A 35 4.21 -16.21 29.17
C VAL A 35 3.00 -15.24 29.09
N PRO A 36 1.98 -15.55 28.25
CA PRO A 36 0.87 -14.62 28.00
C PRO A 36 0.07 -14.31 29.27
N GLY A 37 -0.13 -13.03 29.54
CA GLY A 37 -0.83 -12.62 30.74
C GLY A 37 0.06 -11.83 31.66
N GLN A 38 1.34 -11.76 31.30
CA GLN A 38 2.32 -11.00 32.07
C GLN A 38 2.38 -9.56 31.57
N ARG A 39 3.24 -8.75 32.17
CA ARG A 39 3.50 -7.42 31.65
C ARG A 39 4.99 -7.07 31.80
N PHE A 40 5.73 -7.03 30.71
CA PHE A 40 7.08 -6.51 30.77
C PHE A 40 7.07 -5.05 30.35
N ASP A 41 7.52 -4.19 31.24
CA ASP A 41 7.44 -2.74 31.04
C ASP A 41 8.26 -2.35 29.82
N LYS A 42 9.37 -3.04 29.64
CA LYS A 42 10.31 -2.68 28.59
C LYS A 42 11.01 -3.93 28.04
N PRO A 43 11.36 -3.85 26.74
CA PRO A 43 12.00 -4.93 25.97
C PRO A 43 13.25 -5.50 26.61
N GLY A 44 13.43 -6.80 26.48
CA GLY A 44 14.60 -7.47 27.00
C GLY A 44 14.55 -8.97 26.76
N LYS A 45 15.26 -9.72 27.57
CA LYS A 45 15.25 -11.17 27.50
C LYS A 45 14.29 -11.72 28.54
N SER A 46 13.59 -12.78 28.19
CA SER A 46 12.64 -13.41 29.09
C SER A 46 13.36 -14.02 30.29
N PRO A 47 12.85 -13.76 31.50
CA PRO A 47 13.35 -14.40 32.73
C PRO A 47 12.99 -15.88 32.77
N TYR A 48 11.86 -16.19 32.14
CA TYR A 48 11.32 -17.53 32.14
C TYR A 48 12.19 -18.46 31.29
N MET A 49 12.71 -17.93 30.20
CA MET A 49 13.72 -18.63 29.42
C MET A 49 14.51 -17.63 28.59
N ASP A 50 15.76 -17.95 28.25
CA ASP A 50 16.65 -16.98 27.59
C ASP A 50 16.28 -16.79 26.12
N MET A 51 15.22 -16.04 25.88
CA MET A 51 14.90 -15.56 24.55
C MET A 51 14.39 -14.14 24.67
N PRO A 52 14.70 -13.30 23.68
CA PRO A 52 14.27 -11.91 23.69
C PRO A 52 12.76 -11.84 23.59
N LEU A 53 12.14 -11.03 24.45
CA LEU A 53 10.70 -10.92 24.48
C LEU A 53 10.18 -10.40 23.15
N ILE A 54 8.91 -10.63 22.88
CA ILE A 54 8.35 -10.24 21.60
C ILE A 54 7.51 -9.00 21.76
N PRO A 55 7.69 -8.02 20.88
CA PRO A 55 6.93 -6.79 20.92
C PRO A 55 5.52 -6.97 20.36
N VAL A 56 4.63 -6.14 20.87
CA VAL A 56 3.23 -6.17 20.51
C VAL A 56 2.98 -5.59 19.11
N TYR A 57 1.86 -6.00 18.56
CA TYR A 57 1.36 -5.69 17.21
C TYR A 57 2.38 -5.07 16.25
N GLU A 58 2.55 -3.75 16.30
CA GLU A 58 3.44 -3.04 15.39
C GLU A 58 4.84 -3.66 15.42
N GLU A 59 5.29 -3.99 16.60
CA GLU A 59 6.58 -4.64 16.80
C GLU A 59 7.76 -3.74 16.47
N GLU A 60 8.15 -2.96 17.48
CA GLU A 60 9.44 -2.28 17.54
C GLU A 60 9.54 -1.12 16.57
N ASN A 61 8.64 -0.16 16.77
CA ASN A 61 8.52 0.99 15.88
C ASN A 61 8.25 2.27 16.68
N ALA A 62 7.25 2.23 17.57
CA ALA A 62 6.89 3.39 18.40
C ALA A 62 8.13 4.10 18.86
N ASP A 63 8.96 3.36 19.57
CA ASP A 63 10.28 3.78 19.93
C ASP A 63 10.97 2.62 20.64
N GLY A 64 10.59 1.42 20.21
CA GLY A 64 11.03 0.19 20.85
C GLY A 64 12.53 0.01 20.83
N ALA A 65 13.16 0.71 19.91
CA ALA A 65 14.59 0.65 19.74
C ALA A 65 15.11 2.04 19.42
N ALA A 66 14.47 3.03 20.04
CA ALA A 66 14.68 4.43 19.74
C ALA A 66 14.37 4.71 18.27
N VAL A 67 13.41 3.96 17.74
CA VAL A 67 12.94 4.16 16.37
C VAL A 67 12.23 5.49 16.28
N ARG A 68 11.08 5.54 16.93
CA ARG A 68 10.19 6.69 16.93
C ARG A 68 9.61 6.96 15.56
N ILE A 69 8.32 7.24 15.55
CA ILE A 69 7.64 7.58 14.30
C ILE A 69 8.02 8.99 13.87
N ASP A 70 7.95 9.22 12.57
CA ASP A 70 8.33 10.47 11.99
C ASP A 70 7.16 11.44 11.96
N GLY A 71 6.24 11.24 12.90
CA GLY A 71 5.01 12.01 12.91
C GLY A 71 4.05 11.51 11.87
N ARG A 72 4.37 10.34 11.34
CA ARG A 72 3.71 9.75 10.19
C ARG A 72 3.61 10.73 9.03
N VAL A 73 4.52 10.58 8.12
CA VAL A 73 4.55 11.36 6.91
C VAL A 73 4.67 10.47 5.70
N THR A 74 5.76 9.73 5.70
CA THR A 74 6.06 8.77 4.70
C THR A 74 4.89 7.83 4.47
N GLN A 75 4.32 7.94 3.30
CA GLN A 75 3.21 7.10 2.88
C GLN A 75 3.69 5.74 2.42
N ASN A 76 4.44 5.10 3.31
CA ASN A 76 5.06 3.80 3.09
C ASN A 76 6.15 3.87 2.03
N LEU A 77 7.16 3.05 2.20
CA LEU A 77 8.28 3.01 1.27
C LEU A 77 8.01 2.01 0.13
N GLY A 78 7.01 1.16 0.32
CA GLY A 78 6.69 0.17 -0.68
C GLY A 78 5.28 0.32 -1.20
N VAL A 79 4.38 0.75 -0.32
CA VAL A 79 2.98 0.98 -0.67
C VAL A 79 2.29 -0.32 -1.06
N ARG A 80 1.75 -0.97 -0.05
CA ARG A 80 1.03 -2.23 -0.23
C ARG A 80 -0.45 -1.92 -0.46
N THR A 81 -1.02 -2.54 -1.47
CA THR A 81 -2.38 -2.25 -1.88
C THR A 81 -3.19 -3.54 -2.02
N ALA A 82 -4.47 -3.46 -1.74
CA ALA A 82 -5.37 -4.59 -1.91
C ALA A 82 -6.50 -4.18 -2.85
N GLU A 83 -6.83 -5.07 -3.78
CA GLU A 83 -7.90 -4.82 -4.70
C GLU A 83 -9.25 -5.04 -4.02
N VAL A 84 -10.21 -4.19 -4.35
CA VAL A 84 -11.54 -4.25 -3.79
C VAL A 84 -12.29 -5.47 -4.26
N LYS A 85 -12.87 -6.15 -3.29
CA LYS A 85 -13.62 -7.38 -3.53
C LYS A 85 -14.98 -7.25 -2.92
N LEU A 86 -15.93 -7.99 -3.43
CA LEU A 86 -17.19 -8.18 -2.73
C LEU A 86 -17.09 -9.41 -1.83
N GLY A 87 -18.03 -9.55 -0.90
CA GLY A 87 -17.99 -10.70 -0.02
C GLY A 87 -18.92 -10.58 1.16
N ARG A 88 -20.18 -10.32 0.89
CA ARG A 88 -21.17 -10.26 1.95
C ARG A 88 -21.85 -11.61 2.14
N LEU A 89 -22.81 -11.64 3.05
CA LEU A 89 -23.65 -12.81 3.24
C LEU A 89 -25.10 -12.38 3.49
N GLY A 90 -25.95 -12.66 2.52
CA GLY A 90 -27.36 -12.35 2.64
C GLY A 90 -27.83 -11.45 1.52
N SER A 91 -28.98 -10.81 1.70
CA SER A 91 -29.46 -9.86 0.71
C SER A 91 -28.77 -8.51 0.91
N THR A 92 -27.53 -8.47 0.47
CA THR A 92 -26.70 -7.27 0.53
C THR A 92 -25.67 -7.37 -0.58
N GLU A 93 -24.99 -6.28 -0.89
CA GLU A 93 -23.75 -6.38 -1.65
C GLU A 93 -22.76 -5.33 -1.18
N ARG A 94 -21.68 -5.77 -0.55
CA ARG A 94 -20.72 -4.84 0.03
C ARG A 94 -19.32 -5.13 -0.48
N LEU A 95 -18.46 -4.14 -0.42
CA LEU A 95 -17.06 -4.29 -0.78
C LEU A 95 -16.26 -4.60 0.47
N LEU A 96 -15.50 -5.68 0.43
CA LEU A 96 -14.70 -6.08 1.57
C LEU A 96 -13.25 -5.72 1.34
N VAL A 97 -12.69 -5.05 2.31
CA VAL A 97 -11.32 -4.57 2.26
C VAL A 97 -10.68 -4.73 3.62
N PRO A 98 -9.35 -4.80 3.69
CA PRO A 98 -8.65 -4.75 4.96
C PRO A 98 -9.08 -3.52 5.77
N SER A 99 -9.49 -3.70 7.03
CA SER A 99 -9.92 -2.60 7.87
C SER A 99 -8.87 -1.48 7.96
N GLU A 100 -7.59 -1.82 7.77
CA GLU A 100 -6.55 -0.81 7.80
C GLU A 100 -6.28 -0.24 6.40
N ALA A 101 -7.15 -0.53 5.45
CA ALA A 101 -7.03 0.05 4.13
C ALA A 101 -7.69 1.42 4.08
N LEU A 102 -8.71 1.59 4.92
CA LEU A 102 -9.50 2.80 4.89
C LEU A 102 -9.08 3.77 5.97
N ILE A 103 -9.42 5.02 5.77
CA ILE A 103 -9.09 6.08 6.69
C ILE A 103 -10.31 6.49 7.49
N ARG A 104 -10.22 6.42 8.80
CA ARG A 104 -11.29 6.96 9.62
C ARG A 104 -10.99 8.38 10.03
N THR A 105 -11.89 9.28 9.67
CA THR A 105 -11.72 10.66 10.04
C THR A 105 -13.09 11.33 10.20
N GLY A 106 -13.19 12.24 11.17
CA GLY A 106 -14.41 12.98 11.40
C GLY A 106 -15.62 12.07 11.52
N ALA A 107 -16.55 12.20 10.58
CA ALA A 107 -17.74 11.36 10.56
C ALA A 107 -17.82 10.58 9.26
N ARG A 108 -16.68 10.16 8.75
CA ARG A 108 -16.62 9.50 7.46
C ARG A 108 -15.41 8.59 7.34
N THR A 109 -15.27 7.98 6.17
CA THR A 109 -14.13 7.14 5.86
C THR A 109 -13.56 7.53 4.52
N ILE A 110 -12.25 7.40 4.35
CA ILE A 110 -11.60 7.74 3.09
C ILE A 110 -10.76 6.57 2.60
N ALA A 111 -10.61 6.42 1.30
CA ALA A 111 -9.77 5.40 0.72
C ALA A 111 -8.88 6.00 -0.36
N MET A 112 -7.57 5.84 -0.22
CA MET A 112 -6.65 6.31 -1.24
C MET A 112 -6.47 5.23 -2.30
N VAL A 113 -7.17 5.40 -3.41
CA VAL A 113 -7.21 4.42 -4.46
C VAL A 113 -6.00 4.54 -5.37
N ALA A 114 -5.41 3.41 -5.72
CA ALA A 114 -4.34 3.38 -6.70
C ALA A 114 -4.94 3.57 -8.08
N LYS A 115 -5.17 4.82 -8.42
CA LYS A 115 -5.94 5.18 -9.59
C LYS A 115 -5.12 5.03 -10.87
N GLY A 116 -5.82 4.73 -11.96
CA GLY A 116 -5.17 4.53 -13.25
C GLY A 116 -4.48 5.77 -13.78
N GLU A 117 -4.65 6.88 -13.08
CA GLU A 117 -3.97 8.12 -13.40
C GLU A 117 -2.51 8.04 -13.01
N GLY A 118 -2.15 7.01 -12.29
CA GLY A 118 -0.80 6.92 -11.78
C GLY A 118 -0.63 7.69 -10.49
N GLY A 119 -1.71 7.75 -9.73
CA GLY A 119 -1.70 8.47 -8.48
C GLY A 119 -2.74 7.92 -7.53
N PHE A 120 -2.62 8.25 -6.27
CA PHE A 120 -3.55 7.79 -5.26
C PHE A 120 -4.60 8.84 -4.98
N ASP A 121 -5.85 8.53 -5.36
CA ASP A 121 -6.93 9.49 -5.23
C ASP A 121 -7.77 9.15 -4.02
N PRO A 122 -8.23 10.14 -3.25
CA PRO A 122 -8.98 9.89 -2.04
C PRO A 122 -10.49 9.73 -2.32
N VAL A 123 -11.01 8.59 -1.92
CA VAL A 123 -12.43 8.31 -2.07
C VAL A 123 -13.12 8.37 -0.72
N GLU A 124 -14.12 9.23 -0.58
CA GLU A 124 -14.94 9.24 0.60
C GLU A 124 -15.88 8.04 0.56
N VAL A 125 -15.78 7.19 1.56
CA VAL A 125 -16.52 5.93 1.57
C VAL A 125 -17.29 5.73 2.87
N LYS A 126 -18.36 4.96 2.74
CA LYS A 126 -19.22 4.60 3.85
C LYS A 126 -18.76 3.27 4.43
N ALA A 127 -18.58 3.23 5.74
CA ALA A 127 -17.93 2.09 6.36
C ALA A 127 -18.83 1.39 7.34
N GLY A 128 -19.14 0.20 6.93
CA GLY A 128 -19.81 -0.78 7.70
C GLY A 128 -18.83 -1.62 8.47
N ALA A 129 -19.41 -2.45 9.27
CA ALA A 129 -18.78 -3.24 10.32
C ALA A 129 -17.49 -3.94 9.89
N THR A 130 -16.71 -4.35 10.89
CA THR A 130 -15.44 -5.01 10.65
C THR A 130 -15.59 -6.48 10.97
N ALA A 131 -15.09 -7.31 10.09
CA ALA A 131 -15.27 -8.74 10.22
C ALA A 131 -14.06 -9.50 9.68
N GLY A 132 -13.41 -10.26 10.54
CA GLY A 132 -12.25 -11.04 10.13
C GLY A 132 -11.07 -10.18 9.73
N GLY A 133 -10.98 -9.01 10.34
CA GLY A 133 -9.91 -8.09 10.01
C GLY A 133 -10.19 -7.28 8.76
N GLN A 134 -11.40 -7.44 8.23
CA GLN A 134 -11.79 -6.72 7.04
C GLN A 134 -12.95 -5.79 7.35
N SER A 135 -13.09 -4.73 6.60
CA SER A 135 -14.19 -3.81 6.82
C SER A 135 -15.29 -4.01 5.80
N GLU A 136 -16.51 -3.74 6.22
CA GLU A 136 -17.66 -3.74 5.34
C GLU A 136 -17.78 -2.39 4.65
N ILE A 137 -17.48 -2.31 3.37
CA ILE A 137 -17.63 -1.05 2.65
C ILE A 137 -19.00 -0.99 2.00
N LEU A 138 -19.79 -0.05 2.48
CA LEU A 138 -21.17 0.10 2.10
C LEU A 138 -21.31 0.95 0.85
N GLU A 139 -20.63 2.08 0.86
CA GLU A 139 -20.65 2.99 -0.27
C GLU A 139 -19.28 3.62 -0.42
N GLY A 140 -19.04 4.27 -1.54
CA GLY A 140 -17.79 4.97 -1.68
C GLY A 140 -16.91 4.40 -2.76
N LEU A 141 -16.31 3.26 -2.46
CA LEU A 141 -15.26 2.70 -3.27
C LEU A 141 -15.81 1.64 -4.23
N LYS A 142 -14.96 1.06 -5.08
CA LYS A 142 -15.45 0.14 -6.11
C LYS A 142 -14.56 -1.08 -6.25
N ALA A 143 -15.19 -2.18 -6.63
CA ALA A 143 -14.54 -3.46 -6.82
C ALA A 143 -13.61 -3.41 -8.02
N GLY A 144 -12.48 -4.09 -7.92
CA GLY A 144 -11.54 -4.11 -9.02
C GLY A 144 -10.59 -2.94 -8.96
N GLN A 145 -10.74 -2.10 -7.94
CA GLN A 145 -9.83 -1.00 -7.74
C GLN A 145 -8.87 -1.33 -6.61
N GLN A 146 -7.71 -0.75 -6.65
CA GLN A 146 -6.72 -0.98 -5.61
C GLN A 146 -6.74 0.14 -4.58
N VAL A 147 -6.59 -0.23 -3.32
CA VAL A 147 -6.48 0.74 -2.24
C VAL A 147 -5.35 0.35 -1.31
N VAL A 148 -4.65 1.35 -0.79
CA VAL A 148 -3.48 1.12 0.04
C VAL A 148 -3.87 0.48 1.37
N VAL A 149 -3.19 -0.61 1.72
CA VAL A 149 -3.43 -1.32 2.95
C VAL A 149 -2.16 -1.35 3.77
N SER A 150 -1.33 -0.36 3.52
CA SER A 150 0.02 -0.27 4.06
C SER A 150 0.04 0.03 5.57
N GLY A 151 -1.10 -0.16 6.23
CA GLY A 151 -1.15 -0.01 7.66
C GLY A 151 -0.55 -1.23 8.35
N GLN A 152 -0.64 -2.37 7.69
CA GLN A 152 -0.11 -3.62 8.21
C GLN A 152 0.17 -4.58 7.06
N PHE A 153 1.29 -5.29 7.15
CA PHE A 153 1.70 -6.20 6.09
C PHE A 153 2.68 -7.24 6.62
N LEU A 154 3.03 -8.21 5.79
CA LEU A 154 3.97 -9.25 6.21
C LEU A 154 5.35 -9.07 5.57
N ILE A 155 5.97 -7.94 5.88
CA ILE A 155 7.36 -7.71 5.50
C ILE A 155 8.03 -6.81 6.53
N ASP A 156 7.29 -6.47 7.58
CA ASP A 156 7.78 -5.57 8.61
C ASP A 156 8.81 -6.27 9.48
N SER A 157 8.86 -7.59 9.42
CA SER A 157 9.91 -8.32 10.12
C SER A 157 11.28 -7.83 9.66
N GLU A 158 11.40 -7.65 8.35
CA GLU A 158 12.63 -7.21 7.75
C GLU A 158 12.78 -5.72 7.99
N ALA A 159 11.63 -5.04 7.95
CA ALA A 159 11.56 -3.60 8.12
C ALA A 159 12.10 -3.18 9.48
N SER A 160 12.00 -4.06 10.45
CA SER A 160 12.54 -3.80 11.77
C SER A 160 14.05 -4.02 11.78
N LEU A 161 14.51 -5.03 11.07
CA LEU A 161 15.93 -5.39 11.09
C LEU A 161 16.74 -4.47 10.17
N ARG A 162 16.11 -3.93 9.14
CA ARG A 162 16.79 -3.06 8.18
C ARG A 162 17.08 -1.68 8.76
N GLY A 163 16.73 -1.48 10.02
CA GLY A 163 16.99 -0.21 10.66
C GLY A 163 15.72 0.50 11.06
N THR A 164 14.61 -0.23 11.04
CA THR A 164 13.28 0.29 11.36
C THR A 164 12.94 1.55 10.55
N VAL A 165 13.14 2.72 11.15
CA VAL A 165 12.94 3.97 10.45
C VAL A 165 14.10 4.22 9.48
N ALA A 166 13.96 3.64 8.29
CA ALA A 166 15.01 3.71 7.28
C ALA A 166 15.22 5.13 6.79
N ARG A 167 16.46 5.59 6.89
CA ARG A 167 16.82 6.95 6.49
C ARG A 167 16.87 7.05 4.97
N MET A 168 15.72 7.40 4.40
CA MET A 168 15.58 7.61 2.95
C MET A 168 14.32 8.41 2.68
N GLN A 169 13.91 9.20 3.66
CA GLN A 169 12.68 9.97 3.59
C GLN A 169 12.89 11.36 4.14
N GLU A 170 13.97 11.98 3.71
CA GLU A 170 14.35 13.30 4.20
C GLU A 170 13.74 14.39 3.32
N THR A 171 12.97 13.95 2.33
CA THR A 171 12.29 14.85 1.43
C THR A 171 10.83 14.47 1.29
N THR A 172 9.98 15.45 1.02
CA THR A 172 8.57 15.21 0.75
C THR A 172 7.93 16.49 0.24
N SER A 173 6.69 16.39 -0.20
CA SER A 173 5.97 17.52 -0.75
C SER A 173 4.48 17.34 -0.52
N GLY A 174 3.72 18.41 -0.71
CA GLY A 174 2.30 18.37 -0.47
C GLY A 174 1.98 18.41 1.00
N LEU A 175 2.57 19.37 1.70
CA LEU A 175 2.42 19.50 3.14
C LEU A 175 1.11 20.18 3.52
N GLU A 176 0.04 19.77 2.85
CA GLU A 176 -1.28 20.24 3.20
C GLU A 176 -1.93 19.24 4.14
N VAL A 177 -2.16 19.68 5.39
CA VAL A 177 -2.69 18.84 6.47
C VAL A 177 -1.98 17.48 6.53
N LEU A 178 -2.58 16.51 7.23
CA LEU A 178 -2.05 15.15 7.29
C LEU A 178 -0.61 15.12 7.83
N PHE A 179 -0.39 15.78 8.97
CA PHE A 179 0.85 15.65 9.74
C PHE A 179 2.12 15.98 8.94
N GLN A 180 2.63 17.19 9.13
CA GLN A 180 3.88 17.59 8.50
C GLN A 180 5.06 17.35 9.44
N MET A 1 -8.95 21.37 -12.68
CA MET A 1 -7.61 20.93 -13.12
C MET A 1 -7.00 21.93 -14.09
N GLY A 2 -6.27 22.90 -13.57
CA GLY A 2 -5.65 23.91 -14.40
C GLY A 2 -6.64 24.94 -14.89
N SER A 3 -7.79 25.00 -14.23
CA SER A 3 -8.84 25.93 -14.61
C SER A 3 -8.60 27.30 -14.01
N ALA A 4 -8.28 27.34 -12.72
CA ALA A 4 -8.05 28.59 -12.00
C ALA A 4 -9.26 29.52 -12.15
N THR A 5 -10.41 29.03 -11.72
CA THR A 5 -11.67 29.76 -11.82
C THR A 5 -11.58 31.12 -11.14
N VAL A 6 -10.93 31.15 -9.99
CA VAL A 6 -10.79 32.38 -9.23
C VAL A 6 -9.42 33.02 -9.47
N ASN A 7 -8.72 32.51 -10.50
CA ASN A 7 -7.36 32.94 -10.84
C ASN A 7 -6.35 32.40 -9.84
N GLY A 8 -6.57 32.67 -8.56
CA GLY A 8 -5.70 32.17 -7.52
C GLY A 8 -6.07 30.75 -7.11
N PRO A 9 -5.88 30.40 -5.84
CA PRO A 9 -6.17 29.05 -5.34
C PRO A 9 -7.67 28.79 -5.21
N HIS A 10 -8.10 27.65 -5.73
CA HIS A 10 -9.50 27.26 -5.66
C HIS A 10 -9.63 25.97 -4.83
N ASP A 11 -8.92 25.96 -3.70
CA ASP A 11 -8.87 24.81 -2.81
C ASP A 11 -8.28 23.58 -3.51
N GLY A 12 -8.45 22.42 -2.90
CA GLY A 12 -7.93 21.19 -3.46
C GLY A 12 -6.50 20.97 -3.06
N HIS A 13 -5.74 20.31 -3.91
CA HIS A 13 -4.32 20.10 -3.65
C HIS A 13 -3.49 20.92 -4.65
N ASP A 14 -2.65 21.80 -4.14
CA ASP A 14 -1.79 22.61 -4.99
C ASP A 14 -0.33 22.30 -4.73
N PRO A 15 0.24 21.30 -5.43
CA PRO A 15 1.64 20.94 -5.29
C PRO A 15 2.53 21.68 -6.28
N ALA A 16 3.84 21.55 -6.13
CA ALA A 16 4.76 22.22 -7.04
C ALA A 16 4.60 21.69 -8.46
N ALA A 17 4.83 20.40 -8.61
CA ALA A 17 4.66 19.74 -9.89
C ALA A 17 3.60 18.66 -9.78
N GLY A 18 3.38 17.94 -10.87
CA GLY A 18 2.41 16.86 -10.83
C GLY A 18 3.02 15.57 -10.37
N ALA A 19 2.97 14.55 -11.21
CA ALA A 19 3.57 13.27 -10.90
C ALA A 19 4.80 13.04 -11.76
N GLU A 20 5.13 14.07 -12.53
CA GLU A 20 6.23 14.03 -13.49
C GLU A 20 5.92 13.02 -14.58
N LEU A 21 5.01 13.38 -15.47
CA LEU A 21 4.59 12.50 -16.57
C LEU A 21 3.91 11.26 -16.01
N LYS A 22 2.60 11.40 -15.77
CA LYS A 22 1.78 10.40 -15.10
C LYS A 22 1.96 9.02 -15.70
N THR A 23 2.21 8.98 -17.00
CA THR A 23 2.44 7.73 -17.70
C THR A 23 3.09 8.01 -19.06
N GLY A 24 4.20 8.72 -19.03
CA GLY A 24 4.96 8.95 -20.23
C GLY A 24 5.52 7.67 -20.75
N LYS A 25 6.28 7.00 -19.91
CA LYS A 25 6.78 5.69 -20.21
C LYS A 25 7.19 4.97 -18.93
N ARG A 26 6.25 4.95 -18.00
CA ARG A 26 6.43 4.27 -16.73
C ARG A 26 5.38 3.18 -16.58
N ILE A 27 5.82 2.08 -15.97
CA ILE A 27 5.07 0.83 -15.91
C ILE A 27 3.64 1.04 -15.46
N LEU A 28 2.74 0.65 -16.34
CA LEU A 28 1.32 0.80 -16.14
C LEU A 28 0.68 -0.56 -15.89
N TYR A 29 1.19 -1.58 -16.57
CA TYR A 29 0.67 -2.95 -16.48
C TYR A 29 1.54 -3.88 -17.30
N TRP A 30 1.11 -5.14 -17.42
CA TRP A 30 1.88 -6.19 -18.09
C TRP A 30 1.08 -6.85 -19.19
N ARG A 31 1.81 -7.39 -20.17
CA ARG A 31 1.20 -8.06 -21.29
C ARG A 31 2.18 -9.05 -21.92
N ASP A 32 1.64 -10.10 -22.51
CA ASP A 32 2.46 -11.01 -23.32
C ASP A 32 2.59 -10.40 -24.72
N PRO A 33 3.79 -10.38 -25.29
CA PRO A 33 3.99 -9.88 -26.65
C PRO A 33 3.22 -10.71 -27.69
N MET A 34 2.74 -11.87 -27.26
CA MET A 34 1.92 -12.71 -28.12
C MET A 34 0.44 -12.47 -27.85
N VAL A 35 0.14 -11.54 -26.96
CA VAL A 35 -1.26 -11.19 -26.67
C VAL A 35 -1.53 -9.67 -26.73
N PRO A 36 -0.88 -8.93 -27.66
CA PRO A 36 -0.95 -7.46 -27.68
C PRO A 36 -2.38 -6.95 -27.74
N GLY A 37 -2.75 -6.19 -26.72
CA GLY A 37 -4.12 -5.72 -26.61
C GLY A 37 -4.72 -6.13 -25.28
N GLN A 38 -4.12 -7.14 -24.68
CA GLN A 38 -4.53 -7.62 -23.37
C GLN A 38 -3.85 -6.81 -22.27
N ARG A 39 -4.66 -6.09 -21.50
CA ARG A 39 -4.16 -5.33 -20.37
C ARG A 39 -4.40 -6.09 -19.07
N PHE A 40 -3.33 -6.71 -18.57
CA PHE A 40 -3.38 -7.44 -17.32
C PHE A 40 -3.39 -6.47 -16.16
N ASP A 41 -4.09 -6.88 -15.10
CA ASP A 41 -4.31 -6.07 -13.91
C ASP A 41 -3.00 -5.79 -13.22
N LYS A 42 -2.06 -6.70 -13.40
CA LYS A 42 -0.76 -6.62 -12.74
C LYS A 42 0.20 -7.65 -13.33
N PRO A 43 1.50 -7.54 -13.05
CA PRO A 43 2.50 -8.52 -13.52
C PRO A 43 2.13 -9.98 -13.17
N GLY A 44 2.85 -10.92 -13.76
CA GLY A 44 2.59 -12.31 -13.50
C GLY A 44 2.91 -13.19 -14.70
N LYS A 45 2.35 -14.39 -14.73
CA LYS A 45 2.55 -15.31 -15.84
C LYS A 45 1.38 -15.23 -16.81
N SER A 46 1.67 -15.45 -18.09
CA SER A 46 0.63 -15.43 -19.10
C SER A 46 -0.27 -16.65 -19.00
N PRO A 47 -1.59 -16.44 -18.96
CA PRO A 47 -2.55 -17.54 -18.97
C PRO A 47 -2.62 -18.16 -20.37
N TYR A 48 -2.24 -17.36 -21.35
CA TYR A 48 -2.34 -17.73 -22.75
C TYR A 48 -1.30 -18.77 -23.10
N MET A 49 -0.21 -18.81 -22.35
CA MET A 49 0.70 -19.92 -22.46
C MET A 49 1.31 -20.31 -21.11
N ASP A 50 2.57 -19.96 -20.88
CA ASP A 50 3.18 -20.11 -19.58
C ASP A 50 4.49 -19.35 -19.48
N MET A 51 4.45 -18.06 -19.70
CA MET A 51 5.65 -17.24 -19.57
C MET A 51 5.33 -15.99 -18.77
N PRO A 52 6.30 -15.46 -18.04
CA PRO A 52 6.10 -14.23 -17.29
C PRO A 52 5.89 -13.09 -18.24
N LEU A 53 4.85 -12.30 -17.98
CA LEU A 53 4.46 -11.23 -18.87
C LEU A 53 5.59 -10.22 -19.04
N ILE A 54 5.53 -9.45 -20.09
CA ILE A 54 6.59 -8.53 -20.42
C ILE A 54 6.19 -7.15 -19.96
N PRO A 55 7.08 -6.47 -19.25
CA PRO A 55 6.81 -5.14 -18.78
C PRO A 55 6.87 -4.12 -19.89
N VAL A 56 6.01 -3.12 -19.76
CA VAL A 56 5.89 -2.03 -20.71
C VAL A 56 7.12 -1.12 -20.69
N TYR A 57 7.24 -0.41 -21.80
CA TYR A 57 8.31 0.53 -22.16
C TYR A 57 9.51 0.57 -21.21
N GLU A 58 9.35 1.18 -20.05
CA GLU A 58 10.47 1.49 -19.18
C GLU A 58 11.20 0.23 -18.73
N GLU A 59 10.36 -0.77 -18.48
CA GLU A 59 10.76 -2.11 -18.09
C GLU A 59 11.75 -2.10 -16.96
N GLU A 60 11.55 -1.17 -16.06
CA GLU A 60 12.49 -0.89 -14.98
C GLU A 60 11.85 -0.06 -13.88
N ASN A 61 10.76 -0.57 -13.38
CA ASN A 61 10.08 0.01 -12.21
C ASN A 61 9.38 -1.08 -11.40
N ALA A 62 8.88 -2.07 -12.15
CA ALA A 62 8.22 -3.26 -11.62
C ALA A 62 8.76 -3.64 -10.27
N ASP A 63 10.04 -3.90 -10.24
CA ASP A 63 10.70 -4.15 -9.00
C ASP A 63 11.94 -3.27 -8.92
N GLY A 64 11.68 -1.97 -8.87
CA GLY A 64 12.74 -0.98 -8.70
C GLY A 64 13.41 -0.65 -10.01
N ALA A 65 13.86 -1.71 -10.65
CA ALA A 65 14.56 -1.60 -11.92
C ALA A 65 14.33 -2.87 -12.71
N ALA A 66 13.18 -3.49 -12.43
CA ALA A 66 12.80 -4.78 -13.01
C ALA A 66 13.73 -5.88 -12.52
N VAL A 67 14.31 -5.66 -11.35
CA VAL A 67 15.14 -6.66 -10.69
C VAL A 67 14.33 -7.95 -10.56
N ARG A 68 13.14 -7.80 -9.99
CA ARG A 68 12.10 -8.81 -10.03
C ARG A 68 12.35 -10.02 -9.17
N ILE A 69 11.26 -10.47 -8.58
CA ILE A 69 11.25 -11.69 -7.79
C ILE A 69 11.26 -12.90 -8.71
N ASP A 70 11.76 -14.01 -8.20
CA ASP A 70 11.73 -15.26 -8.92
C ASP A 70 10.39 -15.95 -8.69
N GLY A 71 9.36 -15.26 -9.17
CA GLY A 71 8.01 -15.79 -9.26
C GLY A 71 7.42 -16.22 -7.94
N ARG A 72 7.91 -15.62 -6.87
CA ARG A 72 7.37 -15.86 -5.55
C ARG A 72 6.92 -14.53 -5.00
N VAL A 73 6.38 -14.52 -3.80
CA VAL A 73 6.01 -13.29 -3.17
C VAL A 73 6.70 -13.21 -1.82
N THR A 74 7.45 -12.14 -1.64
CA THR A 74 8.24 -11.99 -0.44
C THR A 74 7.67 -10.86 0.41
N GLN A 75 6.36 -10.73 0.30
CA GLN A 75 5.59 -9.69 0.98
C GLN A 75 6.05 -8.29 0.56
N ASN A 76 5.22 -7.63 -0.22
CA ASN A 76 5.52 -6.29 -0.70
C ASN A 76 5.04 -5.23 0.29
N LEU A 77 5.93 -4.87 1.18
CA LEU A 77 5.63 -3.86 2.20
C LEU A 77 5.74 -2.47 1.61
N GLY A 78 6.41 -2.33 0.47
CA GLY A 78 6.62 -1.02 -0.09
C GLY A 78 5.35 -0.45 -0.62
N VAL A 79 4.79 -1.17 -1.57
CA VAL A 79 3.56 -0.79 -2.22
C VAL A 79 2.63 -1.99 -2.29
N ARG A 80 1.70 -2.04 -1.36
CA ARG A 80 0.71 -3.11 -1.33
C ARG A 80 -0.68 -2.51 -1.30
N THR A 81 -1.54 -3.04 -2.16
CA THR A 81 -2.90 -2.57 -2.24
C THR A 81 -3.82 -3.76 -2.42
N ALA A 82 -4.98 -3.68 -1.81
CA ALA A 82 -5.93 -4.76 -1.86
C ALA A 82 -7.10 -4.35 -2.74
N GLU A 83 -7.42 -5.20 -3.70
CA GLU A 83 -8.52 -4.95 -4.59
C GLU A 83 -9.84 -5.17 -3.86
N VAL A 84 -10.79 -4.30 -4.13
CA VAL A 84 -12.11 -4.37 -3.56
C VAL A 84 -12.82 -5.64 -3.95
N LYS A 85 -13.45 -6.26 -2.97
CA LYS A 85 -14.14 -7.52 -3.16
C LYS A 85 -15.52 -7.43 -2.56
N LEU A 86 -16.42 -8.26 -3.04
CA LEU A 86 -17.70 -8.44 -2.37
C LEU A 86 -17.56 -9.51 -1.30
N GLY A 87 -18.25 -9.34 -0.19
CA GLY A 87 -18.17 -10.34 0.85
C GLY A 87 -19.49 -11.07 1.06
N ARG A 88 -20.58 -10.35 0.84
CA ARG A 88 -21.93 -10.81 1.19
C ARG A 88 -22.23 -12.24 0.75
N LEU A 89 -22.97 -12.93 1.61
CA LEU A 89 -23.49 -14.26 1.32
C LEU A 89 -24.73 -14.45 2.20
N GLY A 90 -25.89 -14.01 1.70
CA GLY A 90 -27.09 -14.01 2.52
C GLY A 90 -27.19 -12.69 3.26
N SER A 91 -26.13 -11.92 3.10
CA SER A 91 -26.02 -10.58 3.60
C SER A 91 -26.03 -9.62 2.41
N THR A 92 -26.06 -8.33 2.73
CA THR A 92 -26.08 -7.29 1.72
C THR A 92 -24.69 -6.93 1.31
N GLU A 93 -24.61 -6.55 0.05
CA GLU A 93 -23.36 -6.35 -0.62
C GLU A 93 -22.60 -5.17 -0.05
N ARG A 94 -21.47 -5.46 0.54
CA ARG A 94 -20.53 -4.45 0.94
C ARG A 94 -19.21 -4.67 0.23
N LEU A 95 -18.43 -3.63 0.09
CA LEU A 95 -17.12 -3.76 -0.51
C LEU A 95 -16.10 -4.06 0.58
N LEU A 96 -15.53 -5.25 0.53
CA LEU A 96 -14.65 -5.72 1.59
C LEU A 96 -13.22 -5.28 1.32
N VAL A 97 -12.63 -4.71 2.37
CA VAL A 97 -11.28 -4.17 2.30
C VAL A 97 -10.60 -4.39 3.65
N PRO A 98 -9.26 -4.38 3.68
CA PRO A 98 -8.52 -4.39 4.94
C PRO A 98 -8.90 -3.18 5.80
N SER A 99 -9.10 -3.39 7.10
CA SER A 99 -9.49 -2.32 8.01
C SER A 99 -8.46 -1.19 8.01
N GLU A 100 -7.22 -1.48 7.66
CA GLU A 100 -6.18 -0.46 7.61
C GLU A 100 -6.08 0.18 6.23
N ALA A 101 -7.00 -0.17 5.34
CA ALA A 101 -6.98 0.41 4.01
C ALA A 101 -7.65 1.78 3.99
N LEU A 102 -8.73 1.89 4.73
CA LEU A 102 -9.54 3.10 4.70
C LEU A 102 -9.10 4.10 5.77
N ILE A 103 -9.52 5.35 5.59
CA ILE A 103 -9.32 6.37 6.59
C ILE A 103 -10.65 6.80 7.15
N ARG A 104 -11.01 6.37 8.33
CA ARG A 104 -12.22 6.88 8.91
C ARG A 104 -11.92 7.93 9.94
N THR A 105 -12.67 9.00 9.84
CA THR A 105 -12.42 10.19 10.62
C THR A 105 -13.74 10.92 10.87
N GLY A 106 -14.00 11.24 12.12
CA GLY A 106 -15.25 11.91 12.46
C GLY A 106 -16.45 11.02 12.21
N ALA A 107 -17.24 11.38 11.19
CA ALA A 107 -18.44 10.63 10.88
C ALA A 107 -18.42 10.07 9.45
N ARG A 108 -17.24 9.76 8.95
CA ARG A 108 -17.11 9.26 7.59
C ARG A 108 -15.76 8.60 7.34
N THR A 109 -15.59 8.07 6.15
CA THR A 109 -14.38 7.35 5.79
C THR A 109 -13.86 7.82 4.43
N ILE A 110 -12.56 7.61 4.21
CA ILE A 110 -11.92 7.94 2.95
C ILE A 110 -11.12 6.73 2.47
N ALA A 111 -11.00 6.58 1.15
CA ALA A 111 -10.22 5.49 0.59
C ALA A 111 -9.23 6.03 -0.43
N MET A 112 -8.05 5.45 -0.44
CA MET A 112 -7.02 5.84 -1.39
C MET A 112 -6.92 4.82 -2.51
N VAL A 113 -7.53 5.12 -3.65
CA VAL A 113 -7.59 4.17 -4.74
C VAL A 113 -6.30 4.20 -5.56
N ALA A 114 -5.80 3.02 -5.89
CA ALA A 114 -4.56 2.88 -6.64
C ALA A 114 -4.80 3.11 -8.13
N LYS A 115 -4.59 4.35 -8.56
CA LYS A 115 -4.72 4.70 -9.96
C LYS A 115 -3.38 4.53 -10.68
N GLY A 116 -3.46 4.44 -12.00
CA GLY A 116 -2.26 4.43 -12.81
C GLY A 116 -1.94 5.83 -13.32
N GLU A 117 -2.45 6.81 -12.60
CA GLU A 117 -2.31 8.22 -13.01
C GLU A 117 -1.14 8.88 -12.28
N GLY A 118 -0.24 8.07 -11.76
CA GLY A 118 0.96 8.59 -11.11
C GLY A 118 0.72 8.90 -9.65
N GLY A 119 -0.38 8.43 -9.11
CA GLY A 119 -0.69 8.67 -7.72
C GLY A 119 -2.02 8.05 -7.35
N PHE A 120 -2.45 8.27 -6.13
CA PHE A 120 -3.71 7.72 -5.67
C PHE A 120 -4.82 8.76 -5.72
N ASP A 121 -6.01 8.35 -5.35
CA ASP A 121 -7.15 9.25 -5.29
C ASP A 121 -7.99 8.94 -4.07
N PRO A 122 -8.19 9.94 -3.23
CA PRO A 122 -8.93 9.82 -1.99
C PRO A 122 -10.42 10.05 -2.19
N VAL A 123 -11.18 8.99 -1.99
CA VAL A 123 -12.61 9.02 -2.19
C VAL A 123 -13.32 9.09 -0.84
N GLU A 124 -14.37 9.88 -0.76
CA GLU A 124 -15.22 9.86 0.41
C GLU A 124 -16.10 8.62 0.38
N VAL A 125 -15.98 7.80 1.40
CA VAL A 125 -16.66 6.52 1.44
C VAL A 125 -17.39 6.31 2.76
N LYS A 126 -18.35 5.41 2.73
CA LYS A 126 -19.04 4.99 3.92
C LYS A 126 -18.53 3.62 4.36
N ALA A 127 -18.14 3.51 5.61
CA ALA A 127 -17.56 2.28 6.11
C ALA A 127 -18.02 1.97 7.52
N GLY A 128 -18.86 0.97 7.70
CA GLY A 128 -19.11 0.52 9.06
C GLY A 128 -19.55 -0.92 9.15
N ALA A 129 -18.63 -1.83 8.89
CA ALA A 129 -18.71 -3.19 9.37
C ALA A 129 -17.29 -3.73 9.54
N THR A 130 -17.12 -4.79 10.29
CA THR A 130 -15.82 -5.45 10.37
C THR A 130 -15.99 -6.93 10.14
N ALA A 131 -15.09 -7.52 9.37
CA ALA A 131 -15.23 -8.91 9.01
C ALA A 131 -13.88 -9.62 8.95
N GLY A 132 -13.47 -10.19 10.08
CA GLY A 132 -12.27 -11.01 10.13
C GLY A 132 -11.02 -10.26 9.75
N GLY A 133 -10.70 -9.22 10.52
CA GLY A 133 -9.49 -8.45 10.25
C GLY A 133 -9.61 -7.57 9.03
N GLN A 134 -10.84 -7.41 8.55
CA GLN A 134 -11.12 -6.56 7.40
C GLN A 134 -12.33 -5.71 7.71
N SER A 135 -12.56 -4.69 6.92
CA SER A 135 -13.70 -3.84 7.15
C SER A 135 -14.64 -3.88 5.96
N GLU A 136 -15.86 -3.42 6.17
CA GLU A 136 -16.85 -3.39 5.12
C GLU A 136 -17.15 -1.97 4.68
N ILE A 137 -16.90 -1.71 3.41
CA ILE A 137 -17.23 -0.45 2.79
C ILE A 137 -18.68 -0.47 2.32
N LEU A 138 -19.51 0.27 3.03
CA LEU A 138 -20.94 0.34 2.74
C LEU A 138 -21.17 1.06 1.41
N GLU A 139 -20.49 2.20 1.25
CA GLU A 139 -20.59 2.96 0.03
C GLU A 139 -19.26 3.59 -0.31
N GLY A 140 -19.04 3.89 -1.57
CA GLY A 140 -17.83 4.58 -1.94
C GLY A 140 -17.09 3.91 -3.07
N LEU A 141 -16.58 2.73 -2.80
CA LEU A 141 -15.72 2.03 -3.75
C LEU A 141 -16.46 0.98 -4.57
N LYS A 142 -15.69 0.28 -5.39
CA LYS A 142 -16.24 -0.75 -6.27
C LYS A 142 -15.24 -1.89 -6.39
N ALA A 143 -15.78 -3.07 -6.64
CA ALA A 143 -14.97 -4.27 -6.78
C ALA A 143 -14.14 -4.19 -8.04
N GLY A 144 -12.86 -4.50 -7.91
CA GLY A 144 -11.96 -4.35 -9.02
C GLY A 144 -11.10 -3.11 -8.86
N GLN A 145 -11.35 -2.37 -7.79
CA GLN A 145 -10.55 -1.19 -7.50
C GLN A 145 -9.58 -1.48 -6.39
N GLN A 146 -8.39 -0.97 -6.49
CA GLN A 146 -7.39 -1.16 -5.46
C GLN A 146 -7.34 0.05 -4.53
N VAL A 147 -7.05 -0.22 -3.26
CA VAL A 147 -6.86 0.85 -2.29
C VAL A 147 -5.64 0.54 -1.44
N VAL A 148 -5.01 1.60 -0.92
CA VAL A 148 -3.77 1.46 -0.17
C VAL A 148 -3.92 0.52 1.01
N VAL A 149 -2.91 -0.30 1.21
CA VAL A 149 -2.92 -1.32 2.24
C VAL A 149 -1.59 -1.35 2.97
N SER A 150 -0.51 -1.19 2.22
CA SER A 150 0.80 -0.99 2.80
C SER A 150 1.53 0.11 2.03
N GLY A 151 1.47 1.31 2.55
CA GLY A 151 2.15 2.44 1.95
C GLY A 151 2.09 3.65 2.86
N GLN A 152 2.68 3.51 4.03
CA GLN A 152 2.61 4.55 5.06
C GLN A 152 4.01 4.98 5.48
N PHE A 153 4.22 5.14 6.78
CA PHE A 153 5.51 5.58 7.35
C PHE A 153 6.57 4.48 7.23
N LEU A 154 6.89 4.11 6.00
CA LEU A 154 7.81 3.03 5.73
C LEU A 154 9.17 3.57 5.31
N ILE A 155 10.06 3.69 6.29
CA ILE A 155 11.41 4.18 6.05
C ILE A 155 12.24 3.10 5.39
N ASP A 156 11.68 1.90 5.32
CA ASP A 156 12.32 0.78 4.66
C ASP A 156 12.05 0.84 3.15
N SER A 157 11.34 1.87 2.71
CA SER A 157 11.03 2.03 1.29
C SER A 157 12.31 2.30 0.52
N GLU A 158 13.21 3.11 1.06
CA GLU A 158 14.46 3.40 0.36
C GLU A 158 15.15 2.10 -0.03
N ALA A 159 15.31 1.22 0.94
CA ALA A 159 15.93 -0.09 0.73
C ALA A 159 15.18 -0.90 -0.32
N SER A 160 13.86 -0.69 -0.40
CA SER A 160 13.04 -1.36 -1.40
C SER A 160 13.32 -0.83 -2.80
N LEU A 161 13.55 0.49 -2.88
CA LEU A 161 13.82 1.16 -4.15
C LEU A 161 15.22 0.84 -4.65
N ARG A 162 16.12 0.63 -3.68
CA ARG A 162 17.53 0.40 -3.94
C ARG A 162 17.82 -1.08 -4.09
N GLY A 163 17.66 -1.81 -2.99
CA GLY A 163 18.03 -3.21 -2.95
C GLY A 163 16.91 -4.13 -3.40
N THR A 164 15.75 -3.51 -3.68
CA THR A 164 14.58 -4.19 -4.23
C THR A 164 14.24 -5.51 -3.51
N VAL A 165 14.63 -6.62 -4.11
CA VAL A 165 14.36 -7.93 -3.55
C VAL A 165 15.07 -8.14 -2.22
N ALA A 166 16.23 -7.51 -2.09
CA ALA A 166 17.04 -7.66 -0.89
C ALA A 166 17.12 -6.35 -0.11
N ARG A 167 15.97 -5.85 0.28
CA ARG A 167 15.91 -4.68 1.15
C ARG A 167 16.34 -5.04 2.57
N MET A 168 15.39 -5.11 3.49
CA MET A 168 15.64 -5.53 4.87
C MET A 168 16.57 -4.56 5.61
N GLN A 169 15.97 -3.73 6.46
CA GLN A 169 16.72 -2.81 7.31
C GLN A 169 17.88 -3.54 8.00
N GLU A 170 17.57 -4.66 8.64
CA GLU A 170 18.55 -5.39 9.43
C GLU A 170 18.92 -6.70 8.71
N THR A 171 18.80 -6.66 7.39
CA THR A 171 19.23 -7.74 6.48
C THR A 171 18.69 -9.11 6.88
N THR A 172 17.49 -9.15 7.42
CA THR A 172 16.89 -10.40 7.87
C THR A 172 15.37 -10.33 7.84
N SER A 173 14.76 -11.48 8.04
CA SER A 173 13.33 -11.57 8.25
C SER A 173 13.06 -12.52 9.40
N GLY A 174 13.99 -12.53 10.36
CA GLY A 174 13.82 -13.34 11.55
C GLY A 174 13.01 -12.61 12.61
N LEU A 175 12.44 -11.47 12.25
CA LEU A 175 11.60 -10.71 13.14
C LEU A 175 10.31 -11.48 13.41
N GLU A 176 10.28 -12.19 14.51
CA GLU A 176 9.17 -13.06 14.83
C GLU A 176 8.53 -12.65 16.16
N VAL A 177 9.30 -12.67 17.24
CA VAL A 177 8.80 -12.36 18.59
C VAL A 177 7.36 -12.84 18.82
N LEU A 178 6.40 -11.94 18.88
CA LEU A 178 5.02 -12.33 19.11
C LEU A 178 4.13 -11.99 17.92
N PHE A 179 4.74 -11.98 16.73
CA PHE A 179 3.99 -11.75 15.50
C PHE A 179 3.57 -13.09 14.90
N GLN A 180 2.55 -13.07 14.05
CA GLN A 180 2.10 -14.28 13.38
C GLN A 180 2.08 -14.08 11.87
N MET A 1 37.29 8.95 30.53
CA MET A 1 38.39 8.93 29.54
C MET A 1 38.85 10.34 29.19
N GLY A 2 37.97 11.32 29.39
CA GLY A 2 38.28 12.69 29.04
C GLY A 2 38.47 12.85 27.54
N SER A 3 39.59 13.42 27.15
CA SER A 3 39.91 13.60 25.76
C SER A 3 40.67 12.38 25.25
N ALA A 4 40.12 11.71 24.25
CA ALA A 4 40.75 10.52 23.69
C ALA A 4 41.38 10.86 22.34
N THR A 5 42.07 11.98 22.28
CA THR A 5 42.70 12.43 21.06
C THR A 5 44.08 11.77 20.90
N VAL A 6 44.61 11.28 22.00
CA VAL A 6 45.86 10.54 21.97
C VAL A 6 45.64 9.07 21.66
N ASN A 7 44.40 8.61 21.88
CA ASN A 7 44.03 7.24 21.58
C ASN A 7 43.22 7.21 20.30
N GLY A 8 43.92 7.19 19.18
CA GLY A 8 43.27 7.27 17.89
C GLY A 8 42.91 8.70 17.55
N PRO A 9 41.86 8.92 16.74
CA PRO A 9 41.38 10.25 16.44
C PRO A 9 40.35 10.74 17.45
N HIS A 10 40.23 12.04 17.63
CA HIS A 10 39.29 12.59 18.61
C HIS A 10 37.88 12.05 18.32
N ASP A 11 37.36 12.41 17.15
CA ASP A 11 36.07 11.95 16.70
C ASP A 11 36.26 10.79 15.74
N GLY A 12 35.72 9.64 16.07
CA GLY A 12 35.87 8.48 15.23
C GLY A 12 34.94 7.38 15.63
N HIS A 13 35.23 6.73 16.75
CA HIS A 13 34.38 5.66 17.26
C HIS A 13 33.24 6.25 18.07
N ASP A 14 32.50 7.15 17.44
CA ASP A 14 31.44 7.88 18.12
C ASP A 14 30.09 7.58 17.48
N PRO A 15 29.02 7.57 18.29
CA PRO A 15 27.65 7.40 17.81
C PRO A 15 27.21 8.56 16.91
N ALA A 16 26.98 8.26 15.64
CA ALA A 16 26.68 9.29 14.66
C ALA A 16 25.20 9.63 14.63
N ALA A 17 24.45 9.03 15.56
CA ALA A 17 23.02 9.29 15.73
C ALA A 17 22.20 8.78 14.54
N GLY A 18 22.08 7.47 14.43
CA GLY A 18 21.26 6.88 13.38
C GLY A 18 19.79 6.91 13.75
N ALA A 19 19.22 8.10 13.75
CA ALA A 19 17.85 8.29 14.22
C ALA A 19 16.83 8.12 13.10
N GLU A 20 17.31 7.78 11.91
CA GLU A 20 16.47 7.52 10.75
C GLU A 20 15.67 8.77 10.35
N LEU A 21 16.37 9.73 9.73
CA LEU A 21 15.78 10.97 9.25
C LEU A 21 15.38 11.92 10.38
N LYS A 22 15.27 11.37 11.60
CA LYS A 22 14.84 12.15 12.75
C LYS A 22 16.00 12.97 13.31
N THR A 23 16.50 13.84 12.45
CA THR A 23 17.62 14.76 12.74
C THR A 23 18.75 14.09 13.52
N GLY A 24 19.19 12.94 13.02
CA GLY A 24 20.34 12.30 13.57
C GLY A 24 21.60 12.74 12.88
N LYS A 25 21.60 12.57 11.57
CA LYS A 25 22.76 12.87 10.78
C LYS A 25 22.35 13.22 9.35
N ARG A 26 21.69 14.35 9.26
CA ARG A 26 21.29 14.92 7.98
C ARG A 26 21.58 16.41 8.00
N ILE A 27 22.09 16.91 6.89
CA ILE A 27 22.61 18.27 6.80
C ILE A 27 21.62 19.31 7.26
N LEU A 28 22.06 20.05 8.26
CA LEU A 28 21.34 21.20 8.76
C LEU A 28 22.00 22.48 8.28
N TYR A 29 23.33 22.48 8.21
CA TYR A 29 24.08 23.69 7.89
C TYR A 29 25.57 23.39 7.65
N TRP A 30 26.34 24.45 7.47
CA TRP A 30 27.77 24.38 7.16
C TRP A 30 28.60 25.19 8.14
N ARG A 31 29.79 24.69 8.43
CA ARG A 31 30.70 25.37 9.35
C ARG A 31 32.15 25.07 8.96
N ASP A 32 33.05 25.94 9.37
CA ASP A 32 34.48 25.73 9.14
C ASP A 32 35.05 24.98 10.34
N PRO A 33 35.89 23.96 10.09
CA PRO A 33 36.54 23.22 11.17
C PRO A 33 37.47 24.10 12.01
N MET A 34 37.76 25.30 11.53
CA MET A 34 38.56 26.26 12.28
C MET A 34 37.69 27.31 12.97
N VAL A 35 36.39 27.18 12.83
CA VAL A 35 35.47 28.10 13.48
C VAL A 35 34.43 27.35 14.34
N PRO A 36 34.87 26.37 15.14
CA PRO A 36 33.97 25.44 15.81
C PRO A 36 33.00 26.15 16.75
N GLY A 37 31.73 26.13 16.38
CA GLY A 37 30.73 26.83 17.14
C GLY A 37 29.89 27.71 16.24
N GLN A 38 30.52 28.25 15.20
CA GLN A 38 29.83 29.08 14.23
C GLN A 38 28.84 28.27 13.42
N ARG A 39 27.60 28.74 13.42
CA ARG A 39 26.53 28.05 12.73
C ARG A 39 26.01 28.89 11.58
N PHE A 40 26.43 28.55 10.37
CA PHE A 40 26.02 29.28 9.17
C PHE A 40 24.70 28.72 8.67
N ASP A 41 23.87 29.63 8.22
CA ASP A 41 22.51 29.34 7.80
C ASP A 41 22.50 28.41 6.60
N LYS A 42 23.45 28.60 5.70
CA LYS A 42 23.52 27.80 4.48
C LYS A 42 24.97 27.57 4.07
N PRO A 43 25.22 26.59 3.18
CA PRO A 43 26.55 26.30 2.63
C PRO A 43 27.25 27.53 2.03
N GLY A 44 28.53 27.35 1.67
CA GLY A 44 29.28 28.41 1.03
C GLY A 44 30.72 28.43 1.46
N LYS A 45 31.42 29.48 1.05
CA LYS A 45 32.79 29.71 1.45
C LYS A 45 32.83 30.40 2.79
N SER A 46 33.81 30.06 3.60
CA SER A 46 34.00 30.68 4.89
C SER A 46 34.33 32.15 4.71
N PRO A 47 33.73 33.03 5.51
CA PRO A 47 34.07 34.45 5.50
C PRO A 47 35.39 34.73 6.22
N TYR A 48 35.74 33.84 7.13
CA TYR A 48 36.91 34.02 7.97
C TYR A 48 38.17 33.59 7.24
N MET A 49 38.01 32.56 6.44
CA MET A 49 39.04 32.12 5.53
C MET A 49 38.56 32.24 4.09
N ASP A 50 39.27 31.60 3.18
CA ASP A 50 38.82 31.49 1.81
C ASP A 50 38.78 30.03 1.41
N MET A 51 37.95 29.31 2.14
CA MET A 51 37.75 27.89 1.91
C MET A 51 36.28 27.58 2.04
N PRO A 52 35.79 26.61 1.25
CA PRO A 52 34.41 26.17 1.34
C PRO A 52 34.16 25.50 2.67
N LEU A 53 33.07 25.87 3.33
CA LEU A 53 32.77 25.33 4.65
C LEU A 53 32.58 23.82 4.58
N ILE A 54 32.67 23.16 5.71
CA ILE A 54 32.58 21.72 5.75
C ILE A 54 31.20 21.31 6.21
N PRO A 55 30.53 20.46 5.44
CA PRO A 55 29.20 20.05 5.76
C PRO A 55 29.15 19.09 6.94
N VAL A 56 28.27 19.41 7.86
CA VAL A 56 28.11 18.68 9.12
C VAL A 56 27.85 17.19 8.92
N TYR A 57 28.13 16.48 10.00
CA TYR A 57 28.06 15.02 10.18
C TYR A 57 27.84 14.20 8.91
N GLU A 58 26.67 14.30 8.33
CA GLU A 58 26.29 13.44 7.23
C GLU A 58 27.18 13.71 6.04
N GLU A 59 27.46 14.99 5.91
CA GLU A 59 28.44 15.55 4.99
C GLU A 59 28.17 15.09 3.58
N GLU A 60 26.91 15.08 3.26
CA GLU A 60 26.45 14.52 2.00
C GLU A 60 25.03 14.96 1.74
N ASN A 61 24.82 16.23 1.96
CA ASN A 61 23.60 16.94 1.71
C ASN A 61 22.34 16.26 2.18
N ALA A 62 21.67 17.05 2.95
CA ALA A 62 20.37 16.78 3.54
C ALA A 62 19.57 15.80 2.73
N ASP A 63 19.23 16.19 1.52
CA ASP A 63 18.41 15.31 0.74
C ASP A 63 18.30 15.72 -0.72
N GLY A 64 19.21 15.21 -1.52
CA GLY A 64 19.09 15.34 -2.95
C GLY A 64 19.42 16.72 -3.42
N ALA A 65 20.23 17.41 -2.64
CA ALA A 65 20.78 18.71 -2.97
C ALA A 65 19.74 19.84 -2.90
N ALA A 66 18.49 19.52 -3.20
CA ALA A 66 17.42 20.52 -3.18
C ALA A 66 16.03 19.88 -3.03
N VAL A 67 15.98 18.56 -3.03
CA VAL A 67 14.70 17.85 -2.99
C VAL A 67 14.05 17.92 -1.61
N ARG A 68 14.59 17.13 -0.69
CA ARG A 68 14.03 16.96 0.65
C ARG A 68 12.67 16.27 0.64
N ILE A 69 12.47 15.44 1.64
CA ILE A 69 11.24 14.69 1.77
C ILE A 69 10.21 15.49 2.54
N ASP A 70 8.95 15.11 2.40
CA ASP A 70 7.86 15.77 3.10
C ASP A 70 7.77 15.31 4.55
N GLY A 71 8.93 15.31 5.21
CA GLY A 71 9.00 14.93 6.61
C GLY A 71 8.47 13.53 6.85
N ARG A 72 8.63 12.68 5.86
CA ARG A 72 8.19 11.31 5.93
C ARG A 72 9.31 10.42 5.48
N VAL A 73 9.13 9.14 5.62
CA VAL A 73 10.15 8.20 5.19
C VAL A 73 9.61 7.35 4.07
N THR A 74 10.42 7.14 3.05
CA THR A 74 10.03 6.40 1.89
C THR A 74 10.13 4.90 2.13
N GLN A 75 9.66 4.48 3.28
CA GLN A 75 9.70 3.08 3.67
C GLN A 75 8.42 2.40 3.20
N ASN A 76 8.32 2.25 1.90
CA ASN A 76 7.17 1.62 1.27
C ASN A 76 7.68 0.63 0.24
N LEU A 77 7.33 -0.62 0.47
CA LEU A 77 7.96 -1.76 -0.21
C LEU A 77 7.57 -1.84 -1.68
N GLY A 78 6.71 -0.95 -2.12
CA GLY A 78 6.30 -0.94 -3.51
C GLY A 78 4.82 -0.63 -3.68
N VAL A 79 4.26 0.05 -2.68
CA VAL A 79 2.84 0.42 -2.68
C VAL A 79 1.96 -0.81 -2.65
N ARG A 80 1.55 -1.18 -1.45
CA ARG A 80 0.70 -2.35 -1.26
C ARG A 80 -0.75 -1.91 -1.16
N THR A 81 -1.60 -2.59 -1.90
CA THR A 81 -2.99 -2.23 -2.00
C THR A 81 -3.86 -3.47 -2.08
N ALA A 82 -5.09 -3.33 -1.70
CA ALA A 82 -6.08 -4.37 -1.91
C ALA A 82 -7.19 -3.82 -2.77
N GLU A 83 -7.52 -4.55 -3.81
CA GLU A 83 -8.52 -4.13 -4.76
C GLU A 83 -9.91 -4.43 -4.20
N VAL A 84 -10.78 -3.44 -4.26
CA VAL A 84 -12.15 -3.61 -3.85
C VAL A 84 -12.80 -4.76 -4.59
N LYS A 85 -13.43 -5.61 -3.82
CA LYS A 85 -14.24 -6.69 -4.34
C LYS A 85 -15.15 -7.22 -3.27
N LEU A 86 -16.33 -7.62 -3.67
CA LEU A 86 -17.34 -8.07 -2.73
C LEU A 86 -17.00 -9.45 -2.20
N GLY A 87 -17.46 -9.74 -1.00
CA GLY A 87 -17.12 -11.01 -0.39
C GLY A 87 -17.69 -11.16 0.99
N ARG A 88 -18.94 -10.81 1.15
CA ARG A 88 -19.58 -10.89 2.45
C ARG A 88 -19.93 -12.32 2.84
N LEU A 89 -20.55 -12.48 3.99
CA LEU A 89 -21.09 -13.75 4.43
C LEU A 89 -22.48 -13.53 5.01
N GLY A 90 -23.47 -14.03 4.31
CA GLY A 90 -24.85 -13.92 4.76
C GLY A 90 -25.73 -13.35 3.68
N SER A 91 -26.96 -12.99 4.02
CA SER A 91 -27.84 -12.38 3.03
C SER A 91 -27.58 -10.88 2.97
N THR A 92 -26.47 -10.57 2.34
CA THR A 92 -25.99 -9.21 2.13
C THR A 92 -25.10 -9.25 0.91
N GLU A 93 -24.72 -8.11 0.37
CA GLU A 93 -23.61 -8.07 -0.55
C GLU A 93 -22.80 -6.79 -0.36
N ARG A 94 -21.55 -6.93 0.05
CA ARG A 94 -20.75 -5.77 0.44
C ARG A 94 -19.35 -5.84 -0.17
N LEU A 95 -18.69 -4.69 -0.22
CA LEU A 95 -17.34 -4.57 -0.74
C LEU A 95 -16.34 -4.72 0.41
N LEU A 96 -15.53 -5.77 0.35
CA LEU A 96 -14.63 -6.08 1.46
C LEU A 96 -13.24 -5.50 1.25
N VAL A 97 -12.72 -4.84 2.27
CA VAL A 97 -11.41 -4.23 2.23
C VAL A 97 -10.76 -4.38 3.59
N PRO A 98 -9.42 -4.45 3.65
CA PRO A 98 -8.71 -4.47 4.94
C PRO A 98 -9.03 -3.21 5.74
N SER A 99 -9.34 -3.38 7.02
CA SER A 99 -9.77 -2.28 7.86
C SER A 99 -8.67 -1.21 7.97
N GLU A 100 -7.40 -1.65 7.91
CA GLU A 100 -6.28 -0.71 7.99
C GLU A 100 -6.12 0.07 6.70
N ALA A 101 -6.91 -0.25 5.68
CA ALA A 101 -6.86 0.50 4.44
C ALA A 101 -7.52 1.85 4.63
N LEU A 102 -8.62 1.83 5.37
CA LEU A 102 -9.49 2.98 5.50
C LEU A 102 -8.82 4.16 6.19
N ILE A 103 -9.24 5.34 5.78
CA ILE A 103 -8.87 6.56 6.46
C ILE A 103 -10.02 6.98 7.35
N ARG A 104 -9.76 7.21 8.62
CA ARG A 104 -10.79 7.72 9.48
C ARG A 104 -10.59 9.19 9.77
N THR A 105 -11.61 9.97 9.47
CA THR A 105 -11.57 11.40 9.69
C THR A 105 -12.97 11.89 10.06
N GLY A 106 -13.04 12.80 11.02
CA GLY A 106 -14.31 13.37 11.44
C GLY A 106 -15.36 12.31 11.74
N ALA A 107 -16.43 12.33 10.99
CA ALA A 107 -17.51 11.36 11.15
C ALA A 107 -17.73 10.58 9.86
N ARG A 108 -16.64 10.29 9.17
CA ARG A 108 -16.72 9.62 7.87
C ARG A 108 -15.51 8.73 7.63
N THR A 109 -15.54 7.99 6.54
CA THR A 109 -14.43 7.15 6.15
C THR A 109 -13.94 7.54 4.75
N ILE A 110 -12.64 7.42 4.53
CA ILE A 110 -12.05 7.81 3.25
C ILE A 110 -11.15 6.69 2.73
N ALA A 111 -11.07 6.58 1.43
CA ALA A 111 -10.16 5.65 0.78
C ALA A 111 -9.15 6.42 -0.04
N MET A 112 -8.03 5.81 -0.36
CA MET A 112 -7.05 6.41 -1.23
C MET A 112 -6.75 5.43 -2.37
N VAL A 113 -7.36 5.68 -3.52
CA VAL A 113 -7.37 4.71 -4.60
C VAL A 113 -6.07 4.73 -5.39
N ALA A 114 -5.50 3.56 -5.55
CA ALA A 114 -4.30 3.35 -6.33
C ALA A 114 -4.64 3.33 -7.81
N LYS A 115 -4.72 4.50 -8.40
CA LYS A 115 -5.04 4.62 -9.81
C LYS A 115 -3.93 4.07 -10.68
N GLY A 116 -4.31 3.40 -11.75
CA GLY A 116 -3.34 3.00 -12.75
C GLY A 116 -2.82 4.21 -13.51
N GLU A 117 -3.39 5.37 -13.17
CA GLU A 117 -3.05 6.63 -13.80
C GLU A 117 -1.80 7.24 -13.16
N GLY A 118 -1.18 6.47 -12.27
CA GLY A 118 0.08 6.86 -11.69
C GLY A 118 -0.07 7.67 -10.42
N GLY A 119 -1.30 7.81 -9.95
CA GLY A 119 -1.56 8.63 -8.79
C GLY A 119 -2.50 7.97 -7.81
N PHE A 120 -2.71 8.63 -6.68
CA PHE A 120 -3.56 8.11 -5.61
C PHE A 120 -4.60 9.15 -5.23
N ASP A 121 -5.87 8.77 -5.35
CA ASP A 121 -6.95 9.71 -5.14
C ASP A 121 -7.82 9.33 -3.94
N PRO A 122 -8.15 10.28 -3.08
CA PRO A 122 -9.01 10.02 -1.94
C PRO A 122 -10.49 9.93 -2.33
N VAL A 123 -11.17 8.93 -1.77
CA VAL A 123 -12.58 8.69 -2.06
C VAL A 123 -13.36 8.65 -0.75
N GLU A 124 -14.37 9.49 -0.62
CA GLU A 124 -15.23 9.44 0.56
C GLU A 124 -16.16 8.25 0.46
N VAL A 125 -16.08 7.36 1.44
CA VAL A 125 -16.81 6.10 1.39
C VAL A 125 -17.61 5.87 2.64
N LYS A 126 -18.55 4.95 2.56
CA LYS A 126 -19.26 4.49 3.73
C LYS A 126 -18.72 3.14 4.14
N ALA A 127 -18.31 3.03 5.37
CA ALA A 127 -17.70 1.81 5.87
C ALA A 127 -18.17 1.50 7.27
N GLY A 128 -19.07 0.55 7.43
CA GLY A 128 -19.35 0.09 8.76
C GLY A 128 -19.86 -1.32 8.86
N ALA A 129 -19.00 -2.29 8.60
CA ALA A 129 -19.07 -3.60 9.22
C ALA A 129 -17.65 -4.09 9.38
N THR A 130 -17.41 -5.08 10.21
CA THR A 130 -16.07 -5.65 10.32
C THR A 130 -16.13 -7.16 10.30
N ALA A 131 -15.33 -7.78 9.44
CA ALA A 131 -15.31 -9.22 9.32
C ALA A 131 -13.93 -9.73 8.95
N GLY A 132 -13.41 -10.65 9.74
CA GLY A 132 -12.13 -11.27 9.46
C GLY A 132 -10.98 -10.29 9.51
N GLY A 133 -11.07 -9.31 10.40
CA GLY A 133 -10.05 -8.29 10.51
C GLY A 133 -10.11 -7.30 9.36
N GLN A 134 -11.18 -7.37 8.60
CA GLN A 134 -11.36 -6.50 7.45
C GLN A 134 -12.58 -5.63 7.67
N SER A 135 -12.78 -4.66 6.80
CA SER A 135 -13.89 -3.76 6.94
C SER A 135 -14.81 -3.83 5.75
N GLU A 136 -16.08 -3.70 6.00
CA GLU A 136 -17.07 -3.67 4.96
C GLU A 136 -17.25 -2.26 4.40
N ILE A 137 -17.04 -2.13 3.11
CA ILE A 137 -17.38 -0.91 2.40
C ILE A 137 -18.81 -1.00 1.92
N LEU A 138 -19.65 -0.21 2.56
CA LEU A 138 -21.07 -0.19 2.28
C LEU A 138 -21.31 0.56 0.98
N GLU A 139 -20.76 1.76 0.91
CA GLU A 139 -20.92 2.62 -0.27
C GLU A 139 -19.64 3.42 -0.51
N GLY A 140 -19.56 4.10 -1.65
CA GLY A 140 -18.45 4.97 -1.91
C GLY A 140 -17.51 4.45 -2.98
N LEU A 141 -16.94 3.27 -2.77
CA LEU A 141 -15.98 2.72 -3.71
C LEU A 141 -16.63 1.75 -4.67
N LYS A 142 -15.79 1.08 -5.46
CA LYS A 142 -16.24 0.11 -6.44
C LYS A 142 -15.17 -0.95 -6.62
N ALA A 143 -15.59 -2.12 -7.04
CA ALA A 143 -14.68 -3.23 -7.26
C ALA A 143 -13.78 -2.92 -8.43
N GLY A 144 -12.48 -3.05 -8.20
CA GLY A 144 -11.50 -2.63 -9.18
C GLY A 144 -10.73 -1.42 -8.68
N GLN A 145 -11.19 -0.87 -7.57
CA GLN A 145 -10.55 0.29 -6.96
C GLN A 145 -9.63 -0.18 -5.83
N GLN A 146 -8.34 0.08 -6.01
CA GLN A 146 -7.33 -0.39 -5.07
C GLN A 146 -7.05 0.63 -3.99
N VAL A 147 -6.97 0.17 -2.76
CA VAL A 147 -6.63 1.04 -1.64
C VAL A 147 -5.46 0.44 -0.86
N VAL A 148 -4.53 1.30 -0.44
CA VAL A 148 -3.35 0.86 0.30
C VAL A 148 -3.75 0.25 1.63
N VAL A 149 -3.16 -0.89 1.97
CA VAL A 149 -3.65 -1.64 3.13
C VAL A 149 -2.60 -1.82 4.23
N SER A 150 -1.47 -2.45 3.89
CA SER A 150 -0.37 -2.74 4.81
C SER A 150 0.46 -3.87 4.23
N GLY A 151 1.60 -4.16 4.84
CA GLY A 151 2.42 -5.26 4.40
C GLY A 151 3.89 -5.04 4.68
N GLN A 152 4.53 -6.07 5.22
CA GLN A 152 5.97 -6.02 5.44
C GLN A 152 6.67 -6.95 4.46
N PHE A 153 7.25 -6.38 3.43
CA PHE A 153 7.91 -7.17 2.39
C PHE A 153 9.43 -7.01 2.48
N LEU A 154 9.87 -6.01 3.24
CA LEU A 154 11.29 -5.67 3.37
C LEU A 154 11.85 -5.13 2.05
N ILE A 155 13.14 -4.83 2.03
CA ILE A 155 13.77 -4.22 0.85
C ILE A 155 13.14 -2.84 0.62
N ASP A 156 13.12 -2.04 1.67
CA ASP A 156 12.51 -0.71 1.64
C ASP A 156 13.44 0.33 1.03
N SER A 157 14.74 0.06 1.20
CA SER A 157 15.79 1.02 0.89
C SER A 157 15.76 1.46 -0.56
N GLU A 158 15.32 0.52 -1.40
CA GLU A 158 15.24 0.71 -2.85
C GLU A 158 14.26 1.82 -3.21
N ALA A 159 13.25 2.00 -2.36
CA ALA A 159 12.22 3.01 -2.58
C ALA A 159 12.71 4.37 -2.15
N SER A 160 13.67 4.40 -1.22
CA SER A 160 14.30 5.64 -0.81
C SER A 160 15.38 6.02 -1.81
N LEU A 161 15.82 5.08 -2.64
CA LEU A 161 16.75 5.41 -3.71
C LEU A 161 16.05 6.33 -4.69
N ARG A 162 14.85 5.94 -5.11
CA ARG A 162 14.03 6.75 -5.99
C ARG A 162 13.40 7.89 -5.19
N GLY A 163 12.51 8.64 -5.83
CA GLY A 163 11.77 9.67 -5.12
C GLY A 163 12.54 10.97 -5.01
N THR A 164 13.78 10.87 -4.55
CA THR A 164 14.62 12.04 -4.37
C THR A 164 15.26 12.45 -5.70
N VAL A 165 16.39 11.85 -6.02
CA VAL A 165 17.08 12.10 -7.28
C VAL A 165 17.11 10.83 -8.10
N ALA A 166 16.10 10.65 -8.94
CA ALA A 166 15.97 9.44 -9.75
C ALA A 166 14.82 9.59 -10.74
N ARG A 167 14.87 8.84 -11.82
CA ARG A 167 13.74 8.76 -12.72
C ARG A 167 13.22 7.33 -12.86
N MET A 168 13.45 6.73 -14.03
CA MET A 168 13.16 5.31 -14.30
C MET A 168 11.70 4.96 -14.06
N GLN A 169 10.83 5.98 -14.00
CA GLN A 169 9.44 5.78 -13.62
C GLN A 169 9.37 5.23 -12.19
N GLU A 170 9.48 6.17 -11.25
CA GLU A 170 9.60 5.87 -9.83
C GLU A 170 8.37 5.15 -9.29
N THR A 171 7.20 5.57 -9.74
CA THR A 171 5.95 4.97 -9.30
C THR A 171 5.07 4.62 -10.49
N THR A 172 5.17 3.39 -10.97
CA THR A 172 4.37 2.94 -12.09
C THR A 172 4.11 1.44 -12.01
N SER A 173 3.24 0.97 -12.87
CA SER A 173 2.95 -0.45 -12.98
C SER A 173 2.55 -0.80 -14.41
N GLY A 174 2.37 0.23 -15.23
CA GLY A 174 1.96 0.01 -16.61
C GLY A 174 3.14 -0.11 -17.55
N LEU A 175 4.22 -0.68 -17.02
CA LEU A 175 5.43 -0.87 -17.81
C LEU A 175 5.35 -2.18 -18.58
N GLU A 176 6.00 -2.15 -19.75
CA GLU A 176 6.23 -3.33 -20.59
C GLU A 176 4.95 -4.12 -20.86
N VAL A 177 3.87 -3.42 -21.16
CA VAL A 177 2.61 -4.07 -21.46
C VAL A 177 2.44 -4.24 -22.97
N LEU A 178 2.64 -5.45 -23.45
CA LEU A 178 2.47 -5.75 -24.86
C LEU A 178 2.10 -7.22 -25.07
N PHE A 179 2.77 -8.09 -24.33
CA PHE A 179 2.45 -9.51 -24.36
C PHE A 179 3.06 -10.21 -23.15
N GLN A 180 2.37 -11.19 -22.61
CA GLN A 180 2.88 -11.94 -21.48
C GLN A 180 2.93 -13.43 -21.81
N MET A 1 69.13 -14.87 22.57
CA MET A 1 69.22 -14.57 21.13
C MET A 1 68.90 -15.80 20.29
N GLY A 2 68.10 -15.61 19.26
CA GLY A 2 67.76 -16.69 18.36
C GLY A 2 67.66 -16.19 16.94
N SER A 3 68.67 -15.46 16.51
CA SER A 3 68.67 -14.81 15.21
C SER A 3 68.61 -15.83 14.07
N ALA A 4 68.99 -17.07 14.35
CA ALA A 4 69.00 -18.11 13.34
C ALA A 4 67.71 -18.93 13.38
N THR A 5 66.87 -18.68 14.38
CA THR A 5 65.63 -19.42 14.53
C THR A 5 64.40 -18.52 14.40
N VAL A 6 64.58 -17.37 13.75
CA VAL A 6 63.47 -16.46 13.55
C VAL A 6 63.15 -16.32 12.06
N ASN A 7 61.90 -16.58 11.72
CA ASN A 7 61.42 -16.46 10.35
C ASN A 7 61.25 -14.99 9.97
N GLY A 8 61.06 -14.16 10.98
CA GLY A 8 60.89 -12.74 10.76
C GLY A 8 60.49 -12.03 12.03
N PRO A 9 60.15 -10.74 11.96
CA PRO A 9 59.77 -9.96 13.14
C PRO A 9 58.49 -10.49 13.79
N HIS A 10 58.31 -10.19 15.07
CA HIS A 10 57.13 -10.61 15.79
C HIS A 10 55.94 -9.73 15.41
N ASP A 11 55.19 -10.19 14.43
CA ASP A 11 54.00 -9.46 14.00
C ASP A 11 52.75 -10.30 14.25
N GLY A 12 52.75 -11.50 13.69
CA GLY A 12 51.71 -12.46 14.02
C GLY A 12 50.49 -12.39 13.12
N HIS A 13 49.72 -11.32 13.25
CA HIS A 13 48.43 -11.24 12.59
C HIS A 13 48.47 -10.38 11.34
N ASP A 14 47.33 -10.25 10.68
CA ASP A 14 47.22 -9.42 9.49
C ASP A 14 45.91 -8.64 9.51
N PRO A 15 45.82 -7.51 8.79
CA PRO A 15 44.61 -6.67 8.76
C PRO A 15 43.39 -7.42 8.18
N ALA A 16 43.33 -7.49 6.85
CA ALA A 16 42.26 -8.18 6.13
C ALA A 16 40.89 -7.56 6.40
N ALA A 17 40.88 -6.26 6.71
CA ALA A 17 39.64 -5.58 7.07
C ALA A 17 39.16 -4.68 5.94
N GLY A 18 38.84 -5.28 4.81
CA GLY A 18 38.37 -4.51 3.67
C GLY A 18 36.85 -4.53 3.57
N ALA A 19 36.35 -4.84 2.37
CA ALA A 19 34.92 -4.87 2.07
C ALA A 19 34.25 -3.52 2.26
N GLU A 20 35.10 -2.49 2.29
CA GLU A 20 34.67 -1.10 2.41
C GLU A 20 33.90 -0.89 3.70
N LEU A 21 34.65 -0.97 4.81
CA LEU A 21 34.10 -0.83 6.17
C LEU A 21 33.30 -2.06 6.58
N LYS A 22 32.49 -2.58 5.66
CA LYS A 22 31.66 -3.76 5.90
C LYS A 22 30.50 -3.45 6.86
N THR A 23 30.84 -3.10 8.09
CA THR A 23 29.85 -2.94 9.13
C THR A 23 30.06 -1.60 9.84
N GLY A 24 29.23 -1.33 10.82
CA GLY A 24 29.25 -0.04 11.48
C GLY A 24 27.96 0.69 11.24
N LYS A 25 27.64 0.90 9.98
CA LYS A 25 26.43 1.57 9.61
C LYS A 25 26.16 1.38 8.12
N ARG A 26 25.97 0.13 7.76
CA ARG A 26 25.64 -0.25 6.40
C ARG A 26 24.51 -1.28 6.42
N ILE A 27 23.52 -1.12 5.56
CA ILE A 27 22.33 -1.97 5.62
C ILE A 27 22.68 -3.44 5.50
N LEU A 28 22.41 -4.11 6.59
CA LEU A 28 22.68 -5.52 6.72
C LEU A 28 21.38 -6.30 6.97
N TYR A 29 20.46 -5.68 7.70
CA TYR A 29 19.23 -6.35 8.09
C TYR A 29 18.27 -5.33 8.68
N TRP A 30 17.08 -5.79 9.07
CA TRP A 30 16.07 -4.92 9.63
C TRP A 30 15.74 -5.28 11.06
N ARG A 31 15.07 -4.37 11.75
CA ARG A 31 14.64 -4.57 13.11
C ARG A 31 13.31 -3.89 13.35
N ASP A 32 12.79 -4.05 14.54
CA ASP A 32 11.62 -3.28 14.97
C ASP A 32 11.99 -2.56 16.26
N PRO A 33 11.58 -1.29 16.40
CA PRO A 33 11.86 -0.51 17.60
C PRO A 33 11.24 -1.14 18.87
N MET A 34 10.33 -2.09 18.69
CA MET A 34 9.76 -2.82 19.81
C MET A 34 10.38 -4.19 20.00
N VAL A 35 11.30 -4.57 19.13
CA VAL A 35 11.92 -5.90 19.24
C VAL A 35 13.48 -5.85 19.30
N PRO A 36 14.07 -4.86 20.00
CA PRO A 36 15.54 -4.68 20.03
C PRO A 36 16.25 -5.93 20.57
N GLY A 37 17.30 -6.35 19.90
CA GLY A 37 18.03 -7.54 20.30
C GLY A 37 17.83 -8.68 19.33
N GLN A 38 16.95 -8.44 18.37
CA GLN A 38 16.66 -9.40 17.33
C GLN A 38 17.64 -9.19 16.17
N ARG A 39 17.53 -9.99 15.13
CA ARG A 39 18.27 -9.74 13.92
C ARG A 39 17.55 -10.43 12.77
N PHE A 40 16.68 -9.69 12.08
CA PHE A 40 15.90 -10.26 10.99
C PHE A 40 16.79 -10.46 9.78
N ASP A 41 16.55 -11.55 9.07
CA ASP A 41 17.35 -11.98 7.94
C ASP A 41 17.25 -10.98 6.82
N LYS A 42 16.11 -10.32 6.74
CA LYS A 42 15.84 -9.35 5.69
C LYS A 42 14.63 -8.48 6.02
N PRO A 43 14.45 -7.34 5.32
CA PRO A 43 13.30 -6.44 5.51
C PRO A 43 11.95 -7.15 5.47
N GLY A 44 10.89 -6.44 5.84
CA GLY A 44 9.56 -7.03 5.79
C GLY A 44 8.67 -6.56 6.92
N LYS A 45 7.64 -7.33 7.20
CA LYS A 45 6.71 -7.01 8.29
C LYS A 45 7.13 -7.76 9.54
N SER A 46 6.94 -7.11 10.66
CA SER A 46 7.29 -7.63 11.96
C SER A 46 6.46 -8.86 12.31
N PRO A 47 7.04 -9.85 13.03
CA PRO A 47 6.30 -11.02 13.49
C PRO A 47 5.65 -10.81 14.86
N TYR A 48 6.16 -9.85 15.63
CA TYR A 48 5.65 -9.58 16.97
C TYR A 48 4.49 -8.62 16.89
N MET A 49 4.41 -7.99 15.75
CA MET A 49 3.46 -6.93 15.50
C MET A 49 3.01 -7.01 14.05
N ASP A 50 2.41 -5.95 13.53
CA ASP A 50 2.03 -5.91 12.14
C ASP A 50 2.44 -4.60 11.51
N MET A 51 3.72 -4.31 11.59
CA MET A 51 4.27 -3.11 11.01
C MET A 51 5.52 -3.47 10.24
N PRO A 52 5.76 -2.80 9.10
CA PRO A 52 6.98 -3.00 8.34
C PRO A 52 8.18 -2.58 9.16
N LEU A 53 9.19 -3.45 9.19
CA LEU A 53 10.36 -3.24 10.03
C LEU A 53 11.09 -1.95 9.66
N ILE A 54 11.95 -1.52 10.57
CA ILE A 54 12.68 -0.28 10.40
C ILE A 54 14.13 -0.62 10.07
N PRO A 55 14.67 0.00 9.02
CA PRO A 55 16.03 -0.28 8.59
C PRO A 55 17.07 0.23 9.58
N VAL A 56 18.06 -0.61 9.81
CA VAL A 56 19.12 -0.36 10.78
C VAL A 56 19.95 0.87 10.42
N TYR A 57 20.63 1.37 11.44
CA TYR A 57 21.57 2.51 11.43
C TYR A 57 21.65 3.30 10.13
N GLU A 58 22.14 2.65 9.13
CA GLU A 58 22.46 3.25 7.85
C GLU A 58 21.21 3.82 7.21
N GLU A 59 20.21 2.95 7.20
CA GLU A 59 18.84 3.23 6.74
C GLU A 59 18.78 4.11 5.52
N GLU A 60 19.66 3.79 4.58
CA GLU A 60 19.79 4.54 3.35
C GLU A 60 20.86 3.90 2.46
N ASN A 61 20.62 2.66 2.11
CA ASN A 61 21.51 1.89 1.25
C ASN A 61 20.70 0.92 0.41
N ALA A 62 19.70 0.35 1.04
CA ALA A 62 18.79 -0.57 0.37
C ALA A 62 18.00 0.16 -0.69
N ASP A 63 18.02 1.48 -0.61
CA ASP A 63 17.37 2.32 -1.59
C ASP A 63 18.29 2.53 -2.78
N GLY A 64 19.37 1.78 -2.79
CA GLY A 64 20.37 1.89 -3.83
C GLY A 64 21.33 3.00 -3.53
N ALA A 65 20.77 4.17 -3.25
CA ALA A 65 21.55 5.37 -3.00
C ALA A 65 20.62 6.51 -2.59
N ALA A 66 19.51 6.16 -1.96
CA ALA A 66 18.43 7.11 -1.65
C ALA A 66 17.89 7.70 -2.95
N VAL A 67 17.93 6.88 -3.99
CA VAL A 67 17.47 7.29 -5.30
C VAL A 67 15.96 7.39 -5.34
N ARG A 68 15.33 6.32 -4.90
CA ARG A 68 13.90 6.23 -4.81
C ARG A 68 13.37 7.19 -3.78
N ILE A 69 13.66 6.85 -2.55
CA ILE A 69 13.18 7.58 -1.39
C ILE A 69 14.25 8.48 -0.81
N ASP A 70 13.83 9.49 -0.08
CA ASP A 70 14.72 10.47 0.52
C ASP A 70 15.41 9.90 1.75
N GLY A 71 15.73 8.61 1.69
CA GLY A 71 16.37 7.91 2.78
C GLY A 71 15.60 8.02 4.07
N ARG A 72 14.30 8.31 3.97
CA ARG A 72 13.50 8.58 5.13
C ARG A 72 12.81 7.31 5.60
N VAL A 73 12.15 7.46 6.73
CA VAL A 73 11.33 6.44 7.39
C VAL A 73 10.89 5.27 6.49
N THR A 74 10.20 5.59 5.39
CA THR A 74 9.59 4.61 4.48
C THR A 74 9.06 3.38 5.22
N GLN A 75 8.08 3.61 6.09
CA GLN A 75 7.44 2.54 6.84
C GLN A 75 6.39 1.87 5.96
N ASN A 76 6.87 1.20 4.93
CA ASN A 76 6.02 0.55 3.96
C ASN A 76 6.59 -0.81 3.65
N LEU A 77 5.77 -1.62 3.03
CA LEU A 77 6.19 -2.93 2.55
C LEU A 77 6.35 -2.90 1.04
N GLY A 78 6.29 -1.70 0.49
CA GLY A 78 6.31 -1.51 -0.94
C GLY A 78 4.99 -0.95 -1.41
N VAL A 79 4.21 -0.46 -0.44
CA VAL A 79 2.89 0.10 -0.69
C VAL A 79 1.99 -0.98 -1.29
N ARG A 80 1.58 -1.90 -0.44
CA ARG A 80 0.70 -2.97 -0.87
C ARG A 80 -0.72 -2.46 -0.89
N THR A 81 -1.55 -3.04 -1.75
CA THR A 81 -2.94 -2.68 -1.79
C THR A 81 -3.80 -3.93 -1.69
N ALA A 82 -5.10 -3.71 -1.68
CA ALA A 82 -6.06 -4.79 -1.77
C ALA A 82 -7.20 -4.31 -2.65
N GLU A 83 -7.51 -5.08 -3.66
CA GLU A 83 -8.54 -4.71 -4.61
C GLU A 83 -9.91 -5.00 -4.02
N VAL A 84 -10.84 -4.10 -4.24
CA VAL A 84 -12.20 -4.24 -3.72
C VAL A 84 -12.90 -5.46 -4.28
N LYS A 85 -13.53 -6.20 -3.37
CA LYS A 85 -14.26 -7.41 -3.69
C LYS A 85 -15.55 -7.41 -2.92
N LEU A 86 -16.57 -8.04 -3.46
CA LEU A 86 -17.77 -8.30 -2.68
C LEU A 86 -17.52 -9.46 -1.75
N GLY A 87 -18.15 -9.45 -0.58
CA GLY A 87 -17.96 -10.52 0.39
C GLY A 87 -18.94 -10.46 1.54
N ARG A 88 -20.19 -10.14 1.24
CA ARG A 88 -21.21 -10.04 2.27
C ARG A 88 -21.44 -11.38 2.96
N LEU A 89 -21.34 -11.37 4.28
CA LEU A 89 -21.60 -12.56 5.06
C LEU A 89 -22.74 -12.30 6.03
N GLY A 90 -23.97 -12.44 5.55
CA GLY A 90 -25.13 -12.20 6.38
C GLY A 90 -25.51 -10.75 6.32
N SER A 91 -24.72 -10.02 5.55
CA SER A 91 -24.95 -8.63 5.29
C SER A 91 -25.36 -8.42 3.84
N THR A 92 -25.58 -7.20 3.47
CA THR A 92 -25.88 -6.82 2.10
C THR A 92 -24.61 -6.86 1.27
N GLU A 93 -24.77 -6.96 -0.04
CA GLU A 93 -23.63 -7.03 -0.95
C GLU A 93 -22.76 -5.80 -0.81
N ARG A 94 -21.71 -5.97 -0.03
CA ARG A 94 -20.84 -4.88 0.31
C ARG A 94 -19.47 -5.07 -0.31
N LEU A 95 -18.65 -4.04 -0.23
CA LEU A 95 -17.31 -4.09 -0.76
C LEU A 95 -16.33 -4.34 0.38
N LEU A 96 -15.70 -5.51 0.36
CA LEU A 96 -14.82 -5.92 1.44
C LEU A 96 -13.39 -5.47 1.17
N VAL A 97 -12.82 -4.82 2.18
CA VAL A 97 -11.48 -4.26 2.11
C VAL A 97 -10.81 -4.46 3.46
N PRO A 98 -9.49 -4.38 3.54
CA PRO A 98 -8.80 -4.40 4.82
C PRO A 98 -9.23 -3.22 5.69
N SER A 99 -9.51 -3.46 6.96
CA SER A 99 -10.03 -2.41 7.84
C SER A 99 -8.98 -1.33 8.07
N GLU A 100 -7.71 -1.70 7.94
CA GLU A 100 -6.63 -0.75 8.09
C GLU A 100 -6.26 -0.09 6.75
N ALA A 101 -7.04 -0.37 5.72
CA ALA A 101 -6.81 0.26 4.42
C ALA A 101 -7.47 1.63 4.36
N LEU A 102 -8.67 1.70 4.90
CA LEU A 102 -9.48 2.89 4.80
C LEU A 102 -9.11 3.92 5.86
N ILE A 103 -9.51 5.15 5.63
CA ILE A 103 -9.26 6.23 6.57
C ILE A 103 -10.54 6.57 7.32
N ARG A 104 -10.52 6.44 8.63
CA ARG A 104 -11.66 6.90 9.40
C ARG A 104 -11.39 8.30 9.92
N THR A 105 -12.26 9.22 9.54
CA THR A 105 -12.11 10.60 9.95
C THR A 105 -13.49 11.26 10.12
N GLY A 106 -13.61 12.08 11.14
CA GLY A 106 -14.86 12.78 11.39
C GLY A 106 -16.03 11.83 11.56
N ALA A 107 -16.95 11.87 10.60
CA ALA A 107 -18.12 10.99 10.64
C ALA A 107 -18.20 10.13 9.38
N ARG A 108 -17.06 9.80 8.79
CA ARG A 108 -17.04 9.08 7.52
C ARG A 108 -15.68 8.45 7.24
N THR A 109 -15.56 7.83 6.08
CA THR A 109 -14.35 7.11 5.73
C THR A 109 -13.79 7.62 4.39
N ILE A 110 -12.48 7.58 4.25
CA ILE A 110 -11.83 7.94 2.99
C ILE A 110 -10.94 6.79 2.53
N ALA A 111 -10.74 6.67 1.23
CA ALA A 111 -9.86 5.65 0.68
C ALA A 111 -8.97 6.23 -0.41
N MET A 112 -7.69 5.92 -0.37
CA MET A 112 -6.78 6.35 -1.41
C MET A 112 -6.65 5.24 -2.47
N VAL A 113 -7.35 5.43 -3.58
CA VAL A 113 -7.44 4.42 -4.62
C VAL A 113 -6.26 4.52 -5.58
N ALA A 114 -5.72 3.37 -5.97
CA ALA A 114 -4.61 3.32 -6.91
C ALA A 114 -5.08 3.60 -8.32
N LYS A 115 -4.96 4.86 -8.73
CA LYS A 115 -5.28 5.24 -10.10
C LYS A 115 -4.13 4.90 -11.03
N GLY A 116 -4.43 4.89 -12.32
CA GLY A 116 -3.42 4.65 -13.32
C GLY A 116 -2.69 5.92 -13.70
N GLU A 117 -2.86 6.94 -12.87
CA GLU A 117 -2.19 8.22 -13.09
C GLU A 117 -0.99 8.35 -12.18
N GLY A 118 -0.62 7.23 -11.56
CA GLY A 118 0.60 7.18 -10.77
C GLY A 118 0.41 7.65 -9.34
N GLY A 119 -0.84 7.81 -8.93
CA GLY A 119 -1.12 8.31 -7.61
C GLY A 119 -2.31 7.63 -6.97
N PHE A 120 -2.48 7.86 -5.68
CA PHE A 120 -3.58 7.25 -4.93
C PHE A 120 -4.58 8.33 -4.54
N ASP A 121 -5.74 8.29 -5.17
CA ASP A 121 -6.72 9.35 -5.05
C ASP A 121 -7.70 9.09 -3.92
N PRO A 122 -8.08 10.10 -3.15
CA PRO A 122 -8.96 9.92 -2.01
C PRO A 122 -10.44 9.91 -2.41
N VAL A 123 -11.12 8.87 -1.97
CA VAL A 123 -12.55 8.73 -2.19
C VAL A 123 -13.27 8.77 -0.86
N GLU A 124 -14.29 9.60 -0.75
CA GLU A 124 -15.16 9.57 0.42
C GLU A 124 -16.05 8.34 0.35
N VAL A 125 -15.94 7.49 1.35
CA VAL A 125 -16.64 6.21 1.37
C VAL A 125 -17.35 5.99 2.70
N LYS A 126 -18.33 5.10 2.66
CA LYS A 126 -19.04 4.70 3.86
C LYS A 126 -18.56 3.31 4.28
N ALA A 127 -18.21 3.17 5.54
CA ALA A 127 -17.67 1.92 6.02
C ALA A 127 -18.18 1.61 7.42
N GLY A 128 -18.94 0.55 7.59
CA GLY A 128 -19.21 0.12 8.94
C GLY A 128 -19.53 -1.36 9.08
N ALA A 129 -18.52 -2.18 8.88
CA ALA A 129 -18.45 -3.51 9.47
C ALA A 129 -16.98 -3.85 9.69
N THR A 130 -16.70 -4.86 10.47
CA THR A 130 -15.34 -5.37 10.56
C THR A 130 -15.36 -6.88 10.72
N ALA A 131 -14.64 -7.55 9.85
CA ALA A 131 -14.64 -9.01 9.81
C ALA A 131 -13.32 -9.56 9.31
N GLY A 132 -12.66 -10.34 10.15
CA GLY A 132 -11.42 -11.00 9.75
C GLY A 132 -10.31 -10.02 9.46
N GLY A 133 -10.26 -8.94 10.22
CA GLY A 133 -9.26 -7.93 10.00
C GLY A 133 -9.55 -7.11 8.76
N GLN A 134 -10.80 -7.13 8.35
CA GLN A 134 -11.23 -6.38 7.19
C GLN A 134 -12.43 -5.53 7.54
N SER A 135 -12.83 -4.64 6.66
CA SER A 135 -13.98 -3.81 6.89
C SER A 135 -14.96 -3.96 5.74
N GLU A 136 -16.21 -3.67 6.00
CA GLU A 136 -17.21 -3.69 4.95
C GLU A 136 -17.51 -2.27 4.48
N ILE A 137 -17.14 -2.01 3.24
CA ILE A 137 -17.42 -0.73 2.60
C ILE A 137 -18.85 -0.73 2.09
N LEU A 138 -19.68 0.03 2.80
CA LEU A 138 -21.09 0.13 2.49
C LEU A 138 -21.28 0.91 1.20
N GLU A 139 -20.64 2.06 1.12
CA GLU A 139 -20.72 2.90 -0.06
C GLU A 139 -19.37 3.53 -0.32
N GLY A 140 -19.20 4.08 -1.50
CA GLY A 140 -17.96 4.78 -1.79
C GLY A 140 -17.17 4.15 -2.90
N LEU A 141 -16.64 2.96 -2.66
CA LEU A 141 -15.74 2.32 -3.59
C LEU A 141 -16.46 1.29 -4.47
N LYS A 142 -15.67 0.59 -5.28
CA LYS A 142 -16.21 -0.36 -6.23
C LYS A 142 -15.21 -1.48 -6.44
N ALA A 143 -15.72 -2.64 -6.84
CA ALA A 143 -14.90 -3.81 -7.09
C ALA A 143 -14.02 -3.59 -8.30
N GLY A 144 -12.74 -3.87 -8.16
CA GLY A 144 -11.79 -3.56 -9.20
C GLY A 144 -10.96 -2.35 -8.82
N GLN A 145 -11.34 -1.72 -7.73
CA GLN A 145 -10.61 -0.57 -7.20
C GLN A 145 -9.74 -1.04 -6.05
N GLN A 146 -8.44 -0.88 -6.18
CA GLN A 146 -7.52 -1.31 -5.14
C GLN A 146 -7.01 -0.10 -4.38
N VAL A 147 -7.06 -0.22 -3.07
CA VAL A 147 -6.76 0.89 -2.17
C VAL A 147 -5.54 0.55 -1.34
N VAL A 148 -4.83 1.59 -0.91
CA VAL A 148 -3.61 1.42 -0.13
C VAL A 148 -3.86 0.62 1.13
N VAL A 149 -2.98 -0.33 1.38
CA VAL A 149 -3.16 -1.29 2.46
C VAL A 149 -1.90 -1.38 3.32
N SER A 150 -0.75 -1.29 2.68
CA SER A 150 0.52 -1.25 3.38
C SER A 150 1.43 -0.18 2.78
N GLY A 151 0.89 1.03 2.68
CA GLY A 151 1.62 2.13 2.08
C GLY A 151 1.55 3.38 2.92
N GLN A 152 2.00 4.50 2.36
CA GLN A 152 1.96 5.77 3.06
C GLN A 152 0.56 6.36 3.01
N PHE A 153 -0.21 6.13 4.06
CA PHE A 153 -1.54 6.70 4.15
C PHE A 153 -1.50 8.00 4.96
N LEU A 154 -0.37 8.28 5.58
CA LEU A 154 -0.21 9.51 6.32
C LEU A 154 -0.11 10.69 5.34
N ILE A 155 0.85 10.62 4.44
CA ILE A 155 1.07 11.64 3.43
C ILE A 155 0.88 11.06 2.03
N ASP A 156 -0.17 11.51 1.34
CA ASP A 156 -0.48 10.98 0.02
C ASP A 156 0.46 11.55 -1.03
N SER A 157 1.05 12.71 -0.74
CA SER A 157 1.95 13.36 -1.68
C SER A 157 3.09 12.43 -2.07
N GLU A 158 3.79 11.93 -1.06
CA GLU A 158 4.92 11.02 -1.25
C GLU A 158 4.47 9.76 -1.99
N ALA A 159 3.28 9.28 -1.62
CA ALA A 159 2.73 8.05 -2.17
C ALA A 159 2.50 8.17 -3.67
N SER A 160 2.25 9.39 -4.15
CA SER A 160 2.05 9.63 -5.57
C SER A 160 3.39 9.69 -6.30
N LEU A 161 4.42 10.10 -5.57
CA LEU A 161 5.74 10.29 -6.13
C LEU A 161 6.50 8.96 -6.17
N ARG A 162 6.14 8.08 -5.23
CA ARG A 162 6.80 6.79 -5.08
C ARG A 162 6.50 5.85 -6.21
N GLY A 163 7.48 5.05 -6.55
CA GLY A 163 7.27 3.94 -7.45
C GLY A 163 8.53 3.09 -7.61
N THR A 164 9.40 3.15 -6.59
CA THR A 164 10.68 2.43 -6.57
C THR A 164 11.46 2.57 -7.88
N VAL A 165 12.29 3.62 -7.96
CA VAL A 165 13.06 3.92 -9.16
C VAL A 165 12.11 4.16 -10.33
N ALA A 166 11.36 5.23 -10.24
CA ALA A 166 10.37 5.55 -11.27
C ALA A 166 10.77 6.81 -12.01
N ARG A 167 11.48 6.64 -13.11
CA ARG A 167 11.88 7.77 -13.96
C ARG A 167 10.75 8.10 -14.93
N MET A 168 9.62 7.46 -14.72
CA MET A 168 8.41 7.67 -15.50
C MET A 168 7.20 7.25 -14.66
N GLN A 169 6.01 7.36 -15.25
CA GLN A 169 4.79 6.98 -14.54
C GLN A 169 3.99 6.00 -15.40
N GLU A 170 4.59 5.58 -16.49
CA GLU A 170 3.86 4.88 -17.55
C GLU A 170 3.95 3.36 -17.41
N THR A 171 3.94 2.86 -16.19
CA THR A 171 4.00 1.43 -15.95
C THR A 171 2.64 0.87 -15.54
N THR A 172 1.78 1.73 -15.04
CA THR A 172 0.47 1.29 -14.54
C THR A 172 -0.58 1.30 -15.65
N SER A 173 -0.68 2.40 -16.36
CA SER A 173 -1.60 2.48 -17.49
C SER A 173 -0.86 2.80 -18.79
N GLY A 174 0.45 3.04 -18.69
CA GLY A 174 1.24 3.37 -19.86
C GLY A 174 1.16 2.29 -20.93
N LEU A 175 1.08 1.05 -20.49
CA LEU A 175 0.93 -0.08 -21.40
C LEU A 175 -0.21 -0.97 -20.92
N GLU A 176 -1.29 -0.31 -20.48
CA GLU A 176 -2.46 -0.97 -19.89
C GLU A 176 -2.06 -1.64 -18.57
N VAL A 177 -3.03 -2.24 -17.88
CA VAL A 177 -2.78 -2.85 -16.59
C VAL A 177 -3.23 -4.32 -16.59
N LEU A 178 -3.90 -4.73 -17.66
CA LEU A 178 -4.41 -6.09 -17.75
C LEU A 178 -3.72 -6.86 -18.87
N PHE A 179 -3.57 -6.20 -20.02
CA PHE A 179 -2.89 -6.79 -21.17
C PHE A 179 -1.46 -7.20 -20.80
N GLN A 180 -1.07 -8.39 -21.21
CA GLN A 180 0.26 -8.88 -20.96
C GLN A 180 0.72 -9.76 -22.12
N MET A 1 11.78 27.68 -5.25
CA MET A 1 11.56 28.86 -4.39
C MET A 1 12.57 28.84 -3.24
N GLY A 2 13.72 29.48 -3.46
CA GLY A 2 14.75 29.52 -2.46
C GLY A 2 14.85 30.87 -1.79
N SER A 3 16.04 31.20 -1.29
CA SER A 3 16.31 32.48 -0.62
C SER A 3 15.69 32.50 0.79
N ALA A 4 14.40 32.23 0.87
CA ALA A 4 13.70 32.20 2.13
C ALA A 4 12.93 30.88 2.26
N THR A 5 12.91 30.33 3.45
CA THR A 5 12.24 29.07 3.71
C THR A 5 10.73 29.26 3.80
N VAL A 6 10.12 29.64 2.69
CA VAL A 6 8.69 29.86 2.63
C VAL A 6 8.00 28.71 1.91
N ASN A 7 6.75 28.46 2.28
CA ASN A 7 5.99 27.36 1.70
C ASN A 7 5.08 27.86 0.60
N GLY A 8 4.90 27.05 -0.43
CA GLY A 8 4.04 27.44 -1.53
C GLY A 8 2.69 26.75 -1.46
N PRO A 9 2.01 26.59 -2.60
CA PRO A 9 0.71 25.92 -2.68
C PRO A 9 0.83 24.44 -2.29
N HIS A 10 1.39 23.65 -3.18
CA HIS A 10 1.50 22.21 -2.99
C HIS A 10 2.69 21.67 -3.78
N ASP A 11 3.85 22.28 -3.53
CA ASP A 11 5.07 21.90 -4.21
C ASP A 11 5.90 20.98 -3.33
N GLY A 12 5.65 19.68 -3.44
CA GLY A 12 6.33 18.72 -2.62
C GLY A 12 7.74 18.46 -3.10
N HIS A 13 8.65 18.26 -2.16
CA HIS A 13 10.05 17.97 -2.50
C HIS A 13 10.45 16.62 -1.94
N ASP A 14 9.61 15.63 -2.19
CA ASP A 14 9.90 14.25 -1.79
C ASP A 14 10.41 13.46 -2.99
N PRO A 15 11.73 13.26 -3.08
CA PRO A 15 12.35 12.54 -4.19
C PRO A 15 12.17 11.02 -4.05
N ALA A 16 11.04 10.54 -4.54
CA ALA A 16 10.74 9.11 -4.49
C ALA A 16 11.55 8.34 -5.53
N ALA A 17 11.88 9.03 -6.62
CA ALA A 17 12.69 8.44 -7.68
C ALA A 17 14.12 8.25 -7.20
N GLY A 18 14.42 7.04 -6.74
CA GLY A 18 15.74 6.74 -6.22
C GLY A 18 15.65 6.09 -4.86
N ALA A 19 15.84 6.89 -3.82
CA ALA A 19 15.76 6.46 -2.42
C ALA A 19 16.83 5.43 -2.06
N GLU A 20 16.75 4.27 -2.70
CA GLU A 20 17.69 3.17 -2.46
C GLU A 20 17.58 2.65 -1.03
N LEU A 21 16.40 2.12 -0.72
CA LEU A 21 16.16 1.42 0.53
C LEU A 21 15.23 0.23 0.30
N LYS A 22 13.96 0.41 0.61
CA LYS A 22 12.98 -0.63 0.39
C LYS A 22 12.33 -0.46 -0.98
N THR A 23 12.05 0.79 -1.32
CA THR A 23 11.43 1.13 -2.59
C THR A 23 11.90 2.51 -3.04
N GLY A 24 11.96 2.72 -4.34
CA GLY A 24 12.40 4.00 -4.87
C GLY A 24 12.82 3.89 -6.31
N LYS A 25 13.58 2.86 -6.62
CA LYS A 25 14.00 2.61 -7.97
C LYS A 25 14.18 1.11 -8.16
N ARG A 26 13.11 0.41 -7.80
CA ARG A 26 13.07 -1.04 -7.86
C ARG A 26 12.07 -1.48 -8.91
N ILE A 27 12.43 -2.52 -9.65
CA ILE A 27 11.69 -2.94 -10.83
C ILE A 27 10.22 -3.15 -10.55
N LEU A 28 9.43 -2.41 -11.29
CA LEU A 28 7.98 -2.57 -11.27
C LEU A 28 7.55 -3.45 -12.44
N TYR A 29 8.21 -3.30 -13.59
CA TYR A 29 7.84 -4.04 -14.80
C TYR A 29 8.88 -3.83 -15.91
N TRP A 30 8.58 -4.39 -17.08
CA TRP A 30 9.44 -4.34 -18.24
C TRP A 30 8.74 -3.67 -19.42
N ARG A 31 9.53 -3.09 -20.32
CA ARG A 31 9.00 -2.33 -21.45
C ARG A 31 10.08 -2.15 -22.52
N ASP A 32 9.67 -2.09 -23.79
CA ASP A 32 10.59 -1.68 -24.84
C ASP A 32 10.92 -0.22 -24.66
N PRO A 33 12.18 0.15 -24.83
CA PRO A 33 12.59 1.55 -24.94
C PRO A 33 11.95 2.19 -26.17
N MET A 34 11.37 1.36 -27.02
CA MET A 34 10.68 1.81 -28.22
C MET A 34 9.17 1.87 -27.99
N VAL A 35 8.73 1.52 -26.79
CA VAL A 35 7.30 1.61 -26.46
C VAL A 35 7.06 2.34 -25.12
N PRO A 36 7.67 3.53 -24.93
CA PRO A 36 7.59 4.26 -23.66
C PRO A 36 6.17 4.40 -23.14
N GLY A 37 5.93 3.89 -21.94
CA GLY A 37 4.61 3.94 -21.35
C GLY A 37 3.97 2.58 -21.23
N GLN A 38 4.39 1.65 -22.09
CA GLN A 38 3.82 0.31 -22.11
C GLN A 38 4.24 -0.47 -20.87
N ARG A 39 3.29 -0.64 -19.96
CA ARG A 39 3.50 -1.39 -18.75
C ARG A 39 3.17 -2.85 -18.96
N PHE A 40 4.21 -3.65 -19.13
CA PHE A 40 4.04 -5.08 -19.32
C PHE A 40 3.88 -5.78 -17.98
N ASP A 41 3.10 -6.84 -18.00
CA ASP A 41 2.74 -7.59 -16.80
C ASP A 41 3.96 -8.24 -16.17
N LYS A 42 4.98 -8.50 -16.98
CA LYS A 42 6.20 -9.13 -16.50
C LYS A 42 7.28 -9.14 -17.58
N PRO A 43 8.55 -9.39 -17.21
CA PRO A 43 9.67 -9.51 -18.18
C PRO A 43 9.39 -10.46 -19.35
N GLY A 44 10.26 -10.45 -20.35
CA GLY A 44 10.11 -11.33 -21.48
C GLY A 44 10.52 -10.68 -22.79
N LYS A 45 10.16 -11.29 -23.90
CA LYS A 45 10.42 -10.74 -25.22
C LYS A 45 9.21 -9.93 -25.66
N SER A 46 9.48 -8.82 -26.31
CA SER A 46 8.45 -7.92 -26.77
C SER A 46 7.51 -8.58 -27.75
N PRO A 47 6.20 -8.30 -27.64
CA PRO A 47 5.21 -8.73 -28.63
C PRO A 47 5.30 -7.92 -29.91
N TYR A 48 5.91 -6.74 -29.77
CA TYR A 48 6.03 -5.79 -30.84
C TYR A 48 7.29 -6.09 -31.64
N MET A 49 8.37 -6.38 -30.92
CA MET A 49 9.66 -6.64 -31.52
C MET A 49 10.32 -7.88 -30.92
N ASP A 50 11.20 -8.51 -31.66
CA ASP A 50 11.94 -9.65 -31.15
C ASP A 50 13.14 -9.20 -30.33
N MET A 51 12.84 -8.47 -29.26
CA MET A 51 13.84 -8.07 -28.29
C MET A 51 13.33 -8.35 -26.90
N PRO A 52 14.22 -8.78 -25.99
CA PRO A 52 13.87 -8.87 -24.59
C PRO A 52 13.60 -7.48 -24.05
N LEU A 53 12.51 -7.32 -23.32
CA LEU A 53 12.11 -6.01 -22.84
C LEU A 53 13.17 -5.44 -21.91
N ILE A 54 13.18 -4.14 -21.74
CA ILE A 54 14.21 -3.49 -20.96
C ILE A 54 13.70 -3.17 -19.59
N PRO A 55 14.46 -3.55 -18.58
CA PRO A 55 14.08 -3.31 -17.20
C PRO A 55 14.33 -1.88 -16.74
N VAL A 56 13.38 -1.39 -15.98
CA VAL A 56 13.40 -0.06 -15.40
C VAL A 56 14.57 0.16 -14.44
N TYR A 57 14.81 1.45 -14.22
CA TYR A 57 15.90 2.01 -13.39
C TYR A 57 16.93 1.00 -12.87
N GLU A 58 16.60 0.35 -11.76
CA GLU A 58 17.52 -0.55 -11.04
C GLU A 58 18.18 -1.53 -11.99
N GLU A 59 17.36 -2.08 -12.88
CA GLU A 59 17.78 -3.16 -13.73
C GLU A 59 18.48 -4.23 -12.90
N GLU A 60 17.71 -4.81 -12.01
CA GLU A 60 18.14 -5.94 -11.21
C GLU A 60 17.00 -6.90 -11.03
N ASN A 61 16.23 -6.95 -12.09
CA ASN A 61 15.26 -8.02 -12.36
C ASN A 61 14.19 -8.16 -11.32
N ALA A 62 14.14 -7.15 -10.49
CA ALA A 62 13.17 -7.01 -9.42
C ALA A 62 13.40 -7.99 -8.30
N ASP A 63 14.30 -8.90 -8.55
CA ASP A 63 14.57 -9.99 -7.66
C ASP A 63 15.92 -10.60 -7.98
N GLY A 64 16.15 -11.81 -7.49
CA GLY A 64 17.44 -12.44 -7.63
C GLY A 64 17.29 -13.87 -8.09
N ALA A 65 16.14 -14.15 -8.71
CA ALA A 65 15.88 -15.44 -9.33
C ALA A 65 15.90 -16.57 -8.29
N ALA A 66 15.34 -16.28 -7.12
CA ALA A 66 15.28 -17.25 -6.05
C ALA A 66 14.15 -16.91 -5.09
N VAL A 67 14.06 -15.63 -4.73
CA VAL A 67 12.98 -15.16 -3.89
C VAL A 67 11.69 -15.14 -4.70
N ARG A 68 11.70 -14.27 -5.70
CA ARG A 68 10.60 -14.09 -6.64
C ARG A 68 9.33 -13.57 -6.00
N ILE A 69 8.77 -12.55 -6.64
CA ILE A 69 7.56 -11.91 -6.16
C ILE A 69 6.37 -12.84 -6.28
N ASP A 70 5.38 -12.61 -5.42
CA ASP A 70 4.17 -13.43 -5.41
C ASP A 70 3.19 -12.95 -6.47
N GLY A 71 3.69 -12.76 -7.68
CA GLY A 71 2.86 -12.29 -8.78
C GLY A 71 2.27 -10.92 -8.50
N ARG A 72 3.02 -10.11 -7.78
CA ARG A 72 2.61 -8.74 -7.51
C ARG A 72 3.44 -7.80 -8.36
N VAL A 73 2.75 -6.93 -9.05
CA VAL A 73 3.38 -6.00 -9.95
C VAL A 73 3.32 -4.62 -9.34
N THR A 74 3.43 -4.65 -8.04
CA THR A 74 3.43 -3.49 -7.22
C THR A 74 4.57 -3.58 -6.20
N GLN A 75 5.77 -3.32 -6.68
CA GLN A 75 6.96 -3.42 -5.87
C GLN A 75 7.13 -2.17 -5.00
N ASN A 76 6.30 -2.10 -3.97
CA ASN A 76 6.38 -1.03 -3.00
C ASN A 76 6.20 -1.59 -1.61
N LEU A 77 7.31 -1.63 -0.89
CA LEU A 77 7.40 -2.24 0.42
C LEU A 77 6.73 -1.37 1.47
N GLY A 78 6.32 -0.19 1.05
CA GLY A 78 5.66 0.75 1.92
C GLY A 78 4.20 0.88 1.62
N VAL A 79 3.80 0.35 0.48
CA VAL A 79 2.46 0.55 -0.01
C VAL A 79 1.91 -0.75 -0.60
N ARG A 80 1.25 -1.50 0.25
CA ARG A 80 0.58 -2.73 -0.16
C ARG A 80 -0.91 -2.45 -0.30
N THR A 81 -1.42 -2.60 -1.49
CA THR A 81 -2.80 -2.24 -1.79
C THR A 81 -3.63 -3.49 -2.00
N ALA A 82 -4.84 -3.48 -1.46
CA ALA A 82 -5.77 -4.58 -1.65
C ALA A 82 -6.86 -4.14 -2.61
N GLU A 83 -7.11 -4.94 -3.62
CA GLU A 83 -8.07 -4.60 -4.63
C GLU A 83 -9.48 -4.79 -4.12
N VAL A 84 -10.32 -3.83 -4.38
CA VAL A 84 -11.70 -3.88 -3.96
C VAL A 84 -12.43 -5.03 -4.62
N LYS A 85 -13.10 -5.79 -3.80
CA LYS A 85 -13.92 -6.89 -4.25
C LYS A 85 -14.87 -7.31 -3.15
N LEU A 86 -16.04 -7.75 -3.58
CA LEU A 86 -17.11 -8.11 -2.65
C LEU A 86 -16.80 -9.40 -1.94
N GLY A 87 -17.48 -9.63 -0.83
CA GLY A 87 -17.23 -10.81 -0.05
C GLY A 87 -17.94 -10.80 1.28
N ARG A 88 -19.24 -10.63 1.23
CA ARG A 88 -20.04 -10.58 2.44
C ARG A 88 -20.54 -11.97 2.84
N LEU A 89 -21.30 -12.00 3.93
CA LEU A 89 -22.03 -13.19 4.32
C LEU A 89 -23.45 -12.81 4.72
N GLY A 90 -24.41 -13.16 3.89
CA GLY A 90 -25.80 -12.88 4.16
C GLY A 90 -26.47 -12.20 2.99
N SER A 91 -27.64 -11.60 3.21
CA SER A 91 -28.29 -10.87 2.14
C SER A 91 -27.85 -9.41 2.15
N THR A 92 -26.64 -9.21 1.68
CA THR A 92 -26.06 -7.89 1.48
C THR A 92 -24.99 -8.04 0.41
N GLU A 93 -24.50 -6.93 -0.12
CA GLU A 93 -23.29 -6.97 -0.94
C GLU A 93 -22.43 -5.75 -0.66
N ARG A 94 -21.26 -5.98 -0.10
CA ARG A 94 -20.37 -4.88 0.27
C ARG A 94 -19.00 -5.09 -0.34
N LEU A 95 -18.24 -4.01 -0.45
CA LEU A 95 -16.88 -4.06 -0.93
C LEU A 95 -15.95 -4.30 0.27
N LEU A 96 -15.29 -5.45 0.27
CA LEU A 96 -14.49 -5.86 1.43
C LEU A 96 -13.07 -5.33 1.33
N VAL A 97 -12.59 -4.77 2.42
CA VAL A 97 -11.27 -4.17 2.48
C VAL A 97 -10.69 -4.38 3.86
N PRO A 98 -9.38 -4.54 3.95
CA PRO A 98 -8.69 -4.61 5.23
C PRO A 98 -8.97 -3.36 6.07
N SER A 99 -9.35 -3.54 7.33
CA SER A 99 -9.81 -2.43 8.16
C SER A 99 -8.80 -1.27 8.24
N GLU A 100 -7.52 -1.56 8.02
CA GLU A 100 -6.50 -0.52 8.10
C GLU A 100 -6.27 0.15 6.75
N ALA A 101 -7.07 -0.17 5.76
CA ALA A 101 -6.96 0.47 4.45
C ALA A 101 -7.67 1.82 4.45
N LEU A 102 -8.82 1.85 5.10
CA LEU A 102 -9.66 3.02 5.08
C LEU A 102 -9.37 3.97 6.24
N ILE A 103 -9.70 5.23 6.05
CA ILE A 103 -9.52 6.24 7.06
C ILE A 103 -10.84 6.87 7.44
N ARG A 104 -11.40 6.51 8.56
CA ARG A 104 -12.61 7.17 8.97
C ARG A 104 -12.40 8.09 10.15
N THR A 105 -12.25 9.35 9.83
CA THR A 105 -12.09 10.38 10.81
C THR A 105 -13.37 11.22 10.88
N GLY A 106 -13.73 11.64 12.08
CA GLY A 106 -14.91 12.44 12.24
C GLY A 106 -16.18 11.66 11.97
N ALA A 107 -16.82 11.95 10.83
CA ALA A 107 -18.08 11.33 10.52
C ALA A 107 -18.06 10.54 9.21
N ARG A 108 -16.88 10.21 8.72
CA ARG A 108 -16.79 9.58 7.40
C ARG A 108 -15.48 8.85 7.19
N THR A 109 -15.45 8.04 6.15
CA THR A 109 -14.30 7.22 5.84
C THR A 109 -13.66 7.65 4.53
N ILE A 110 -12.37 7.38 4.39
CA ILE A 110 -11.61 7.75 3.21
C ILE A 110 -10.76 6.56 2.74
N ALA A 111 -10.51 6.49 1.44
CA ALA A 111 -9.66 5.44 0.87
C ALA A 111 -8.70 6.05 -0.14
N MET A 112 -7.42 5.73 -0.02
CA MET A 112 -6.45 6.17 -1.02
C MET A 112 -6.46 5.17 -2.17
N VAL A 113 -7.15 5.54 -3.24
CA VAL A 113 -7.38 4.66 -4.35
C VAL A 113 -6.26 4.73 -5.37
N ALA A 114 -5.82 3.56 -5.82
CA ALA A 114 -4.86 3.48 -6.90
C ALA A 114 -5.59 3.55 -8.24
N LYS A 115 -5.67 4.75 -8.79
CA LYS A 115 -6.36 4.95 -10.05
C LYS A 115 -5.51 4.46 -11.21
N GLY A 116 -6.17 3.99 -12.25
CA GLY A 116 -5.48 3.54 -13.44
C GLY A 116 -4.86 4.68 -14.21
N GLU A 117 -5.05 5.89 -13.70
CA GLU A 117 -4.45 7.08 -14.30
C GLU A 117 -3.05 7.32 -13.72
N GLY A 118 -2.56 6.32 -12.99
CA GLY A 118 -1.20 6.34 -12.49
C GLY A 118 -1.05 7.11 -11.20
N GLY A 119 -2.16 7.46 -10.58
CA GLY A 119 -2.12 8.30 -9.41
C GLY A 119 -2.98 7.76 -8.29
N PHE A 120 -2.69 8.22 -7.08
CA PHE A 120 -3.41 7.79 -5.90
C PHE A 120 -4.23 8.94 -5.34
N ASP A 121 -5.51 8.73 -5.14
CA ASP A 121 -6.39 9.78 -4.68
C ASP A 121 -7.21 9.34 -3.48
N PRO A 122 -7.58 10.27 -2.59
CA PRO A 122 -8.44 9.97 -1.46
C PRO A 122 -9.92 10.07 -1.82
N VAL A 123 -10.63 9.00 -1.58
CA VAL A 123 -12.05 8.94 -1.87
C VAL A 123 -12.85 8.92 -0.57
N GLU A 124 -13.90 9.72 -0.51
CA GLU A 124 -14.83 9.66 0.61
C GLU A 124 -15.69 8.41 0.48
N VAL A 125 -15.62 7.56 1.48
CA VAL A 125 -16.30 6.27 1.46
C VAL A 125 -17.13 6.05 2.73
N LYS A 126 -18.13 5.20 2.59
CA LYS A 126 -18.91 4.75 3.72
C LYS A 126 -18.45 3.36 4.12
N ALA A 127 -18.13 3.20 5.39
CA ALA A 127 -17.59 1.95 5.89
C ALA A 127 -18.12 1.63 7.28
N GLY A 128 -19.00 0.67 7.42
CA GLY A 128 -19.31 0.23 8.76
C GLY A 128 -19.77 -1.22 8.85
N ALA A 129 -18.85 -2.14 8.64
CA ALA A 129 -18.92 -3.47 9.19
C ALA A 129 -17.49 -3.97 9.43
N THR A 130 -17.33 -5.00 10.23
CA THR A 130 -16.02 -5.62 10.39
C THR A 130 -16.15 -7.13 10.40
N ALA A 131 -15.37 -7.80 9.57
CA ALA A 131 -15.44 -9.25 9.44
C ALA A 131 -14.11 -9.84 9.03
N GLY A 132 -13.63 -10.81 9.79
CA GLY A 132 -12.39 -11.49 9.46
C GLY A 132 -11.18 -10.59 9.59
N GLY A 133 -11.29 -9.56 10.41
CA GLY A 133 -10.22 -8.59 10.54
C GLY A 133 -10.24 -7.60 9.39
N GLN A 134 -11.34 -7.58 8.65
CA GLN A 134 -11.52 -6.67 7.54
C GLN A 134 -12.71 -5.77 7.80
N SER A 135 -12.87 -4.78 6.97
CA SER A 135 -13.98 -3.87 7.10
C SER A 135 -14.86 -3.92 5.86
N GLU A 136 -16.12 -3.59 6.01
CA GLU A 136 -17.03 -3.57 4.88
C GLU A 136 -17.27 -2.15 4.38
N ILE A 137 -17.00 -1.97 3.09
CA ILE A 137 -17.27 -0.71 2.43
C ILE A 137 -18.68 -0.71 1.87
N LEU A 138 -19.50 0.14 2.47
CA LEU A 138 -20.90 0.28 2.12
C LEU A 138 -21.03 1.12 0.86
N GLU A 139 -20.30 2.22 0.82
CA GLU A 139 -20.28 3.10 -0.34
C GLU A 139 -18.89 3.70 -0.49
N GLY A 140 -18.61 4.31 -1.62
CA GLY A 140 -17.33 4.97 -1.79
C GLY A 140 -16.53 4.42 -2.93
N LEU A 141 -16.02 3.21 -2.77
CA LEU A 141 -15.11 2.62 -3.76
C LEU A 141 -15.84 1.69 -4.72
N LYS A 142 -15.07 1.11 -5.63
CA LYS A 142 -15.58 0.17 -6.60
C LYS A 142 -14.61 -0.99 -6.73
N ALA A 143 -15.16 -2.13 -7.10
CA ALA A 143 -14.39 -3.35 -7.23
C ALA A 143 -13.48 -3.26 -8.43
N GLY A 144 -12.24 -3.70 -8.24
CA GLY A 144 -11.26 -3.60 -9.29
C GLY A 144 -10.30 -2.46 -9.03
N GLN A 145 -10.58 -1.70 -7.98
CA GLN A 145 -9.74 -0.60 -7.61
C GLN A 145 -8.90 -0.99 -6.41
N GLN A 146 -7.79 -0.34 -6.21
CA GLN A 146 -6.90 -0.69 -5.11
C GLN A 146 -6.90 0.41 -4.05
N VAL A 147 -6.75 0.00 -2.81
CA VAL A 147 -6.57 0.93 -1.69
C VAL A 147 -5.41 0.44 -0.83
N VAL A 148 -4.57 1.36 -0.40
CA VAL A 148 -3.40 1.02 0.40
C VAL A 148 -3.82 0.47 1.76
N VAL A 149 -3.36 -0.72 2.08
CA VAL A 149 -3.73 -1.39 3.30
C VAL A 149 -2.51 -1.50 4.21
N SER A 150 -1.43 -0.87 3.76
CA SER A 150 -0.13 -0.90 4.43
C SER A 150 0.52 -2.27 4.30
N GLY A 151 -0.21 -3.31 4.68
CA GLY A 151 0.30 -4.66 4.58
C GLY A 151 0.69 -5.22 5.92
N GLN A 152 1.63 -6.14 5.92
CA GLN A 152 2.11 -6.72 7.16
C GLN A 152 3.63 -6.67 7.18
N PHE A 153 4.21 -6.90 8.35
CA PHE A 153 5.66 -6.88 8.49
C PHE A 153 6.25 -8.22 8.09
N LEU A 154 6.48 -8.37 6.79
CA LEU A 154 6.88 -9.63 6.16
C LEU A 154 7.89 -10.41 6.99
N ILE A 155 9.16 -10.09 6.80
CA ILE A 155 10.26 -10.81 7.41
C ILE A 155 11.42 -9.86 7.65
N ASP A 156 11.75 -9.60 8.91
CA ASP A 156 12.88 -8.72 9.25
C ASP A 156 14.19 -9.49 9.31
N SER A 157 14.37 -10.21 10.43
CA SER A 157 15.67 -10.70 10.86
C SER A 157 16.27 -11.70 9.89
N GLU A 158 15.41 -12.61 9.41
CA GLU A 158 15.82 -13.60 8.42
C GLU A 158 16.10 -12.92 7.09
N ALA A 159 15.42 -11.79 6.88
CA ALA A 159 15.59 -11.01 5.66
C ALA A 159 16.85 -10.18 5.73
N SER A 160 17.36 -9.99 6.94
CA SER A 160 18.61 -9.29 7.14
C SER A 160 19.78 -10.24 6.89
N LEU A 161 19.63 -11.47 7.38
CA LEU A 161 20.68 -12.46 7.24
C LEU A 161 20.69 -13.03 5.82
N ARG A 162 19.52 -13.16 5.23
CA ARG A 162 19.40 -13.66 3.86
C ARG A 162 19.24 -12.47 2.92
N GLY A 163 18.74 -12.74 1.71
CA GLY A 163 18.54 -11.69 0.74
C GLY A 163 18.02 -12.23 -0.57
N THR A 164 18.74 -13.17 -1.15
CA THR A 164 18.30 -13.84 -2.35
C THR A 164 17.77 -15.23 -2.01
N VAL A 165 18.28 -15.77 -0.91
CA VAL A 165 17.89 -17.10 -0.45
C VAL A 165 16.66 -17.01 0.44
N ALA A 166 15.50 -16.82 -0.18
CA ALA A 166 14.26 -16.71 0.55
C ALA A 166 13.08 -17.20 -0.29
N ARG A 167 12.68 -18.45 -0.06
CA ARG A 167 11.54 -19.01 -0.79
C ARG A 167 10.57 -19.58 0.22
N MET A 168 10.92 -20.78 0.67
CA MET A 168 10.23 -21.48 1.74
C MET A 168 8.72 -21.50 1.54
N GLN A 169 8.25 -22.42 0.72
CA GLN A 169 6.81 -22.58 0.51
C GLN A 169 6.16 -23.14 1.77
N GLU A 170 5.26 -22.37 2.35
CA GLU A 170 4.57 -22.80 3.55
C GLU A 170 3.16 -23.20 3.21
N THR A 171 2.97 -24.48 2.99
CA THR A 171 1.67 -25.03 2.64
C THR A 171 0.74 -25.06 3.85
N THR A 172 0.09 -23.94 4.11
CA THR A 172 -0.84 -23.82 5.21
C THR A 172 -2.27 -24.06 4.72
N SER A 173 -2.83 -23.08 4.02
CA SER A 173 -4.16 -23.19 3.45
C SER A 173 -4.31 -22.21 2.29
N GLY A 174 -4.87 -22.72 1.19
CA GLY A 174 -5.23 -21.89 0.06
C GLY A 174 -4.04 -21.47 -0.77
N LEU A 175 -2.93 -22.20 -0.63
CA LEU A 175 -1.66 -21.84 -1.27
C LEU A 175 -1.16 -20.49 -0.73
N GLU A 176 -0.29 -19.82 -1.47
CA GLU A 176 0.15 -18.50 -1.05
C GLU A 176 -1.03 -17.53 -1.09
N VAL A 177 -1.36 -16.96 0.05
CA VAL A 177 -2.52 -16.08 0.13
C VAL A 177 -2.20 -14.83 0.94
N LEU A 178 -2.79 -13.72 0.54
CA LEU A 178 -2.73 -12.49 1.31
C LEU A 178 -3.91 -12.48 2.28
N PHE A 179 -5.08 -12.20 1.74
CA PHE A 179 -6.32 -12.23 2.47
C PHE A 179 -7.45 -11.84 1.53
N GLN A 180 -8.53 -12.59 1.53
CA GLN A 180 -9.62 -12.33 0.59
C GLN A 180 -10.52 -11.20 1.08
N MET A 1 -9.71 -34.92 -18.02
CA MET A 1 -10.26 -34.05 -16.97
C MET A 1 -11.20 -33.02 -17.57
N GLY A 2 -12.19 -32.61 -16.77
CA GLY A 2 -13.17 -31.66 -17.24
C GLY A 2 -14.39 -32.35 -17.82
N SER A 3 -14.84 -33.41 -17.14
CA SER A 3 -16.02 -34.18 -17.55
C SER A 3 -15.76 -34.99 -18.81
N ALA A 4 -16.69 -35.89 -19.12
CA ALA A 4 -16.59 -36.79 -20.27
C ALA A 4 -15.46 -37.80 -20.10
N THR A 5 -15.34 -38.73 -21.03
CA THR A 5 -14.37 -39.81 -20.91
C THR A 5 -12.95 -39.35 -21.27
N VAL A 6 -12.65 -39.33 -22.56
CA VAL A 6 -11.31 -39.00 -23.02
C VAL A 6 -11.25 -37.61 -23.62
N ASN A 7 -10.66 -36.69 -22.86
CA ASN A 7 -10.48 -35.32 -23.32
C ASN A 7 -9.03 -34.91 -23.14
N GLY A 8 -8.55 -35.05 -21.91
CA GLY A 8 -7.20 -34.65 -21.60
C GLY A 8 -7.16 -33.61 -20.51
N PRO A 9 -6.09 -32.83 -20.41
CA PRO A 9 -5.97 -31.77 -19.41
C PRO A 9 -6.72 -30.51 -19.83
N HIS A 10 -6.93 -29.61 -18.87
CA HIS A 10 -7.62 -28.35 -19.14
C HIS A 10 -6.67 -27.36 -19.81
N ASP A 11 -6.76 -27.27 -21.13
CA ASP A 11 -5.90 -26.39 -21.90
C ASP A 11 -6.35 -24.95 -21.75
N GLY A 12 -5.71 -24.24 -20.84
CA GLY A 12 -6.09 -22.87 -20.53
C GLY A 12 -5.75 -22.51 -19.11
N HIS A 13 -5.69 -23.54 -18.26
CA HIS A 13 -5.27 -23.40 -16.88
C HIS A 13 -5.21 -24.77 -16.22
N ASP A 14 -4.06 -25.09 -15.66
CA ASP A 14 -3.87 -26.36 -14.96
C ASP A 14 -2.72 -26.21 -13.98
N PRO A 15 -2.63 -27.06 -12.95
CA PRO A 15 -1.54 -27.01 -11.99
C PRO A 15 -0.24 -27.56 -12.57
N ALA A 16 0.31 -26.89 -13.57
CA ALA A 16 1.55 -27.32 -14.18
C ALA A 16 2.74 -26.71 -13.45
N ALA A 17 3.10 -25.49 -13.83
CA ALA A 17 4.21 -24.77 -13.24
C ALA A 17 4.03 -23.28 -13.42
N GLY A 18 3.43 -22.64 -12.43
CA GLY A 18 3.20 -21.21 -12.51
C GLY A 18 2.05 -20.87 -13.43
N ALA A 19 0.93 -21.56 -13.24
CA ALA A 19 -0.25 -21.34 -14.07
C ALA A 19 -0.80 -19.95 -13.87
N GLU A 20 -0.66 -19.42 -12.66
CA GLU A 20 -1.11 -18.07 -12.39
C GLU A 20 0.01 -17.10 -12.73
N LEU A 21 0.48 -17.26 -13.95
CA LEU A 21 1.55 -16.46 -14.53
C LEU A 21 1.46 -16.62 -16.04
N LYS A 22 1.74 -17.84 -16.52
CA LYS A 22 1.62 -18.18 -17.94
C LYS A 22 2.51 -17.26 -18.79
N THR A 23 3.65 -16.92 -18.22
CA THR A 23 4.59 -16.05 -18.89
C THR A 23 6.01 -16.30 -18.36
N GLY A 24 6.82 -16.93 -19.20
CA GLY A 24 8.21 -17.18 -18.86
C GLY A 24 9.12 -16.18 -19.52
N LYS A 25 10.37 -16.10 -19.04
CA LYS A 25 11.36 -15.15 -19.56
C LYS A 25 10.95 -13.77 -19.14
N ARG A 26 10.88 -13.62 -17.84
CA ARG A 26 10.39 -12.41 -17.22
C ARG A 26 11.41 -11.87 -16.22
N ILE A 27 11.58 -10.56 -16.27
CA ILE A 27 12.66 -9.84 -15.58
C ILE A 27 12.86 -10.28 -14.15
N LEU A 28 14.10 -10.52 -13.84
CA LEU A 28 14.53 -10.90 -12.53
C LEU A 28 15.52 -9.87 -12.02
N TYR A 29 16.25 -9.27 -12.97
CA TYR A 29 17.30 -8.33 -12.65
C TYR A 29 17.91 -7.70 -13.91
N TRP A 30 18.94 -6.88 -13.69
CA TRP A 30 19.56 -6.09 -14.75
C TRP A 30 21.06 -6.33 -14.77
N ARG A 31 21.68 -6.14 -15.93
CA ARG A 31 23.12 -6.29 -16.09
C ARG A 31 23.61 -5.51 -17.30
N ASP A 32 24.85 -5.07 -17.27
CA ASP A 32 25.43 -4.37 -18.41
C ASP A 32 26.03 -5.39 -19.37
N PRO A 33 25.81 -5.20 -20.67
CA PRO A 33 26.38 -6.08 -21.70
C PRO A 33 27.91 -6.05 -21.72
N MET A 34 28.49 -5.05 -21.06
CA MET A 34 29.95 -4.97 -20.95
C MET A 34 30.43 -5.53 -19.63
N VAL A 35 29.50 -6.01 -18.81
CA VAL A 35 29.87 -6.61 -17.54
C VAL A 35 29.27 -8.03 -17.37
N PRO A 36 29.24 -8.86 -18.44
CA PRO A 36 28.55 -10.16 -18.42
C PRO A 36 28.95 -11.03 -17.23
N GLY A 37 27.96 -11.48 -16.48
CA GLY A 37 28.22 -12.27 -15.29
C GLY A 37 27.92 -11.49 -14.03
N GLN A 38 27.87 -10.17 -14.17
CA GLN A 38 27.54 -9.28 -13.07
C GLN A 38 26.03 -9.21 -12.89
N ARG A 39 25.56 -9.91 -11.88
CA ARG A 39 24.14 -9.91 -11.53
C ARG A 39 23.82 -8.80 -10.55
N PHE A 40 23.07 -7.81 -11.00
CA PHE A 40 22.59 -6.77 -10.10
C PHE A 40 21.22 -7.19 -9.60
N ASP A 41 21.00 -7.19 -8.31
CA ASP A 41 19.77 -7.76 -7.76
C ASP A 41 18.54 -6.95 -8.20
N LYS A 42 18.74 -5.71 -8.65
CA LYS A 42 17.64 -4.91 -9.14
C LYS A 42 18.06 -4.10 -10.37
N PRO A 43 17.11 -3.46 -11.06
CA PRO A 43 17.39 -2.46 -12.11
C PRO A 43 18.32 -1.33 -11.63
N GLY A 44 18.77 -0.51 -12.57
CA GLY A 44 19.56 0.66 -12.22
C GLY A 44 20.58 1.04 -13.28
N LYS A 45 21.50 1.92 -12.90
CA LYS A 45 22.59 2.37 -13.76
C LYS A 45 23.84 1.56 -13.45
N SER A 46 24.64 1.35 -14.48
CA SER A 46 25.89 0.63 -14.36
C SER A 46 26.83 1.37 -13.43
N PRO A 47 27.52 0.66 -12.52
CA PRO A 47 28.56 1.26 -11.70
C PRO A 47 29.89 1.37 -12.45
N TYR A 48 30.06 0.49 -13.43
CA TYR A 48 31.31 0.42 -14.18
C TYR A 48 31.33 1.48 -15.28
N MET A 49 30.16 1.80 -15.79
CA MET A 49 29.97 2.87 -16.73
C MET A 49 28.93 3.82 -16.18
N ASP A 50 28.32 4.63 -17.03
CA ASP A 50 27.21 5.46 -16.64
C ASP A 50 26.07 5.29 -17.62
N MET A 51 25.68 4.04 -17.79
CA MET A 51 24.57 3.70 -18.64
C MET A 51 23.58 2.84 -17.87
N PRO A 52 22.29 2.99 -18.14
CA PRO A 52 21.27 2.12 -17.57
C PRO A 52 21.52 0.69 -17.99
N LEU A 53 21.46 -0.22 -17.04
CA LEU A 53 21.77 -1.62 -17.30
C LEU A 53 20.78 -2.21 -18.30
N ILE A 54 21.12 -3.36 -18.86
CA ILE A 54 20.26 -4.02 -19.82
C ILE A 54 19.49 -5.12 -19.14
N PRO A 55 18.18 -5.12 -19.34
CA PRO A 55 17.32 -6.09 -18.72
C PRO A 55 17.25 -7.41 -19.47
N VAL A 56 17.29 -8.48 -18.68
CA VAL A 56 17.27 -9.86 -19.17
C VAL A 56 16.06 -10.18 -20.05
N TYR A 57 16.23 -11.24 -20.81
CA TYR A 57 15.32 -11.76 -21.84
C TYR A 57 14.20 -10.80 -22.27
N GLU A 58 13.08 -10.80 -21.55
CA GLU A 58 11.93 -9.97 -21.90
C GLU A 58 12.37 -8.53 -22.15
N GLU A 59 13.31 -8.10 -21.33
CA GLU A 59 13.95 -6.81 -21.49
C GLU A 59 12.96 -5.67 -21.33
N GLU A 60 12.73 -5.27 -20.09
CA GLU A 60 12.01 -4.04 -19.78
C GLU A 60 10.59 -4.10 -20.32
N ASN A 61 9.88 -5.09 -19.82
CA ASN A 61 8.45 -5.24 -20.08
C ASN A 61 7.73 -5.64 -18.81
N ALA A 62 8.48 -5.89 -17.77
CA ALA A 62 7.95 -6.33 -16.48
C ALA A 62 6.88 -5.36 -16.01
N ASP A 63 7.12 -4.11 -16.31
CA ASP A 63 6.37 -3.03 -15.73
C ASP A 63 4.99 -2.89 -16.32
N GLY A 64 4.72 -3.70 -17.31
CA GLY A 64 3.42 -3.72 -17.97
C GLY A 64 2.98 -2.35 -18.43
N ALA A 65 3.94 -1.56 -18.89
CA ALA A 65 3.69 -0.24 -19.43
C ALA A 65 3.39 0.76 -18.33
N ALA A 66 4.33 0.88 -17.38
CA ALA A 66 4.37 1.99 -16.43
C ALA A 66 3.40 1.80 -15.29
N VAL A 67 2.87 0.60 -15.18
CA VAL A 67 2.09 0.26 -14.00
C VAL A 67 2.97 0.45 -12.79
N ARG A 68 4.10 -0.22 -12.87
CA ARG A 68 5.16 -0.07 -11.91
C ARG A 68 6.29 0.73 -12.53
N ILE A 69 7.41 0.73 -11.86
CA ILE A 69 8.59 1.46 -12.32
C ILE A 69 9.02 0.98 -13.70
N ASP A 70 9.51 1.91 -14.50
CA ASP A 70 9.95 1.62 -15.84
C ASP A 70 11.41 1.16 -15.82
N GLY A 71 11.69 0.17 -14.98
CA GLY A 71 13.04 -0.41 -14.88
C GLY A 71 14.14 0.63 -14.71
N ARG A 72 13.79 1.74 -14.08
CA ARG A 72 14.72 2.83 -13.86
C ARG A 72 15.12 2.88 -12.40
N VAL A 73 15.54 4.06 -11.98
CA VAL A 73 15.91 4.39 -10.61
C VAL A 73 15.13 3.63 -9.53
N THR A 74 13.86 3.32 -9.81
CA THR A 74 12.97 2.55 -8.95
C THR A 74 13.07 2.93 -7.46
N GLN A 75 12.31 3.94 -7.09
CA GLN A 75 12.22 4.35 -5.70
C GLN A 75 10.79 4.20 -5.19
N ASN A 76 10.41 2.95 -4.93
CA ASN A 76 9.09 2.63 -4.39
C ASN A 76 9.20 1.37 -3.57
N LEU A 77 8.62 1.37 -2.39
CA LEU A 77 8.62 0.20 -1.53
C LEU A 77 7.74 -0.91 -2.09
N GLY A 78 6.84 -0.53 -2.98
CA GLY A 78 5.96 -1.49 -3.61
C GLY A 78 4.53 -1.04 -3.52
N VAL A 79 4.14 -0.57 -2.34
CA VAL A 79 2.80 -0.07 -2.10
C VAL A 79 1.77 -1.20 -2.17
N ARG A 80 1.45 -1.75 -1.02
CA ARG A 80 0.52 -2.86 -0.96
C ARG A 80 -0.90 -2.35 -1.02
N THR A 81 -1.67 -2.91 -1.93
CA THR A 81 -3.03 -2.50 -2.17
C THR A 81 -3.94 -3.71 -2.21
N ALA A 82 -5.16 -3.54 -1.75
CA ALA A 82 -6.15 -4.58 -1.83
C ALA A 82 -7.23 -4.17 -2.81
N GLU A 83 -7.52 -5.04 -3.76
CA GLU A 83 -8.49 -4.73 -4.80
C GLU A 83 -9.89 -4.95 -4.28
N VAL A 84 -10.75 -3.97 -4.51
CA VAL A 84 -12.14 -4.08 -4.10
C VAL A 84 -12.81 -5.28 -4.71
N LYS A 85 -13.40 -6.04 -3.82
CA LYS A 85 -14.25 -7.14 -4.17
C LYS A 85 -15.14 -7.47 -2.99
N LEU A 86 -16.39 -7.69 -3.29
CA LEU A 86 -17.38 -7.95 -2.27
C LEU A 86 -17.26 -9.37 -1.71
N GLY A 87 -17.98 -9.58 -0.62
CA GLY A 87 -17.82 -10.80 0.16
C GLY A 87 -18.35 -10.61 1.56
N ARG A 88 -19.59 -10.15 1.62
CA ARG A 88 -20.21 -9.70 2.86
C ARG A 88 -20.60 -10.85 3.78
N LEU A 89 -21.21 -10.49 4.90
CA LEU A 89 -21.78 -11.46 5.81
C LEU A 89 -23.22 -11.05 6.13
N GLY A 90 -24.15 -11.86 5.65
CA GLY A 90 -25.56 -11.62 5.88
C GLY A 90 -26.32 -11.52 4.57
N SER A 91 -27.47 -10.87 4.59
CA SER A 91 -28.22 -10.62 3.36
C SER A 91 -27.80 -9.27 2.79
N THR A 92 -26.62 -9.26 2.18
CA THR A 92 -26.00 -8.04 1.69
C THR A 92 -25.07 -8.35 0.54
N GLU A 93 -24.59 -7.34 -0.15
CA GLU A 93 -23.36 -7.44 -0.92
C GLU A 93 -22.55 -6.20 -0.72
N ARG A 94 -21.40 -6.35 -0.09
CA ARG A 94 -20.60 -5.21 0.31
C ARG A 94 -19.15 -5.41 -0.07
N LEU A 95 -18.46 -4.32 -0.37
CA LEU A 95 -17.08 -4.35 -0.76
C LEU A 95 -16.17 -4.55 0.46
N LEU A 96 -15.39 -5.63 0.45
CA LEU A 96 -14.55 -5.99 1.59
C LEU A 96 -13.13 -5.49 1.40
N VAL A 97 -12.60 -4.85 2.42
CA VAL A 97 -11.25 -4.30 2.39
C VAL A 97 -10.61 -4.45 3.77
N PRO A 98 -9.27 -4.48 3.86
CA PRO A 98 -8.57 -4.43 5.13
C PRO A 98 -8.97 -3.19 5.93
N SER A 99 -9.26 -3.35 7.21
CA SER A 99 -9.78 -2.24 8.02
C SER A 99 -8.79 -1.08 8.11
N GLU A 100 -7.50 -1.36 7.95
CA GLU A 100 -6.50 -0.29 8.00
C GLU A 100 -6.24 0.31 6.62
N ALA A 101 -6.99 -0.14 5.62
CA ALA A 101 -6.85 0.42 4.28
C ALA A 101 -7.49 1.80 4.20
N LEU A 102 -8.56 1.96 4.96
CA LEU A 102 -9.38 3.14 4.87
C LEU A 102 -9.10 4.12 6.00
N ILE A 103 -9.63 5.33 5.87
CA ILE A 103 -9.53 6.32 6.93
C ILE A 103 -10.91 6.75 7.35
N ARG A 104 -11.40 6.26 8.45
CA ARG A 104 -12.67 6.76 8.91
C ARG A 104 -12.50 7.59 10.15
N THR A 105 -12.69 8.88 9.95
CA THR A 105 -12.54 9.85 10.99
C THR A 105 -13.84 10.65 11.10
N GLY A 106 -14.28 10.88 12.32
CA GLY A 106 -15.50 11.64 12.53
C GLY A 106 -16.73 10.86 12.12
N ALA A 107 -17.28 11.19 10.97
CA ALA A 107 -18.55 10.60 10.54
C ALA A 107 -18.43 9.84 9.23
N ARG A 108 -17.22 9.72 8.69
CA ARG A 108 -17.07 9.11 7.37
C ARG A 108 -15.65 8.62 7.12
N THR A 109 -15.48 7.99 5.96
CA THR A 109 -14.26 7.27 5.66
C THR A 109 -13.61 7.76 4.36
N ILE A 110 -12.32 7.54 4.24
CA ILE A 110 -11.56 7.88 3.05
C ILE A 110 -10.77 6.66 2.58
N ALA A 111 -10.54 6.54 1.29
CA ALA A 111 -9.73 5.45 0.76
C ALA A 111 -8.70 5.98 -0.24
N MET A 112 -7.49 5.40 -0.17
CA MET A 112 -6.43 5.76 -1.10
C MET A 112 -6.47 4.81 -2.29
N VAL A 113 -7.03 5.27 -3.40
CA VAL A 113 -7.21 4.43 -4.56
C VAL A 113 -6.01 4.45 -5.49
N ALA A 114 -5.58 3.26 -5.90
CA ALA A 114 -4.51 3.11 -6.86
C ALA A 114 -5.03 3.36 -8.27
N LYS A 115 -5.09 4.62 -8.65
CA LYS A 115 -5.56 5.01 -9.96
C LYS A 115 -4.52 4.70 -11.02
N GLY A 116 -4.99 4.35 -12.22
CA GLY A 116 -4.10 4.21 -13.34
C GLY A 116 -3.68 5.56 -13.89
N GLU A 117 -4.10 6.61 -13.19
CA GLU A 117 -3.77 7.97 -13.57
C GLU A 117 -2.42 8.38 -12.99
N GLY A 118 -1.71 7.39 -12.44
CA GLY A 118 -0.34 7.58 -12.02
C GLY A 118 -0.21 8.05 -10.57
N GLY A 119 -1.25 7.86 -9.78
CA GLY A 119 -1.22 8.33 -8.42
C GLY A 119 -2.26 7.63 -7.55
N PHE A 120 -2.18 7.90 -6.26
CA PHE A 120 -3.09 7.32 -5.29
C PHE A 120 -4.03 8.41 -4.78
N ASP A 121 -5.29 8.33 -5.17
CA ASP A 121 -6.23 9.40 -4.89
C ASP A 121 -7.12 9.04 -3.72
N PRO A 122 -7.52 10.01 -2.90
CA PRO A 122 -8.42 9.76 -1.78
C PRO A 122 -9.89 9.90 -2.17
N VAL A 123 -10.68 8.91 -1.77
CA VAL A 123 -12.10 8.93 -2.04
C VAL A 123 -12.88 8.93 -0.72
N GLU A 124 -13.92 9.74 -0.64
CA GLU A 124 -14.80 9.70 0.52
C GLU A 124 -15.74 8.51 0.43
N VAL A 125 -15.52 7.56 1.32
CA VAL A 125 -16.25 6.30 1.33
C VAL A 125 -17.03 6.14 2.63
N LYS A 126 -18.02 5.27 2.60
CA LYS A 126 -18.73 4.90 3.79
C LYS A 126 -18.28 3.51 4.23
N ALA A 127 -17.86 3.39 5.46
CA ALA A 127 -17.33 2.13 5.95
C ALA A 127 -17.75 1.89 7.40
N GLY A 128 -18.63 0.93 7.62
CA GLY A 128 -18.86 0.53 8.98
C GLY A 128 -19.36 -0.90 9.12
N ALA A 129 -18.47 -1.85 8.86
CA ALA A 129 -18.57 -3.18 9.41
C ALA A 129 -17.17 -3.74 9.59
N THR A 130 -17.01 -4.78 10.39
CA THR A 130 -15.74 -5.47 10.48
C THR A 130 -15.96 -6.96 10.54
N ALA A 131 -15.26 -7.68 9.68
CA ALA A 131 -15.42 -9.11 9.58
C ALA A 131 -14.05 -9.79 9.49
N GLY A 132 -13.62 -10.37 10.61
CA GLY A 132 -12.34 -11.06 10.66
C GLY A 132 -11.16 -10.12 10.61
N GLY A 133 -11.39 -8.89 11.03
CA GLY A 133 -10.33 -7.90 11.01
C GLY A 133 -10.41 -7.00 9.80
N GLN A 134 -11.25 -7.38 8.84
CA GLN A 134 -11.42 -6.60 7.62
C GLN A 134 -12.64 -5.72 7.78
N SER A 135 -12.76 -4.71 6.94
CA SER A 135 -13.86 -3.79 7.07
C SER A 135 -14.78 -3.88 5.86
N GLU A 136 -16.03 -3.51 6.05
CA GLU A 136 -16.99 -3.46 4.96
C GLU A 136 -17.16 -2.04 4.44
N ILE A 137 -17.03 -1.90 3.14
CA ILE A 137 -17.25 -0.63 2.47
C ILE A 137 -18.69 -0.53 2.01
N LEU A 138 -19.46 0.22 2.78
CA LEU A 138 -20.89 0.39 2.52
C LEU A 138 -21.08 1.18 1.24
N GLU A 139 -20.32 2.25 1.09
CA GLU A 139 -20.37 3.09 -0.10
C GLU A 139 -19.00 3.63 -0.39
N GLY A 140 -18.78 4.12 -1.60
CA GLY A 140 -17.53 4.80 -1.87
C GLY A 140 -16.76 4.21 -3.04
N LEU A 141 -16.62 2.89 -3.08
CA LEU A 141 -15.73 2.29 -4.05
C LEU A 141 -16.41 1.27 -4.95
N LYS A 142 -15.62 0.67 -5.82
CA LYS A 142 -16.09 -0.28 -6.82
C LYS A 142 -15.06 -1.38 -6.97
N ALA A 143 -15.52 -2.53 -7.42
CA ALA A 143 -14.64 -3.67 -7.63
C ALA A 143 -13.67 -3.37 -8.76
N GLY A 144 -12.39 -3.60 -8.50
CA GLY A 144 -11.36 -3.20 -9.43
C GLY A 144 -10.66 -1.95 -8.98
N GLN A 145 -11.10 -1.43 -7.83
CA GLN A 145 -10.49 -0.25 -7.23
C GLN A 145 -9.51 -0.68 -6.16
N GLN A 146 -8.25 -0.65 -6.51
CA GLN A 146 -7.18 -1.02 -5.60
C GLN A 146 -6.96 0.07 -4.58
N VAL A 147 -6.98 -0.29 -3.31
CA VAL A 147 -6.77 0.69 -2.25
C VAL A 147 -5.52 0.36 -1.45
N VAL A 148 -4.72 1.37 -1.17
CA VAL A 148 -3.48 1.19 -0.43
C VAL A 148 -3.76 0.76 0.99
N VAL A 149 -3.34 -0.46 1.31
CA VAL A 149 -3.62 -1.02 2.62
C VAL A 149 -2.38 -1.01 3.50
N SER A 150 -1.22 -0.84 2.85
CA SER A 150 0.07 -0.65 3.53
C SER A 150 0.40 -1.82 4.48
N GLY A 151 -0.22 -2.97 4.21
CA GLY A 151 -0.05 -4.12 5.08
C GLY A 151 1.36 -4.66 5.06
N GLN A 152 1.79 -5.18 6.21
CA GLN A 152 3.12 -5.74 6.37
C GLN A 152 3.32 -6.95 5.46
N PHE A 153 2.96 -8.12 5.95
CA PHE A 153 3.18 -9.36 5.20
C PHE A 153 2.02 -10.32 5.40
N LEU A 154 0.95 -10.11 4.64
CA LEU A 154 -0.18 -11.03 4.64
C LEU A 154 0.03 -12.09 3.56
N ILE A 155 -1.02 -12.86 3.28
CA ILE A 155 -0.95 -13.96 2.33
C ILE A 155 -0.54 -13.48 0.93
N ASP A 156 -0.11 -14.42 0.09
CA ASP A 156 0.45 -14.09 -1.22
C ASP A 156 -0.67 -13.85 -2.26
N SER A 157 -1.84 -13.46 -1.73
CA SER A 157 -3.04 -13.22 -2.51
C SER A 157 -2.79 -12.17 -3.58
N GLU A 158 -1.83 -11.32 -3.25
CA GLU A 158 -1.48 -10.14 -4.02
C GLU A 158 -1.10 -10.51 -5.44
N ALA A 159 -0.44 -11.66 -5.58
CA ALA A 159 0.04 -12.14 -6.87
C ALA A 159 -1.12 -12.55 -7.76
N SER A 160 -2.21 -12.97 -7.13
CA SER A 160 -3.43 -13.28 -7.85
C SER A 160 -4.14 -11.99 -8.26
N LEU A 161 -3.87 -10.94 -7.51
CA LEU A 161 -4.44 -9.64 -7.76
C LEU A 161 -3.62 -8.89 -8.81
N ARG A 162 -2.40 -9.34 -9.07
CA ARG A 162 -1.55 -8.66 -10.02
C ARG A 162 -1.75 -9.19 -11.42
N GLY A 163 -1.92 -8.27 -12.34
CA GLY A 163 -2.00 -8.57 -13.75
C GLY A 163 -1.43 -7.42 -14.54
N THR A 164 -0.14 -7.17 -14.33
CA THR A 164 0.49 -5.88 -14.68
C THR A 164 -0.36 -4.74 -14.12
N VAL A 165 -1.26 -4.19 -14.91
CA VAL A 165 -2.21 -3.22 -14.38
C VAL A 165 -3.55 -3.90 -14.12
N ALA A 166 -4.21 -4.34 -15.21
CA ALA A 166 -5.48 -5.06 -15.18
C ALA A 166 -6.18 -4.86 -16.52
N ARG A 167 -7.38 -5.41 -16.66
CA ARG A 167 -8.16 -5.20 -17.87
C ARG A 167 -9.66 -5.37 -17.63
N MET A 168 -10.16 -4.57 -16.71
CA MET A 168 -11.57 -4.55 -16.37
C MET A 168 -12.19 -3.24 -16.83
N GLN A 169 -12.46 -3.11 -18.12
CA GLN A 169 -12.99 -1.87 -18.69
C GLN A 169 -11.93 -0.77 -18.62
N GLU A 170 -11.05 -0.78 -19.61
CA GLU A 170 -9.92 0.14 -19.69
C GLU A 170 -8.88 -0.20 -18.62
N THR A 171 -9.09 0.31 -17.42
CA THR A 171 -8.16 0.14 -16.29
C THR A 171 -6.69 0.16 -16.74
N THR A 172 -6.28 1.27 -17.34
CA THR A 172 -4.91 1.42 -17.77
C THR A 172 -4.15 2.31 -16.80
N SER A 173 -2.83 2.22 -16.86
CA SER A 173 -1.97 2.95 -15.95
C SER A 173 -0.86 3.66 -16.69
N GLY A 174 -0.83 3.47 -18.01
CA GLY A 174 0.29 3.94 -18.80
C GLY A 174 0.18 5.40 -19.22
N LEU A 175 -0.27 6.24 -18.28
CA LEU A 175 -0.40 7.68 -18.50
C LEU A 175 -1.55 8.01 -19.44
N GLU A 176 -1.40 7.56 -20.65
CA GLU A 176 -2.35 7.80 -21.71
C GLU A 176 -2.51 6.55 -22.56
N VAL A 177 -3.07 6.69 -23.75
CA VAL A 177 -3.16 5.59 -24.69
C VAL A 177 -1.78 5.04 -25.02
N LEU A 178 -1.69 3.73 -25.18
CA LEU A 178 -0.41 3.09 -25.44
C LEU A 178 -0.16 3.03 -26.94
N PHE A 179 0.93 3.63 -27.36
CA PHE A 179 1.30 3.65 -28.77
C PHE A 179 1.80 2.29 -29.22
N GLN A 180 2.84 1.80 -28.54
CA GLN A 180 3.42 0.52 -28.87
C GLN A 180 2.79 -0.60 -28.05
N MET A 1 27.75 4.99 53.38
CA MET A 1 28.55 6.21 53.22
C MET A 1 28.50 6.72 51.79
N GLY A 2 27.49 7.55 51.50
CA GLY A 2 27.37 8.12 50.16
C GLY A 2 26.83 7.11 49.17
N SER A 3 27.39 7.12 47.97
CA SER A 3 26.97 6.21 46.90
C SER A 3 25.49 6.37 46.62
N ALA A 4 25.06 7.62 46.48
CA ALA A 4 23.66 7.93 46.29
C ALA A 4 23.40 8.43 44.87
N THR A 5 22.15 8.34 44.44
CA THR A 5 21.77 8.82 43.13
C THR A 5 20.49 9.68 43.22
N VAL A 6 20.70 10.99 43.19
CA VAL A 6 19.58 11.93 43.28
C VAL A 6 19.71 13.06 42.25
N ASN A 7 20.92 13.51 41.98
CA ASN A 7 21.12 14.60 41.04
C ASN A 7 22.14 14.22 39.97
N GLY A 8 22.04 14.87 38.81
CA GLY A 8 22.97 14.61 37.74
C GLY A 8 22.64 15.40 36.50
N PRO A 9 23.65 15.78 35.70
CA PRO A 9 23.44 16.50 34.44
C PRO A 9 23.00 15.55 33.32
N HIS A 10 21.76 15.68 32.89
CA HIS A 10 21.23 14.84 31.83
C HIS A 10 21.89 15.17 30.49
N ASP A 11 21.43 16.26 29.88
CA ASP A 11 21.84 16.67 28.54
C ASP A 11 20.90 17.77 28.08
N GLY A 12 21.40 18.71 27.29
CA GLY A 12 20.55 19.75 26.77
C GLY A 12 21.34 20.89 26.18
N HIS A 13 20.68 22.04 26.05
CA HIS A 13 21.30 23.24 25.49
C HIS A 13 21.93 22.94 24.14
N ASP A 14 21.14 22.37 23.24
CA ASP A 14 21.61 22.10 21.89
C ASP A 14 20.79 22.93 20.89
N PRO A 15 21.48 23.82 20.14
CA PRO A 15 20.85 24.66 19.12
C PRO A 15 20.26 23.85 17.96
N ALA A 16 19.85 24.56 16.91
CA ALA A 16 19.19 23.94 15.76
C ALA A 16 17.93 23.21 16.19
N ALA A 17 17.09 23.92 16.93
CA ALA A 17 15.85 23.35 17.43
C ALA A 17 14.69 23.68 16.50
N GLY A 18 14.57 22.89 15.46
CA GLY A 18 13.52 23.12 14.48
C GLY A 18 12.97 21.83 13.91
N ALA A 19 12.12 21.17 14.67
CA ALA A 19 11.50 19.93 14.24
C ALA A 19 10.40 20.20 13.20
N GLU A 20 10.20 21.49 12.94
CA GLU A 20 9.24 21.97 11.95
C GLU A 20 7.83 21.50 12.29
N LEU A 21 7.41 21.94 13.47
CA LEU A 21 6.02 21.81 13.95
C LEU A 21 5.50 20.39 13.87
N LYS A 22 6.38 19.40 13.92
CA LYS A 22 5.95 18.01 13.96
C LYS A 22 5.56 17.63 15.37
N THR A 23 5.70 18.58 16.28
CA THR A 23 5.21 18.43 17.64
C THR A 23 4.21 19.51 17.95
N GLY A 24 3.10 19.50 17.22
CA GLY A 24 2.06 20.48 17.41
C GLY A 24 1.29 20.28 18.69
N LYS A 25 1.95 20.63 19.80
CA LYS A 25 1.36 20.50 21.12
C LYS A 25 1.30 19.04 21.48
N ARG A 26 2.47 18.45 21.57
CA ARG A 26 2.63 17.03 21.76
C ARG A 26 3.71 16.78 22.80
N ILE A 27 3.44 15.82 23.68
CA ILE A 27 4.31 15.55 24.82
C ILE A 27 5.76 15.43 24.43
N LEU A 28 6.55 16.26 25.08
CA LEU A 28 7.98 16.30 24.85
C LEU A 28 8.74 15.80 26.08
N TYR A 29 8.23 16.13 27.26
CA TYR A 29 8.85 15.74 28.51
C TYR A 29 7.98 16.20 29.68
N TRP A 30 8.44 15.94 30.89
CA TRP A 30 7.70 16.24 32.09
C TRP A 30 8.47 17.20 32.98
N ARG A 31 7.72 17.91 33.81
CA ARG A 31 8.26 18.97 34.62
C ARG A 31 7.33 19.25 35.79
N ASP A 32 7.90 19.69 36.90
CA ASP A 32 7.09 20.01 38.07
C ASP A 32 6.64 21.46 37.99
N PRO A 33 5.39 21.73 38.35
CA PRO A 33 4.79 23.07 38.32
C PRO A 33 5.56 24.08 39.18
N MET A 34 6.35 23.56 40.12
CA MET A 34 7.09 24.40 41.05
C MET A 34 8.45 24.73 40.47
N VAL A 35 8.91 23.87 39.58
CA VAL A 35 10.32 23.79 39.24
C VAL A 35 10.61 24.11 37.76
N PRO A 36 9.88 25.08 37.15
CA PRO A 36 9.94 25.34 35.71
C PRO A 36 11.34 25.74 35.24
N GLY A 37 12.01 24.84 34.54
CA GLY A 37 13.36 25.09 34.12
C GLY A 37 14.18 23.82 33.96
N GLN A 38 13.70 22.74 34.57
CA GLN A 38 14.35 21.44 34.40
C GLN A 38 13.99 20.81 33.06
N ARG A 39 14.49 19.62 32.85
CA ARG A 39 14.17 18.85 31.67
C ARG A 39 14.18 17.36 32.00
N PHE A 40 13.04 16.82 32.38
CA PHE A 40 12.99 15.39 32.70
C PHE A 40 13.01 14.58 31.42
N ASP A 41 13.81 13.51 31.46
CA ASP A 41 14.04 12.65 30.31
C ASP A 41 12.75 11.97 29.88
N LYS A 42 11.89 11.75 30.86
CA LYS A 42 10.61 11.10 30.63
C LYS A 42 9.68 11.29 31.83
N PRO A 43 8.37 11.05 31.67
CA PRO A 43 7.38 11.19 32.75
C PRO A 43 7.77 10.51 34.08
N GLY A 44 7.01 10.79 35.13
CA GLY A 44 7.26 10.17 36.41
C GLY A 44 6.95 11.09 37.58
N LYS A 45 7.27 10.64 38.79
CA LYS A 45 7.08 11.43 39.99
C LYS A 45 8.29 12.33 40.25
N SER A 46 7.99 13.50 40.80
CA SER A 46 8.99 14.52 41.07
C SER A 46 10.08 13.99 41.99
N PRO A 47 11.34 14.28 41.69
CA PRO A 47 12.46 13.90 42.57
C PRO A 47 12.52 14.82 43.78
N TYR A 48 11.89 15.98 43.61
CA TYR A 48 11.88 17.03 44.59
C TYR A 48 10.75 16.79 45.58
N MET A 49 9.60 16.40 45.04
CA MET A 49 8.43 16.09 45.86
C MET A 49 7.84 14.75 45.48
N ASP A 50 7.18 14.09 46.42
CA ASP A 50 6.53 12.82 46.09
C ASP A 50 5.17 13.03 45.45
N MET A 51 5.22 13.71 44.34
CA MET A 51 4.04 13.97 43.53
C MET A 51 4.39 13.80 42.06
N PRO A 52 3.45 13.32 41.25
CA PRO A 52 3.70 13.11 39.83
C PRO A 52 3.90 14.42 39.07
N LEU A 53 4.93 14.48 38.23
CA LEU A 53 5.21 15.68 37.45
C LEU A 53 4.04 15.95 36.49
N ILE A 54 3.98 17.16 35.97
CA ILE A 54 2.85 17.55 35.14
C ILE A 54 3.19 17.42 33.68
N PRO A 55 2.30 16.80 32.91
CA PRO A 55 2.49 16.64 31.49
C PRO A 55 2.14 17.90 30.73
N VAL A 56 2.87 18.10 29.65
CA VAL A 56 2.74 19.28 28.81
C VAL A 56 1.46 19.28 27.99
N TYR A 57 1.11 20.50 27.59
CA TYR A 57 -0.08 20.86 26.78
C TYR A 57 -1.08 19.75 26.51
N GLU A 58 -0.83 18.96 25.46
CA GLU A 58 -1.76 17.92 25.00
C GLU A 58 -2.23 17.05 26.14
N GLU A 59 -1.28 16.68 26.98
CA GLU A 59 -1.50 15.78 28.10
C GLU A 59 -2.07 14.42 27.63
N GLU A 60 -1.15 13.48 27.47
CA GLU A 60 -1.46 12.06 27.29
C GLU A 60 -1.98 11.74 25.90
N ASN A 61 -1.12 11.96 24.91
CA ASN A 61 -1.47 11.71 23.52
C ASN A 61 -0.24 11.23 22.75
N ALA A 62 0.85 11.96 22.88
CA ALA A 62 2.13 11.54 22.32
C ALA A 62 2.69 10.39 23.12
N ASP A 63 2.79 10.60 24.43
CA ASP A 63 3.20 9.54 25.34
C ASP A 63 3.05 9.99 26.78
N GLY A 64 1.83 10.31 27.15
CA GLY A 64 1.55 10.55 28.56
C GLY A 64 1.56 9.27 29.35
N ALA A 65 1.02 8.24 28.73
CA ALA A 65 0.80 6.97 29.38
C ALA A 65 1.15 5.82 28.45
N ALA A 66 2.34 5.92 27.86
CA ALA A 66 2.81 4.94 26.88
C ALA A 66 1.91 4.91 25.65
N VAL A 67 1.37 6.06 25.29
CA VAL A 67 0.63 6.19 24.06
C VAL A 67 1.60 6.25 22.89
N ARG A 68 2.88 6.39 23.25
CA ARG A 68 4.00 6.44 22.32
C ARG A 68 3.82 5.51 21.13
N ILE A 69 4.24 5.98 19.97
CA ILE A 69 4.10 5.23 18.74
C ILE A 69 4.98 3.99 18.79
N ASP A 70 4.50 2.91 18.22
CA ASP A 70 5.21 1.66 18.25
C ASP A 70 6.19 1.58 17.08
N GLY A 71 6.93 2.67 16.90
CA GLY A 71 7.92 2.77 15.85
C GLY A 71 7.37 2.43 14.48
N ARG A 72 6.10 2.79 14.25
CA ARG A 72 5.47 2.52 12.97
C ARG A 72 6.25 3.18 11.83
N VAL A 73 6.67 2.38 10.88
CA VAL A 73 7.37 2.87 9.74
C VAL A 73 6.77 2.29 8.47
N THR A 74 6.61 3.12 7.47
CA THR A 74 6.16 2.67 6.20
C THR A 74 6.90 3.40 5.08
N GLN A 75 7.87 2.72 4.50
CA GLN A 75 8.68 3.28 3.44
C GLN A 75 8.61 2.37 2.23
N ASN A 76 7.41 2.29 1.67
CA ASN A 76 7.16 1.39 0.57
C ASN A 76 7.05 2.16 -0.72
N LEU A 77 7.98 1.95 -1.61
CA LEU A 77 7.97 2.60 -2.91
C LEU A 77 6.84 2.06 -3.77
N GLY A 78 6.69 0.74 -3.77
CA GLY A 78 5.72 0.10 -4.63
C GLY A 78 4.34 0.18 -4.04
N VAL A 79 4.25 0.00 -2.73
CA VAL A 79 3.01 0.13 -1.99
C VAL A 79 2.08 -1.05 -2.27
N ARG A 80 1.84 -1.85 -1.25
CA ARG A 80 0.94 -2.98 -1.36
C ARG A 80 -0.50 -2.49 -1.20
N THR A 81 -1.36 -2.91 -2.11
CA THR A 81 -2.75 -2.48 -2.08
C THR A 81 -3.66 -3.68 -2.21
N ALA A 82 -4.89 -3.51 -1.77
CA ALA A 82 -5.90 -4.54 -1.91
C ALA A 82 -7.06 -3.98 -2.71
N GLU A 83 -7.47 -4.69 -3.75
CA GLU A 83 -8.54 -4.23 -4.60
C GLU A 83 -9.87 -4.60 -4.00
N VAL A 84 -10.77 -3.65 -3.89
CA VAL A 84 -12.07 -3.93 -3.36
C VAL A 84 -12.83 -4.89 -4.22
N LYS A 85 -13.53 -5.74 -3.55
CA LYS A 85 -14.43 -6.68 -4.13
C LYS A 85 -15.34 -7.23 -3.07
N LEU A 86 -16.30 -8.01 -3.46
CA LEU A 86 -17.27 -8.55 -2.52
C LEU A 86 -16.64 -9.59 -1.60
N GLY A 87 -17.39 -9.94 -0.56
CA GLY A 87 -16.95 -10.97 0.36
C GLY A 87 -17.60 -10.87 1.72
N ARG A 88 -18.90 -10.67 1.72
CA ARG A 88 -19.62 -10.46 2.98
C ARG A 88 -20.10 -11.78 3.57
N LEU A 89 -20.79 -11.68 4.70
CA LEU A 89 -21.46 -12.81 5.30
C LEU A 89 -22.90 -12.43 5.65
N GLY A 90 -23.84 -12.94 4.87
CA GLY A 90 -25.24 -12.71 5.14
C GLY A 90 -25.98 -12.24 3.92
N SER A 91 -27.16 -11.66 4.10
CA SER A 91 -27.90 -11.12 2.97
C SER A 91 -27.54 -9.65 2.77
N THR A 92 -26.36 -9.47 2.23
CA THR A 92 -25.82 -8.17 1.87
C THR A 92 -24.81 -8.41 0.76
N GLU A 93 -24.33 -7.38 0.10
CA GLU A 93 -23.15 -7.51 -0.73
C GLU A 93 -22.29 -6.26 -0.65
N ARG A 94 -21.14 -6.38 0.00
CA ARG A 94 -20.31 -5.22 0.32
C ARG A 94 -18.95 -5.35 -0.30
N LEU A 95 -18.21 -4.25 -0.27
CA LEU A 95 -16.84 -4.23 -0.77
C LEU A 95 -15.88 -4.39 0.41
N LEU A 96 -15.17 -5.51 0.41
CA LEU A 96 -14.35 -5.87 1.55
C LEU A 96 -12.93 -5.35 1.38
N VAL A 97 -12.46 -4.71 2.43
CA VAL A 97 -11.17 -4.08 2.46
C VAL A 97 -10.51 -4.34 3.80
N PRO A 98 -9.19 -4.47 3.82
CA PRO A 98 -8.44 -4.58 5.06
C PRO A 98 -8.74 -3.38 5.95
N SER A 99 -9.04 -3.61 7.22
CA SER A 99 -9.57 -2.56 8.09
C SER A 99 -8.64 -1.34 8.17
N GLU A 100 -7.34 -1.55 7.96
CA GLU A 100 -6.39 -0.44 8.03
C GLU A 100 -6.18 0.22 6.66
N ALA A 101 -6.91 -0.19 5.66
CA ALA A 101 -6.76 0.40 4.33
C ALA A 101 -7.49 1.73 4.26
N LEU A 102 -8.60 1.81 4.97
CA LEU A 102 -9.45 3.00 4.92
C LEU A 102 -9.09 4.00 6.01
N ILE A 103 -9.40 5.25 5.74
CA ILE A 103 -9.16 6.34 6.66
C ILE A 103 -10.44 6.66 7.41
N ARG A 104 -10.40 6.65 8.72
CA ARG A 104 -11.56 7.05 9.48
C ARG A 104 -11.45 8.49 9.93
N THR A 105 -12.46 9.28 9.60
CA THR A 105 -12.49 10.67 9.98
C THR A 105 -13.93 11.14 10.19
N GLY A 106 -14.19 11.73 11.34
CA GLY A 106 -15.50 12.29 11.63
C GLY A 106 -16.62 11.29 11.40
N ALA A 107 -17.55 11.64 10.53
CA ALA A 107 -18.71 10.80 10.25
C ALA A 107 -18.63 10.18 8.87
N ARG A 108 -17.42 9.83 8.47
CA ARG A 108 -17.20 9.26 7.16
C ARG A 108 -15.92 8.44 7.11
N THR A 109 -15.67 7.85 5.95
CA THR A 109 -14.45 7.12 5.72
C THR A 109 -13.82 7.60 4.42
N ILE A 110 -12.51 7.54 4.34
CA ILE A 110 -11.81 7.94 3.13
C ILE A 110 -10.89 6.81 2.69
N ALA A 111 -10.64 6.70 1.39
CA ALA A 111 -9.74 5.68 0.88
C ALA A 111 -8.80 6.26 -0.17
N MET A 112 -7.51 6.02 -0.02
CA MET A 112 -6.55 6.42 -1.03
C MET A 112 -6.49 5.35 -2.11
N VAL A 113 -7.18 5.62 -3.20
CA VAL A 113 -7.37 4.66 -4.27
C VAL A 113 -6.16 4.62 -5.20
N ALA A 114 -5.73 3.42 -5.52
CA ALA A 114 -4.60 3.22 -6.42
C ALA A 114 -5.06 3.29 -7.86
N LYS A 115 -5.01 4.48 -8.42
CA LYS A 115 -5.43 4.68 -9.80
C LYS A 115 -4.37 4.19 -10.77
N GLY A 116 -4.82 3.71 -11.92
CA GLY A 116 -3.91 3.27 -12.95
C GLY A 116 -3.19 4.44 -13.61
N GLU A 117 -3.54 5.65 -13.19
CA GLU A 117 -2.91 6.86 -13.72
C GLU A 117 -1.56 7.11 -13.04
N GLY A 118 -1.14 6.14 -12.22
CA GLY A 118 0.16 6.20 -11.59
C GLY A 118 0.14 6.92 -10.26
N GLY A 119 -1.05 7.22 -9.75
CA GLY A 119 -1.16 8.01 -8.54
C GLY A 119 -2.18 7.46 -7.57
N PHE A 120 -2.38 8.19 -6.49
CA PHE A 120 -3.32 7.81 -5.43
C PHE A 120 -4.20 8.99 -5.08
N ASP A 121 -5.52 8.76 -5.08
CA ASP A 121 -6.46 9.82 -4.75
C ASP A 121 -7.38 9.39 -3.62
N PRO A 122 -7.82 10.33 -2.79
CA PRO A 122 -8.72 10.04 -1.69
C PRO A 122 -10.19 10.07 -2.13
N VAL A 123 -10.86 8.96 -1.86
CA VAL A 123 -12.27 8.84 -2.13
C VAL A 123 -13.04 8.90 -0.81
N GLU A 124 -14.12 9.65 -0.77
CA GLU A 124 -14.99 9.63 0.39
C GLU A 124 -15.93 8.44 0.28
N VAL A 125 -15.90 7.58 1.29
CA VAL A 125 -16.64 6.34 1.24
C VAL A 125 -17.34 6.04 2.56
N LYS A 126 -18.38 5.21 2.47
CA LYS A 126 -19.06 4.73 3.63
C LYS A 126 -18.49 3.39 4.06
N ALA A 127 -18.15 3.29 5.32
CA ALA A 127 -17.54 2.09 5.85
C ALA A 127 -18.04 1.79 7.24
N GLY A 128 -18.91 0.82 7.40
CA GLY A 128 -19.22 0.38 8.73
C GLY A 128 -19.70 -1.04 8.81
N ALA A 129 -18.80 -1.98 8.58
CA ALA A 129 -18.94 -3.33 9.07
C ALA A 129 -17.56 -3.91 9.32
N THR A 130 -17.46 -5.00 10.05
CA THR A 130 -16.20 -5.68 10.23
C THR A 130 -16.39 -7.17 10.02
N ALA A 131 -15.56 -7.76 9.17
CA ALA A 131 -15.71 -9.17 8.85
C ALA A 131 -14.37 -9.79 8.45
N GLY A 132 -13.97 -10.82 9.18
CA GLY A 132 -12.75 -11.55 8.84
C GLY A 132 -11.50 -10.72 9.01
N GLY A 133 -11.49 -9.86 10.02
CA GLY A 133 -10.34 -9.00 10.23
C GLY A 133 -10.25 -7.91 9.19
N GLN A 134 -11.36 -7.65 8.54
CA GLN A 134 -11.44 -6.66 7.49
C GLN A 134 -12.63 -5.76 7.76
N SER A 135 -12.76 -4.70 7.00
CA SER A 135 -13.89 -3.82 7.16
C SER A 135 -14.74 -3.85 5.90
N GLU A 136 -16.00 -3.51 6.04
CA GLU A 136 -16.91 -3.50 4.91
C GLU A 136 -17.15 -2.09 4.41
N ILE A 137 -16.87 -1.89 3.12
CA ILE A 137 -17.21 -0.66 2.44
C ILE A 137 -18.64 -0.74 1.93
N LEU A 138 -19.48 0.07 2.54
CA LEU A 138 -20.90 0.08 2.24
C LEU A 138 -21.18 0.89 0.98
N GLU A 139 -20.59 2.06 0.88
CA GLU A 139 -20.83 2.96 -0.24
C GLU A 139 -19.56 3.71 -0.55
N GLY A 140 -19.56 4.46 -1.63
CA GLY A 140 -18.44 5.34 -1.90
C GLY A 140 -17.38 4.74 -2.78
N LEU A 141 -16.77 3.68 -2.27
CA LEU A 141 -15.71 2.99 -2.95
C LEU A 141 -16.26 1.67 -3.50
N LYS A 142 -15.76 1.26 -4.66
CA LYS A 142 -16.47 0.26 -5.47
C LYS A 142 -15.57 -0.80 -6.01
N ALA A 143 -16.12 -2.00 -6.07
CA ALA A 143 -15.38 -3.20 -6.43
C ALA A 143 -14.61 -3.01 -7.71
N GLY A 144 -13.33 -3.24 -7.61
CA GLY A 144 -12.43 -2.91 -8.68
C GLY A 144 -11.61 -1.69 -8.36
N GLN A 145 -11.79 -1.14 -7.15
CA GLN A 145 -10.97 -0.01 -6.74
C GLN A 145 -9.92 -0.46 -5.76
N GLN A 146 -8.68 -0.17 -6.07
CA GLN A 146 -7.57 -0.53 -5.22
C GLN A 146 -7.34 0.52 -4.14
N VAL A 147 -6.98 0.09 -2.95
CA VAL A 147 -6.73 1.00 -1.84
C VAL A 147 -5.47 0.63 -1.11
N VAL A 148 -4.78 1.65 -0.59
CA VAL A 148 -3.51 1.47 0.10
C VAL A 148 -3.64 0.53 1.28
N VAL A 149 -2.70 -0.40 1.37
CA VAL A 149 -2.76 -1.46 2.37
C VAL A 149 -1.42 -1.59 3.09
N SER A 150 -0.34 -1.35 2.36
CA SER A 150 0.99 -1.29 2.93
C SER A 150 1.81 -0.27 2.14
N GLY A 151 1.49 1.00 2.33
CA GLY A 151 2.16 2.06 1.61
C GLY A 151 2.38 3.27 2.48
N GLN A 152 3.07 4.27 1.93
CA GLN A 152 3.38 5.47 2.70
C GLN A 152 2.15 6.36 2.84
N PHE A 153 2.01 6.97 4.00
CA PHE A 153 0.91 7.89 4.26
C PHE A 153 1.39 9.33 4.11
N LEU A 154 0.58 10.27 4.57
CA LEU A 154 0.93 11.67 4.53
C LEU A 154 0.14 12.44 5.58
N ILE A 155 0.53 13.71 5.75
CA ILE A 155 -0.12 14.65 6.64
C ILE A 155 0.00 14.20 8.10
N ASP A 156 1.24 14.11 8.58
CA ASP A 156 1.50 13.69 9.96
C ASP A 156 1.02 14.74 10.96
N SER A 157 0.63 15.91 10.48
CA SER A 157 0.08 16.94 11.34
C SER A 157 -1.20 16.45 12.01
N GLU A 158 -2.03 15.76 11.24
CA GLU A 158 -3.28 15.22 11.74
C GLU A 158 -3.00 14.01 12.62
N ALA A 159 -1.92 13.31 12.30
CA ALA A 159 -1.47 12.17 13.07
C ALA A 159 -0.93 12.60 14.42
N SER A 160 -0.60 13.88 14.52
CA SER A 160 -0.17 14.49 15.77
C SER A 160 -1.37 14.83 16.65
N LEU A 161 -2.48 15.16 15.99
CA LEU A 161 -3.70 15.57 16.67
C LEU A 161 -4.44 14.37 17.22
N ARG A 162 -4.32 13.25 16.53
CA ARG A 162 -4.88 12.00 16.99
C ARG A 162 -3.97 11.37 18.02
N GLY A 163 -4.48 10.37 18.72
CA GLY A 163 -3.69 9.68 19.72
C GLY A 163 -2.74 8.69 19.10
N THR A 164 -1.71 9.21 18.46
CA THR A 164 -0.67 8.43 17.76
C THR A 164 -1.29 7.45 16.75
N VAL A 165 -1.60 6.25 17.21
CA VAL A 165 -2.23 5.26 16.36
C VAL A 165 -3.74 5.50 16.30
N ALA A 166 -4.34 5.73 17.47
CA ALA A 166 -5.78 5.94 17.59
C ALA A 166 -6.57 4.82 16.92
N ARG A 167 -6.88 3.78 17.67
CA ARG A 167 -7.68 2.72 17.15
C ARG A 167 -9.14 3.06 17.30
N MET A 168 -9.93 2.27 16.65
CA MET A 168 -11.34 2.54 16.46
C MET A 168 -12.18 1.62 17.33
N GLN A 169 -11.69 0.40 17.49
CA GLN A 169 -12.29 -0.61 18.36
C GLN A 169 -13.69 -1.01 17.88
N GLU A 170 -14.69 -0.19 18.19
CA GLU A 170 -16.06 -0.45 17.77
C GLU A 170 -16.76 0.86 17.45
N THR A 171 -17.13 1.57 18.51
CA THR A 171 -17.87 2.81 18.39
C THR A 171 -16.94 4.00 18.22
N THR A 172 -16.99 4.61 17.04
CA THR A 172 -16.25 5.83 16.76
C THR A 172 -16.75 6.96 17.67
N SER A 173 -18.05 7.22 17.61
CA SER A 173 -18.67 8.28 18.39
C SER A 173 -18.08 9.65 18.07
N GLY A 174 -18.39 10.63 18.92
CA GLY A 174 -17.90 11.99 18.71
C GLY A 174 -18.79 12.74 17.74
N LEU A 175 -19.88 12.09 17.35
CA LEU A 175 -20.73 12.59 16.28
C LEU A 175 -22.16 12.78 16.76
N GLU A 176 -22.32 12.85 18.08
CA GLU A 176 -23.63 12.99 18.73
C GLU A 176 -24.46 11.72 18.63
N VAL A 177 -24.49 11.10 17.45
CA VAL A 177 -25.24 9.87 17.24
C VAL A 177 -24.54 8.68 17.91
N LEU A 178 -25.34 7.72 18.35
CA LEU A 178 -24.82 6.50 18.95
C LEU A 178 -24.89 5.37 17.93
N PHE A 179 -25.98 4.62 17.96
CA PHE A 179 -26.21 3.57 16.99
C PHE A 179 -27.70 3.54 16.64
N GLN A 180 -28.09 4.47 15.78
CA GLN A 180 -29.49 4.71 15.49
C GLN A 180 -29.74 4.72 13.98
N MET A 1 47.27 -11.36 40.99
CA MET A 1 46.76 -12.62 41.57
C MET A 1 46.14 -13.49 40.48
N GLY A 2 46.97 -14.36 39.90
CA GLY A 2 46.51 -15.20 38.80
C GLY A 2 46.27 -14.39 37.56
N SER A 3 45.24 -14.76 36.81
CA SER A 3 44.87 -14.03 35.60
C SER A 3 43.50 -14.47 35.10
N ALA A 4 43.02 -13.82 34.06
CA ALA A 4 41.75 -14.19 33.45
C ALA A 4 41.99 -14.78 32.07
N THR A 5 41.85 -16.09 31.97
CA THR A 5 42.00 -16.77 30.69
C THR A 5 40.78 -16.53 29.82
N VAL A 6 40.78 -15.41 29.11
CA VAL A 6 39.67 -15.03 28.27
C VAL A 6 39.60 -15.89 27.01
N ASN A 7 38.49 -16.61 26.87
CA ASN A 7 38.26 -17.44 25.69
C ASN A 7 37.62 -16.61 24.60
N GLY A 8 36.84 -15.63 25.03
CA GLY A 8 36.16 -14.74 24.12
C GLY A 8 35.27 -13.79 24.87
N PRO A 9 34.45 -12.98 24.18
CA PRO A 9 33.53 -12.05 24.83
C PRO A 9 32.43 -12.80 25.57
N HIS A 10 31.47 -13.34 24.82
CA HIS A 10 30.38 -14.10 25.39
C HIS A 10 29.54 -14.69 24.27
N ASP A 11 29.04 -15.90 24.49
CA ASP A 11 28.17 -16.56 23.52
C ASP A 11 26.81 -15.89 23.49
N GLY A 12 26.16 -15.93 22.35
CA GLY A 12 24.85 -15.32 22.22
C GLY A 12 24.56 -14.87 20.81
N HIS A 13 24.03 -13.67 20.67
CA HIS A 13 23.68 -13.13 19.36
C HIS A 13 24.49 -11.87 19.07
N ASP A 14 25.11 -11.85 17.90
CA ASP A 14 25.92 -10.72 17.47
C ASP A 14 25.05 -9.50 17.14
N PRO A 15 23.94 -9.67 16.38
CA PRO A 15 23.00 -8.56 16.14
C PRO A 15 22.35 -8.09 17.44
N ALA A 16 22.32 -6.78 17.62
CA ALA A 16 21.75 -6.17 18.82
C ALA A 16 21.47 -4.70 18.59
N ALA A 17 22.41 -4.02 17.98
CA ALA A 17 22.28 -2.58 17.72
C ALA A 17 22.65 -2.27 16.27
N GLY A 18 21.78 -2.65 15.35
CA GLY A 18 21.99 -2.35 13.95
C GLY A 18 20.69 -2.31 13.18
N ALA A 19 20.12 -1.13 13.03
CA ALA A 19 18.84 -0.99 12.35
C ALA A 19 18.91 0.01 11.20
N GLU A 20 19.01 1.29 11.56
CA GLU A 20 18.98 2.39 10.60
C GLU A 20 17.63 2.46 9.87
N LEU A 21 16.96 3.59 10.08
CA LEU A 21 15.72 3.95 9.38
C LEU A 21 14.53 3.13 9.87
N LYS A 22 14.76 1.89 10.30
CA LYS A 22 13.69 1.06 10.83
C LYS A 22 13.36 1.46 12.27
N THR A 23 12.83 2.67 12.40
CA THR A 23 12.43 3.23 13.69
C THR A 23 13.50 3.03 14.76
N GLY A 24 14.73 3.35 14.41
CA GLY A 24 15.81 3.24 15.36
C GLY A 24 16.07 4.53 16.08
N LYS A 25 16.75 5.42 15.38
CA LYS A 25 17.07 6.73 15.89
C LYS A 25 16.69 7.74 14.85
N ARG A 26 15.42 7.74 14.53
CA ARG A 26 14.87 8.59 13.51
C ARG A 26 13.58 9.21 14.01
N ILE A 27 13.40 10.47 13.67
CA ILE A 27 12.35 11.30 14.23
C ILE A 27 10.97 10.68 14.15
N LEU A 28 10.42 10.46 15.33
CA LEU A 28 9.13 9.85 15.48
C LEU A 28 8.10 10.87 15.93
N TYR A 29 8.57 11.84 16.75
CA TYR A 29 7.72 12.89 17.29
C TYR A 29 8.56 13.83 18.16
N TRP A 30 7.90 14.79 18.79
CA TRP A 30 8.55 15.82 19.59
C TRP A 30 8.09 15.76 21.03
N ARG A 31 8.94 16.25 21.93
CA ARG A 31 8.67 16.23 23.35
C ARG A 31 9.62 17.18 24.06
N ASP A 32 9.15 17.79 25.15
CA ASP A 32 10.05 18.54 26.00
C ASP A 32 10.96 17.57 26.72
N PRO A 33 12.22 17.96 26.89
CA PRO A 33 13.20 17.18 27.64
C PRO A 33 12.89 17.14 29.14
N MET A 34 11.97 17.99 29.58
CA MET A 34 11.52 17.98 30.98
C MET A 34 10.17 17.31 31.12
N VAL A 35 9.63 16.82 30.01
CA VAL A 35 8.35 16.10 30.04
C VAL A 35 8.46 14.67 29.40
N PRO A 36 9.56 13.93 29.63
CA PRO A 36 9.78 12.62 29.00
C PRO A 36 8.61 11.67 29.24
N GLY A 37 8.07 11.12 28.16
CA GLY A 37 6.90 10.28 28.25
C GLY A 37 5.71 10.89 27.54
N GLN A 38 5.86 12.17 27.20
CA GLN A 38 4.83 12.90 26.47
C GLN A 38 5.05 12.78 24.97
N ARG A 39 4.18 12.02 24.33
CA ARG A 39 4.24 11.80 22.90
C ARG A 39 3.39 12.86 22.19
N PHE A 40 4.03 13.92 21.71
CA PHE A 40 3.31 14.96 21.00
C PHE A 40 3.00 14.53 19.59
N ASP A 41 1.85 15.00 19.10
CA ASP A 41 1.30 14.63 17.80
C ASP A 41 2.21 15.07 16.67
N LYS A 42 2.99 16.12 16.92
CA LYS A 42 3.90 16.66 15.93
C LYS A 42 4.78 17.73 16.55
N PRO A 43 5.83 18.19 15.86
CA PRO A 43 6.65 19.32 16.34
C PRO A 43 5.81 20.55 16.67
N GLY A 44 6.44 21.53 17.30
CA GLY A 44 5.74 22.73 17.70
C GLY A 44 6.23 23.26 19.03
N LYS A 45 5.42 24.08 19.69
CA LYS A 45 5.77 24.60 20.99
C LYS A 45 5.05 23.81 22.09
N SER A 46 5.70 23.78 23.25
CA SER A 46 5.20 23.07 24.42
C SER A 46 3.94 23.74 24.98
N PRO A 47 3.01 22.93 25.51
CA PRO A 47 1.83 23.43 26.20
C PRO A 47 2.14 23.74 27.67
N TYR A 48 3.23 23.14 28.15
CA TYR A 48 3.61 23.21 29.55
C TYR A 48 4.33 24.51 29.80
N MET A 49 5.14 24.90 28.83
CA MET A 49 5.78 26.20 28.85
C MET A 49 6.08 26.67 27.42
N ASP A 50 6.50 27.91 27.26
CA ASP A 50 6.64 28.52 25.93
C ASP A 50 8.03 28.36 25.33
N MET A 51 8.29 27.17 24.84
CA MET A 51 9.50 26.85 24.08
C MET A 51 9.13 25.86 23.01
N PRO A 52 9.79 25.92 21.85
CA PRO A 52 9.62 24.89 20.83
C PRO A 52 10.19 23.56 21.33
N LEU A 53 9.45 22.49 21.10
CA LEU A 53 9.78 21.18 21.65
C LEU A 53 11.10 20.65 21.11
N ILE A 54 11.60 19.60 21.75
CA ILE A 54 12.89 19.04 21.40
C ILE A 54 12.68 17.78 20.58
N PRO A 55 13.37 17.66 19.45
CA PRO A 55 13.24 16.50 18.62
C PRO A 55 14.12 15.35 19.10
N VAL A 56 13.52 14.17 19.13
CA VAL A 56 14.13 12.94 19.62
C VAL A 56 15.43 12.61 18.88
N TYR A 57 16.23 11.82 19.60
CA TYR A 57 17.57 11.34 19.21
C TYR A 57 18.21 12.08 18.04
N GLU A 58 17.98 11.60 16.82
CA GLU A 58 18.56 12.18 15.62
C GLU A 58 18.43 13.70 15.63
N GLU A 59 17.27 14.17 16.05
CA GLU A 59 17.01 15.59 16.19
C GLU A 59 16.93 16.30 14.83
N GLU A 60 15.73 16.27 14.26
CA GLU A 60 15.36 17.15 13.16
C GLU A 60 16.19 16.87 11.92
N ASN A 61 15.96 15.71 11.31
CA ASN A 61 16.69 15.32 10.11
C ASN A 61 15.95 14.26 9.30
N ALA A 62 15.14 13.45 9.99
CA ALA A 62 14.35 12.38 9.38
C ALA A 62 13.76 12.82 8.07
N ASP A 63 13.12 13.97 8.11
CA ASP A 63 12.62 14.60 6.92
C ASP A 63 12.68 16.12 7.07
N GLY A 64 12.93 16.50 8.28
CA GLY A 64 12.57 17.83 8.73
C GLY A 64 11.68 17.72 9.92
N ALA A 65 10.59 16.99 9.72
CA ALA A 65 9.62 16.73 10.75
C ALA A 65 9.00 15.37 10.55
N ALA A 66 8.26 15.25 9.45
CA ALA A 66 7.59 14.02 9.05
C ALA A 66 6.78 14.27 7.79
N VAL A 67 7.26 15.23 7.00
CA VAL A 67 6.58 15.61 5.77
C VAL A 67 6.66 14.44 4.78
N ARG A 68 7.87 14.27 4.22
CA ARG A 68 8.26 13.13 3.41
C ARG A 68 9.50 13.50 2.62
N ILE A 69 10.38 12.58 2.31
CA ILE A 69 11.60 12.98 1.63
C ILE A 69 11.29 13.44 0.25
N ASP A 70 10.62 12.54 -0.48
CA ASP A 70 10.37 12.67 -1.90
C ASP A 70 11.64 12.36 -2.68
N GLY A 71 12.71 12.95 -2.17
CA GLY A 71 14.06 12.73 -2.66
C GLY A 71 14.39 11.28 -2.92
N ARG A 72 13.92 10.41 -2.05
CA ARG A 72 14.18 9.00 -2.17
C ARG A 72 12.92 8.21 -1.82
N VAL A 73 13.13 6.92 -1.62
CA VAL A 73 12.11 5.97 -1.16
C VAL A 73 11.11 6.57 -0.17
N THR A 74 11.57 7.49 0.68
CA THR A 74 10.76 8.17 1.69
C THR A 74 9.82 7.20 2.42
N GLN A 75 10.41 6.15 2.97
CA GLN A 75 9.68 5.13 3.72
C GLN A 75 8.52 4.56 2.92
N ASN A 76 8.87 3.90 1.83
CA ASN A 76 7.89 3.24 0.97
C ASN A 76 8.27 1.78 0.80
N LEU A 77 7.67 0.96 1.63
CA LEU A 77 7.99 -0.46 1.70
C LEU A 77 7.55 -1.20 0.43
N GLY A 78 6.68 -0.57 -0.34
CA GLY A 78 6.16 -1.18 -1.54
C GLY A 78 4.75 -0.75 -1.80
N VAL A 79 3.98 -0.59 -0.74
CA VAL A 79 2.61 -0.09 -0.81
C VAL A 79 1.71 -1.08 -1.55
N ARG A 80 1.05 -1.91 -0.77
CA ARG A 80 0.19 -2.95 -1.31
C ARG A 80 -1.25 -2.45 -1.39
N THR A 81 -1.91 -2.80 -2.48
CA THR A 81 -3.27 -2.36 -2.75
C THR A 81 -4.15 -3.56 -3.01
N ALA A 82 -5.34 -3.54 -2.44
CA ALA A 82 -6.29 -4.62 -2.62
C ALA A 82 -7.44 -4.13 -3.47
N GLU A 83 -7.74 -4.86 -4.52
CA GLU A 83 -8.85 -4.52 -5.37
C GLU A 83 -10.15 -4.85 -4.67
N VAL A 84 -11.08 -3.91 -4.70
CA VAL A 84 -12.37 -4.07 -4.05
C VAL A 84 -13.09 -5.31 -4.52
N LYS A 85 -13.60 -6.07 -3.53
CA LYS A 85 -14.33 -7.30 -3.79
C LYS A 85 -15.52 -7.37 -2.87
N LEU A 86 -16.59 -7.98 -3.34
CA LEU A 86 -17.67 -8.35 -2.45
C LEU A 86 -17.27 -9.57 -1.65
N GLY A 87 -17.79 -9.68 -0.43
CA GLY A 87 -17.41 -10.80 0.42
C GLY A 87 -18.32 -10.93 1.62
N ARG A 88 -19.60 -10.76 1.41
CA ARG A 88 -20.56 -10.77 2.50
C ARG A 88 -20.87 -12.20 2.95
N LEU A 89 -21.11 -12.36 4.24
CA LEU A 89 -21.44 -13.65 4.82
C LEU A 89 -22.21 -13.45 6.12
N GLY A 90 -23.53 -13.32 6.02
CA GLY A 90 -24.31 -12.96 7.19
C GLY A 90 -24.46 -11.46 7.25
N SER A 91 -23.70 -10.81 6.39
CA SER A 91 -23.81 -9.39 6.16
C SER A 91 -24.36 -9.20 4.75
N THR A 92 -24.97 -8.04 4.53
CA THR A 92 -25.46 -7.66 3.23
C THR A 92 -24.29 -7.36 2.31
N GLU A 93 -24.53 -7.43 1.02
CA GLU A 93 -23.49 -7.26 0.01
C GLU A 93 -22.77 -5.94 0.19
N ARG A 94 -21.51 -6.06 0.55
CA ARG A 94 -20.66 -4.92 0.77
C ARG A 94 -19.34 -5.12 0.05
N LEU A 95 -18.56 -4.06 -0.01
CA LEU A 95 -17.24 -4.14 -0.58
C LEU A 95 -16.23 -4.38 0.54
N LEU A 96 -15.63 -5.56 0.51
CA LEU A 96 -14.73 -5.99 1.57
C LEU A 96 -13.32 -5.55 1.28
N VAL A 97 -12.70 -4.95 2.28
CA VAL A 97 -11.37 -4.40 2.16
C VAL A 97 -10.65 -4.54 3.50
N PRO A 98 -9.34 -4.75 3.46
CA PRO A 98 -8.52 -4.75 4.68
C PRO A 98 -8.74 -3.47 5.49
N SER A 99 -9.00 -3.61 6.78
CA SER A 99 -9.41 -2.47 7.61
C SER A 99 -8.41 -1.32 7.58
N GLU A 100 -7.14 -1.60 7.35
CA GLU A 100 -6.14 -0.54 7.33
C GLU A 100 -6.06 0.13 5.95
N ALA A 101 -6.99 -0.19 5.06
CA ALA A 101 -7.02 0.43 3.75
C ALA A 101 -7.71 1.78 3.78
N LEU A 102 -8.72 1.90 4.64
CA LEU A 102 -9.58 3.07 4.64
C LEU A 102 -9.22 4.07 5.72
N ILE A 103 -9.75 5.27 5.59
CA ILE A 103 -9.54 6.33 6.56
C ILE A 103 -10.78 6.51 7.42
N ARG A 104 -10.64 6.31 8.72
CA ARG A 104 -11.76 6.51 9.62
C ARG A 104 -11.59 7.80 10.38
N THR A 105 -12.20 8.86 9.87
CA THR A 105 -12.09 10.13 10.52
C THR A 105 -13.37 10.94 10.39
N GLY A 106 -13.82 11.47 11.52
CA GLY A 106 -15.02 12.27 11.54
C GLY A 106 -16.26 11.41 11.52
N ALA A 107 -17.12 11.65 10.53
CA ALA A 107 -18.36 10.92 10.40
C ALA A 107 -18.42 10.17 9.08
N ARG A 108 -17.25 9.82 8.56
CA ARG A 108 -17.19 9.17 7.26
C ARG A 108 -15.86 8.46 7.07
N THR A 109 -15.70 7.82 5.93
CA THR A 109 -14.51 7.05 5.64
C THR A 109 -13.93 7.46 4.30
N ILE A 110 -12.62 7.35 4.14
CA ILE A 110 -11.96 7.69 2.89
C ILE A 110 -11.11 6.53 2.41
N ALA A 111 -10.89 6.44 1.10
CA ALA A 111 -10.03 5.42 0.54
C ALA A 111 -9.03 6.04 -0.43
N MET A 112 -7.82 5.51 -0.46
CA MET A 112 -6.80 5.99 -1.40
C MET A 112 -6.73 5.05 -2.59
N VAL A 113 -7.31 5.46 -3.71
CA VAL A 113 -7.45 4.60 -4.88
C VAL A 113 -6.21 4.65 -5.76
N ALA A 114 -5.79 3.48 -6.23
CA ALA A 114 -4.60 3.34 -7.05
C ALA A 114 -4.85 3.80 -8.48
N LYS A 115 -4.59 5.07 -8.74
CA LYS A 115 -4.66 5.61 -10.08
C LYS A 115 -3.41 5.26 -10.88
N GLY A 116 -3.51 5.38 -12.20
CA GLY A 116 -2.38 5.08 -13.05
C GLY A 116 -1.44 6.26 -13.19
N GLU A 117 -1.56 7.20 -12.26
CA GLU A 117 -0.69 8.37 -12.24
C GLU A 117 0.39 8.23 -11.20
N GLY A 118 0.52 7.01 -10.67
CA GLY A 118 1.53 6.74 -9.67
C GLY A 118 1.09 7.13 -8.27
N GLY A 119 -0.07 7.80 -8.20
CA GLY A 119 -0.54 8.33 -6.95
C GLY A 119 -1.85 7.70 -6.53
N PHE A 120 -2.23 7.94 -5.29
CA PHE A 120 -3.40 7.33 -4.72
C PHE A 120 -4.41 8.39 -4.33
N ASP A 121 -5.51 8.40 -5.06
CA ASP A 121 -6.49 9.47 -4.95
C ASP A 121 -7.56 9.14 -3.92
N PRO A 122 -7.90 10.08 -3.04
CA PRO A 122 -8.82 9.82 -1.95
C PRO A 122 -10.30 9.88 -2.38
N VAL A 123 -11.06 8.92 -1.88
CA VAL A 123 -12.49 8.84 -2.15
C VAL A 123 -13.25 8.82 -0.83
N GLU A 124 -14.22 9.72 -0.69
CA GLU A 124 -15.04 9.75 0.51
C GLU A 124 -16.15 8.73 0.39
N VAL A 125 -16.10 7.73 1.24
CA VAL A 125 -17.00 6.58 1.17
C VAL A 125 -17.66 6.30 2.52
N LYS A 126 -18.51 5.28 2.56
CA LYS A 126 -19.09 4.84 3.81
C LYS A 126 -18.51 3.50 4.21
N ALA A 127 -18.02 3.43 5.44
CA ALA A 127 -17.43 2.21 5.95
C ALA A 127 -17.75 2.02 7.41
N GLY A 128 -18.54 1.01 7.75
CA GLY A 128 -18.60 0.63 9.13
C GLY A 128 -18.98 -0.81 9.35
N ALA A 129 -18.05 -1.70 9.05
CA ALA A 129 -18.02 -3.04 9.62
C ALA A 129 -16.58 -3.48 9.74
N THR A 130 -16.31 -4.43 10.61
CA THR A 130 -15.01 -5.08 10.64
C THR A 130 -15.16 -6.53 11.04
N ALA A 131 -14.70 -7.40 10.18
CA ALA A 131 -14.83 -8.84 10.40
C ALA A 131 -13.51 -9.53 10.13
N GLY A 132 -12.85 -9.97 11.19
CA GLY A 132 -11.60 -10.70 11.05
C GLY A 132 -10.48 -9.83 10.52
N GLY A 133 -10.45 -8.58 10.95
CA GLY A 133 -9.41 -7.67 10.52
C GLY A 133 -9.73 -7.01 9.19
N GLN A 134 -10.85 -7.39 8.59
CA GLN A 134 -11.26 -6.79 7.34
C GLN A 134 -12.42 -5.85 7.59
N SER A 135 -12.59 -4.87 6.74
CA SER A 135 -13.66 -3.91 6.93
C SER A 135 -14.68 -4.00 5.81
N GLU A 136 -15.83 -3.38 6.03
CA GLU A 136 -16.86 -3.32 5.00
C GLU A 136 -17.09 -1.88 4.53
N ILE A 137 -16.89 -1.67 3.24
CA ILE A 137 -17.28 -0.43 2.60
C ILE A 137 -18.74 -0.54 2.19
N LEU A 138 -19.59 0.10 2.97
CA LEU A 138 -21.03 0.05 2.78
C LEU A 138 -21.39 0.69 1.46
N GLU A 139 -20.91 1.90 1.26
CA GLU A 139 -21.19 2.65 0.05
C GLU A 139 -19.96 3.41 -0.40
N GLY A 140 -19.93 3.81 -1.66
CA GLY A 140 -18.88 4.65 -2.14
C GLY A 140 -18.12 4.04 -3.31
N LEU A 141 -17.46 2.92 -3.06
CA LEU A 141 -16.58 2.32 -4.07
C LEU A 141 -17.22 1.11 -4.76
N LYS A 142 -16.44 0.50 -5.64
CA LYS A 142 -16.89 -0.62 -6.45
C LYS A 142 -15.74 -1.61 -6.64
N ALA A 143 -16.12 -2.84 -6.99
CA ALA A 143 -15.16 -3.90 -7.23
C ALA A 143 -14.39 -3.63 -8.51
N GLY A 144 -13.07 -3.70 -8.40
CA GLY A 144 -12.21 -3.28 -9.50
C GLY A 144 -11.43 -2.05 -9.12
N GLN A 145 -11.76 -1.50 -7.95
CA GLN A 145 -11.11 -0.32 -7.42
C GLN A 145 -10.04 -0.71 -6.42
N GLN A 146 -8.81 -0.36 -6.75
CA GLN A 146 -7.66 -0.70 -5.92
C GLN A 146 -7.42 0.34 -4.85
N VAL A 147 -7.35 -0.12 -3.61
CA VAL A 147 -7.11 0.78 -2.48
C VAL A 147 -5.90 0.29 -1.69
N VAL A 148 -5.09 1.24 -1.21
CA VAL A 148 -3.89 0.92 -0.46
C VAL A 148 -4.25 0.28 0.87
N VAL A 149 -3.71 -0.89 1.15
CA VAL A 149 -4.08 -1.65 2.33
C VAL A 149 -2.91 -1.82 3.30
N SER A 150 -1.70 -1.65 2.80
CA SER A 150 -0.52 -1.87 3.61
C SER A 150 0.71 -1.21 3.00
N GLY A 151 1.06 -0.05 3.53
CA GLY A 151 2.30 0.62 3.15
C GLY A 151 3.39 0.32 4.15
N GLN A 152 2.97 -0.24 5.30
CA GLN A 152 3.89 -0.71 6.34
C GLN A 152 4.75 0.44 6.86
N PHE A 153 4.10 1.53 7.26
CA PHE A 153 4.79 2.74 7.68
C PHE A 153 5.06 2.71 9.18
N LEU A 154 5.00 1.51 9.76
CA LEU A 154 5.18 1.29 11.20
C LEU A 154 4.01 1.88 11.97
N ILE A 155 3.90 3.20 11.96
CA ILE A 155 2.79 3.88 12.60
C ILE A 155 1.75 4.23 11.55
N ASP A 156 1.00 3.24 11.11
CA ASP A 156 0.04 3.41 10.03
C ASP A 156 -1.17 4.22 10.49
N SER A 157 -1.38 4.33 11.79
CA SER A 157 -2.46 5.16 12.28
C SER A 157 -2.18 6.62 11.97
N GLU A 158 -0.98 7.09 12.28
CA GLU A 158 -0.62 8.46 11.98
C GLU A 158 -0.37 8.64 10.48
N ALA A 159 -0.06 7.56 9.78
CA ALA A 159 0.10 7.64 8.32
C ALA A 159 -1.16 8.25 7.70
N SER A 160 -2.31 7.81 8.20
CA SER A 160 -3.60 8.31 7.75
C SER A 160 -3.77 9.81 8.08
N LEU A 161 -3.13 10.24 9.16
CA LEU A 161 -3.28 11.60 9.67
C LEU A 161 -2.33 12.56 8.97
N ARG A 162 -1.16 12.05 8.60
CA ARG A 162 -0.14 12.86 7.95
C ARG A 162 -0.48 13.05 6.48
N GLY A 163 0.15 14.05 5.86
CA GLY A 163 -0.10 14.32 4.47
C GLY A 163 0.75 15.48 3.98
N THR A 164 2.07 15.32 4.13
CA THR A 164 3.03 16.37 3.80
C THR A 164 2.64 17.72 4.39
N VAL A 165 2.47 17.75 5.72
CA VAL A 165 1.99 18.93 6.42
C VAL A 165 0.56 19.24 5.99
N ALA A 166 -0.40 18.75 6.77
CA ALA A 166 -1.80 18.87 6.43
C ALA A 166 -2.31 20.30 6.59
N ARG A 167 -3.62 20.47 6.41
CA ARG A 167 -4.25 21.78 6.30
C ARG A 167 -3.72 22.50 5.06
N MET A 168 -4.57 22.60 4.05
CA MET A 168 -4.17 23.19 2.79
C MET A 168 -5.34 23.87 2.10
N GLN A 169 -5.64 23.46 0.88
CA GLN A 169 -6.73 24.03 0.11
C GLN A 169 -8.07 23.61 0.69
N GLU A 170 -8.31 22.30 0.67
CA GLU A 170 -9.55 21.72 1.17
C GLU A 170 -10.74 22.33 0.45
N THR A 171 -10.65 22.41 -0.86
CA THR A 171 -11.69 23.00 -1.67
C THR A 171 -12.62 21.92 -2.23
N THR A 172 -13.91 22.08 -1.97
CA THR A 172 -14.90 21.13 -2.44
C THR A 172 -16.25 21.82 -2.61
N SER A 173 -17.04 21.30 -3.52
CA SER A 173 -18.34 21.88 -3.83
C SER A 173 -19.41 20.79 -3.91
N GLY A 174 -19.19 19.70 -3.18
CA GLY A 174 -20.10 18.56 -3.25
C GLY A 174 -21.55 18.96 -3.02
N LEU A 175 -21.78 19.66 -1.92
CA LEU A 175 -23.12 20.12 -1.54
C LEU A 175 -24.00 18.91 -1.20
N GLU A 176 -24.16 18.68 0.11
CA GLU A 176 -24.92 17.55 0.62
C GLU A 176 -24.31 16.23 0.15
N VAL A 177 -25.06 15.15 0.28
CA VAL A 177 -24.61 13.86 -0.19
C VAL A 177 -25.68 13.23 -1.08
N LEU A 178 -25.73 13.71 -2.32
CA LEU A 178 -26.75 13.32 -3.31
C LEU A 178 -28.12 13.84 -2.88
N PHE A 179 -28.94 14.21 -3.85
CA PHE A 179 -30.27 14.72 -3.53
C PHE A 179 -31.18 13.59 -3.11
N GLN A 180 -31.66 13.65 -1.88
CA GLN A 180 -32.51 12.61 -1.35
C GLN A 180 -33.96 13.08 -1.25
N MET A 1 36.08 20.47 -49.10
CA MET A 1 37.47 19.98 -49.16
C MET A 1 37.50 18.55 -49.66
N GLY A 2 38.68 17.98 -49.89
CA GLY A 2 38.77 16.60 -50.33
C GLY A 2 37.99 15.65 -49.44
N SER A 3 37.43 14.61 -50.05
CA SER A 3 36.72 13.54 -49.33
C SER A 3 35.50 14.08 -48.58
N ALA A 4 35.06 15.28 -48.93
CA ALA A 4 33.95 15.91 -48.23
C ALA A 4 33.02 16.63 -49.19
N THR A 5 33.06 16.23 -50.45
CA THR A 5 32.21 16.83 -51.46
C THR A 5 30.75 16.36 -51.26
N VAL A 6 29.87 17.32 -51.04
CA VAL A 6 28.46 17.02 -50.76
C VAL A 6 27.75 16.54 -52.02
N ASN A 7 26.86 15.57 -51.85
CA ASN A 7 26.09 15.03 -52.96
C ASN A 7 24.73 15.69 -53.04
N GLY A 8 24.06 15.78 -51.91
CA GLY A 8 22.75 16.38 -51.85
C GLY A 8 22.59 17.29 -50.65
N PRO A 9 21.68 18.26 -50.71
CA PRO A 9 21.49 19.24 -49.64
C PRO A 9 21.15 18.60 -48.28
N HIS A 10 20.08 17.80 -48.26
CA HIS A 10 19.57 17.19 -47.03
C HIS A 10 19.01 18.25 -46.08
N ASP A 11 17.86 17.96 -45.48
CA ASP A 11 17.22 18.90 -44.57
C ASP A 11 17.99 19.00 -43.26
N GLY A 12 18.74 17.95 -42.93
CA GLY A 12 19.53 17.95 -41.73
C GLY A 12 20.37 16.70 -41.59
N HIS A 13 21.65 16.87 -41.31
CA HIS A 13 22.55 15.76 -41.08
C HIS A 13 23.52 16.11 -39.96
N ASP A 14 23.01 16.11 -38.74
CA ASP A 14 23.82 16.46 -37.57
C ASP A 14 23.53 15.51 -36.42
N PRO A 15 24.39 14.50 -36.22
CA PRO A 15 24.24 13.55 -35.11
C PRO A 15 24.67 14.17 -33.78
N ALA A 16 23.86 15.08 -33.26
CA ALA A 16 24.17 15.69 -31.99
C ALA A 16 23.69 14.80 -30.84
N ALA A 17 22.50 14.25 -31.02
CA ALA A 17 21.85 13.44 -29.99
C ALA A 17 22.50 12.05 -29.87
N GLY A 18 21.91 11.20 -29.05
CA GLY A 18 22.46 9.89 -28.82
C GLY A 18 21.39 8.92 -28.40
N ALA A 19 21.23 7.87 -29.16
CA ALA A 19 20.21 6.86 -28.91
C ALA A 19 20.55 6.02 -27.69
N GLU A 20 20.30 6.62 -26.57
CA GLU A 20 20.50 6.02 -25.28
C GLU A 20 19.71 6.76 -24.22
N LEU A 21 18.38 6.61 -24.28
CA LEU A 21 17.45 7.22 -23.30
C LEU A 21 17.25 8.70 -23.58
N LYS A 22 18.36 9.35 -23.87
CA LYS A 22 18.36 10.74 -24.35
C LYS A 22 17.68 10.80 -25.71
N THR A 23 17.70 9.66 -26.40
CA THR A 23 17.17 9.55 -27.75
C THR A 23 17.01 8.07 -28.08
N GLY A 24 16.06 7.75 -28.94
CA GLY A 24 15.93 6.39 -29.42
C GLY A 24 14.53 5.87 -29.28
N LYS A 25 14.32 5.03 -28.29
CA LYS A 25 13.01 4.51 -28.02
C LYS A 25 12.57 5.03 -26.68
N ARG A 26 12.49 6.34 -26.61
CA ARG A 26 12.14 7.04 -25.40
C ARG A 26 11.02 8.03 -25.70
N ILE A 27 10.08 8.17 -24.80
CA ILE A 27 8.87 8.92 -25.08
C ILE A 27 9.10 10.42 -25.26
N LEU A 28 8.58 10.91 -26.36
CA LEU A 28 8.58 12.33 -26.67
C LEU A 28 7.15 12.84 -26.78
N TYR A 29 6.33 12.11 -27.53
CA TYR A 29 4.97 12.56 -27.83
C TYR A 29 4.08 11.37 -28.15
N TRP A 30 2.81 11.68 -28.45
CA TRP A 30 1.79 10.69 -28.69
C TRP A 30 1.21 10.83 -30.09
N ARG A 31 0.78 9.72 -30.66
CA ARG A 31 0.19 9.70 -31.97
C ARG A 31 -0.86 8.61 -32.06
N ASP A 32 -1.91 8.84 -32.83
CA ASP A 32 -2.92 7.84 -33.05
C ASP A 32 -2.42 6.83 -34.07
N PRO A 33 -2.54 5.52 -33.79
CA PRO A 33 -2.03 4.48 -34.68
C PRO A 33 -2.37 4.75 -36.15
N MET A 34 -3.64 5.04 -36.35
CA MET A 34 -4.25 5.07 -37.67
C MET A 34 -4.19 6.45 -38.32
N VAL A 35 -3.45 7.36 -37.70
CA VAL A 35 -3.29 8.71 -38.24
C VAL A 35 -1.80 9.09 -38.40
N PRO A 36 -0.98 8.17 -38.96
CA PRO A 36 0.48 8.30 -38.97
C PRO A 36 0.97 9.53 -39.73
N GLY A 37 1.68 10.39 -39.02
CA GLY A 37 2.16 11.62 -39.62
C GLY A 37 1.87 12.81 -38.73
N GLN A 38 0.91 12.64 -37.83
CA GLN A 38 0.56 13.68 -36.87
C GLN A 38 1.50 13.59 -35.66
N ARG A 39 1.87 14.74 -35.12
CA ARG A 39 2.81 14.81 -34.02
C ARG A 39 2.26 15.67 -32.90
N PHE A 40 1.62 15.01 -31.94
CA PHE A 40 0.97 15.70 -30.82
C PHE A 40 2.00 16.24 -29.86
N ASP A 41 1.68 17.41 -29.32
CA ASP A 41 2.55 18.11 -28.38
C ASP A 41 2.67 17.32 -27.09
N LYS A 42 1.65 16.54 -26.79
CA LYS A 42 1.60 15.79 -25.56
C LYS A 42 0.50 14.73 -25.58
N PRO A 43 0.54 13.72 -24.69
CA PRO A 43 -0.47 12.65 -24.61
C PRO A 43 -1.92 13.18 -24.53
N GLY A 44 -2.88 12.27 -24.68
CA GLY A 44 -4.27 12.65 -24.58
C GLY A 44 -5.18 11.75 -25.40
N LYS A 45 -6.44 12.16 -25.50
CA LYS A 45 -7.44 11.46 -26.31
C LYS A 45 -7.41 11.99 -27.73
N SER A 46 -7.60 11.10 -28.68
CA SER A 46 -7.59 11.46 -30.09
C SER A 46 -8.73 12.45 -30.39
N PRO A 47 -8.43 13.50 -31.17
CA PRO A 47 -9.47 14.43 -31.65
C PRO A 47 -10.31 13.79 -32.73
N TYR A 48 -9.73 12.76 -33.33
CA TYR A 48 -10.30 12.07 -34.46
C TYR A 48 -11.26 11.00 -33.97
N MET A 49 -10.83 10.31 -32.91
CA MET A 49 -11.64 9.28 -32.27
C MET A 49 -11.64 9.43 -30.77
N ASP A 50 -12.69 8.96 -30.11
CA ASP A 50 -12.71 9.01 -28.65
C ASP A 50 -11.91 7.85 -28.05
N MET A 51 -10.64 7.82 -28.40
CA MET A 51 -9.71 6.83 -27.88
C MET A 51 -8.41 7.52 -27.50
N PRO A 52 -7.77 7.07 -26.41
CA PRO A 52 -6.49 7.61 -25.99
C PRO A 52 -5.41 7.33 -27.03
N LEU A 53 -4.64 8.36 -27.35
CA LEU A 53 -3.58 8.23 -28.36
C LEU A 53 -2.55 7.21 -27.92
N ILE A 54 -1.74 6.75 -28.84
CA ILE A 54 -0.74 5.75 -28.53
C ILE A 54 0.63 6.38 -28.47
N PRO A 55 1.35 6.11 -27.39
CA PRO A 55 2.68 6.65 -27.21
C PRO A 55 3.70 5.95 -28.11
N VAL A 56 4.60 6.76 -28.64
CA VAL A 56 5.61 6.33 -29.60
C VAL A 56 6.49 5.20 -29.06
N TYR A 57 7.04 4.47 -30.02
CA TYR A 57 7.90 3.28 -29.85
C TYR A 57 7.83 2.63 -28.47
N GLU A 58 8.51 3.18 -27.48
CA GLU A 58 8.63 2.54 -26.17
C GLU A 58 7.25 2.31 -25.57
N GLU A 59 6.40 3.28 -25.90
CA GLU A 59 4.97 3.27 -25.69
C GLU A 59 4.61 3.33 -24.22
N GLU A 60 4.99 4.45 -23.62
CA GLU A 60 4.92 4.68 -22.19
C GLU A 60 5.67 3.57 -21.45
N ASN A 61 6.97 3.68 -21.41
CA ASN A 61 7.78 2.77 -20.64
C ASN A 61 8.49 3.52 -19.55
N ALA A 62 9.03 4.67 -19.97
CA ALA A 62 9.90 5.51 -19.19
C ALA A 62 11.18 4.80 -18.87
N ASP A 63 11.06 3.70 -18.15
CA ASP A 63 12.19 2.86 -17.86
C ASP A 63 11.74 1.68 -17.00
N GLY A 64 11.86 0.50 -17.57
CA GLY A 64 11.82 -0.72 -16.77
C GLY A 64 10.43 -1.06 -16.33
N ALA A 65 9.47 -0.29 -16.83
CA ALA A 65 8.06 -0.50 -16.58
C ALA A 65 7.69 -0.21 -15.11
N ALA A 66 8.64 0.36 -14.38
CA ALA A 66 8.45 0.66 -12.95
C ALA A 66 9.61 1.51 -12.45
N VAL A 67 10.78 1.23 -12.99
CA VAL A 67 12.01 1.97 -12.69
C VAL A 67 11.82 3.46 -12.94
N ARG A 68 11.31 3.73 -14.13
CA ARG A 68 11.01 5.07 -14.66
C ARG A 68 12.24 5.96 -14.71
N ILE A 69 12.03 7.17 -15.23
CA ILE A 69 13.08 8.16 -15.47
C ILE A 69 14.11 8.22 -14.36
N ASP A 70 15.33 8.50 -14.76
CA ASP A 70 16.44 8.67 -13.83
C ASP A 70 16.35 10.04 -13.20
N GLY A 71 15.98 10.98 -14.07
CA GLY A 71 15.67 12.34 -13.67
C GLY A 71 14.69 12.41 -12.53
N ARG A 72 13.70 11.53 -12.59
CA ARG A 72 12.71 11.42 -11.55
C ARG A 72 12.34 9.96 -11.34
N VAL A 73 12.80 9.43 -10.22
CA VAL A 73 12.77 8.00 -9.97
C VAL A 73 11.73 7.64 -8.91
N THR A 74 11.30 6.38 -8.94
CA THR A 74 10.44 5.77 -7.93
C THR A 74 9.38 6.73 -7.39
N GLN A 75 8.37 6.99 -8.20
CA GLN A 75 7.23 7.76 -7.76
C GLN A 75 6.17 6.81 -7.26
N ASN A 76 6.67 5.80 -6.58
CA ASN A 76 5.87 4.70 -6.10
C ASN A 76 6.58 4.05 -4.93
N LEU A 77 6.02 4.30 -3.76
CA LEU A 77 6.59 3.86 -2.49
C LEU A 77 6.39 2.36 -2.28
N GLY A 78 6.11 1.67 -3.36
CA GLY A 78 5.76 0.27 -3.29
C GLY A 78 4.26 0.13 -3.17
N VAL A 79 3.71 0.85 -2.19
CA VAL A 79 2.27 1.05 -2.07
C VAL A 79 1.51 -0.28 -2.07
N ARG A 80 1.31 -0.82 -0.89
CA ARG A 80 0.62 -2.10 -0.76
C ARG A 80 -0.87 -1.87 -0.73
N THR A 81 -1.55 -2.48 -1.68
CA THR A 81 -2.96 -2.24 -1.90
C THR A 81 -3.72 -3.54 -2.04
N ALA A 82 -5.00 -3.48 -1.72
CA ALA A 82 -5.90 -4.58 -1.96
C ALA A 82 -7.03 -4.08 -2.83
N GLU A 83 -7.28 -4.77 -3.93
CA GLU A 83 -8.32 -4.38 -4.85
C GLU A 83 -9.68 -4.79 -4.28
N VAL A 84 -10.61 -3.85 -4.33
CA VAL A 84 -11.94 -4.05 -3.78
C VAL A 84 -12.62 -5.30 -4.31
N LYS A 85 -13.13 -6.10 -3.38
CA LYS A 85 -13.82 -7.33 -3.71
C LYS A 85 -15.10 -7.44 -2.92
N LEU A 86 -16.13 -7.98 -3.53
CA LEU A 86 -17.35 -8.30 -2.81
C LEU A 86 -17.13 -9.55 -1.96
N GLY A 87 -17.95 -9.71 -0.94
CA GLY A 87 -17.82 -10.88 -0.08
C GLY A 87 -18.75 -10.83 1.11
N ARG A 88 -19.97 -10.39 0.86
CA ARG A 88 -20.95 -10.22 1.93
C ARG A 88 -21.56 -11.55 2.38
N LEU A 89 -22.49 -11.46 3.31
CA LEU A 89 -23.29 -12.61 3.72
C LEU A 89 -24.77 -12.21 3.81
N GLY A 90 -25.55 -12.70 2.86
CA GLY A 90 -26.97 -12.44 2.83
C GLY A 90 -27.40 -11.94 1.46
N SER A 91 -28.63 -11.45 1.32
CA SER A 91 -29.03 -10.85 0.06
C SER A 91 -28.72 -9.36 0.08
N THR A 92 -27.43 -9.09 -0.04
CA THR A 92 -26.88 -7.76 -0.10
C THR A 92 -25.56 -7.90 -0.81
N GLU A 93 -24.93 -6.81 -1.21
CA GLU A 93 -23.57 -6.90 -1.71
C GLU A 93 -22.71 -5.77 -1.19
N ARG A 94 -21.68 -6.16 -0.46
CA ARG A 94 -20.79 -5.20 0.18
C ARG A 94 -19.36 -5.42 -0.28
N LEU A 95 -18.53 -4.41 -0.15
CA LEU A 95 -17.14 -4.48 -0.57
C LEU A 95 -16.25 -4.77 0.64
N LEU A 96 -15.51 -5.86 0.56
CA LEU A 96 -14.64 -6.28 1.66
C LEU A 96 -13.23 -5.78 1.44
N VAL A 97 -12.65 -5.24 2.50
CA VAL A 97 -11.33 -4.63 2.44
C VAL A 97 -10.66 -4.78 3.80
N PRO A 98 -9.34 -4.91 3.82
CA PRO A 98 -8.57 -4.92 5.07
C PRO A 98 -8.86 -3.66 5.87
N SER A 99 -9.17 -3.81 7.15
CA SER A 99 -9.67 -2.70 7.97
C SER A 99 -8.70 -1.52 8.00
N GLU A 100 -7.41 -1.79 7.82
CA GLU A 100 -6.41 -0.72 7.85
C GLU A 100 -6.28 -0.03 6.50
N ALA A 101 -7.11 -0.40 5.54
CA ALA A 101 -7.04 0.18 4.21
C ALA A 101 -7.69 1.56 4.19
N LEU A 102 -8.81 1.67 4.88
CA LEU A 102 -9.59 2.88 4.83
C LEU A 102 -9.12 3.89 5.86
N ILE A 103 -9.46 5.13 5.63
CA ILE A 103 -9.13 6.22 6.53
C ILE A 103 -10.37 6.58 7.34
N ARG A 104 -10.26 6.59 8.65
CA ARG A 104 -11.37 7.07 9.45
C ARG A 104 -11.13 8.48 9.92
N THR A 105 -12.11 9.32 9.68
CA THR A 105 -12.04 10.70 10.11
C THR A 105 -13.43 11.23 10.42
N GLY A 106 -13.58 11.82 11.60
CA GLY A 106 -14.85 12.42 11.99
C GLY A 106 -16.01 11.45 11.89
N ALA A 107 -16.88 11.70 10.92
CA ALA A 107 -18.06 10.89 10.73
C ALA A 107 -18.05 10.21 9.37
N ARG A 108 -16.89 10.15 8.73
CA ARG A 108 -16.80 9.57 7.40
C ARG A 108 -15.62 8.62 7.27
N THR A 109 -15.49 8.03 6.10
CA THR A 109 -14.34 7.19 5.78
C THR A 109 -13.76 7.63 4.45
N ILE A 110 -12.44 7.56 4.32
CA ILE A 110 -11.78 7.98 3.08
C ILE A 110 -10.89 6.84 2.59
N ALA A 111 -10.65 6.78 1.29
CA ALA A 111 -9.78 5.77 0.72
C ALA A 111 -8.81 6.36 -0.29
N MET A 112 -7.54 6.02 -0.17
CA MET A 112 -6.55 6.48 -1.14
C MET A 112 -6.37 5.42 -2.20
N VAL A 113 -6.92 5.70 -3.37
CA VAL A 113 -7.04 4.73 -4.45
C VAL A 113 -5.81 4.70 -5.35
N ALA A 114 -5.35 3.50 -5.64
CA ALA A 114 -4.23 3.28 -6.55
C ALA A 114 -4.73 3.28 -7.99
N LYS A 115 -4.70 4.45 -8.61
CA LYS A 115 -5.19 4.60 -9.97
C LYS A 115 -4.11 4.27 -10.99
N GLY A 116 -4.55 3.77 -12.14
CA GLY A 116 -3.64 3.55 -13.25
C GLY A 116 -3.32 4.84 -13.96
N GLU A 117 -3.90 5.94 -13.46
CA GLU A 117 -3.66 7.26 -14.01
C GLU A 117 -2.31 7.80 -13.54
N GLY A 118 -1.64 7.00 -12.72
CA GLY A 118 -0.31 7.34 -12.25
C GLY A 118 -0.31 7.98 -10.88
N GLY A 119 -1.49 8.31 -10.37
CA GLY A 119 -1.56 9.01 -9.12
C GLY A 119 -2.49 8.35 -8.13
N PHE A 120 -2.32 8.66 -6.87
CA PHE A 120 -3.13 8.09 -5.81
C PHE A 120 -4.04 9.18 -5.24
N ASP A 121 -5.35 8.96 -5.30
CA ASP A 121 -6.29 9.99 -4.88
C ASP A 121 -7.19 9.49 -3.77
N PRO A 122 -7.67 10.39 -2.91
CA PRO A 122 -8.60 10.04 -1.85
C PRO A 122 -10.05 10.12 -2.30
N VAL A 123 -10.82 9.12 -1.90
CA VAL A 123 -12.24 9.08 -2.18
C VAL A 123 -13.00 8.93 -0.88
N GLU A 124 -14.09 9.66 -0.74
CA GLU A 124 -14.95 9.53 0.43
C GLU A 124 -15.83 8.29 0.28
N VAL A 125 -15.86 7.49 1.34
CA VAL A 125 -16.57 6.22 1.32
C VAL A 125 -17.26 5.96 2.66
N LYS A 126 -18.26 5.10 2.61
CA LYS A 126 -18.95 4.68 3.81
C LYS A 126 -18.45 3.31 4.24
N ALA A 127 -18.06 3.20 5.49
CA ALA A 127 -17.50 1.97 6.00
C ALA A 127 -17.98 1.65 7.41
N GLY A 128 -18.87 0.69 7.55
CA GLY A 128 -19.18 0.23 8.89
C GLY A 128 -19.65 -1.21 8.94
N ALA A 129 -18.73 -2.13 8.74
CA ALA A 129 -18.84 -3.47 9.25
C ALA A 129 -17.43 -4.00 9.52
N THR A 130 -17.30 -5.04 10.31
CA THR A 130 -16.01 -5.67 10.50
C THR A 130 -16.16 -7.19 10.53
N ALA A 131 -15.31 -7.86 9.77
CA ALA A 131 -15.40 -9.29 9.65
C ALA A 131 -14.02 -9.94 9.65
N GLY A 132 -13.63 -10.47 10.80
CA GLY A 132 -12.36 -11.18 10.90
C GLY A 132 -11.17 -10.25 10.75
N GLY A 133 -11.28 -9.06 11.33
CA GLY A 133 -10.21 -8.09 11.24
C GLY A 133 -10.24 -7.33 9.93
N GLN A 134 -11.22 -7.62 9.10
CA GLN A 134 -11.37 -6.93 7.83
C GLN A 134 -12.57 -6.01 7.94
N SER A 135 -12.70 -5.07 7.03
CA SER A 135 -13.78 -4.11 7.12
C SER A 135 -14.71 -4.23 5.94
N GLU A 136 -15.89 -3.69 6.08
CA GLU A 136 -16.86 -3.66 4.98
C GLU A 136 -17.11 -2.23 4.52
N ILE A 137 -16.89 -2.03 3.23
CA ILE A 137 -17.21 -0.78 2.58
C ILE A 137 -18.64 -0.82 2.10
N LEU A 138 -19.48 -0.07 2.79
CA LEU A 138 -20.90 -0.02 2.49
C LEU A 138 -21.13 0.77 1.21
N GLU A 139 -20.53 1.95 1.14
CA GLU A 139 -20.69 2.80 -0.02
C GLU A 139 -19.37 3.48 -0.30
N GLY A 140 -19.24 4.08 -1.46
CA GLY A 140 -18.04 4.84 -1.74
C GLY A 140 -17.19 4.26 -2.85
N LEU A 141 -16.87 2.98 -2.74
CA LEU A 141 -15.91 2.37 -3.67
C LEU A 141 -16.56 1.30 -4.54
N LYS A 142 -15.73 0.63 -5.33
CA LYS A 142 -16.18 -0.36 -6.29
C LYS A 142 -15.08 -1.40 -6.50
N ALA A 143 -15.49 -2.57 -6.96
CA ALA A 143 -14.56 -3.65 -7.23
C ALA A 143 -13.69 -3.30 -8.42
N GLY A 144 -12.39 -3.38 -8.23
CA GLY A 144 -11.46 -2.88 -9.22
C GLY A 144 -10.73 -1.65 -8.72
N GLN A 145 -11.17 -1.17 -7.56
CA GLN A 145 -10.57 -0.02 -6.91
C GLN A 145 -9.55 -0.49 -5.90
N GLN A 146 -8.29 -0.20 -6.17
CA GLN A 146 -7.22 -0.61 -5.28
C GLN A 146 -7.02 0.41 -4.18
N VAL A 147 -7.11 -0.03 -2.96
CA VAL A 147 -6.92 0.84 -1.81
C VAL A 147 -5.74 0.38 -0.98
N VAL A 148 -4.96 1.34 -0.50
CA VAL A 148 -3.75 1.04 0.25
C VAL A 148 -4.09 0.39 1.59
N VAL A 149 -3.58 -0.82 1.79
CA VAL A 149 -3.85 -1.56 3.01
C VAL A 149 -2.61 -1.61 3.87
N SER A 150 -1.55 -1.00 3.35
CA SER A 150 -0.27 -0.91 4.03
C SER A 150 0.66 -0.03 3.21
N GLY A 151 1.05 1.10 3.77
CA GLY A 151 1.98 1.98 3.11
C GLY A 151 3.31 1.31 2.89
N GLN A 152 3.84 0.73 3.96
CA GLN A 152 5.08 -0.04 3.89
C GLN A 152 5.21 -0.94 5.11
N PHE A 153 5.65 -2.17 4.91
CA PHE A 153 5.94 -3.06 6.02
C PHE A 153 7.39 -2.85 6.47
N LEU A 154 8.22 -2.50 5.50
CA LEU A 154 9.62 -2.20 5.75
C LEU A 154 9.79 -0.70 5.86
N ILE A 155 11.00 -0.21 5.70
CA ILE A 155 11.26 1.23 5.68
C ILE A 155 11.29 1.69 4.22
N ASP A 156 12.36 2.39 3.82
CA ASP A 156 12.53 2.78 2.42
C ASP A 156 13.16 1.64 1.64
N SER A 157 12.88 0.43 2.07
CA SER A 157 13.52 -0.76 1.52
C SER A 157 13.02 -1.07 0.12
N GLU A 158 11.88 -0.56 -0.29
CA GLU A 158 11.40 -0.86 -1.63
C GLU A 158 12.31 -0.20 -2.65
N ALA A 159 12.66 1.05 -2.38
CA ALA A 159 13.56 1.81 -3.24
C ALA A 159 14.98 1.25 -3.14
N SER A 160 15.32 0.65 -2.00
CA SER A 160 16.61 0.01 -1.83
C SER A 160 16.67 -1.25 -2.68
N LEU A 161 15.75 -2.17 -2.34
CA LEU A 161 15.79 -3.57 -2.79
C LEU A 161 15.71 -3.67 -4.29
N ARG A 162 15.00 -2.72 -4.88
CA ARG A 162 14.76 -2.67 -6.31
C ARG A 162 15.94 -2.05 -7.02
N GLY A 163 16.51 -1.03 -6.39
CA GLY A 163 17.66 -0.36 -6.92
C GLY A 163 17.49 0.07 -8.36
N THR A 164 16.49 0.93 -8.58
CA THR A 164 16.07 1.36 -9.91
C THR A 164 15.81 0.18 -10.85
N VAL A 165 16.85 -0.23 -11.59
CA VAL A 165 16.70 -1.22 -12.63
C VAL A 165 16.48 -2.63 -12.06
N ALA A 166 15.21 -3.02 -11.97
CA ALA A 166 14.85 -4.34 -11.51
C ALA A 166 13.50 -4.74 -12.09
N ARG A 167 13.53 -5.60 -13.11
CA ARG A 167 12.31 -6.07 -13.75
C ARG A 167 11.87 -7.39 -13.12
N MET A 168 11.00 -7.28 -12.14
CA MET A 168 10.47 -8.42 -11.40
C MET A 168 9.31 -7.98 -10.52
N GLN A 169 8.30 -8.82 -10.41
CA GLN A 169 7.18 -8.53 -9.52
C GLN A 169 7.42 -9.17 -8.16
N GLU A 170 6.32 -9.33 -7.42
CA GLU A 170 6.28 -10.07 -6.17
C GLU A 170 7.20 -9.47 -5.11
N THR A 171 7.39 -8.17 -5.15
CA THR A 171 8.19 -7.49 -4.14
C THR A 171 7.42 -7.35 -2.82
N THR A 172 7.09 -8.49 -2.23
CA THR A 172 6.35 -8.51 -0.99
C THR A 172 7.24 -8.11 0.19
N SER A 173 8.30 -8.87 0.41
CA SER A 173 9.21 -8.64 1.53
C SER A 173 8.43 -8.59 2.84
N GLY A 174 7.63 -9.62 3.08
CA GLY A 174 6.83 -9.66 4.29
C GLY A 174 7.41 -10.60 5.33
N LEU A 175 8.71 -10.88 5.21
CA LEU A 175 9.38 -11.77 6.14
C LEU A 175 9.47 -11.15 7.52
N GLU A 176 9.51 -12.00 8.55
CA GLU A 176 9.64 -11.55 9.91
C GLU A 176 9.93 -12.73 10.84
N VAL A 177 11.19 -12.92 11.17
CA VAL A 177 11.59 -14.01 12.04
C VAL A 177 11.93 -13.47 13.44
N LEU A 178 12.04 -12.15 13.53
CA LEU A 178 12.36 -11.46 14.78
C LEU A 178 13.82 -11.69 15.16
N PHE A 179 14.19 -11.33 16.38
CA PHE A 179 15.59 -11.40 16.80
C PHE A 179 16.00 -12.83 17.15
N GLN A 180 15.10 -13.58 17.76
CA GLN A 180 15.41 -14.94 18.19
C GLN A 180 15.53 -15.87 16.99
#